data_7SF2
#
_entry.id   7SF2
#
_cell.length_a   335.847
_cell.length_b   349.396
_cell.length_c   352.108
_cell.angle_alpha   90.000
_cell.angle_beta   90.000
_cell.angle_gamma   90.000
#
_symmetry.space_group_name_H-M   'F 2 2 2'
#
loop_
_entity.id
_entity.type
_entity.pdbx_description
1 polymer 'Glycosyl hydrolase family 2, sugar binding domain protein'
2 non-polymer 'MAGNESIUM ION'
3 non-polymer 1,2-ETHANEDIOL
4 non-polymer 'CHLORIDE ION'
5 non-polymer 2-AMINO-2-HYDROXYMETHYL-PROPANE-1,3-DIOL
6 non-polymer BETA-MERCAPTOETHANOL
7 non-polymer 'PHOSPHATE ION'
8 water water
#
_entity_poly.entity_id   1
_entity_poly.type   'polypeptide(L)'
_entity_poly.pdbx_seq_one_letter_code
;SNAQWKPAGDRIKTKWAEQINPSDVLPEYPRPI(MSE)QRNDWKNLNGLWDYAIIDKGGRIPTDFEGQILVPFAVESSLS
GVGKRVNENQEVIYQRSFEIPSAWRGKQVLLHFGAVDWKTDVWVNDIKVGSHTGGFTPFSFDITPALSAKGNNRLVVKVW
DPTDRGPQPRGKQVSRPEGIWYTPVTGIWQTVWLEPVAGKHIENLRITPDIDRHLLTVKAELNTNSTSDFVEVNVYDGNQ
LIAAGKSINGEPVEVA(MSE)PENAKLWSPDSPFLYTLKVTLKEGNKIVDKVDSYAA(MSE)RKYSTRRDANGIVRLELN
NEALFQFGPLDQGWWPDGLYTAPTDEALLYDIQKTKDFGYN(MSE)IRKHIKVEPARWYTYCDQLGIIVWQD(MSE)PSG
DRNPQWQNRKYFDGTE(MSE)KRSAESEAYYRKEWKEI(MSE)DCLHSYPCIGTWVPFNEAWGQFKTVEIAEWTKQYDPT
RLVNPASGGNHYTCGD(MSE)LDLHNYPAPE(MSE)YLYDAQRATVLGEYGGIGLVLKDHIWEPNRNWGYVQFNSSKEAT
DEYVKYAD(MSE)LYK(MSE)VDRGFSAAVYTQTTDVEVEVNGL(MSE)TYDRKVIKLDEKRAKEINTRICNSLKK
;
_entity_poly.pdbx_strand_id   A,B,C,D,E,F
#
# COMPACT_ATOMS: atom_id res chain seq x y z
N ALA A 3 65.24 7.21 -9.25
CA ALA A 3 65.10 7.24 -10.70
C ALA A 3 64.40 8.51 -11.15
N GLN A 4 64.79 9.01 -12.33
CA GLN A 4 64.18 10.22 -12.87
C GLN A 4 62.75 9.94 -13.31
N TRP A 5 61.87 10.90 -13.06
CA TRP A 5 60.47 10.75 -13.44
C TRP A 5 60.32 10.77 -14.96
N LYS A 6 59.54 9.82 -15.48
CA LYS A 6 59.24 9.71 -16.90
C LYS A 6 57.76 9.39 -17.04
N PRO A 7 57.10 9.91 -18.08
CA PRO A 7 55.74 9.46 -18.38
C PRO A 7 55.75 7.97 -18.68
N ALA A 8 54.77 7.26 -18.13
CA ALA A 8 54.71 5.81 -18.24
C ALA A 8 53.89 5.39 -19.46
N GLY A 9 54.14 4.16 -19.91
CA GLY A 9 53.41 3.59 -21.02
C GLY A 9 53.82 4.17 -22.36
N ASP A 10 53.33 3.52 -23.42
N ASP A 10 53.33 3.52 -23.42
CA ASP A 10 53.58 3.94 -24.79
CA ASP A 10 53.60 3.95 -24.79
C ASP A 10 52.33 4.41 -25.51
C ASP A 10 52.33 4.41 -25.51
N ARG A 11 51.31 4.83 -24.76
CA ARG A 11 50.09 5.34 -25.35
C ARG A 11 50.30 6.74 -25.90
N ILE A 12 49.28 7.24 -26.61
CA ILE A 12 49.32 8.61 -27.10
C ILE A 12 49.31 9.58 -25.92
N LYS A 13 49.91 10.75 -26.14
CA LYS A 13 49.99 11.78 -25.10
C LYS A 13 49.76 13.13 -25.74
N THR A 14 49.17 14.04 -24.96
CA THR A 14 48.96 15.40 -25.43
C THR A 14 50.29 16.14 -25.52
N LYS A 15 50.26 17.30 -26.17
CA LYS A 15 51.45 18.13 -26.27
C LYS A 15 51.91 18.64 -24.91
N TRP A 16 51.03 18.64 -23.92
CA TRP A 16 51.38 19.09 -22.57
C TRP A 16 52.09 18.03 -21.76
N ALA A 17 52.13 16.78 -22.23
CA ALA A 17 52.82 15.74 -21.49
C ALA A 17 54.32 15.98 -21.43
N GLU A 18 54.90 16.49 -22.52
CA GLU A 18 56.32 16.80 -22.56
C GLU A 18 56.65 18.15 -21.95
N GLN A 19 55.67 18.89 -21.46
CA GLN A 19 55.89 20.15 -20.76
C GLN A 19 55.76 20.00 -19.25
N ILE A 20 55.48 18.79 -18.75
CA ILE A 20 55.28 18.60 -17.33
C ILE A 20 56.60 18.77 -16.60
N ASN A 21 56.59 19.61 -15.57
CA ASN A 21 57.77 19.82 -14.73
C ASN A 21 57.49 19.25 -13.35
N PRO A 22 58.12 18.15 -12.95
CA PRO A 22 57.80 17.55 -11.65
C PRO A 22 58.09 18.46 -10.45
N SER A 23 58.77 19.58 -10.65
CA SER A 23 58.98 20.55 -9.59
C SER A 23 57.89 21.61 -9.53
N ASP A 24 57.00 21.66 -10.52
CA ASP A 24 55.95 22.67 -10.59
C ASP A 24 54.74 22.06 -11.30
N VAL A 25 54.12 21.07 -10.65
CA VAL A 25 53.00 20.35 -11.23
C VAL A 25 51.71 21.05 -10.83
N LEU A 26 50.93 21.50 -11.83
CA LEU A 26 49.64 22.15 -11.64
C LEU A 26 49.74 23.24 -10.58
N PRO A 27 50.44 24.34 -10.85
CA PRO A 27 50.74 25.33 -9.81
C PRO A 27 49.62 26.33 -9.55
N GLU A 28 48.52 26.29 -10.30
CA GLU A 28 47.51 27.34 -10.19
C GLU A 28 46.68 27.16 -8.91
N TYR A 29 46.06 28.26 -8.49
CA TYR A 29 45.29 28.26 -7.26
C TYR A 29 44.10 27.32 -7.38
N PRO A 30 43.91 26.39 -6.43
CA PRO A 30 42.90 25.34 -6.61
C PRO A 30 41.46 25.76 -6.33
N ARG A 31 41.23 26.92 -5.73
CA ARG A 31 39.89 27.30 -5.28
C ARG A 31 39.61 28.76 -5.62
N PRO A 32 39.41 29.07 -6.90
CA PRO A 32 39.13 30.47 -7.28
C PRO A 32 37.83 31.02 -6.73
N ILE A 33 36.90 30.16 -6.31
CA ILE A 33 35.62 30.65 -5.81
C ILE A 33 35.72 31.23 -4.40
N GLN A 35 39.09 32.83 -2.37
CA GLN A 35 40.53 33.03 -2.50
C GLN A 35 41.10 33.72 -1.28
N ARG A 36 42.12 33.10 -0.68
CA ARG A 36 43.05 33.76 0.22
C ARG A 36 44.42 33.81 -0.46
N ASN A 37 45.25 34.74 -0.01
CA ASN A 37 46.51 34.98 -0.70
C ASN A 37 47.51 33.86 -0.44
N ASP A 38 47.59 33.37 0.79
CA ASP A 38 48.64 32.45 1.20
C ASP A 38 48.19 31.01 1.09
N TRP A 39 49.06 30.17 0.53
CA TRP A 39 48.84 28.73 0.40
C TRP A 39 50.16 28.11 -0.03
N LYS A 40 50.24 26.78 0.09
CA LYS A 40 51.42 26.03 -0.31
C LYS A 40 51.00 24.80 -1.10
N ASN A 41 51.54 24.67 -2.31
CA ASN A 41 51.21 23.54 -3.17
C ASN A 41 52.02 22.32 -2.77
N LEU A 42 51.33 21.19 -2.59
CA LEU A 42 51.98 19.95 -2.20
C LEU A 42 52.07 18.96 -3.34
N ASN A 43 51.73 19.36 -4.56
CA ASN A 43 51.94 18.51 -5.71
C ASN A 43 53.44 18.27 -5.91
N GLY A 44 53.73 17.19 -6.59
CA GLY A 44 55.08 16.80 -6.91
C GLY A 44 55.30 15.33 -6.75
N LEU A 45 56.54 14.97 -6.49
CA LEU A 45 56.94 13.57 -6.38
C LEU A 45 56.85 13.13 -4.93
N TRP A 46 55.91 12.22 -4.64
CA TRP A 46 55.79 11.59 -3.34
C TRP A 46 56.33 10.16 -3.41
N ASP A 47 56.67 9.63 -2.24
CA ASP A 47 56.93 8.20 -2.14
C ASP A 47 55.60 7.45 -2.19
N TYR A 48 55.56 6.35 -2.94
CA TYR A 48 54.34 5.57 -3.09
C TYR A 48 54.64 4.09 -2.87
N ALA A 49 53.58 3.35 -2.53
CA ALA A 49 53.66 1.91 -2.37
C ALA A 49 52.28 1.32 -2.54
N ILE A 50 52.20 0.17 -3.20
CA ILE A 50 50.96 -0.57 -3.38
C ILE A 50 51.03 -1.82 -2.51
N ILE A 51 50.17 -1.88 -1.50
CA ILE A 51 50.18 -2.96 -0.53
C ILE A 51 48.88 -3.74 -0.62
N ASP A 52 48.89 -4.94 -0.06
CA ASP A 52 47.67 -5.70 0.10
C ASP A 52 46.77 -5.05 1.16
N LYS A 53 45.47 -5.17 0.97
CA LYS A 53 44.52 -4.54 1.87
C LYS A 53 44.68 -5.08 3.29
N GLY A 54 44.88 -4.16 4.24
CA GLY A 54 45.14 -4.54 5.61
C GLY A 54 46.59 -4.82 5.94
N GLY A 55 47.50 -4.66 4.97
CA GLY A 55 48.90 -4.89 5.22
C GLY A 55 49.57 -3.74 5.94
N ARG A 56 50.82 -3.96 6.30
CA ARG A 56 51.60 -2.94 7.02
C ARG A 56 51.86 -1.74 6.12
N ILE A 57 51.73 -0.55 6.70
CA ILE A 57 52.10 0.69 6.02
C ILE A 57 53.63 0.80 6.07
N PRO A 58 54.32 0.66 4.95
CA PRO A 58 55.79 0.64 5.00
C PRO A 58 56.38 2.01 5.30
N THR A 59 57.56 1.99 5.91
CA THR A 59 58.33 3.20 6.14
C THR A 59 59.47 3.39 5.15
N ASP A 60 59.74 2.38 4.31
CA ASP A 60 60.76 2.46 3.27
C ASP A 60 60.10 2.17 1.93
N PHE A 61 60.19 3.14 1.01
CA PHE A 61 59.54 3.06 -0.28
C PHE A 61 60.58 2.92 -1.38
N GLU A 62 60.19 2.24 -2.46
CA GLU A 62 61.08 1.99 -3.59
C GLU A 62 60.78 2.81 -4.82
N GLY A 63 59.58 3.40 -4.92
CA GLY A 63 59.20 4.16 -6.09
C GLY A 63 58.61 5.50 -5.71
N GLN A 64 58.43 6.34 -6.73
CA GLN A 64 57.85 7.66 -6.56
C GLN A 64 56.70 7.87 -7.53
N ILE A 65 55.70 8.63 -7.10
CA ILE A 65 54.55 8.95 -7.92
C ILE A 65 54.43 10.46 -8.02
N LEU A 66 53.95 10.93 -9.18
CA LEU A 66 53.78 12.36 -9.42
C LEU A 66 52.35 12.75 -9.05
N VAL A 67 52.21 13.40 -7.89
CA VAL A 67 50.92 13.91 -7.41
C VAL A 67 50.61 15.18 -8.19
N PRO A 68 49.37 15.38 -8.65
CA PRO A 68 48.19 14.53 -8.45
C PRO A 68 47.72 13.78 -9.69
N PHE A 69 48.50 12.79 -10.13
CA PHE A 69 48.11 11.95 -11.25
C PHE A 69 47.85 10.53 -10.74
N ALA A 70 46.69 9.99 -11.10
CA ALA A 70 46.25 8.70 -10.57
C ALA A 70 47.27 7.60 -10.88
N VAL A 71 47.26 6.56 -10.05
CA VAL A 71 48.25 5.51 -10.14
C VAL A 71 48.23 4.84 -11.52
N GLU A 72 47.05 4.74 -12.14
CA GLU A 72 46.94 4.13 -13.46
C GLU A 72 47.37 5.06 -14.58
N SER A 73 47.53 6.35 -14.31
CA SER A 73 47.80 7.32 -15.36
C SER A 73 49.24 7.22 -15.85
N SER A 74 49.46 7.74 -17.05
CA SER A 74 50.81 7.79 -17.61
C SER A 74 51.66 8.83 -16.89
N LEU A 75 51.10 10.01 -16.65
CA LEU A 75 51.85 11.11 -16.06
C LEU A 75 52.17 10.89 -14.59
N SER A 76 51.62 9.86 -13.97
CA SER A 76 52.01 9.54 -12.60
C SER A 76 53.43 8.99 -12.52
N GLY A 77 54.00 8.58 -13.65
CA GLY A 77 55.27 7.88 -13.64
C GLY A 77 55.19 6.47 -13.10
N VAL A 78 53.98 5.97 -12.84
CA VAL A 78 53.79 4.64 -12.27
C VAL A 78 53.08 3.78 -13.29
N GLY A 79 51.82 4.09 -13.58
CA GLY A 79 51.07 3.37 -14.58
C GLY A 79 50.73 1.94 -14.24
N LYS A 80 50.48 1.65 -12.97
CA LYS A 80 50.11 0.31 -12.54
C LYS A 80 48.62 0.26 -12.20
N ARG A 81 48.14 -0.95 -11.95
N ARG A 81 48.14 -0.95 -11.95
CA ARG A 81 46.74 -1.19 -11.63
CA ARG A 81 46.74 -1.21 -11.63
C ARG A 81 46.59 -1.54 -10.17
C ARG A 81 46.60 -1.53 -10.15
N VAL A 82 45.51 -1.06 -9.55
CA VAL A 82 45.20 -1.30 -8.14
C VAL A 82 43.82 -1.94 -8.10
N ASN A 83 43.73 -3.14 -7.51
CA ASN A 83 42.48 -3.87 -7.44
C ASN A 83 41.83 -3.67 -6.07
N GLU A 84 40.65 -4.27 -5.90
CA GLU A 84 39.85 -4.09 -4.70
C GLU A 84 40.48 -4.72 -3.46
N ASN A 85 41.55 -5.51 -3.62
CA ASN A 85 42.26 -6.10 -2.49
C ASN A 85 43.62 -5.45 -2.27
N GLN A 86 43.81 -4.23 -2.76
CA GLN A 86 45.06 -3.51 -2.60
C GLN A 86 44.77 -2.11 -2.08
N GLU A 87 45.81 -1.48 -1.54
CA GLU A 87 45.73 -0.12 -1.04
C GLU A 87 46.97 0.65 -1.48
N VAL A 88 46.78 1.94 -1.75
CA VAL A 88 47.86 2.82 -2.18
C VAL A 88 48.30 3.67 -1.00
N ILE A 89 49.62 3.81 -0.83
CA ILE A 89 50.20 4.55 0.29
C ILE A 89 51.07 5.66 -0.29
N TYR A 90 50.62 6.91 -0.12
CA TYR A 90 51.43 8.07 -0.44
C TYR A 90 52.16 8.54 0.81
N GLN A 91 53.41 8.96 0.64
CA GLN A 91 54.14 9.57 1.75
C GLN A 91 55.09 10.63 1.21
N ARG A 92 55.09 11.80 1.88
CA ARG A 92 56.04 12.86 1.58
C ARG A 92 56.30 13.66 2.84
N SER A 93 57.39 14.41 2.82
CA SER A 93 57.68 15.39 3.87
C SER A 93 57.24 16.77 3.40
N PHE A 94 57.02 17.66 4.37
CA PHE A 94 56.67 19.03 4.03
C PHE A 94 57.05 19.96 5.17
N GLU A 95 57.35 21.21 4.82
CA GLU A 95 57.69 22.25 5.78
C GLU A 95 56.56 23.27 5.86
N ILE A 96 56.42 23.87 7.03
CA ILE A 96 55.47 24.96 7.27
C ILE A 96 56.25 26.27 7.23
N PRO A 97 55.83 27.24 6.42
CA PRO A 97 56.54 28.52 6.39
C PRO A 97 56.54 29.19 7.75
N SER A 98 57.64 29.88 8.07
CA SER A 98 57.76 30.51 9.37
C SER A 98 56.73 31.61 9.56
N ALA A 99 56.29 32.24 8.47
CA ALA A 99 55.24 33.26 8.57
C ALA A 99 53.90 32.68 8.99
N TRP A 100 53.70 31.38 8.83
CA TRP A 100 52.46 30.73 9.23
C TRP A 100 52.43 30.37 10.71
N ARG A 101 53.45 30.74 11.47
CA ARG A 101 53.52 30.36 12.88
C ARG A 101 52.34 30.95 13.65
N GLY A 102 51.72 30.11 14.48
CA GLY A 102 50.59 30.54 15.29
C GLY A 102 49.24 30.46 14.61
N LYS A 103 49.20 30.18 13.31
CA LYS A 103 47.95 30.09 12.56
C LYS A 103 47.51 28.64 12.42
N GLN A 104 46.21 28.45 12.23
CA GLN A 104 45.69 27.14 11.90
C GLN A 104 46.08 26.77 10.48
N VAL A 105 46.48 25.52 10.28
CA VAL A 105 46.92 25.03 8.98
C VAL A 105 45.92 23.99 8.50
N LEU A 106 45.29 24.24 7.36
CA LEU A 106 44.35 23.33 6.76
C LEU A 106 45.02 22.55 5.63
N LEU A 107 44.79 21.24 5.61
CA LEU A 107 45.27 20.38 4.54
C LEU A 107 44.11 20.11 3.59
N HIS A 108 44.31 20.45 2.31
CA HIS A 108 43.24 20.39 1.32
C HIS A 108 43.48 19.29 0.31
N PHE A 109 42.43 18.57 -0.03
CA PHE A 109 42.43 17.59 -1.12
C PHE A 109 41.31 17.96 -2.09
N GLY A 110 41.66 18.06 -3.38
CA GLY A 110 40.64 18.35 -4.37
C GLY A 110 39.71 17.17 -4.63
N ALA A 111 40.30 15.97 -4.73
CA ALA A 111 39.55 14.74 -4.95
C ALA A 111 40.49 13.56 -4.82
N VAL A 112 40.05 12.52 -4.11
CA VAL A 112 40.80 11.28 -3.99
C VAL A 112 39.82 10.12 -4.10
N ASP A 113 40.12 9.15 -4.97
CA ASP A 113 39.27 8.00 -5.22
C ASP A 113 39.93 6.77 -4.64
N TRP A 114 39.28 6.12 -3.68
CA TRP A 114 37.93 6.47 -3.24
C TRP A 114 37.85 6.76 -1.73
N LYS A 115 38.43 5.89 -0.92
CA LYS A 115 38.46 6.05 0.53
C LYS A 115 39.86 6.52 0.96
N THR A 116 39.92 7.62 1.70
CA THR A 116 41.17 8.25 2.09
C THR A 116 41.32 8.24 3.61
N ASP A 117 42.52 7.95 4.07
CA ASP A 117 42.90 8.03 5.48
C ASP A 117 44.23 8.75 5.56
N VAL A 118 44.28 9.84 6.32
CA VAL A 118 45.41 10.75 6.32
C VAL A 118 46.03 10.81 7.71
N TRP A 119 47.34 10.63 7.79
CA TRP A 119 48.11 10.82 9.01
C TRP A 119 49.14 11.92 8.79
N VAL A 120 49.31 12.77 9.80
CA VAL A 120 50.36 13.78 9.82
C VAL A 120 51.23 13.49 11.02
N ASN A 121 52.49 13.12 10.76
CA ASN A 121 53.43 12.72 11.81
C ASN A 121 52.86 11.57 12.63
N ASP A 122 52.29 10.58 11.94
CA ASP A 122 51.70 9.37 12.53
C ASP A 122 50.47 9.68 13.38
N ILE A 123 49.91 10.88 13.25
CA ILE A 123 48.69 11.27 13.95
C ILE A 123 47.58 11.34 12.91
N LYS A 124 46.52 10.55 13.12
CA LYS A 124 45.39 10.54 12.20
C LYS A 124 44.68 11.88 12.25
N VAL A 125 44.58 12.55 11.10
CA VAL A 125 43.97 13.88 11.04
C VAL A 125 42.58 13.86 10.43
N GLY A 126 42.22 12.81 9.70
CA GLY A 126 40.89 12.75 9.11
C GLY A 126 40.81 11.65 8.08
N SER A 127 39.57 11.40 7.64
CA SER A 127 39.29 10.39 6.63
C SER A 127 38.14 10.88 5.77
N HIS A 128 37.98 10.23 4.62
CA HIS A 128 36.99 10.68 3.64
C HIS A 128 36.66 9.53 2.69
N THR A 129 35.39 9.47 2.28
CA THR A 129 34.92 8.56 1.25
C THR A 129 34.25 9.38 0.16
N GLY A 130 34.48 8.98 -1.10
CA GLY A 130 33.97 9.73 -2.23
C GLY A 130 35.09 10.28 -3.08
N GLY A 131 35.12 9.91 -4.35
CA GLY A 131 36.24 10.24 -5.22
C GLY A 131 36.09 11.48 -6.05
N PHE A 132 35.04 12.27 -5.85
CA PHE A 132 34.78 13.43 -6.70
C PHE A 132 34.63 14.74 -5.93
N THR A 133 34.70 14.70 -4.60
CA THR A 133 34.43 15.90 -3.81
C THR A 133 35.65 16.34 -3.03
N PRO A 134 35.82 17.64 -2.81
CA PRO A 134 36.95 18.11 -2.01
C PRO A 134 36.69 17.98 -0.52
N PHE A 135 37.78 17.87 0.24
CA PHE A 135 37.69 17.78 1.68
C PHE A 135 38.96 18.36 2.30
N SER A 136 38.86 18.71 3.58
CA SER A 136 39.93 19.41 4.27
C SER A 136 40.01 18.91 5.72
N PHE A 137 41.21 19.04 6.30
CA PHE A 137 41.42 18.71 7.70
C PHE A 137 42.28 19.80 8.35
N ASP A 138 41.98 20.11 9.60
CA ASP A 138 42.85 20.96 10.41
C ASP A 138 43.95 20.08 11.00
N ILE A 139 45.20 20.34 10.62
CA ILE A 139 46.33 19.51 11.01
C ILE A 139 47.25 20.22 11.98
N THR A 140 46.83 21.37 12.52
CA THR A 140 47.72 22.14 13.38
C THR A 140 48.18 21.40 14.63
N PRO A 141 47.33 20.65 15.35
CA PRO A 141 47.85 19.92 16.52
C PRO A 141 48.86 18.84 16.18
N ALA A 142 48.84 18.33 14.95
CA ALA A 142 49.76 17.27 14.56
C ALA A 142 51.09 17.80 14.03
N LEU A 143 51.20 19.10 13.78
CA LEU A 143 52.44 19.65 13.23
C LEU A 143 53.57 19.56 14.24
N SER A 144 54.79 19.46 13.72
CA SER A 144 55.99 19.34 14.53
C SER A 144 56.67 20.69 14.67
N ALA A 145 57.13 21.00 15.88
CA ALA A 145 57.88 22.23 16.09
C ALA A 145 59.27 22.15 15.47
N LYS A 146 59.85 20.96 15.39
CA LYS A 146 61.17 20.81 14.79
C LYS A 146 61.12 21.07 13.29
N GLY A 147 60.12 20.53 12.62
CA GLY A 147 60.00 20.58 11.17
C GLY A 147 60.00 19.19 10.57
N ASN A 148 60.09 19.13 9.25
CA ASN A 148 60.09 17.87 8.50
C ASN A 148 58.86 17.04 8.85
N ASN A 149 57.70 17.65 8.63
CA ASN A 149 56.45 16.96 8.91
C ASN A 149 56.22 15.83 7.92
N ARG A 150 55.84 14.66 8.42
CA ARG A 150 55.61 13.49 7.60
C ARG A 150 54.11 13.36 7.31
N LEU A 151 53.77 13.34 6.03
CA LEU A 151 52.39 13.20 5.58
C LEU A 151 52.21 11.84 4.91
N VAL A 152 51.22 11.09 5.39
CA VAL A 152 50.94 9.75 4.87
C VAL A 152 49.47 9.68 4.48
N VAL A 153 49.20 9.25 3.26
CA VAL A 153 47.85 9.13 2.73
C VAL A 153 47.62 7.69 2.30
N LYS A 154 46.58 7.07 2.82
CA LYS A 154 46.22 5.69 2.52
C LYS A 154 44.91 5.68 1.74
N VAL A 155 44.95 5.17 0.52
CA VAL A 155 43.83 5.24 -0.41
C VAL A 155 43.37 3.82 -0.74
N TRP A 156 42.05 3.63 -0.76
CA TRP A 156 41.45 2.38 -1.20
C TRP A 156 40.37 2.68 -2.23
N ASP A 157 40.28 1.84 -3.26
CA ASP A 157 39.32 2.03 -4.34
C ASP A 157 38.99 0.69 -4.98
N PRO A 158 37.77 0.19 -4.80
CA PRO A 158 37.38 -1.09 -5.43
C PRO A 158 36.95 -0.94 -6.88
N THR A 159 36.80 0.28 -7.38
CA THR A 159 36.31 0.56 -8.75
C THR A 159 34.95 -0.09 -8.89
N ASP A 160 34.69 -0.86 -9.95
CA ASP A 160 33.37 -1.45 -10.16
C ASP A 160 33.12 -2.68 -9.29
N ARG A 161 34.11 -3.12 -8.51
N ARG A 161 34.11 -3.12 -8.51
CA ARG A 161 33.89 -4.19 -7.55
CA ARG A 161 33.89 -4.19 -7.55
C ARG A 161 33.19 -3.70 -6.29
C ARG A 161 33.19 -3.71 -6.29
N GLY A 162 32.94 -2.40 -6.18
CA GLY A 162 32.16 -1.85 -5.10
C GLY A 162 31.03 -1.01 -5.65
N PRO A 163 30.04 -0.68 -4.82
CA PRO A 163 28.86 0.06 -5.30
C PRO A 163 29.00 1.58 -5.29
N GLN A 164 30.18 2.11 -5.01
CA GLN A 164 30.33 3.55 -4.86
C GLN A 164 30.25 4.24 -6.22
N PRO A 165 29.96 5.55 -6.23
CA PRO A 165 29.99 6.29 -7.50
C PRO A 165 31.36 6.24 -8.13
N ARG A 166 31.40 5.92 -9.42
CA ARG A 166 32.65 5.74 -10.15
C ARG A 166 32.64 6.28 -11.57
N GLY A 167 31.48 6.51 -12.17
CA GLY A 167 31.48 7.01 -13.54
C GLY A 167 31.87 5.90 -14.50
N LYS A 168 32.75 6.22 -15.45
CA LYS A 168 33.14 5.28 -16.49
C LYS A 168 34.29 4.37 -16.06
N GLN A 169 34.69 4.40 -14.79
CA GLN A 169 35.78 3.56 -14.32
C GLN A 169 35.33 2.11 -14.18
N VAL A 170 36.06 1.21 -14.83
CA VAL A 170 35.87 -0.23 -14.67
C VAL A 170 37.23 -0.89 -14.60
N SER A 171 37.25 -2.12 -14.08
CA SER A 171 38.49 -2.87 -13.99
C SER A 171 38.94 -3.41 -15.33
N ARG A 172 38.01 -3.81 -16.20
CA ARG A 172 38.31 -4.35 -17.53
C ARG A 172 37.74 -3.40 -18.57
N PRO A 173 38.50 -2.40 -19.01
CA PRO A 173 37.94 -1.38 -19.93
C PRO A 173 37.62 -1.96 -21.30
N GLU A 174 36.44 -1.60 -21.81
CA GLU A 174 35.98 -1.99 -23.13
C GLU A 174 34.77 -1.15 -23.49
N GLY A 175 34.57 -0.93 -24.80
CA GLY A 175 33.45 -0.18 -25.29
C GLY A 175 33.37 1.24 -24.76
N ILE A 176 32.35 1.51 -23.93
CA ILE A 176 32.14 2.83 -23.36
C ILE A 176 32.77 2.98 -21.98
N TRP A 177 33.46 1.97 -21.49
CA TRP A 177 34.01 1.97 -20.15
C TRP A 177 35.53 2.05 -20.21
N TYR A 178 36.12 2.86 -19.33
CA TYR A 178 37.49 3.33 -19.50
C TYR A 178 38.37 2.86 -18.33
N THR A 179 39.62 3.31 -18.37
CA THR A 179 40.64 2.88 -17.41
C THR A 179 40.28 3.35 -16.01
N PRO A 180 40.47 2.51 -14.99
CA PRO A 180 40.15 2.92 -13.62
C PRO A 180 41.06 4.04 -13.14
N VAL A 181 40.54 4.83 -12.19
CA VAL A 181 41.24 5.99 -11.65
C VAL A 181 41.31 5.81 -10.13
N THR A 182 42.52 5.64 -9.62
CA THR A 182 42.73 5.37 -8.20
C THR A 182 43.74 6.33 -7.63
N GLY A 183 43.40 6.93 -6.48
CA GLY A 183 44.34 7.75 -5.75
C GLY A 183 44.07 9.24 -5.85
N ILE A 184 45.11 10.00 -5.55
CA ILE A 184 45.03 11.46 -5.54
C ILE A 184 45.09 11.96 -6.98
N TRP A 185 43.99 12.55 -7.45
CA TRP A 185 43.94 13.07 -8.81
C TRP A 185 43.59 14.55 -8.88
N GLN A 186 43.64 15.27 -7.77
CA GLN A 186 43.52 16.71 -7.76
C GLN A 186 44.53 17.31 -6.79
N THR A 187 44.77 18.60 -6.95
CA THR A 187 45.86 19.26 -6.22
C THR A 187 45.68 19.13 -4.72
N VAL A 188 46.78 18.79 -4.04
CA VAL A 188 46.86 18.80 -2.58
C VAL A 188 47.65 20.03 -2.16
N TRP A 189 47.15 20.74 -1.15
CA TRP A 189 47.77 22.00 -0.77
C TRP A 189 47.44 22.33 0.67
N LEU A 190 48.29 23.17 1.26
CA LEU A 190 48.14 23.66 2.62
C LEU A 190 47.68 25.11 2.58
N GLU A 191 46.99 25.53 3.64
CA GLU A 191 46.44 26.88 3.71
C GLU A 191 46.43 27.36 5.15
N PRO A 192 47.03 28.52 5.45
CA PRO A 192 46.93 29.09 6.79
C PRO A 192 45.67 29.92 6.96
N VAL A 193 44.94 29.70 8.05
CA VAL A 193 43.73 30.45 8.36
C VAL A 193 43.77 30.83 9.84
N ALA A 194 42.89 31.76 10.22
CA ALA A 194 42.77 32.15 11.62
C ALA A 194 41.96 31.11 12.39
N GLY A 195 41.99 31.23 13.73
CA GLY A 195 41.25 30.31 14.57
C GLY A 195 39.78 30.27 14.21
N LYS A 196 39.19 31.42 13.93
CA LYS A 196 37.85 31.52 13.37
C LYS A 196 37.98 32.02 11.94
N HIS A 197 37.43 31.24 11.00
CA HIS A 197 37.62 31.55 9.59
C HIS A 197 36.40 31.09 8.81
N ILE A 198 36.28 31.62 7.60
CA ILE A 198 35.21 31.23 6.68
C ILE A 198 35.60 29.91 6.03
N GLU A 199 34.78 28.89 6.25
CA GLU A 199 35.00 27.59 5.62
C GLU A 199 34.43 27.51 4.21
N ASN A 200 33.32 28.19 3.94
CA ASN A 200 32.67 28.10 2.64
C ASN A 200 31.82 29.34 2.42
N LEU A 201 31.71 29.74 1.15
CA LEU A 201 30.83 30.83 0.73
C LEU A 201 29.67 30.25 -0.06
N ARG A 202 28.45 30.44 0.44
N ARG A 202 28.45 30.44 0.44
CA ARG A 202 27.24 30.01 -0.24
CA ARG A 202 27.24 30.01 -0.25
C ARG A 202 26.62 31.25 -0.90
C ARG A 202 26.62 31.25 -0.90
N ILE A 203 26.84 31.39 -2.20
CA ILE A 203 26.38 32.55 -2.95
C ILE A 203 25.17 32.15 -3.78
N THR A 204 24.07 32.89 -3.62
CA THR A 204 22.83 32.60 -4.33
C THR A 204 22.27 33.91 -4.89
N PRO A 205 22.11 34.03 -6.20
CA PRO A 205 21.53 35.25 -6.78
C PRO A 205 20.02 35.16 -6.90
N ASP A 206 19.40 36.33 -7.01
CA ASP A 206 17.96 36.42 -7.23
C ASP A 206 17.71 37.69 -8.06
N ILE A 207 17.73 37.53 -9.38
CA ILE A 207 17.55 38.68 -10.27
C ILE A 207 16.13 39.22 -10.22
N ASP A 208 15.16 38.41 -9.79
CA ASP A 208 13.79 38.88 -9.68
C ASP A 208 13.62 39.82 -8.49
N ARG A 209 14.34 39.57 -7.40
CA ARG A 209 14.31 40.44 -6.22
C ARG A 209 15.49 41.40 -6.19
N HIS A 210 16.29 41.45 -7.25
CA HIS A 210 17.48 42.30 -7.34
C HIS A 210 18.37 42.12 -6.12
N LEU A 211 18.75 40.86 -5.89
CA LEU A 211 19.33 40.46 -4.63
C LEU A 211 20.48 39.48 -4.86
N LEU A 212 21.53 39.63 -4.06
CA LEU A 212 22.63 38.67 -4.00
C LEU A 212 22.82 38.27 -2.54
N THR A 213 22.70 36.98 -2.25
CA THR A 213 22.79 36.46 -0.89
C THR A 213 24.10 35.70 -0.73
N VAL A 214 24.89 36.10 0.26
CA VAL A 214 26.16 35.44 0.57
C VAL A 214 26.09 34.95 2.01
N LYS A 215 26.14 33.64 2.19
CA LYS A 215 26.21 33.02 3.51
C LYS A 215 27.65 32.58 3.75
N ALA A 216 28.29 33.20 4.74
CA ALA A 216 29.66 32.85 5.12
C ALA A 216 29.58 31.80 6.22
N GLU A 217 29.81 30.54 5.85
CA GLU A 217 29.76 29.44 6.81
C GLU A 217 31.08 29.38 7.56
N LEU A 218 31.04 29.59 8.87
CA LEU A 218 32.23 29.64 9.69
C LEU A 218 32.49 28.29 10.36
N ASN A 219 33.74 28.09 10.77
CA ASN A 219 34.08 26.88 11.52
C ASN A 219 33.57 26.97 12.96
N THR A 220 33.40 28.19 13.48
CA THR A 220 32.89 28.41 14.83
C THR A 220 32.13 29.72 14.82
N ASN A 221 31.11 29.82 15.69
CA ASN A 221 30.25 30.98 15.73
C ASN A 221 30.28 31.62 17.11
N SER A 222 30.18 32.95 17.12
CA SER A 222 30.02 33.72 18.35
C SER A 222 28.98 34.80 18.11
N THR A 223 28.41 35.30 19.22
CA THR A 223 27.35 36.30 19.11
C THR A 223 27.85 37.59 18.47
N SER A 224 29.11 37.94 18.67
CA SER A 224 29.68 39.19 18.17
C SER A 224 30.21 39.08 16.75
N ASP A 225 29.99 37.96 16.08
CA ASP A 225 30.51 37.76 14.72
C ASP A 225 29.84 38.72 13.75
N PHE A 226 30.65 39.32 12.88
CA PHE A 226 30.20 40.32 11.93
C PHE A 226 30.76 39.98 10.55
N VAL A 227 29.89 39.96 9.55
CA VAL A 227 30.28 39.63 8.18
C VAL A 227 29.87 40.80 7.28
N GLU A 228 30.79 41.23 6.41
CA GLU A 228 30.54 42.31 5.47
C GLU A 228 30.90 41.83 4.06
N VAL A 229 30.00 42.07 3.11
CA VAL A 229 30.19 41.67 1.72
C VAL A 229 30.21 42.93 0.87
N ASN A 230 31.27 43.10 0.08
CA ASN A 230 31.40 44.19 -0.87
C ASN A 230 31.38 43.63 -2.29
N VAL A 231 30.55 44.22 -3.15
CA VAL A 231 30.38 43.78 -4.52
C VAL A 231 30.94 44.86 -5.44
N TYR A 232 31.73 44.44 -6.43
CA TYR A 232 32.44 45.36 -7.32
C TYR A 232 32.09 45.10 -8.77
N ASP A 233 31.77 46.16 -9.50
CA ASP A 233 31.68 46.14 -10.96
C ASP A 233 33.02 46.63 -11.48
N GLY A 234 33.87 45.71 -11.91
CA GLY A 234 35.25 46.04 -12.17
C GLY A 234 35.96 46.30 -10.86
N ASN A 235 36.44 47.53 -10.66
CA ASN A 235 36.97 47.95 -9.37
C ASN A 235 36.15 49.08 -8.76
N GLN A 236 34.89 49.21 -9.17
CA GLN A 236 33.96 50.19 -8.61
C GLN A 236 32.97 49.47 -7.71
N LEU A 237 32.93 49.88 -6.44
CA LEU A 237 31.97 49.31 -5.51
C LEU A 237 30.56 49.75 -5.89
N ILE A 238 29.67 48.78 -6.11
CA ILE A 238 28.31 49.08 -6.52
C ILE A 238 27.27 48.64 -5.49
N ALA A 239 27.62 47.78 -4.54
CA ALA A 239 26.67 47.33 -3.52
C ALA A 239 27.43 46.71 -2.37
N ALA A 240 26.79 46.67 -1.21
CA ALA A 240 27.42 46.14 0.00
C ALA A 240 26.35 45.67 0.96
N GLY A 241 26.74 44.76 1.85
CA GLY A 241 25.83 44.22 2.84
C GLY A 241 26.57 43.79 4.09
N LYS A 242 25.88 43.85 5.22
CA LYS A 242 26.42 43.46 6.51
C LYS A 242 25.39 42.65 7.27
N SER A 243 25.86 41.77 8.15
CA SER A 243 24.94 40.96 8.95
C SER A 243 25.65 40.42 10.17
N ILE A 244 24.86 40.08 11.18
CA ILE A 244 25.34 39.43 12.40
C ILE A 244 24.49 38.20 12.67
N ASN A 245 24.71 37.56 13.83
CA ASN A 245 23.90 36.43 14.29
C ASN A 245 23.86 35.29 13.27
N GLY A 246 24.90 35.18 12.45
CA GLY A 246 24.93 34.14 11.44
C GLY A 246 23.94 34.32 10.31
N GLU A 247 23.33 35.49 10.18
CA GLU A 247 22.35 35.71 9.13
C GLU A 247 23.03 35.77 7.76
N PRO A 248 22.40 35.27 6.72
CA PRO A 248 22.94 35.45 5.37
C PRO A 248 22.94 36.93 4.99
N VAL A 249 24.02 37.35 4.34
CA VAL A 249 24.18 38.75 3.95
C VAL A 249 23.36 38.99 2.68
N GLU A 250 22.29 39.77 2.80
CA GLU A 250 21.48 40.17 1.66
C GLU A 250 22.05 41.46 1.08
N VAL A 251 22.56 41.38 -0.15
CA VAL A 251 23.15 42.53 -0.83
C VAL A 251 22.15 43.01 -1.87
N ALA A 252 21.66 44.25 -1.69
CA ALA A 252 20.74 44.85 -2.64
C ALA A 252 21.51 45.25 -3.90
N PRO A 254 21.93 46.64 -7.88
CA PRO A 254 21.30 47.66 -8.73
C PRO A 254 20.40 47.03 -9.77
N GLU A 255 19.33 47.76 -10.12
CA GLU A 255 18.35 47.23 -11.06
C GLU A 255 18.94 47.05 -12.46
N ASN A 256 19.92 47.88 -12.82
CA ASN A 256 20.61 47.76 -14.10
C ASN A 256 21.80 46.80 -14.03
N ALA A 257 21.73 45.80 -13.16
CA ALA A 257 22.85 44.87 -13.00
C ALA A 257 23.09 44.09 -14.29
N LYS A 258 24.36 43.83 -14.57
CA LYS A 258 24.75 43.07 -15.76
C LYS A 258 24.48 41.59 -15.50
N LEU A 259 23.57 41.01 -16.27
CA LEU A 259 23.23 39.61 -16.09
C LEU A 259 24.21 38.71 -16.82
N TRP A 260 24.47 37.55 -16.23
CA TRP A 260 25.42 36.59 -16.78
C TRP A 260 24.73 35.69 -17.81
N SER A 261 25.40 35.48 -18.93
CA SER A 261 24.91 34.61 -19.99
C SER A 261 26.10 34.17 -20.83
N PRO A 262 25.95 33.08 -21.60
CA PRO A 262 27.07 32.66 -22.47
C PRO A 262 27.57 33.75 -23.41
N ASP A 263 26.67 34.56 -23.97
CA ASP A 263 27.09 35.64 -24.86
C ASP A 263 27.59 36.87 -24.13
N SER A 264 27.44 36.94 -22.80
CA SER A 264 27.91 38.07 -22.02
C SER A 264 28.12 37.61 -20.58
N PRO A 265 29.18 36.86 -20.33
CA PRO A 265 29.38 36.24 -19.00
C PRO A 265 30.01 37.19 -17.99
N PHE A 266 29.27 38.23 -17.62
CA PHE A 266 29.79 39.19 -16.67
C PHE A 266 29.82 38.61 -15.27
N LEU A 267 30.91 38.87 -14.55
CA LEU A 267 31.09 38.40 -13.18
C LEU A 267 31.42 39.60 -12.29
N TYR A 268 30.63 39.79 -11.24
CA TYR A 268 30.98 40.75 -10.21
C TYR A 268 32.03 40.16 -9.27
N THR A 269 32.81 41.03 -8.64
CA THR A 269 33.85 40.62 -7.72
C THR A 269 33.37 40.82 -6.29
N LEU A 270 33.58 39.82 -5.44
CA LEU A 270 33.18 39.87 -4.04
C LEU A 270 34.40 39.97 -3.13
N LYS A 271 34.26 40.76 -2.07
CA LYS A 271 35.24 40.81 -0.98
C LYS A 271 34.47 40.63 0.32
N VAL A 272 34.66 39.47 0.97
CA VAL A 272 33.93 39.11 2.17
C VAL A 272 34.87 39.25 3.36
N THR A 273 34.41 39.91 4.42
CA THR A 273 35.22 40.18 5.60
C THR A 273 34.52 39.65 6.84
N LEU A 274 35.27 38.97 7.69
CA LEU A 274 34.77 38.47 8.98
C LEU A 274 35.41 39.26 10.11
N LYS A 275 34.60 39.68 11.07
CA LYS A 275 35.07 40.51 12.18
C LYS A 275 34.53 39.98 13.50
N GLU A 276 35.41 39.81 14.46
CA GLU A 276 35.04 39.57 15.85
C GLU A 276 34.95 40.93 16.54
N GLY A 277 33.74 41.38 16.84
CA GLY A 277 33.56 42.73 17.30
C GLY A 277 33.82 43.72 16.18
N ASN A 278 34.88 44.51 16.30
CA ASN A 278 35.25 45.46 15.26
C ASN A 278 36.66 45.24 14.73
N LYS A 279 37.29 44.11 15.06
CA LYS A 279 38.60 43.77 14.51
C LYS A 279 38.44 42.69 13.44
N ILE A 280 39.23 42.81 12.37
CA ILE A 280 39.15 41.87 11.27
C ILE A 280 39.92 40.61 11.61
N VAL A 281 39.27 39.45 11.50
CA VAL A 281 39.92 38.18 11.75
C VAL A 281 40.17 37.40 10.47
N ASP A 282 39.31 37.55 9.46
CA ASP A 282 39.47 36.80 8.21
C ASP A 282 38.78 37.56 7.10
N LYS A 283 39.33 37.46 5.89
CA LYS A 283 38.64 37.98 4.71
C LYS A 283 39.11 37.21 3.48
N VAL A 284 38.17 37.02 2.55
CA VAL A 284 38.38 36.22 1.35
C VAL A 284 37.88 36.99 0.14
N ASP A 285 38.37 36.59 -1.04
CA ASP A 285 37.93 37.11 -2.31
C ASP A 285 37.13 36.06 -3.07
N SER A 286 36.16 36.51 -3.84
CA SER A 286 35.28 35.61 -4.58
C SER A 286 34.67 36.39 -5.74
N TYR A 287 33.74 35.74 -6.46
CA TYR A 287 33.02 36.37 -7.54
C TYR A 287 31.58 35.87 -7.52
N ALA A 288 30.72 36.58 -8.24
CA ALA A 288 29.31 36.20 -8.30
C ALA A 288 28.74 36.66 -9.63
N ALA A 289 27.59 36.08 -10.00
CA ALA A 289 26.93 36.42 -11.25
C ALA A 289 25.43 36.49 -11.01
N ARG A 291 22.29 35.69 -12.43
N ARG A 291 22.27 35.69 -12.42
CA ARG A 291 21.67 34.85 -13.46
CA ARG A 291 21.68 34.85 -13.44
C ARG A 291 20.57 34.02 -12.83
C ARG A 291 20.56 34.03 -12.83
N LYS A 292 19.67 33.52 -13.68
CA LYS A 292 18.53 32.73 -13.24
C LYS A 292 18.23 31.62 -14.23
N TYR A 293 18.01 30.42 -13.72
CA TYR A 293 17.57 29.29 -14.51
C TYR A 293 16.14 28.93 -14.13
N SER A 294 15.31 28.66 -15.14
CA SER A 294 13.93 28.30 -14.92
C SER A 294 13.37 27.70 -16.21
N THR A 295 12.12 27.27 -16.14
CA THR A 295 11.37 26.82 -17.32
C THR A 295 10.06 27.59 -17.38
N ARG A 296 9.61 27.84 -18.61
CA ARG A 296 8.35 28.54 -18.82
C ARG A 296 7.80 28.13 -20.18
N ARG A 297 6.48 27.93 -20.24
CA ARG A 297 5.84 27.63 -21.50
C ARG A 297 5.80 28.88 -22.37
N ASP A 298 6.27 28.76 -23.61
CA ASP A 298 6.36 29.91 -24.50
C ASP A 298 5.01 30.16 -25.17
N ALA A 299 4.97 31.14 -26.09
CA ALA A 299 3.73 31.51 -26.76
C ALA A 299 3.22 30.44 -27.71
N ASN A 300 4.03 29.42 -28.02
CA ASN A 300 3.62 28.33 -28.89
C ASN A 300 3.22 27.07 -28.12
N GLY A 301 3.13 27.16 -26.80
CA GLY A 301 2.69 26.04 -25.99
C GLY A 301 3.77 25.06 -25.59
N ILE A 302 5.04 25.36 -25.86
CA ILE A 302 6.15 24.45 -25.58
C ILE A 302 6.91 24.98 -24.37
N VAL A 303 7.22 24.09 -23.44
CA VAL A 303 8.01 24.45 -22.26
C VAL A 303 9.47 24.56 -22.66
N ARG A 304 10.06 25.74 -22.44
CA ARG A 304 11.44 26.01 -22.80
C ARG A 304 12.29 26.20 -21.56
N LEU A 305 13.59 25.91 -21.69
CA LEU A 305 14.55 26.29 -20.66
C LEU A 305 14.83 27.79 -20.78
N GLU A 306 14.79 28.49 -19.65
CA GLU A 306 14.91 29.94 -19.64
C GLU A 306 16.12 30.37 -18.84
N LEU A 307 16.91 31.28 -19.42
CA LEU A 307 17.99 31.95 -18.74
C LEU A 307 17.64 33.43 -18.63
N ASN A 308 17.59 33.93 -17.39
CA ASN A 308 17.24 35.32 -17.11
C ASN A 308 15.87 35.68 -17.68
N ASN A 309 14.91 34.79 -17.44
CA ASN A 309 13.50 34.97 -17.84
C ASN A 309 13.33 35.10 -19.35
N GLU A 310 14.27 34.58 -20.12
CA GLU A 310 14.17 34.57 -21.57
C GLU A 310 14.49 33.16 -22.08
N ALA A 311 13.68 32.69 -23.02
CA ALA A 311 13.88 31.35 -23.56
C ALA A 311 15.21 31.27 -24.29
N LEU A 312 16.00 30.25 -23.95
CA LEU A 312 17.30 30.03 -24.57
C LEU A 312 17.47 28.55 -24.84
N PHE A 313 17.71 28.19 -26.10
CA PHE A 313 18.03 26.81 -26.43
C PHE A 313 19.47 26.52 -26.03
N GLN A 314 19.65 25.48 -25.23
CA GLN A 314 20.97 25.08 -24.75
C GLN A 314 21.50 23.94 -25.61
N PHE A 315 22.64 24.17 -26.25
CA PHE A 315 23.23 23.22 -27.19
C PHE A 315 24.70 23.10 -26.85
N GLY A 316 25.16 21.88 -26.55
CA GLY A 316 26.53 21.66 -26.19
C GLY A 316 26.99 20.23 -26.35
N PRO A 317 28.30 20.02 -26.25
CA PRO A 317 28.86 18.67 -26.37
C PRO A 317 28.88 17.92 -25.05
N LEU A 318 28.86 16.60 -25.16
CA LEU A 318 29.08 15.73 -24.01
C LEU A 318 30.57 15.68 -23.71
N ASP A 319 30.96 16.16 -22.53
CA ASP A 319 32.37 16.22 -22.14
C ASP A 319 32.59 15.25 -20.99
N GLN A 320 33.24 14.12 -21.28
CA GLN A 320 33.52 13.14 -20.24
C GLN A 320 34.76 13.48 -19.43
N GLY A 321 35.60 14.40 -19.92
CA GLY A 321 36.76 14.86 -19.16
C GLY A 321 37.81 13.80 -18.92
N TRP A 322 38.24 13.11 -19.99
CA TRP A 322 39.30 12.12 -19.91
C TRP A 322 40.50 12.59 -20.71
N TRP A 323 41.69 12.23 -20.22
CA TRP A 323 42.94 12.57 -20.87
C TRP A 323 43.80 11.32 -21.03
N PRO A 324 44.43 11.14 -22.18
CA PRO A 324 45.20 9.90 -22.39
C PRO A 324 46.43 9.80 -21.50
N ASP A 325 46.97 10.92 -21.02
CA ASP A 325 48.16 10.92 -20.20
C ASP A 325 47.89 11.17 -18.72
N GLY A 326 46.78 11.82 -18.39
CA GLY A 326 46.46 12.11 -17.00
C GLY A 326 45.15 11.51 -16.53
N LEU A 327 44.48 10.76 -17.42
CA LEU A 327 43.18 10.16 -17.12
C LEU A 327 42.17 11.19 -16.67
N TYR A 328 41.86 11.22 -15.38
CA TYR A 328 40.96 12.23 -14.84
C TYR A 328 41.61 13.61 -14.76
N THR A 329 42.93 13.68 -14.68
CA THR A 329 43.64 14.92 -14.40
C THR A 329 44.18 15.52 -15.69
N ALA A 330 43.77 16.75 -15.99
CA ALA A 330 44.36 17.46 -17.11
C ALA A 330 45.83 17.76 -16.81
N PRO A 331 46.73 17.57 -17.78
CA PRO A 331 48.17 17.71 -17.47
C PRO A 331 48.56 19.10 -17.00
N THR A 332 48.02 20.15 -17.61
CA THR A 332 48.29 21.52 -17.20
C THR A 332 46.97 22.28 -17.10
N ASP A 333 47.03 23.47 -16.50
CA ASP A 333 45.86 24.33 -16.45
C ASP A 333 45.49 24.83 -17.85
N GLU A 334 46.48 25.01 -18.72
N GLU A 334 46.49 25.01 -18.71
CA GLU A 334 46.18 25.40 -20.10
CA GLU A 334 46.20 25.39 -20.10
C GLU A 334 45.42 24.29 -20.83
C GLU A 334 45.42 24.30 -20.81
N ALA A 335 45.71 23.04 -20.49
CA ALA A 335 44.98 21.93 -21.12
C ALA A 335 43.55 21.85 -20.60
N LEU A 336 43.37 21.98 -19.28
CA LEU A 336 42.03 21.98 -18.69
C LEU A 336 41.15 23.04 -19.34
N LEU A 337 41.72 24.22 -19.59
CA LEU A 337 40.96 25.30 -20.23
C LEU A 337 40.72 25.02 -21.70
N TYR A 338 41.58 24.23 -22.34
CA TYR A 338 41.54 24.07 -23.79
C TYR A 338 40.22 23.47 -24.25
N ASP A 339 39.73 22.44 -23.56
CA ASP A 339 38.47 21.81 -23.96
C ASP A 339 37.32 22.81 -23.90
N ILE A 340 37.30 23.67 -22.88
CA ILE A 340 36.22 24.65 -22.75
C ILE A 340 36.31 25.68 -23.86
N GLN A 341 37.51 26.19 -24.14
CA GLN A 341 37.66 27.20 -25.18
C GLN A 341 37.27 26.66 -26.54
N LYS A 342 37.63 25.40 -26.84
CA LYS A 342 37.24 24.81 -28.11
C LYS A 342 35.74 24.62 -28.21
N THR A 343 35.07 24.43 -27.07
CA THR A 343 33.61 24.37 -27.07
C THR A 343 33.00 25.71 -27.46
N LYS A 344 33.58 26.81 -26.99
CA LYS A 344 33.12 28.13 -27.42
C LYS A 344 33.44 28.36 -28.90
N ASP A 345 34.60 27.89 -29.36
CA ASP A 345 34.98 28.07 -30.75
C ASP A 345 34.08 27.29 -31.71
N PHE A 346 33.36 26.29 -31.21
CA PHE A 346 32.45 25.50 -32.03
C PHE A 346 31.03 26.04 -32.03
N GLY A 347 30.77 27.15 -31.33
CA GLY A 347 29.45 27.75 -31.34
C GLY A 347 28.48 27.20 -30.32
N TYR A 348 28.96 26.44 -29.34
CA TYR A 348 28.09 25.93 -28.29
C TYR A 348 27.94 26.95 -27.17
N ASN A 349 26.87 26.79 -26.39
CA ASN A 349 26.65 27.59 -25.20
C ASN A 349 26.50 26.73 -23.96
N ILE A 351 27.76 22.73 -21.82
CA ILE A 351 28.57 21.53 -21.72
C ILE A 351 27.91 20.60 -20.71
N ARG A 352 27.76 19.33 -21.06
CA ARG A 352 27.25 18.32 -20.13
C ARG A 352 28.44 17.54 -19.62
N LYS A 353 28.84 17.81 -18.38
CA LYS A 353 29.94 17.10 -17.75
C LYS A 353 29.46 15.71 -17.36
N HIS A 354 29.90 14.69 -18.11
CA HIS A 354 29.26 13.39 -18.06
C HIS A 354 29.82 12.55 -16.92
N ILE A 355 28.92 12.13 -16.01
CA ILE A 355 29.21 11.32 -14.82
C ILE A 355 30.61 11.55 -14.28
N LYS A 356 30.97 12.81 -14.09
CA LYS A 356 32.26 13.18 -13.51
C LYS A 356 32.14 14.58 -12.94
N VAL A 357 32.90 14.84 -11.87
CA VAL A 357 33.02 16.17 -11.30
C VAL A 357 34.45 16.62 -11.51
N GLU A 358 34.61 17.82 -12.07
CA GLU A 358 35.93 18.35 -12.39
C GLU A 358 36.47 19.16 -11.22
N PRO A 359 37.76 19.48 -11.23
CA PRO A 359 38.29 20.40 -10.21
C PRO A 359 37.61 21.76 -10.28
N ALA A 360 37.78 22.53 -9.21
CA ALA A 360 37.09 23.81 -9.09
C ALA A 360 37.48 24.79 -10.19
N ARG A 361 38.72 24.70 -10.70
CA ARG A 361 39.14 25.63 -11.73
C ARG A 361 38.34 25.46 -13.01
N TRP A 362 37.89 24.23 -13.30
CA TRP A 362 37.15 23.98 -14.53
C TRP A 362 35.84 24.76 -14.56
N TYR A 363 35.10 24.74 -13.45
CA TYR A 363 33.82 25.44 -13.41
C TYR A 363 33.99 26.95 -13.43
N THR A 364 35.05 27.46 -12.80
CA THR A 364 35.34 28.88 -12.88
C THR A 364 35.62 29.31 -14.32
N TYR A 365 36.33 28.46 -15.07
CA TYR A 365 36.56 28.75 -16.48
C TYR A 365 35.25 28.78 -17.27
N CYS A 366 34.28 27.94 -16.90
CA CYS A 366 32.97 28.01 -17.52
C CYS A 366 32.26 29.30 -17.12
N ASP A 367 32.46 29.74 -15.88
CA ASP A 367 31.91 31.04 -15.47
C ASP A 367 32.53 32.18 -16.27
N GLN A 368 33.85 32.12 -16.48
CA GLN A 368 34.54 33.21 -17.16
C GLN A 368 34.26 33.20 -18.67
N LEU A 369 34.24 32.01 -19.28
CA LEU A 369 34.04 31.95 -20.72
C LEU A 369 32.58 32.01 -21.12
N GLY A 370 31.65 31.69 -20.21
CA GLY A 370 30.25 31.72 -20.54
C GLY A 370 29.76 30.41 -21.13
N ILE A 371 29.71 29.38 -20.30
CA ILE A 371 29.26 28.05 -20.70
C ILE A 371 28.34 27.51 -19.62
N ILE A 372 27.07 27.27 -19.97
CA ILE A 372 26.15 26.62 -19.05
C ILE A 372 26.56 25.16 -18.89
N VAL A 373 26.50 24.65 -17.68
CA VAL A 373 26.99 23.31 -17.36
C VAL A 373 25.82 22.47 -16.83
N TRP A 374 25.64 21.29 -17.41
CA TRP A 374 24.80 20.24 -16.83
C TRP A 374 25.70 19.29 -16.07
N GLN A 375 25.49 19.21 -14.75
CA GLN A 375 26.34 18.39 -13.89
C GLN A 375 25.65 17.05 -13.63
N ASP A 376 26.26 15.98 -14.13
CA ASP A 376 25.77 14.63 -13.84
C ASP A 376 26.22 14.18 -12.45
N PRO A 378 27.86 11.16 -10.82
CA PRO A 378 28.61 9.97 -11.24
C PRO A 378 27.93 8.68 -10.82
N SER A 379 27.80 7.76 -11.77
CA SER A 379 27.00 6.56 -11.59
C SER A 379 27.81 5.45 -10.93
N GLY A 380 27.12 4.36 -10.60
CA GLY A 380 27.75 3.21 -9.97
C GLY A 380 26.72 2.15 -9.67
N ASP A 381 27.20 1.07 -9.05
CA ASP A 381 26.38 -0.06 -8.63
C ASP A 381 25.72 -0.75 -9.81
N ARG A 382 24.78 -1.65 -9.54
CA ARG A 382 24.12 -2.42 -10.59
C ARG A 382 23.04 -1.59 -11.27
N ASN A 383 22.42 -2.16 -12.29
CA ASN A 383 21.42 -1.44 -13.08
C ASN A 383 20.10 -2.20 -13.11
N PRO A 384 18.98 -1.49 -13.14
CA PRO A 384 17.71 -2.11 -13.53
C PRO A 384 17.66 -2.22 -15.05
N GLN A 385 16.57 -2.78 -15.55
CA GLN A 385 16.35 -2.81 -16.99
C GLN A 385 16.24 -1.39 -17.53
N TRP A 386 16.85 -1.14 -18.69
CA TRP A 386 16.85 0.19 -19.29
C TRP A 386 15.73 0.25 -20.32
N GLN A 387 14.57 0.75 -19.90
CA GLN A 387 13.46 1.04 -20.82
C GLN A 387 13.69 2.46 -21.33
N ASN A 388 14.41 2.56 -22.44
CA ASN A 388 14.92 3.83 -22.94
C ASN A 388 13.93 4.59 -23.82
N ARG A 389 12.83 3.97 -24.23
CA ARG A 389 11.91 4.60 -25.17
C ARG A 389 10.49 4.72 -24.66
N LYS A 390 10.21 4.32 -23.42
CA LYS A 390 8.89 4.47 -22.82
C LYS A 390 9.05 4.81 -21.36
N TYR A 391 7.96 5.29 -20.76
CA TYR A 391 7.96 5.54 -19.33
C TYR A 391 8.08 4.23 -18.56
N PHE A 392 8.94 4.21 -17.56
CA PHE A 392 9.38 2.97 -16.94
C PHE A 392 8.22 2.25 -16.26
N ASP A 393 8.06 0.96 -16.58
CA ASP A 393 7.09 0.11 -15.92
C ASP A 393 7.72 -1.18 -15.38
N GLY A 394 9.03 -1.32 -15.47
CA GLY A 394 9.70 -2.55 -15.08
C GLY A 394 9.88 -2.68 -13.58
N THR A 395 10.78 -3.59 -13.21
CA THR A 395 11.07 -3.85 -11.80
C THR A 395 12.08 -2.83 -11.30
N GLU A 396 11.68 -2.06 -10.28
CA GLU A 396 12.60 -1.12 -9.66
C GLU A 396 13.73 -1.88 -8.96
N LYS A 398 16.61 -2.27 -6.09
CA LYS A 398 16.79 -1.90 -4.69
C LYS A 398 18.27 -1.91 -4.36
N ARG A 399 18.79 -0.75 -3.98
CA ARG A 399 20.16 -0.67 -3.47
C ARG A 399 20.21 -1.15 -2.03
N SER A 400 21.38 -1.63 -1.63
CA SER A 400 21.61 -1.89 -0.22
C SER A 400 21.57 -0.58 0.57
N ALA A 401 21.30 -0.71 1.88
CA ALA A 401 21.31 0.48 2.73
C ALA A 401 22.64 1.20 2.66
N GLU A 402 23.74 0.44 2.52
CA GLU A 402 25.05 1.06 2.40
C GLU A 402 25.22 1.76 1.06
N SER A 403 24.77 1.12 -0.03
CA SER A 403 24.92 1.72 -1.36
C SER A 403 24.05 2.97 -1.50
N GLU A 404 22.84 2.95 -0.95
CA GLU A 404 21.99 4.12 -1.01
C GLU A 404 22.58 5.27 -0.19
N ALA A 405 23.16 4.96 0.97
CA ALA A 405 23.76 5.99 1.80
C ALA A 405 24.93 6.67 1.08
N TYR A 406 25.77 5.88 0.41
CA TYR A 406 26.89 6.46 -0.33
C TYR A 406 26.41 7.38 -1.43
N TYR A 407 25.35 6.99 -2.16
CA TYR A 407 24.83 7.83 -3.22
C TYR A 407 24.29 9.15 -2.66
N ARG A 408 23.40 9.07 -1.67
CA ARG A 408 22.81 10.29 -1.11
C ARG A 408 23.88 11.19 -0.52
N LYS A 409 24.88 10.60 0.15
CA LYS A 409 25.92 11.40 0.80
C LYS A 409 26.76 12.14 -0.23
N GLU A 410 27.23 11.44 -1.26
CA GLU A 410 28.12 12.07 -2.23
C GLU A 410 27.36 13.03 -3.14
N TRP A 411 26.09 12.75 -3.42
CA TRP A 411 25.30 13.68 -4.23
C TRP A 411 25.10 15.00 -3.50
N LYS A 412 24.85 14.95 -2.19
CA LYS A 412 24.71 16.17 -1.42
C LYS A 412 26.04 16.94 -1.38
N GLU A 413 27.15 16.22 -1.25
CA GLU A 413 28.45 16.87 -1.21
C GLU A 413 28.80 17.52 -2.54
N ILE A 414 28.42 16.89 -3.65
CA ILE A 414 28.68 17.47 -4.96
C ILE A 414 27.90 18.77 -5.13
N ASP A 416 26.75 20.62 -2.80
CA ASP A 416 27.21 21.58 -1.81
C ASP A 416 28.45 22.32 -2.30
N CYS A 417 29.45 21.59 -2.78
CA CYS A 417 30.71 22.19 -3.19
C CYS A 417 30.62 22.89 -4.54
N LEU A 418 29.57 22.63 -5.32
CA LEU A 418 29.38 23.26 -6.62
C LEU A 418 28.25 24.28 -6.62
N HIS A 419 27.73 24.64 -5.44
CA HIS A 419 26.51 25.43 -5.39
C HIS A 419 26.72 26.85 -5.92
N SER A 420 27.84 27.47 -5.57
CA SER A 420 28.02 28.89 -5.87
C SER A 420 28.47 29.16 -7.30
N TYR A 421 28.58 28.15 -8.14
CA TYR A 421 29.08 28.36 -9.50
C TYR A 421 27.96 28.84 -10.42
N PRO A 422 28.11 30.00 -11.08
CA PRO A 422 27.05 30.47 -11.98
C PRO A 422 26.79 29.55 -13.16
N CYS A 423 27.81 28.84 -13.65
CA CYS A 423 27.65 28.10 -14.90
C CYS A 423 26.66 26.94 -14.76
N ILE A 424 26.59 26.32 -13.58
CA ILE A 424 25.78 25.12 -13.42
C ILE A 424 24.31 25.48 -13.47
N GLY A 425 23.58 24.87 -14.40
CA GLY A 425 22.17 25.17 -14.57
C GLY A 425 21.24 23.99 -14.39
N THR A 426 21.78 22.77 -14.46
CA THR A 426 20.96 21.57 -14.40
C THR A 426 21.69 20.48 -13.63
N TRP A 427 20.99 19.84 -12.69
CA TRP A 427 21.48 18.67 -12.00
C TRP A 427 20.92 17.42 -12.66
N VAL A 428 21.78 16.42 -12.87
CA VAL A 428 21.37 15.17 -13.52
C VAL A 428 21.68 14.00 -12.59
N PRO A 429 20.71 13.56 -11.78
CA PRO A 429 21.01 12.49 -10.81
C PRO A 429 21.32 11.14 -11.44
N PHE A 430 20.80 10.83 -12.63
CA PHE A 430 21.00 9.52 -13.22
C PHE A 430 21.18 9.64 -14.73
N ASN A 431 21.81 8.62 -15.31
CA ASN A 431 22.06 8.55 -16.74
C ASN A 431 21.87 7.12 -17.21
N GLU A 432 20.87 6.90 -18.08
CA GLU A 432 20.67 5.63 -18.77
C GLU A 432 20.53 4.47 -17.78
N ALA A 433 19.79 4.70 -16.70
CA ALA A 433 19.45 3.69 -15.69
C ALA A 433 20.66 3.14 -14.95
N TRP A 434 21.82 3.78 -15.05
CA TRP A 434 23.01 3.32 -14.35
C TRP A 434 22.88 3.60 -12.86
N GLY A 435 22.65 2.54 -12.08
CA GLY A 435 22.43 2.70 -10.66
C GLY A 435 21.16 3.45 -10.31
N GLN A 436 20.20 3.51 -11.23
CA GLN A 436 19.00 4.30 -11.01
C GLN A 436 18.10 3.66 -9.96
N PHE A 437 17.60 4.47 -9.05
CA PHE A 437 16.75 4.00 -7.97
C PHE A 437 16.05 5.21 -7.36
N LYS A 438 14.80 5.00 -6.94
CA LYS A 438 14.00 6.02 -6.26
C LYS A 438 14.08 7.35 -7.02
N THR A 439 13.81 7.29 -8.33
CA THR A 439 14.04 8.43 -9.21
C THR A 439 13.21 9.63 -8.77
N VAL A 440 11.91 9.42 -8.52
CA VAL A 440 11.04 10.53 -8.15
C VAL A 440 11.47 11.13 -6.82
N GLU A 441 11.85 10.27 -5.87
CA GLU A 441 12.25 10.77 -4.56
C GLU A 441 13.55 11.56 -4.65
N ILE A 442 14.51 11.09 -5.46
CA ILE A 442 15.77 11.80 -5.61
C ILE A 442 15.57 13.10 -6.38
N ALA A 443 14.71 13.08 -7.40
CA ALA A 443 14.44 14.29 -8.17
C ALA A 443 13.78 15.35 -7.30
N GLU A 444 12.82 14.95 -6.46
CA GLU A 444 12.17 15.91 -5.57
C GLU A 444 13.15 16.41 -4.51
N TRP A 445 14.03 15.54 -4.02
CA TRP A 445 15.02 15.97 -3.03
C TRP A 445 16.02 16.94 -3.66
N THR A 446 16.49 16.64 -4.88
CA THR A 446 17.44 17.53 -5.54
C THR A 446 16.82 18.90 -5.79
N LYS A 447 15.58 18.94 -6.27
CA LYS A 447 14.92 20.21 -6.53
C LYS A 447 14.67 20.99 -5.24
N GLN A 448 14.28 20.28 -4.17
CA GLN A 448 14.02 20.95 -2.90
C GLN A 448 15.31 21.46 -2.26
N TYR A 449 16.43 20.77 -2.50
CA TYR A 449 17.70 21.17 -1.91
C TYR A 449 18.28 22.40 -2.59
N ASP A 450 18.08 22.55 -3.90
CA ASP A 450 18.58 23.71 -4.65
C ASP A 450 17.56 24.09 -5.70
N PRO A 451 16.60 24.96 -5.35
CA PRO A 451 15.59 25.36 -6.33
C PRO A 451 16.13 26.21 -7.48
N THR A 452 17.33 26.76 -7.35
CA THR A 452 17.85 27.67 -8.37
C THR A 452 18.28 26.97 -9.64
N ARG A 453 18.38 25.65 -9.65
CA ARG A 453 18.77 24.89 -10.83
C ARG A 453 17.61 24.01 -11.29
N LEU A 454 17.71 23.57 -12.54
CA LEU A 454 16.76 22.62 -13.10
C LEU A 454 17.23 21.21 -12.79
N VAL A 455 16.28 20.28 -12.77
CA VAL A 455 16.54 18.88 -12.46
C VAL A 455 16.22 18.03 -13.67
N ASN A 456 17.24 17.32 -14.17
CA ASN A 456 17.07 16.31 -15.21
C ASN A 456 17.03 14.95 -14.52
N PRO A 457 15.84 14.38 -14.29
CA PRO A 457 15.74 13.21 -13.40
C PRO A 457 16.58 12.02 -13.84
N ALA A 458 16.56 11.70 -15.13
CA ALA A 458 17.34 10.57 -15.64
C ALA A 458 17.63 10.84 -17.11
N SER A 459 18.89 11.08 -17.44
CA SER A 459 19.28 11.39 -18.81
C SER A 459 19.14 10.13 -19.66
N GLY A 460 18.16 10.15 -20.56
CA GLY A 460 17.94 9.01 -21.44
C GLY A 460 17.22 7.84 -20.83
N GLY A 461 16.56 8.03 -19.68
CA GLY A 461 15.90 6.94 -19.00
C GLY A 461 16.67 6.50 -17.75
N ASN A 462 15.97 5.80 -16.87
CA ASN A 462 14.56 5.45 -17.04
C ASN A 462 13.65 6.64 -16.77
N HIS A 463 12.58 6.76 -17.56
CA HIS A 463 11.77 7.96 -17.59
C HIS A 463 10.66 7.89 -16.55
N TYR A 464 10.49 8.99 -15.80
CA TYR A 464 9.43 9.14 -14.82
C TYR A 464 8.86 10.54 -14.94
N THR A 465 7.56 10.67 -14.68
CA THR A 465 6.88 11.97 -14.73
C THR A 465 7.29 12.81 -13.52
N CYS A 466 8.54 13.24 -13.50
CA CYS A 466 9.05 14.09 -12.42
C CYS A 466 10.11 15.00 -12.99
N GLY A 467 10.59 15.90 -12.14
CA GLY A 467 11.66 16.81 -12.53
C GLY A 467 11.16 17.96 -13.38
N ASP A 468 12.12 18.61 -14.04
CA ASP A 468 11.83 19.75 -14.90
C ASP A 468 11.92 19.43 -16.39
N LEU A 470 12.10 16.08 -19.63
CA LEU A 470 12.23 14.71 -20.14
C LEU A 470 13.44 14.66 -21.06
N ASP A 471 14.34 13.71 -20.82
CA ASP A 471 15.59 13.60 -21.54
C ASP A 471 15.60 12.32 -22.35
N LEU A 472 15.72 12.46 -23.67
CA LEU A 472 15.82 11.32 -24.58
C LEU A 472 17.24 11.20 -25.11
N HIS A 473 17.74 9.97 -25.16
CA HIS A 473 18.94 9.65 -25.92
C HIS A 473 18.52 8.98 -27.22
N ASN A 474 19.32 9.21 -28.28
CA ASN A 474 19.10 8.50 -29.53
C ASN A 474 20.35 8.59 -30.38
N TYR A 475 20.75 7.47 -30.96
CA TYR A 475 21.93 7.39 -31.80
C TYR A 475 21.59 6.70 -33.11
N PRO A 476 22.12 7.19 -34.25
CA PRO A 476 23.00 8.37 -34.29
C PRO A 476 22.26 9.70 -34.50
N ALA A 477 21.20 9.68 -35.29
CA ALA A 477 20.49 10.91 -35.63
C ALA A 477 19.55 11.32 -34.50
N PRO A 478 19.18 12.60 -34.43
CA PRO A 478 18.16 13.03 -33.47
C PRO A 478 16.79 12.46 -33.82
N GLU A 479 15.99 12.24 -32.79
CA GLU A 479 14.66 11.68 -32.97
C GLU A 479 13.81 12.01 -31.75
N TYR A 481 10.97 10.56 -30.10
CA TYR A 481 10.11 9.41 -29.93
C TYR A 481 9.27 9.45 -28.65
N LEU A 482 9.49 10.44 -27.79
CA LEU A 482 8.73 10.57 -26.56
C LEU A 482 8.73 12.05 -26.17
N TYR A 483 7.58 12.52 -25.67
CA TYR A 483 7.44 13.95 -25.39
C TYR A 483 6.55 14.14 -24.17
N ASP A 484 7.02 14.97 -23.23
CA ASP A 484 6.26 15.33 -22.04
C ASP A 484 5.82 16.78 -22.19
N ALA A 485 4.52 16.98 -22.44
CA ALA A 485 4.01 18.33 -22.64
C ALA A 485 3.99 19.14 -21.34
N GLN A 486 4.05 18.48 -20.18
CA GLN A 486 4.05 19.17 -18.90
C GLN A 486 5.42 19.73 -18.53
N ARG A 487 6.47 19.30 -19.22
CA ARG A 487 7.83 19.73 -18.94
C ARG A 487 8.54 20.06 -20.25
N ALA A 488 9.82 20.37 -20.13
CA ALA A 488 10.66 20.52 -21.31
C ALA A 488 11.15 19.16 -21.78
N THR A 489 11.26 19.00 -23.08
CA THR A 489 11.76 17.76 -23.67
C THR A 489 13.08 18.07 -24.36
N VAL A 490 14.14 17.37 -23.95
CA VAL A 490 15.49 17.65 -24.42
C VAL A 490 16.09 16.37 -24.99
N LEU A 491 17.20 16.52 -25.69
CA LEU A 491 17.93 15.43 -26.32
C LEU A 491 19.31 15.37 -25.66
N GLY A 492 19.41 14.60 -24.57
CA GLY A 492 20.61 14.61 -23.77
C GLY A 492 21.80 13.85 -24.34
N GLU A 493 21.61 13.11 -25.43
CA GLU A 493 22.71 12.41 -26.08
C GLU A 493 22.30 12.07 -27.51
N TYR A 494 23.13 12.46 -28.47
CA TYR A 494 22.93 12.09 -29.86
C TYR A 494 24.24 12.27 -30.61
N GLY A 495 24.27 11.78 -31.84
CA GLY A 495 25.42 11.97 -32.72
C GLY A 495 26.39 10.79 -32.65
N GLY A 496 27.54 11.01 -32.02
CA GLY A 496 28.54 9.95 -31.92
C GLY A 496 29.16 9.57 -33.23
N ILE A 497 29.42 10.54 -34.10
CA ILE A 497 29.99 10.26 -35.41
C ILE A 497 31.46 9.91 -35.25
N GLY A 498 31.83 8.70 -35.68
CA GLY A 498 33.17 8.21 -35.48
C GLY A 498 34.10 8.44 -36.66
N LEU A 499 35.38 8.56 -36.35
CA LEU A 499 36.41 8.75 -37.37
C LEU A 499 37.75 8.31 -36.78
N VAL A 500 38.37 7.32 -37.40
CA VAL A 500 39.62 6.75 -36.89
C VAL A 500 40.79 7.43 -37.59
N LEU A 501 41.57 8.19 -36.83
N LEU A 501 41.46 8.33 -36.88
CA LEU A 501 42.83 8.75 -37.31
CA LEU A 501 42.62 9.04 -37.40
C LEU A 501 43.97 7.93 -36.71
C LEU A 501 43.86 8.42 -36.78
N LYS A 502 44.80 7.36 -37.58
N LYS A 502 44.51 7.54 -37.53
CA LYS A 502 45.72 6.30 -37.17
CA LYS A 502 45.66 6.83 -37.01
C LYS A 502 46.72 6.78 -36.11
C LYS A 502 46.75 7.84 -36.61
N ASP A 503 47.31 7.96 -36.32
N ASP A 503 47.67 7.37 -35.76
CA ASP A 503 48.38 8.43 -35.46
CA ASP A 503 48.70 8.14 -35.08
C ASP A 503 47.91 9.11 -34.19
C ASP A 503 48.10 9.06 -34.02
N HIS A 504 46.62 9.04 -33.86
N HIS A 504 46.79 8.95 -33.76
CA HIS A 504 46.07 9.79 -32.74
CA HIS A 504 46.14 9.77 -32.74
C HIS A 504 44.98 9.00 -32.03
C HIS A 504 45.06 9.01 -31.99
N ILE A 505 45.15 7.68 -31.95
CA ILE A 505 44.14 6.85 -31.30
C ILE A 505 44.79 6.02 -30.19
N TRP A 506 43.93 5.53 -29.29
CA TRP A 506 44.37 4.87 -28.07
C TRP A 506 44.83 3.44 -28.33
N GLU A 507 44.05 2.69 -29.11
CA GLU A 507 44.38 1.32 -29.47
C GLU A 507 44.31 1.17 -30.99
N PRO A 508 45.06 0.22 -31.56
CA PRO A 508 45.10 0.12 -33.03
C PRO A 508 43.81 -0.38 -33.65
N ASN A 509 42.94 -1.06 -32.91
CA ASN A 509 41.71 -1.60 -33.49
C ASN A 509 40.65 -1.67 -32.40
N ARG A 510 39.50 -2.28 -32.74
CA ARG A 510 38.29 -2.32 -31.93
C ARG A 510 37.69 -0.94 -31.69
N ASN A 511 38.17 0.08 -32.40
CA ASN A 511 37.58 1.41 -32.33
C ASN A 511 36.17 1.39 -32.91
N TRP A 512 35.35 2.34 -32.46
CA TRP A 512 33.95 2.31 -32.83
C TRP A 512 33.32 3.68 -32.69
N GLY A 513 32.32 3.93 -33.53
CA GLY A 513 31.38 5.00 -33.32
C GLY A 513 29.97 4.50 -33.59
N TYR A 514 28.99 5.38 -33.33
CA TYR A 514 27.63 5.02 -33.68
C TYR A 514 27.41 5.04 -35.18
N VAL A 515 28.13 5.90 -35.89
CA VAL A 515 28.23 5.87 -37.34
C VAL A 515 29.67 6.19 -37.70
N GLN A 516 30.17 5.56 -38.76
CA GLN A 516 31.59 5.63 -39.09
C GLN A 516 31.81 6.13 -40.51
N PHE A 517 32.83 6.98 -40.66
CA PHE A 517 33.26 7.48 -41.96
C PHE A 517 34.78 7.48 -42.00
N ASN A 518 35.32 7.64 -43.20
CA ASN A 518 36.76 7.53 -43.41
C ASN A 518 37.45 8.86 -43.65
N SER A 519 36.71 9.97 -43.65
CA SER A 519 37.31 11.28 -43.87
C SER A 519 36.62 12.31 -42.98
N SER A 520 37.33 13.42 -42.75
CA SER A 520 36.76 14.51 -41.96
C SER A 520 35.59 15.16 -42.70
N LYS A 521 35.65 15.23 -44.03
CA LYS A 521 34.58 15.86 -44.79
C LYS A 521 33.29 15.06 -44.68
N GLU A 522 33.38 13.73 -44.76
CA GLU A 522 32.18 12.91 -44.64
C GLU A 522 31.58 12.99 -43.25
N ALA A 523 32.42 13.18 -42.22
CA ALA A 523 31.89 13.30 -40.86
C ALA A 523 31.25 14.66 -40.64
N THR A 524 31.84 15.71 -41.20
CA THR A 524 31.24 17.05 -41.08
C THR A 524 29.91 17.11 -41.82
N ASP A 525 29.82 16.44 -42.98
CA ASP A 525 28.56 16.39 -43.71
C ASP A 525 27.48 15.71 -42.88
N GLU A 526 27.82 14.62 -42.21
CA GLU A 526 26.84 13.92 -41.38
C GLU A 526 26.50 14.73 -40.13
N TYR A 527 27.45 15.49 -39.60
CA TYR A 527 27.15 16.35 -38.46
C TYR A 527 26.19 17.47 -38.85
N VAL A 528 26.47 18.15 -39.96
CA VAL A 528 25.59 19.21 -40.42
C VAL A 528 24.20 18.65 -40.73
N LYS A 529 24.14 17.44 -41.28
CA LYS A 529 22.86 16.80 -41.56
C LYS A 529 22.07 16.58 -40.27
N TYR A 530 22.73 16.05 -39.24
CA TYR A 530 22.05 15.86 -37.96
C TYR A 530 21.64 17.19 -37.35
N ALA A 531 22.53 18.18 -37.41
CA ALA A 531 22.24 19.50 -36.83
C ALA A 531 21.10 20.19 -37.57
N ASP A 532 21.03 20.01 -38.89
CA ASP A 532 19.91 20.58 -39.64
C ASP A 532 18.58 19.98 -39.20
N LEU A 534 18.09 18.79 -36.23
CA LEU A 534 17.90 19.28 -34.87
C LEU A 534 17.31 20.68 -34.87
N TYR A 535 17.76 21.54 -35.79
CA TYR A 535 17.26 22.91 -35.84
C TYR A 535 15.76 22.92 -36.15
N LYS A 536 15.32 22.10 -37.10
CA LYS A 536 13.90 22.05 -37.42
C LYS A 536 13.08 21.42 -36.29
N VAL A 538 13.58 22.04 -33.04
CA VAL A 538 13.43 23.01 -31.96
C VAL A 538 12.02 23.57 -31.95
N ASP A 539 11.51 23.95 -33.13
CA ASP A 539 10.15 24.48 -33.23
C ASP A 539 9.10 23.41 -32.91
N ARG A 540 9.46 22.13 -32.98
N ARG A 540 9.47 22.14 -32.98
CA ARG A 540 8.49 21.06 -32.78
CA ARG A 540 8.53 21.04 -32.79
C ARG A 540 8.45 20.51 -31.36
C ARG A 540 8.43 20.58 -31.33
N GLY A 541 9.48 20.77 -30.55
CA GLY A 541 9.43 20.35 -29.16
C GLY A 541 10.73 20.30 -28.39
N PHE A 542 11.86 20.16 -29.08
CA PHE A 542 13.14 20.03 -28.40
C PHE A 542 13.62 21.39 -27.90
N SER A 543 13.96 21.45 -26.61
CA SER A 543 14.41 22.68 -25.99
C SER A 543 15.89 22.68 -25.61
N ALA A 544 16.57 21.55 -25.75
CA ALA A 544 18.00 21.47 -25.52
C ALA A 544 18.51 20.19 -26.15
N ALA A 545 19.83 20.16 -26.41
CA ALA A 545 20.42 19.00 -27.05
C ALA A 545 21.89 18.90 -26.67
N VAL A 546 22.37 17.65 -26.59
CA VAL A 546 23.76 17.37 -26.27
C VAL A 546 24.33 16.47 -27.36
N TYR A 547 25.43 16.91 -27.98
CA TYR A 547 26.10 16.13 -29.01
C TYR A 547 27.26 15.34 -28.42
N THR A 548 27.37 14.08 -28.82
CA THR A 548 28.42 13.18 -28.36
C THR A 548 29.52 13.11 -29.42
N GLN A 549 30.75 13.46 -29.06
CA GLN A 549 31.11 14.04 -27.76
C GLN A 549 32.24 15.05 -27.98
N THR A 550 32.83 15.54 -26.89
CA THR A 550 33.89 16.55 -27.01
C THR A 550 35.14 15.96 -27.65
N THR A 551 35.72 14.94 -27.03
CA THR A 551 36.92 14.29 -27.54
C THR A 551 36.68 12.78 -27.68
N ASP A 552 37.55 12.13 -28.45
CA ASP A 552 37.63 10.69 -28.37
C ASP A 552 38.12 10.29 -27.00
N VAL A 553 37.64 9.16 -26.50
CA VAL A 553 38.09 8.61 -25.23
C VAL A 553 38.37 7.13 -25.46
N GLU A 554 39.65 6.75 -25.36
CA GLU A 554 40.10 5.38 -25.56
C GLU A 554 39.63 4.84 -26.91
N VAL A 555 38.80 3.81 -26.91
CA VAL A 555 38.37 3.21 -28.17
C VAL A 555 37.13 3.84 -28.77
N GLU A 556 36.48 4.76 -28.05
CA GLU A 556 35.30 5.46 -28.56
C GLU A 556 35.79 6.71 -29.30
N VAL A 557 35.87 6.61 -30.62
CA VAL A 557 36.51 7.64 -31.44
C VAL A 557 35.48 8.53 -32.12
N ASN A 558 34.49 8.99 -31.37
CA ASN A 558 33.37 9.73 -31.92
C ASN A 558 33.32 11.18 -31.41
N GLY A 559 34.46 11.77 -31.10
CA GLY A 559 34.52 13.11 -30.58
C GLY A 559 34.83 14.15 -31.64
N LEU A 560 34.71 15.42 -31.23
CA LEU A 560 35.11 16.53 -32.10
C LEU A 560 36.63 16.64 -32.19
N THR A 562 40.59 14.51 -31.31
CA THR A 562 41.23 13.25 -30.95
C THR A 562 41.52 13.21 -29.46
N TYR A 563 41.73 11.99 -28.95
CA TYR A 563 41.96 11.81 -27.51
C TYR A 563 43.14 12.64 -27.04
N ASP A 564 44.18 12.76 -27.86
CA ASP A 564 45.36 13.54 -27.50
C ASP A 564 45.19 15.03 -27.77
N ARG A 565 44.01 15.46 -28.24
CA ARG A 565 43.66 16.84 -28.55
C ARG A 565 44.47 17.43 -29.69
N LYS A 566 45.30 16.64 -30.38
CA LYS A 566 46.18 17.18 -31.40
C LYS A 566 45.47 17.48 -32.72
N VAL A 567 44.30 16.91 -32.95
CA VAL A 567 43.59 17.06 -34.21
C VAL A 567 42.13 17.40 -33.94
N ILE A 568 41.63 18.43 -34.60
CA ILE A 568 40.21 18.74 -34.60
C ILE A 568 39.57 17.98 -35.76
N LYS A 569 38.66 17.06 -35.43
CA LYS A 569 38.23 16.07 -36.42
C LYS A 569 37.17 16.61 -37.37
N LEU A 570 36.35 17.56 -36.93
CA LEU A 570 35.29 18.13 -37.75
C LEU A 570 35.64 19.57 -38.13
N ASP A 571 35.15 19.99 -39.29
CA ASP A 571 35.41 21.35 -39.75
C ASP A 571 34.79 22.36 -38.80
N GLU A 572 35.65 23.21 -38.21
CA GLU A 572 35.19 24.12 -37.17
C GLU A 572 34.27 25.19 -37.73
N LYS A 573 34.62 25.76 -38.89
CA LYS A 573 33.81 26.83 -39.47
C LYS A 573 32.42 26.34 -39.85
N ARG A 574 32.33 25.12 -40.42
CA ARG A 574 31.02 24.60 -40.81
C ARG A 574 30.18 24.25 -39.58
N ALA A 575 30.80 23.71 -38.54
CA ALA A 575 30.06 23.40 -37.32
C ALA A 575 29.63 24.68 -36.60
N LYS A 576 30.52 25.69 -36.57
CA LYS A 576 30.18 26.94 -35.89
C LYS A 576 28.97 27.61 -36.52
N GLU A 577 28.83 27.51 -37.84
CA GLU A 577 27.73 28.19 -38.53
C GLU A 577 26.38 27.63 -38.08
N ILE A 578 26.25 26.31 -38.02
CA ILE A 578 24.95 25.72 -37.69
C ILE A 578 24.76 25.64 -36.17
N ASN A 579 25.83 25.39 -35.41
CA ASN A 579 25.70 25.35 -33.95
C ASN A 579 25.28 26.71 -33.39
N THR A 580 25.80 27.79 -33.99
CA THR A 580 25.36 29.13 -33.58
C THR A 580 23.89 29.35 -33.88
N ARG A 581 23.43 28.90 -35.06
CA ARG A 581 22.02 29.03 -35.42
C ARG A 581 21.12 28.27 -34.45
N ILE A 582 21.59 27.15 -33.91
CA ILE A 582 20.78 26.36 -32.99
C ILE A 582 20.74 27.00 -31.61
N CYS A 583 21.86 27.59 -31.18
CA CYS A 583 21.86 28.27 -29.89
C CYS A 583 20.99 29.52 -29.90
N ASN A 584 20.77 30.11 -31.07
CA ASN A 584 19.92 31.28 -31.20
C ASN A 584 18.56 30.94 -31.79
N SER A 585 18.17 29.66 -31.76
CA SER A 585 16.93 29.25 -32.42
C SER A 585 15.70 29.81 -31.73
N LEU A 586 15.78 30.09 -30.44
CA LEU A 586 14.65 30.61 -29.68
C LEU A 586 14.75 32.11 -29.42
N LYS A 587 15.75 32.78 -30.01
CA LYS A 587 15.93 34.21 -29.77
C LYS A 587 14.83 35.01 -30.46
N LYS A 588 14.40 36.08 -29.82
CA LYS A 588 13.43 37.00 -30.42
C LYS A 588 14.14 38.25 -30.95
N ALA B 3 17.50 -0.19 63.90
CA ALA B 3 17.79 -1.60 64.10
C ALA B 3 19.14 -1.97 63.50
N GLN B 4 19.45 -3.27 63.52
CA GLN B 4 20.66 -3.81 62.92
C GLN B 4 20.30 -4.52 61.62
N TRP B 5 21.15 -4.38 60.61
CA TRP B 5 20.86 -5.01 59.32
C TRP B 5 20.77 -6.52 59.47
N LYS B 6 19.85 -7.12 58.72
CA LYS B 6 19.51 -8.52 58.86
C LYS B 6 18.76 -8.97 57.61
N PRO B 7 19.20 -10.05 56.95
CA PRO B 7 18.49 -10.54 55.77
C PRO B 7 17.03 -10.84 56.07
N ALA B 8 16.14 -10.29 55.25
CA ALA B 8 14.71 -10.42 55.47
C ALA B 8 14.18 -11.70 54.83
N GLY B 9 13.16 -12.28 55.46
CA GLY B 9 12.52 -13.47 54.95
C GLY B 9 13.20 -14.75 55.40
N ASP B 10 12.50 -15.86 55.18
CA ASP B 10 12.98 -17.19 55.56
C ASP B 10 13.18 -18.09 54.34
N ARG B 11 13.23 -17.51 53.15
CA ARG B 11 13.48 -18.29 51.94
C ARG B 11 14.92 -18.81 51.94
N ILE B 12 15.19 -19.70 50.97
CA ILE B 12 16.55 -20.22 50.84
C ILE B 12 17.49 -19.09 50.44
N LYS B 13 18.75 -19.21 50.85
CA LYS B 13 19.76 -18.22 50.56
C LYS B 13 21.04 -18.92 50.13
N THR B 14 21.88 -18.18 49.40
CA THR B 14 23.17 -18.70 49.01
C THR B 14 24.15 -18.63 50.18
N LYS B 15 25.27 -19.35 50.04
CA LYS B 15 26.27 -19.35 51.09
C LYS B 15 26.94 -17.98 51.25
N TRP B 16 26.78 -17.09 50.27
CA TRP B 16 27.34 -15.75 50.37
C TRP B 16 26.46 -14.79 51.14
N ALA B 17 25.21 -15.17 51.42
CA ALA B 17 24.34 -14.29 52.19
C ALA B 17 24.83 -14.10 53.62
N GLU B 18 25.43 -15.14 54.21
CA GLU B 18 25.98 -15.03 55.55
C GLU B 18 27.35 -14.37 55.57
N GLN B 19 27.95 -14.13 54.41
CA GLN B 19 29.23 -13.43 54.32
C GLN B 19 29.08 -11.94 54.06
N ILE B 20 27.85 -11.45 53.92
CA ILE B 20 27.64 -10.05 53.60
C ILE B 20 28.05 -9.18 54.79
N ASN B 21 28.88 -8.18 54.53
CA ASN B 21 29.22 -7.17 55.51
C ASN B 21 28.61 -5.84 55.06
N PRO B 22 27.61 -5.31 55.77
CA PRO B 22 26.96 -4.07 55.31
C PRO B 22 27.87 -2.86 55.27
N SER B 23 29.11 -2.97 55.77
CA SER B 23 30.08 -1.89 55.68
C SER B 23 31.04 -2.05 54.50
N ASP B 24 30.88 -3.10 53.70
CA ASP B 24 31.73 -3.36 52.55
C ASP B 24 30.95 -4.18 51.52
N VAL B 25 29.87 -3.61 51.01
CA VAL B 25 28.97 -4.31 50.09
C VAL B 25 29.44 -4.11 48.66
N LEU B 26 29.73 -5.21 47.96
CA LEU B 26 30.14 -5.24 46.57
C LEU B 26 31.22 -4.21 46.28
N PRO B 27 32.44 -4.42 46.77
CA PRO B 27 33.49 -3.39 46.68
C PRO B 27 34.30 -3.39 45.39
N GLU B 28 34.04 -4.28 44.45
CA GLU B 28 34.87 -4.37 43.26
C GLU B 28 34.58 -3.20 42.31
N TYR B 29 35.56 -2.90 41.47
CA TYR B 29 35.44 -1.77 40.56
C TYR B 29 34.32 -2.01 39.56
N PRO B 30 33.35 -1.10 39.46
CA PRO B 30 32.12 -1.41 38.69
C PRO B 30 32.26 -1.33 37.18
N ARG B 31 33.40 -0.90 36.64
CA ARG B 31 33.55 -0.66 35.20
C ARG B 31 34.94 -1.06 34.74
N PRO B 32 35.22 -2.37 34.66
CA PRO B 32 36.55 -2.81 34.21
C PRO B 32 36.88 -2.41 32.78
N ILE B 33 35.88 -2.17 31.94
CA ILE B 33 36.15 -1.81 30.55
C ILE B 33 36.75 -0.41 30.43
N GLN B 35 38.93 1.91 33.21
CA GLN B 35 39.42 2.00 34.58
C GLN B 35 40.18 3.31 34.78
N ARG B 36 39.71 4.10 35.74
CA ARG B 36 40.52 5.12 36.39
C ARG B 36 40.83 4.64 37.80
N ASN B 37 41.87 5.23 38.40
CA ASN B 37 42.35 4.70 39.66
C ASN B 37 41.44 5.07 40.83
N ASP B 38 40.98 6.32 40.88
CA ASP B 38 40.29 6.84 42.05
C ASP B 38 38.78 6.77 41.88
N TRP B 39 38.10 6.36 42.95
CA TRP B 39 36.65 6.29 43.00
C TRP B 39 36.25 6.06 44.45
N LYS B 40 34.95 6.18 44.72
CA LYS B 40 34.41 5.95 46.06
C LYS B 40 33.10 5.20 45.94
N ASN B 41 32.97 4.10 46.69
CA ASN B 41 31.79 3.26 46.65
C ASN B 41 30.75 3.79 47.63
N LEU B 42 29.53 4.00 47.13
CA LEU B 42 28.42 4.47 47.95
C LEU B 42 27.50 3.36 48.39
N ASN B 43 27.86 2.09 48.14
CA ASN B 43 27.06 0.97 48.62
C ASN B 43 27.03 0.94 50.13
N GLY B 44 25.99 0.34 50.68
CA GLY B 44 25.84 0.29 52.13
C GLY B 44 24.43 0.52 52.61
N LEU B 45 24.29 0.98 53.86
CA LEU B 45 22.97 1.18 54.45
C LEU B 45 22.53 2.63 54.22
N TRP B 46 21.52 2.81 53.38
CA TRP B 46 20.88 4.10 53.17
C TRP B 46 19.58 4.17 53.96
N ASP B 47 19.13 5.39 54.22
CA ASP B 47 17.78 5.59 54.70
C ASP B 47 16.80 5.33 53.56
N TYR B 48 15.69 4.67 53.86
CA TYR B 48 14.71 4.36 52.84
C TYR B 48 13.31 4.65 53.36
N ALA B 49 12.39 4.83 52.41
CA ALA B 49 10.99 5.04 52.73
C ALA B 49 10.16 4.71 51.50
N ILE B 50 9.02 4.07 51.72
CA ILE B 50 8.08 3.72 50.66
C ILE B 50 6.88 4.65 50.82
N ILE B 51 6.73 5.57 49.87
CA ILE B 51 5.68 6.58 49.93
C ILE B 51 4.66 6.33 48.83
N ASP B 52 3.51 6.97 48.94
CA ASP B 52 2.54 6.97 47.87
C ASP B 52 3.06 7.76 46.67
N LYS B 53 2.67 7.33 45.48
CA LYS B 53 3.12 7.99 44.27
C LYS B 53 2.64 9.43 44.25
N GLY B 54 3.59 10.37 44.16
CA GLY B 54 3.28 11.77 44.25
C GLY B 54 3.33 12.34 45.65
N GLY B 55 3.58 11.51 46.66
CA GLY B 55 3.63 11.98 48.02
C GLY B 55 4.87 12.82 48.30
N ARG B 56 4.91 13.38 49.51
CA ARG B 56 6.00 14.25 49.92
C ARG B 56 7.25 13.43 50.25
N ILE B 57 8.39 13.90 49.78
CA ILE B 57 9.68 13.28 50.08
C ILE B 57 10.02 13.57 51.54
N PRO B 58 10.01 12.59 52.42
CA PRO B 58 10.22 12.86 53.85
C PRO B 58 11.68 13.18 54.14
N THR B 59 11.87 13.81 55.31
CA THR B 59 13.21 14.11 55.80
C THR B 59 13.65 13.18 56.93
N ASP B 60 12.71 12.65 57.70
CA ASP B 60 13.00 11.66 58.74
C ASP B 60 12.60 10.28 58.24
N PHE B 61 13.44 9.29 58.54
CA PHE B 61 13.27 7.94 58.02
C PHE B 61 13.27 6.93 59.14
N GLU B 62 12.46 5.88 58.97
CA GLU B 62 12.26 4.86 59.99
C GLU B 62 13.28 3.72 59.88
N GLY B 63 13.47 3.19 58.68
CA GLY B 63 14.33 2.06 58.46
C GLY B 63 15.44 2.33 57.45
N GLN B 64 16.29 1.33 57.29
CA GLN B 64 17.42 1.40 56.36
C GLN B 64 17.33 0.27 55.34
N ILE B 65 17.95 0.50 54.19
CA ILE B 65 18.02 -0.50 53.12
C ILE B 65 19.48 -0.70 52.76
N LEU B 66 19.81 -1.93 52.38
CA LEU B 66 21.17 -2.27 51.97
C LEU B 66 21.31 -2.07 50.47
N VAL B 67 21.99 -1.00 50.07
CA VAL B 67 22.26 -0.70 48.67
C VAL B 67 23.46 -1.55 48.25
N PRO B 68 23.44 -2.17 47.05
CA PRO B 68 22.39 -2.10 46.03
C PRO B 68 21.55 -3.38 45.87
N PHE B 69 20.68 -3.66 46.83
CA PHE B 69 19.77 -4.79 46.75
C PHE B 69 18.34 -4.26 46.65
N ALA B 70 17.57 -4.82 45.72
CA ALA B 70 16.22 -4.32 45.46
C ALA B 70 15.36 -4.43 46.70
N VAL B 71 14.33 -3.56 46.76
CA VAL B 71 13.46 -3.51 47.93
C VAL B 71 12.80 -4.86 48.19
N GLU B 72 12.50 -5.61 47.14
CA GLU B 72 11.84 -6.90 47.31
C GLU B 72 12.80 -8.01 47.72
N SER B 73 14.11 -7.79 47.58
CA SER B 73 15.07 -8.86 47.81
C SER B 73 15.26 -9.10 49.32
N SER B 74 15.88 -10.24 49.63
CA SER B 74 16.15 -10.60 51.02
C SER B 74 17.33 -9.80 51.57
N LEU B 75 18.40 -9.66 50.79
CA LEU B 75 19.61 -9.01 51.28
C LEU B 75 19.46 -7.52 51.47
N SER B 76 18.38 -6.92 50.97
CA SER B 76 18.16 -5.50 51.21
C SER B 76 17.88 -5.20 52.68
N GLY B 77 17.53 -6.23 53.46
CA GLY B 77 17.07 -6.03 54.82
C GLY B 77 15.65 -5.53 54.92
N VAL B 78 14.96 -5.35 53.80
CA VAL B 78 13.59 -4.85 53.79
C VAL B 78 12.66 -5.96 53.37
N GLY B 79 12.75 -6.39 52.12
CA GLY B 79 11.90 -7.46 51.62
C GLY B 79 10.45 -7.08 51.49
N LYS B 80 10.17 -5.86 51.05
CA LYS B 80 8.81 -5.37 50.88
C LYS B 80 8.48 -5.20 49.40
N ARG B 81 7.19 -5.08 49.12
CA ARG B 81 6.69 -4.93 47.76
C ARG B 81 6.30 -3.48 47.48
N VAL B 82 6.54 -3.03 46.26
CA VAL B 82 6.23 -1.68 45.83
C VAL B 82 5.36 -1.77 44.58
N ASN B 83 4.15 -1.24 44.66
CA ASN B 83 3.23 -1.30 43.52
C ASN B 83 3.42 -0.07 42.63
N GLU B 84 2.61 0.03 41.57
CA GLU B 84 2.75 1.13 40.62
C GLU B 84 2.24 2.45 41.16
N ASN B 85 1.54 2.45 42.30
CA ASN B 85 1.09 3.66 42.94
C ASN B 85 1.94 4.05 44.15
N GLN B 86 3.18 3.58 44.19
CA GLN B 86 4.11 3.89 45.26
C GLN B 86 5.47 4.26 44.67
N GLU B 87 6.25 4.96 45.48
CA GLU B 87 7.61 5.36 45.11
C GLU B 87 8.55 5.03 46.25
N VAL B 88 9.80 4.70 45.90
CA VAL B 88 10.85 4.39 46.86
C VAL B 88 11.79 5.58 46.94
N ILE B 89 12.15 5.97 48.15
CA ILE B 89 12.99 7.13 48.39
C ILE B 89 14.22 6.68 49.17
N TYR B 90 15.39 6.78 48.54
CA TYR B 90 16.65 6.52 49.21
C TYR B 90 17.25 7.84 49.68
N GLN B 91 17.82 7.85 50.88
CA GLN B 91 18.57 9.00 51.36
C GLN B 91 19.88 8.53 51.97
N ARG B 92 20.94 9.30 51.72
CA ARG B 92 22.27 8.94 52.18
C ARG B 92 23.10 10.20 52.24
N SER B 93 24.06 10.22 53.17
CA SER B 93 25.06 11.28 53.26
C SER B 93 26.40 10.77 52.79
N PHE B 94 27.15 11.62 52.10
CA PHE B 94 28.47 11.26 51.60
C PHE B 94 29.40 12.45 51.68
N GLU B 95 30.69 12.16 51.85
CA GLU B 95 31.75 13.15 51.87
C GLU B 95 32.61 13.01 50.62
N ILE B 96 33.10 14.14 50.13
CA ILE B 96 34.03 14.14 49.00
C ILE B 96 35.45 14.15 49.56
N PRO B 97 36.31 13.24 49.12
CA PRO B 97 37.71 13.26 49.58
C PRO B 97 38.39 14.58 49.23
N SER B 98 39.19 15.09 50.16
CA SER B 98 39.89 16.35 49.93
C SER B 98 40.84 16.28 48.75
N ALA B 99 41.32 15.09 48.40
CA ALA B 99 42.18 14.94 47.22
C ALA B 99 41.42 15.22 45.94
N TRP B 100 40.09 15.16 45.96
CA TRP B 100 39.27 15.41 44.78
C TRP B 100 38.93 16.88 44.59
N ARG B 101 39.53 17.77 45.38
N ARG B 101 39.56 17.77 45.37
CA ARG B 101 39.20 19.18 45.29
CA ARG B 101 39.23 19.18 45.29
C ARG B 101 39.63 19.73 43.93
C ARG B 101 39.65 19.75 43.93
N GLY B 102 38.74 20.51 43.31
CA GLY B 102 38.96 21.04 41.98
C GLY B 102 38.55 20.12 40.86
N LYS B 103 38.42 18.82 41.12
CA LYS B 103 38.04 17.87 40.10
C LYS B 103 36.52 17.82 39.95
N GLN B 104 36.06 17.45 38.75
CA GLN B 104 34.65 17.17 38.55
C GLN B 104 34.30 15.82 39.17
N VAL B 105 33.15 15.74 39.82
CA VAL B 105 32.71 14.54 40.52
C VAL B 105 31.52 13.97 39.77
N LEU B 106 31.64 12.71 39.34
CA LEU B 106 30.57 12.03 38.63
C LEU B 106 29.89 11.04 39.57
N LEU B 107 28.56 11.07 39.56
CA LEU B 107 27.75 10.12 40.33
C LEU B 107 27.27 9.03 39.38
N HIS B 108 27.74 7.81 39.60
CA HIS B 108 27.44 6.69 38.72
C HIS B 108 26.38 5.78 39.31
N PHE B 109 25.46 5.32 38.46
CA PHE B 109 24.49 4.29 38.81
C PHE B 109 24.66 3.14 37.83
N GLY B 110 24.78 1.92 38.36
CA GLY B 110 24.88 0.76 37.48
C GLY B 110 23.55 0.42 36.82
N ALA B 111 22.47 0.44 37.59
CA ALA B 111 21.13 0.17 37.09
C ALA B 111 20.13 0.47 38.19
N VAL B 112 19.05 1.17 37.83
CA VAL B 112 17.94 1.45 38.75
C VAL B 112 16.65 1.25 37.99
N ASP B 113 15.73 0.47 38.57
CA ASP B 113 14.46 0.11 37.94
C ASP B 113 13.33 0.81 38.68
N TRP B 114 12.59 1.67 37.99
CA TRP B 114 12.73 1.89 36.54
C TRP B 114 12.98 3.37 36.21
N LYS B 115 12.24 4.26 36.87
CA LYS B 115 12.40 5.70 36.70
C LYS B 115 13.12 6.26 37.91
N THR B 116 14.18 7.03 37.66
CA THR B 116 15.05 7.53 38.72
C THR B 116 15.11 9.05 38.68
N ASP B 117 15.07 9.65 39.86
CA ASP B 117 15.25 11.09 40.04
C ASP B 117 16.23 11.30 41.19
N VAL B 118 17.28 12.09 40.96
CA VAL B 118 18.39 12.22 41.90
C VAL B 118 18.52 13.69 42.32
N TRP B 119 18.62 13.90 43.63
CA TRP B 119 18.87 15.23 44.20
C TRP B 119 20.13 15.18 45.04
N VAL B 120 21.01 16.16 44.85
CA VAL B 120 22.19 16.34 45.69
C VAL B 120 22.03 17.68 46.40
N ASN B 121 21.94 17.65 47.73
CA ASN B 121 21.71 18.84 48.54
C ASN B 121 20.47 19.59 48.06
N ASP B 122 19.39 18.84 47.84
CA ASP B 122 18.09 19.35 47.40
C ASP B 122 18.15 19.98 46.02
N ILE B 123 19.17 19.66 45.23
CA ILE B 123 19.32 20.18 43.88
C ILE B 123 19.20 19.00 42.91
N LYS B 124 18.21 19.06 42.02
CA LYS B 124 18.02 18.00 41.04
C LYS B 124 19.21 17.97 40.09
N VAL B 125 19.89 16.83 40.03
CA VAL B 125 21.08 16.68 39.20
C VAL B 125 20.82 15.87 37.94
N GLY B 126 19.71 15.14 37.86
CA GLY B 126 19.42 14.37 36.68
C GLY B 126 18.32 13.37 36.94
N SER B 127 17.95 12.66 35.87
CA SER B 127 16.91 11.64 35.91
C SER B 127 17.25 10.57 34.88
N HIS B 128 16.54 9.44 34.97
CA HIS B 128 16.80 8.34 34.08
C HIS B 128 15.61 7.39 34.07
N THR B 129 15.31 6.83 32.90
CA THR B 129 14.32 5.77 32.75
C THR B 129 15.00 4.57 32.09
N GLY B 130 14.66 3.38 32.58
CA GLY B 130 15.30 2.16 32.11
C GLY B 130 16.01 1.45 33.24
N GLY B 131 15.59 0.23 33.54
CA GLY B 131 16.10 -0.49 34.68
C GLY B 131 17.32 -1.36 34.43
N PHE B 132 17.90 -1.33 33.24
CA PHE B 132 19.00 -2.22 32.91
C PHE B 132 20.27 -1.52 32.44
N THR B 133 20.24 -0.21 32.22
CA THR B 133 21.39 0.49 31.66
C THR B 133 22.04 1.41 32.70
N PRO B 134 23.35 1.60 32.61
CA PRO B 134 24.02 2.54 33.52
C PRO B 134 23.82 3.99 33.09
N PHE B 135 24.00 4.89 34.06
CA PHE B 135 23.89 6.32 33.79
C PHE B 135 24.68 7.08 34.84
N SER B 136 25.06 8.31 34.49
CA SER B 136 25.93 9.13 35.32
C SER B 136 25.47 10.58 35.27
N PHE B 137 25.76 11.31 36.35
CA PHE B 137 25.49 12.74 36.42
C PHE B 137 26.72 13.47 36.95
N ASP B 138 26.96 14.65 36.41
CA ASP B 138 27.98 15.55 36.95
C ASP B 138 27.34 16.33 38.09
N ILE B 139 27.73 16.02 39.33
CA ILE B 139 27.11 16.60 40.52
C ILE B 139 28.01 17.68 41.14
N THR B 140 29.03 18.14 40.42
CA THR B 140 29.99 19.07 41.02
C THR B 140 29.36 20.37 41.48
N PRO B 141 28.49 21.05 40.71
CA PRO B 141 27.92 22.30 41.22
C PRO B 141 27.00 22.13 42.40
N ALA B 142 26.49 20.93 42.66
CA ALA B 142 25.57 20.71 43.76
C ALA B 142 26.25 20.41 45.09
N LEU B 143 27.55 20.11 45.06
CA LEU B 143 28.28 19.82 46.29
C LEU B 143 28.36 21.07 47.17
N SER B 144 28.70 20.85 48.44
CA SER B 144 28.87 21.93 49.40
C SER B 144 30.30 21.92 49.93
N ALA B 145 30.80 23.12 50.25
CA ALA B 145 32.13 23.22 50.84
C ALA B 145 32.14 22.76 52.30
N LYS B 146 31.01 22.91 52.99
CA LYS B 146 30.92 22.50 54.39
C LYS B 146 30.91 20.98 54.56
N GLY B 147 30.70 20.23 53.49
CA GLY B 147 30.66 18.78 53.58
C GLY B 147 29.27 18.27 53.90
N ASN B 148 29.21 16.96 54.16
CA ASN B 148 27.97 16.27 54.53
C ASN B 148 26.89 16.45 53.46
N ASN B 149 27.25 16.07 52.23
CA ASN B 149 26.32 16.19 51.11
C ASN B 149 25.19 15.18 51.26
N ARG B 150 23.98 15.61 50.91
CA ARG B 150 22.78 14.79 51.07
C ARG B 150 22.36 14.26 49.70
N LEU B 151 22.34 12.93 49.57
CA LEU B 151 21.96 12.26 48.32
C LEU B 151 20.57 11.66 48.50
N VAL B 152 19.64 12.04 47.62
CA VAL B 152 18.28 11.53 47.64
C VAL B 152 17.97 10.96 46.26
N VAL B 153 17.47 9.74 46.22
CA VAL B 153 17.10 9.06 44.99
C VAL B 153 15.64 8.62 45.10
N LYS B 154 14.81 9.07 44.17
CA LYS B 154 13.40 8.70 44.12
C LYS B 154 13.20 7.77 42.92
N VAL B 155 12.68 6.58 43.20
CA VAL B 155 12.52 5.54 42.18
C VAL B 155 11.04 5.19 42.05
N TRP B 156 10.59 4.98 40.82
CA TRP B 156 9.24 4.50 40.54
C TRP B 156 9.34 3.33 39.56
N ASP B 157 8.60 2.26 39.84
CA ASP B 157 8.65 1.04 39.02
C ASP B 157 7.25 0.43 38.92
N PRO B 158 6.58 0.56 37.77
CA PRO B 158 5.24 -0.01 37.63
C PRO B 158 5.23 -1.52 37.41
N THR B 159 6.40 -2.14 37.18
CA THR B 159 6.56 -3.56 36.86
C THR B 159 5.68 -3.89 35.64
N ASP B 160 4.91 -4.99 35.65
CA ASP B 160 4.05 -5.39 34.52
C ASP B 160 2.78 -4.55 34.38
N ARG B 161 2.51 -3.65 35.33
CA ARG B 161 1.45 -2.66 35.17
C ARG B 161 1.85 -1.54 34.22
N GLY B 162 3.07 -1.57 33.69
CA GLY B 162 3.52 -0.65 32.68
C GLY B 162 4.11 -1.37 31.48
N PRO B 163 4.30 -0.66 30.36
CA PRO B 163 4.78 -1.30 29.14
C PRO B 163 6.30 -1.34 28.97
N GLN B 164 7.06 -0.82 29.94
CA GLN B 164 8.50 -0.71 29.80
C GLN B 164 9.16 -2.09 29.87
N PRO B 165 10.39 -2.20 29.39
CA PRO B 165 11.12 -3.47 29.53
C PRO B 165 11.27 -3.87 31.00
N ARG B 166 10.95 -5.14 31.28
CA ARG B 166 11.01 -5.67 32.63
C ARG B 166 11.53 -7.11 32.71
N GLY B 167 11.55 -7.86 31.61
CA GLY B 167 12.04 -9.22 31.68
C GLY B 167 11.05 -10.11 32.41
N LYS B 168 11.56 -10.87 33.38
CA LYS B 168 10.75 -11.83 34.10
C LYS B 168 10.01 -11.23 35.29
N GLN B 169 10.14 -9.93 35.54
CA GLN B 169 9.47 -9.30 36.67
C GLN B 169 7.97 -9.20 36.41
N VAL B 170 7.18 -9.66 37.38
CA VAL B 170 5.72 -9.50 37.37
C VAL B 170 5.26 -9.15 38.78
N SER B 171 3.99 -8.76 38.89
CA SER B 171 3.44 -8.41 40.18
C SER B 171 3.03 -9.66 40.97
N ARG B 172 2.44 -10.65 40.30
N ARG B 172 2.44 -10.64 40.29
CA ARG B 172 2.02 -11.91 40.91
CA ARG B 172 2.03 -11.91 40.92
C ARG B 172 2.90 -13.03 40.36
C ARG B 172 2.90 -13.03 40.36
N PRO B 173 4.03 -13.33 41.00
CA PRO B 173 4.93 -14.36 40.45
C PRO B 173 4.28 -15.74 40.44
N GLU B 174 4.45 -16.43 39.32
CA GLU B 174 3.93 -17.78 39.11
C GLU B 174 4.57 -18.35 37.86
N GLY B 175 4.64 -19.68 37.81
CA GLY B 175 5.16 -20.37 36.65
C GLY B 175 6.55 -19.96 36.23
N ILE B 176 6.64 -19.26 35.09
CA ILE B 176 7.91 -18.79 34.55
C ILE B 176 8.22 -17.35 34.96
N TRP B 177 7.35 -16.71 35.73
CA TRP B 177 7.48 -15.31 36.07
C TRP B 177 7.85 -15.16 37.54
N TYR B 178 8.77 -14.24 37.83
CA TYR B 178 9.47 -14.21 39.09
C TYR B 178 9.19 -12.93 39.86
N THR B 179 9.83 -12.81 41.03
CA THR B 179 9.59 -11.71 41.94
C THR B 179 9.97 -10.38 41.29
N PRO B 180 9.18 -9.31 41.50
CA PRO B 180 9.54 -8.01 40.94
C PRO B 180 10.81 -7.46 41.58
N VAL B 181 11.46 -6.56 40.85
CA VAL B 181 12.73 -5.95 41.24
C VAL B 181 12.58 -4.44 41.09
N THR B 182 12.55 -3.74 42.22
CA THR B 182 12.34 -2.30 42.24
C THR B 182 13.49 -1.62 42.98
N GLY B 183 14.05 -0.58 42.37
CA GLY B 183 15.06 0.22 43.04
C GLY B 183 16.46 0.04 42.51
N ILE B 184 17.44 0.29 43.37
CA ILE B 184 18.84 0.25 42.99
C ILE B 184 19.35 -1.17 43.17
N TRP B 185 19.78 -1.79 42.07
CA TRP B 185 20.29 -3.16 42.12
C TRP B 185 21.70 -3.28 41.54
N GLN B 186 22.41 -2.17 41.35
CA GLN B 186 23.80 -2.20 40.97
C GLN B 186 24.55 -1.11 41.74
N THR B 187 25.87 -1.28 41.82
CA THR B 187 26.70 -0.43 42.66
C THR B 187 26.56 1.04 42.30
N VAL B 188 26.38 1.89 43.32
CA VAL B 188 26.43 3.33 43.18
C VAL B 188 27.80 3.81 43.65
N TRP B 189 28.41 4.71 42.88
CA TRP B 189 29.76 5.14 43.21
C TRP B 189 30.02 6.54 42.65
N LEU B 190 31.09 7.15 43.14
CA LEU B 190 31.53 8.47 42.72
C LEU B 190 32.89 8.36 42.04
N GLU B 191 33.15 9.29 41.12
CA GLU B 191 34.37 9.25 40.33
C GLU B 191 34.86 10.67 40.05
N PRO B 192 36.12 10.98 40.40
CA PRO B 192 36.66 12.30 40.06
C PRO B 192 37.30 12.31 38.67
N VAL B 193 36.98 13.32 37.86
CA VAL B 193 37.50 13.45 36.50
C VAL B 193 37.85 14.90 36.25
N ALA B 194 38.58 15.12 35.15
CA ALA B 194 38.94 16.47 34.74
C ALA B 194 37.77 17.14 34.04
N GLY B 195 37.91 18.46 33.83
CA GLY B 195 36.87 19.21 33.14
C GLY B 195 36.56 18.63 31.77
N LYS B 196 37.59 18.26 31.03
CA LYS B 196 37.45 17.49 29.80
C LYS B 196 37.96 16.08 30.05
N HIS B 197 37.11 15.08 29.81
CA HIS B 197 37.45 13.71 30.14
C HIS B 197 36.79 12.76 29.15
N ILE B 198 37.27 11.53 29.15
CA ILE B 198 36.72 10.49 28.27
C ILE B 198 35.46 9.93 28.92
N GLU B 199 34.32 10.07 28.24
CA GLU B 199 33.08 9.57 28.81
C GLU B 199 32.88 8.10 28.51
N ASN B 200 33.39 7.61 27.38
CA ASN B 200 33.18 6.22 26.99
C ASN B 200 34.19 5.85 25.92
N LEU B 201 34.59 4.58 25.94
CA LEU B 201 35.48 4.02 24.92
C LEU B 201 34.67 3.09 24.02
N ARG B 202 34.68 3.38 22.72
N ARG B 202 34.65 3.39 22.72
CA ARG B 202 34.01 2.53 21.73
CA ARG B 202 34.02 2.53 21.72
C ARG B 202 35.11 1.75 21.00
C ARG B 202 35.12 1.75 21.02
N ILE B 203 35.29 0.49 21.40
CA ILE B 203 36.36 -0.35 20.89
C ILE B 203 35.77 -1.34 19.88
N THR B 204 36.34 -1.37 18.68
CA THR B 204 35.86 -2.24 17.62
C THR B 204 37.03 -2.88 16.88
N PRO B 205 37.13 -4.21 16.88
CA PRO B 205 38.23 -4.88 16.17
C PRO B 205 37.86 -5.22 14.74
N ASP B 206 38.91 -5.48 13.94
CA ASP B 206 38.74 -5.92 12.56
C ASP B 206 39.93 -6.81 12.23
N ILE B 207 39.75 -8.13 12.43
CA ILE B 207 40.84 -9.06 12.21
C ILE B 207 41.18 -9.20 10.73
N ASP B 208 40.22 -8.90 9.84
CA ASP B 208 40.49 -9.03 8.41
C ASP B 208 41.40 -7.92 7.91
N ARG B 209 41.35 -6.76 8.54
CA ARG B 209 42.19 -5.62 8.17
C ARG B 209 43.32 -5.39 9.17
N HIS B 210 43.48 -6.28 10.14
CA HIS B 210 44.53 -6.20 11.15
C HIS B 210 44.52 -4.84 11.83
N LEU B 211 43.38 -4.54 12.46
CA LEU B 211 43.06 -3.20 12.91
C LEU B 211 42.26 -3.26 14.19
N LEU B 212 42.55 -2.33 15.10
CA LEU B 212 41.75 -2.13 16.30
C LEU B 212 41.39 -0.65 16.37
N THR B 213 40.11 -0.34 16.22
CA THR B 213 39.63 1.04 16.25
C THR B 213 39.14 1.39 17.65
N VAL B 214 39.68 2.47 18.20
CA VAL B 214 39.31 2.95 19.54
C VAL B 214 38.82 4.38 19.38
N LYS B 215 37.53 4.60 19.63
CA LYS B 215 36.92 5.92 19.57
C LYS B 215 36.69 6.41 21.00
N ALA B 216 37.38 7.49 21.37
CA ALA B 216 37.29 8.05 22.72
C ALA B 216 36.26 9.17 22.69
N GLU B 217 35.06 8.88 23.18
CA GLU B 217 33.99 9.87 23.24
C GLU B 217 34.18 10.76 24.46
N LEU B 218 34.36 12.05 24.23
CA LEU B 218 34.60 13.03 25.29
C LEU B 218 33.33 13.77 25.64
N ASN B 219 33.33 14.37 26.83
CA ASN B 219 32.20 15.22 27.22
C ASN B 219 32.21 16.55 26.49
N THR B 220 33.39 17.03 26.09
CA THR B 220 33.53 18.25 25.32
C THR B 220 34.69 18.09 24.36
N ASN B 221 34.66 18.83 23.25
CA ASN B 221 35.65 18.71 22.20
C ASN B 221 36.27 20.07 21.89
N SER B 222 37.60 20.09 21.79
CA SER B 222 38.33 21.23 21.26
C SER B 222 39.22 20.75 20.12
N THR B 223 39.67 21.69 19.29
CA THR B 223 40.47 21.32 18.12
C THR B 223 41.80 20.71 18.52
N SER B 224 42.42 21.22 19.58
CA SER B 224 43.72 20.73 20.03
C SER B 224 43.63 19.43 20.84
N ASP B 225 42.48 18.75 20.82
CA ASP B 225 42.35 17.49 21.53
C ASP B 225 43.17 16.41 20.85
N PHE B 226 43.91 15.65 21.64
CA PHE B 226 44.80 14.61 21.14
C PHE B 226 44.57 13.33 21.95
N VAL B 227 44.43 12.20 21.25
CA VAL B 227 44.17 10.91 21.89
C VAL B 227 45.23 9.93 21.45
N GLU B 228 45.81 9.21 22.41
CA GLU B 228 46.85 8.23 22.16
C GLU B 228 46.44 6.90 22.77
N VAL B 229 46.49 5.83 21.98
CA VAL B 229 46.10 4.49 22.40
C VAL B 229 47.33 3.58 22.32
N ASN B 230 47.68 2.97 23.45
CA ASN B 230 48.78 2.02 23.51
C ASN B 230 48.22 0.63 23.82
N VAL B 231 48.56 -0.34 22.99
CA VAL B 231 48.08 -1.71 23.12
C VAL B 231 49.23 -2.59 23.60
N TYR B 232 48.96 -3.39 24.63
CA TYR B 232 50.00 -4.20 25.28
C TYR B 232 49.64 -5.67 25.21
N ASP B 233 50.63 -6.49 24.81
CA ASP B 233 50.55 -7.94 24.93
C ASP B 233 51.19 -8.29 26.27
N GLY B 234 50.37 -8.45 27.29
CA GLY B 234 50.90 -8.60 28.64
C GLY B 234 51.53 -7.30 29.10
N ASN B 235 52.86 -7.25 29.12
CA ASN B 235 53.60 -6.05 29.47
C ASN B 235 54.35 -5.44 28.28
N GLN B 236 54.31 -6.07 27.11
CA GLN B 236 55.06 -5.60 25.95
C GLN B 236 54.14 -4.76 25.07
N LEU B 237 54.57 -3.52 24.80
CA LEU B 237 53.85 -2.66 23.87
C LEU B 237 54.00 -3.18 22.45
N ILE B 238 52.89 -3.56 21.83
CA ILE B 238 52.93 -4.16 20.50
C ILE B 238 52.27 -3.30 19.43
N ALA B 239 51.55 -2.25 19.82
CA ALA B 239 50.87 -1.40 18.84
C ALA B 239 50.51 -0.08 19.50
N ALA B 240 50.32 0.94 18.67
CA ALA B 240 49.99 2.27 19.15
C ALA B 240 49.27 3.05 18.06
N GLY B 241 48.53 4.07 18.49
CA GLY B 241 47.78 4.90 17.56
C GLY B 241 47.55 6.28 18.14
N LYS B 242 47.45 7.26 17.24
CA LYS B 242 47.24 8.66 17.63
C LYS B 242 46.24 9.27 16.66
N SER B 243 45.44 10.22 17.16
CA SER B 243 44.45 10.88 16.32
C SER B 243 44.07 12.22 16.94
N ILE B 244 43.56 13.11 16.08
CA ILE B 244 43.02 14.40 16.51
C ILE B 244 41.68 14.61 15.80
N ASN B 245 41.11 15.81 15.97
CA ASN B 245 39.86 16.21 15.32
C ASN B 245 38.70 15.26 15.63
N GLY B 246 38.78 14.54 16.76
CA GLY B 246 37.76 13.57 17.08
C GLY B 246 37.77 12.32 16.25
N GLU B 247 38.79 12.14 15.41
CA GLU B 247 38.88 10.93 14.60
C GLU B 247 39.07 9.71 15.49
N PRO B 248 38.36 8.61 15.25
CA PRO B 248 38.63 7.39 16.01
C PRO B 248 40.04 6.90 15.75
N VAL B 249 40.65 6.33 16.78
CA VAL B 249 42.06 5.91 16.71
C VAL B 249 42.13 4.54 16.06
N GLU B 250 42.66 4.48 14.85
CA GLU B 250 42.91 3.21 14.17
C GLU B 250 44.28 2.70 14.57
N VAL B 251 44.33 1.54 15.21
CA VAL B 251 45.57 0.94 15.69
C VAL B 251 45.91 -0.23 14.79
N ALA B 252 47.09 -0.19 14.18
CA ALA B 252 47.53 -1.25 13.28
C ALA B 252 48.06 -2.42 14.11
N PRO B 254 49.46 -6.31 14.74
CA PRO B 254 50.30 -7.26 14.01
C PRO B 254 49.48 -8.38 13.43
N GLU B 255 49.93 -8.90 12.29
CA GLU B 255 49.23 -10.00 11.64
C GLU B 255 49.30 -11.29 12.45
N ASN B 256 50.23 -11.39 13.40
N ASN B 256 50.24 -11.40 13.39
CA ASN B 256 50.32 -12.52 14.30
CA ASN B 256 50.31 -12.53 14.31
C ASN B 256 49.48 -12.33 15.57
C ASN B 256 49.48 -12.34 15.57
N ALA B 257 48.51 -11.43 15.54
CA ALA B 257 47.75 -11.09 16.74
C ALA B 257 47.01 -12.29 17.30
N LYS B 258 47.11 -12.48 18.61
CA LYS B 258 46.40 -13.57 19.29
C LYS B 258 44.90 -13.31 19.22
N LEU B 259 44.17 -14.24 18.62
CA LEU B 259 42.73 -14.08 18.47
C LEU B 259 42.00 -14.62 19.70
N TRP B 260 40.89 -13.98 20.03
CA TRP B 260 40.08 -14.35 21.18
C TRP B 260 39.10 -15.45 20.81
N SER B 261 38.96 -16.44 21.69
CA SER B 261 38.02 -17.53 21.51
C SER B 261 37.77 -18.17 22.86
N PRO B 262 36.64 -18.86 23.03
CA PRO B 262 36.39 -19.54 24.32
C PRO B 262 37.50 -20.48 24.74
N ASP B 263 38.16 -21.16 23.80
CA ASP B 263 39.27 -22.04 24.15
C ASP B 263 40.58 -21.29 24.36
N SER B 264 40.67 -20.04 23.94
CA SER B 264 41.90 -19.24 24.12
C SER B 264 41.52 -17.78 24.21
N PRO B 265 40.99 -17.35 25.36
CA PRO B 265 40.42 -15.99 25.47
C PRO B 265 41.46 -14.94 25.81
N PHE B 266 42.37 -14.68 24.86
CA PHE B 266 43.41 -13.70 25.10
C PHE B 266 42.85 -12.29 25.03
N LEU B 267 43.36 -11.42 25.90
CA LEU B 267 42.94 -10.02 25.97
C LEU B 267 44.17 -9.14 25.95
N TYR B 268 44.19 -8.17 25.04
CA TYR B 268 45.22 -7.14 25.07
C TYR B 268 44.84 -6.06 26.07
N THR B 269 45.85 -5.35 26.57
CA THR B 269 45.64 -4.25 27.50
C THR B 269 45.74 -2.93 26.75
N LEU B 270 44.77 -2.05 26.98
CA LEU B 270 44.75 -0.73 26.37
C LEU B 270 45.07 0.34 27.41
N LYS B 271 45.87 1.32 27.00
CA LYS B 271 46.13 2.52 27.80
C LYS B 271 45.87 3.73 26.91
N VAL B 272 44.77 4.42 27.19
CA VAL B 272 44.30 5.54 26.38
C VAL B 272 44.60 6.84 27.12
N THR B 273 45.21 7.80 26.42
CA THR B 273 45.61 9.07 27.01
C THR B 273 45.00 10.20 26.21
N LEU B 274 44.39 11.16 26.90
CA LEU B 274 43.81 12.35 26.28
C LEU B 274 44.64 13.56 26.63
N LYS B 275 44.98 14.37 25.62
CA LYS B 275 45.82 15.54 25.79
C LYS B 275 45.13 16.78 25.25
N GLU B 276 45.21 17.88 26.00
CA GLU B 276 44.85 19.21 25.51
C GLU B 276 46.14 19.89 25.08
N GLY B 277 46.42 19.84 23.78
CA GLY B 277 47.72 20.27 23.29
C GLY B 277 48.81 19.32 23.72
N ASN B 278 49.72 19.81 24.57
N ASN B 278 49.73 19.78 24.56
CA ASN B 278 50.85 19.03 25.08
CA ASN B 278 50.81 18.94 25.05
C ASN B 278 50.60 18.47 26.48
C ASN B 278 50.60 18.47 26.49
N LYS B 279 49.54 18.92 27.15
CA LYS B 279 49.29 18.55 28.54
C LYS B 279 48.37 17.32 28.61
N ILE B 280 48.78 16.34 29.40
CA ILE B 280 47.92 15.18 29.65
C ILE B 280 46.81 15.59 30.62
N VAL B 281 45.56 15.42 30.19
CA VAL B 281 44.42 15.84 30.98
C VAL B 281 43.60 14.65 31.50
N ASP B 282 43.60 13.52 30.80
CA ASP B 282 42.84 12.35 31.24
C ASP B 282 43.52 11.10 30.70
N LYS B 283 43.27 9.98 31.38
CA LYS B 283 43.94 8.72 31.04
C LYS B 283 43.14 7.58 31.65
N VAL B 284 42.86 6.55 30.85
CA VAL B 284 42.06 5.42 31.28
C VAL B 284 42.72 4.13 30.85
N ASP B 285 42.43 3.06 31.59
CA ASP B 285 42.88 1.72 31.27
C ASP B 285 41.70 0.90 30.76
N SER B 286 41.98 0.01 29.82
CA SER B 286 40.93 -0.81 29.21
C SER B 286 41.57 -2.09 28.68
N TYR B 287 40.78 -2.86 27.93
CA TYR B 287 41.26 -4.08 27.30
C TYR B 287 40.51 -4.28 26.01
N ALA B 288 41.08 -5.10 25.13
CA ALA B 288 40.48 -5.38 23.84
C ALA B 288 40.83 -6.80 23.40
N ALA B 289 39.97 -7.36 22.56
CA ALA B 289 40.19 -8.68 22.01
C ALA B 289 40.00 -8.63 20.50
N ARG B 291 38.66 -10.41 17.70
N ARG B 291 38.65 -10.43 17.72
CA ARG B 291 37.75 -11.49 17.37
CA ARG B 291 37.75 -11.52 17.35
C ARG B 291 36.73 -10.99 16.35
C ARG B 291 36.73 -10.99 16.36
N LYS B 292 36.09 -11.93 15.66
CA LYS B 292 35.12 -11.61 14.63
C LYS B 292 33.96 -12.62 14.67
N TYR B 293 32.74 -12.10 14.61
CA TYR B 293 31.54 -12.92 14.49
C TYR B 293 30.94 -12.72 13.11
N SER B 294 30.51 -13.83 12.50
CA SER B 294 29.92 -13.80 11.18
C SER B 294 29.22 -15.13 10.93
N THR B 295 28.57 -15.23 9.77
CA THR B 295 27.98 -16.48 9.30
C THR B 295 28.49 -16.77 7.90
N ARG B 296 28.77 -18.04 7.63
CA ARG B 296 29.21 -18.46 6.32
C ARG B 296 28.65 -19.84 6.02
N ARG B 297 28.27 -20.07 4.77
CA ARG B 297 27.83 -21.38 4.35
C ARG B 297 29.04 -22.29 4.20
N ASP B 298 28.96 -23.49 4.80
CA ASP B 298 30.11 -24.39 4.80
C ASP B 298 30.14 -25.23 3.52
N ALA B 299 31.05 -26.20 3.49
CA ALA B 299 31.21 -27.04 2.31
C ALA B 299 30.02 -27.97 2.12
N ASN B 300 29.17 -28.14 3.13
CA ASN B 300 27.99 -28.97 3.04
C ASN B 300 26.73 -28.20 2.68
N GLY B 301 26.85 -26.89 2.45
CA GLY B 301 25.69 -26.08 2.10
C GLY B 301 24.88 -25.58 3.26
N ILE B 302 25.40 -25.64 4.49
CA ILE B 302 24.69 -25.19 5.68
C ILE B 302 25.36 -23.92 6.19
N VAL B 303 24.54 -22.93 6.52
CA VAL B 303 25.05 -21.68 7.07
C VAL B 303 25.42 -21.90 8.53
N ARG B 304 26.68 -21.64 8.88
CA ARG B 304 27.18 -21.85 10.22
C ARG B 304 27.54 -20.52 10.87
N LEU B 305 27.47 -20.48 12.19
CA LEU B 305 28.07 -19.37 12.92
C LEU B 305 29.58 -19.53 12.93
N GLU B 306 30.28 -18.43 12.66
CA GLU B 306 31.74 -18.46 12.54
C GLU B 306 32.37 -17.50 13.54
N LEU B 307 33.38 -17.99 14.25
CA LEU B 307 34.23 -17.16 15.10
C LEU B 307 35.63 -17.14 14.48
N ASN B 308 36.11 -15.94 14.17
CA ASN B 308 37.43 -15.76 13.56
C ASN B 308 37.53 -16.50 12.24
N ASN B 309 36.49 -16.40 11.42
CA ASN B 309 36.44 -16.96 10.07
C ASN B 309 36.50 -18.49 10.06
N GLU B 310 36.18 -19.12 11.17
CA GLU B 310 36.08 -20.58 11.26
C GLU B 310 34.74 -20.94 11.87
N ALA B 311 34.08 -21.94 11.29
CA ALA B 311 32.79 -22.39 11.79
C ALA B 311 32.94 -22.94 13.20
N LEU B 312 32.09 -22.47 14.11
CA LEU B 312 32.11 -22.92 15.50
C LEU B 312 30.69 -23.10 15.98
N PHE B 313 30.38 -24.29 16.49
CA PHE B 313 29.08 -24.53 17.10
C PHE B 313 29.07 -23.90 18.48
N GLN B 314 28.08 -23.04 18.73
CA GLN B 314 27.93 -22.36 20.01
C GLN B 314 26.90 -23.12 20.84
N PHE B 315 27.31 -23.54 22.04
CA PHE B 315 26.47 -24.38 22.89
C PHE B 315 26.62 -23.91 24.33
N GLY B 316 25.50 -23.52 24.95
CA GLY B 316 25.52 -23.03 26.30
C GLY B 316 24.16 -22.99 26.95
N PRO B 317 24.12 -22.65 28.23
CA PRO B 317 22.86 -22.66 28.97
C PRO B 317 22.15 -21.31 28.93
N LEU B 318 20.84 -21.38 29.17
CA LEU B 318 20.04 -20.18 29.41
C LEU B 318 20.32 -19.68 30.82
N ASP B 319 20.79 -18.45 30.94
CA ASP B 319 21.18 -17.88 32.23
C ASP B 319 20.29 -16.67 32.50
N GLN B 320 19.31 -16.84 33.38
CA GLN B 320 18.39 -15.75 33.69
C GLN B 320 18.94 -14.77 34.72
N GLY B 321 19.99 -15.16 35.45
CA GLY B 321 20.63 -14.27 36.39
C GLY B 321 19.75 -13.87 37.56
N TRP B 322 19.19 -14.86 38.25
CA TRP B 322 18.33 -14.63 39.41
C TRP B 322 18.96 -15.27 40.64
N TRP B 323 18.78 -14.61 41.79
CA TRP B 323 19.35 -15.06 43.04
C TRP B 323 18.29 -15.07 44.12
N PRO B 324 18.25 -16.10 44.96
CA PRO B 324 17.19 -16.18 45.98
C PRO B 324 17.27 -15.07 47.02
N ASP B 325 18.48 -14.55 47.27
CA ASP B 325 18.69 -13.55 48.30
C ASP B 325 18.85 -12.14 47.75
N GLY B 326 19.35 -11.99 46.52
CA GLY B 326 19.55 -10.67 45.96
C GLY B 326 18.75 -10.40 44.70
N LEU B 327 17.93 -11.37 44.29
CA LEU B 327 17.11 -11.27 43.08
C LEU B 327 17.97 -10.98 41.85
N TYR B 328 17.96 -9.74 41.39
CA TYR B 328 18.79 -9.35 40.25
C TYR B 328 20.27 -9.22 40.60
N THR B 329 20.59 -9.06 41.88
CA THR B 329 21.94 -8.71 42.31
C THR B 329 22.59 -9.93 42.94
N ALA B 330 23.76 -10.31 42.43
CA ALA B 330 24.53 -11.37 43.08
C ALA B 330 25.06 -10.88 44.42
N PRO B 331 24.99 -11.70 45.47
CA PRO B 331 25.40 -11.22 46.80
C PRO B 331 26.85 -10.73 46.85
N THR B 332 27.78 -11.46 46.26
CA THR B 332 29.17 -11.07 46.22
C THR B 332 29.69 -11.15 44.79
N ASP B 333 30.87 -10.58 44.57
CA ASP B 333 31.50 -10.70 43.26
C ASP B 333 31.89 -12.14 42.96
N GLU B 334 32.18 -12.92 44.00
N GLU B 334 32.20 -12.92 43.99
CA GLU B 334 32.52 -14.33 43.80
CA GLU B 334 32.52 -14.33 43.80
C GLU B 334 31.30 -15.14 43.40
C GLU B 334 31.30 -15.13 43.37
N ALA B 335 30.10 -14.73 43.83
CA ALA B 335 28.88 -15.38 43.38
C ALA B 335 28.60 -15.07 41.92
N LEU B 336 28.79 -13.80 41.54
CA LEU B 336 28.57 -13.40 40.15
C LEU B 336 29.45 -14.21 39.20
N LEU B 337 30.69 -14.47 39.60
CA LEU B 337 31.60 -15.24 38.76
C LEU B 337 31.27 -16.73 38.75
N TYR B 338 30.64 -17.22 39.82
CA TYR B 338 30.47 -18.66 39.99
C TYR B 338 29.64 -19.27 38.87
N ASP B 339 28.57 -18.59 38.47
CA ASP B 339 27.73 -19.15 37.40
C ASP B 339 28.50 -19.25 36.09
N ILE B 340 29.31 -18.25 35.77
CA ILE B 340 30.12 -18.30 34.56
C ILE B 340 31.15 -19.42 34.66
N GLN B 341 31.77 -19.57 35.84
CA GLN B 341 32.77 -20.60 36.02
C GLN B 341 32.16 -21.99 35.85
N LYS B 342 31.00 -22.22 36.46
CA LYS B 342 30.34 -23.51 36.33
C LYS B 342 29.87 -23.77 34.90
N THR B 343 29.56 -22.71 34.15
CA THR B 343 29.27 -22.88 32.74
C THR B 343 30.50 -23.38 31.99
N LYS B 344 31.67 -22.81 32.30
CA LYS B 344 32.91 -23.30 31.71
C LYS B 344 33.19 -24.74 32.11
N ASP B 345 32.88 -25.10 33.35
CA ASP B 345 33.18 -26.44 33.84
C ASP B 345 32.30 -27.49 33.19
N PHE B 346 31.09 -27.13 32.79
CA PHE B 346 30.19 -28.07 32.12
C PHE B 346 30.51 -28.23 30.63
N GLY B 347 31.58 -27.63 30.14
CA GLY B 347 32.01 -27.80 28.78
C GLY B 347 31.33 -26.92 27.75
N TYR B 348 30.64 -25.86 28.18
CA TYR B 348 30.00 -24.95 27.24
C TYR B 348 30.99 -23.90 26.75
N ASN B 349 30.60 -23.20 25.69
CA ASN B 349 31.38 -22.07 25.18
C ASN B 349 30.51 -20.82 25.00
N ILE B 351 26.82 -18.45 26.55
CA ILE B 351 25.79 -18.18 27.54
C ILE B 351 24.77 -17.24 26.91
N ARG B 352 23.49 -17.60 27.01
CA ARG B 352 22.41 -16.73 26.56
C ARG B 352 21.84 -16.02 27.79
N LYS B 353 22.22 -14.77 27.98
CA LYS B 353 21.67 -13.97 29.07
C LYS B 353 20.22 -13.62 28.75
N HIS B 354 19.30 -14.23 29.48
CA HIS B 354 17.89 -14.25 29.11
C HIS B 354 17.18 -13.00 29.64
N ILE B 355 16.60 -12.23 28.72
CA ILE B 355 15.84 -11.00 28.98
C ILE B 355 16.32 -10.26 30.22
N LYS B 356 17.62 -9.99 30.28
CA LYS B 356 18.21 -9.26 31.40
C LYS B 356 19.58 -8.75 30.97
N VAL B 357 19.99 -7.64 31.56
CA VAL B 357 21.32 -7.09 31.38
C VAL B 357 22.04 -7.13 32.72
N GLU B 358 23.25 -7.66 32.73
CA GLU B 358 24.01 -7.84 33.96
C GLU B 358 24.94 -6.65 34.18
N PRO B 359 25.51 -6.52 35.38
CA PRO B 359 26.51 -5.48 35.60
C PRO B 359 27.73 -5.68 34.71
N ALA B 360 28.53 -4.62 34.60
CA ALA B 360 29.65 -4.61 33.67
C ALA B 360 30.67 -5.69 34.02
N ARG B 361 30.87 -5.96 35.31
CA ARG B 361 31.86 -6.94 35.71
C ARG B 361 31.51 -8.34 35.23
N TRP B 362 30.22 -8.61 35.00
CA TRP B 362 29.82 -9.92 34.53
C TRP B 362 30.33 -10.19 33.12
N TYR B 363 30.14 -9.22 32.21
CA TYR B 363 30.59 -9.41 30.84
C TYR B 363 32.11 -9.47 30.75
N THR B 364 32.81 -8.72 31.61
CA THR B 364 34.26 -8.80 31.65
C THR B 364 34.72 -10.19 32.09
N TYR B 365 33.98 -10.82 33.01
CA TYR B 365 34.30 -12.19 33.39
C TYR B 365 34.10 -13.16 32.22
N CYS B 366 33.08 -12.91 31.40
CA CYS B 366 32.92 -13.71 30.18
C CYS B 366 34.08 -13.45 29.22
N ASP B 367 34.56 -12.21 29.16
CA ASP B 367 35.72 -11.90 28.34
C ASP B 367 36.95 -12.64 28.84
N GLN B 368 37.15 -12.70 30.15
CA GLN B 368 38.35 -13.30 30.71
C GLN B 368 38.29 -14.83 30.67
N LEU B 369 37.15 -15.41 31.02
CA LEU B 369 37.03 -16.86 31.02
C LEU B 369 36.85 -17.42 29.61
N GLY B 370 36.23 -16.66 28.71
CA GLY B 370 36.04 -17.11 27.35
C GLY B 370 34.67 -17.72 27.12
N ILE B 371 33.63 -16.89 27.16
CA ILE B 371 32.26 -17.34 26.96
C ILE B 371 31.58 -16.37 26.00
N ILE B 372 31.10 -16.88 24.87
CA ILE B 372 30.32 -16.07 23.95
C ILE B 372 28.95 -15.80 24.57
N VAL B 373 28.48 -14.56 24.46
CA VAL B 373 27.25 -14.14 25.12
C VAL B 373 26.22 -13.77 24.06
N TRP B 374 25.06 -14.42 24.12
CA TRP B 374 23.87 -13.96 23.42
C TRP B 374 23.12 -13.02 24.35
N GLN B 375 22.95 -11.77 23.95
CA GLN B 375 22.35 -10.74 24.80
C GLN B 375 20.91 -10.52 24.35
N ASP B 376 19.96 -10.91 25.21
CA ASP B 376 18.56 -10.64 24.95
C ASP B 376 18.22 -9.17 25.24
N PRO B 378 15.51 -7.19 27.14
CA PRO B 378 14.48 -7.46 28.15
C PRO B 378 13.08 -7.12 27.65
N SER B 379 12.16 -8.06 27.84
CA SER B 379 10.84 -7.99 27.23
C SER B 379 9.87 -7.19 28.10
N GLY B 380 8.70 -6.93 27.55
CA GLY B 380 7.67 -6.19 28.25
C GLY B 380 6.43 -6.04 27.40
N ASP B 381 5.48 -5.28 27.92
CA ASP B 381 4.25 -4.94 27.21
C ASP B 381 3.42 -6.18 26.90
N ARG B 382 2.35 -6.02 26.11
CA ARG B 382 1.49 -7.10 25.72
C ARG B 382 2.15 -7.94 24.61
N ASN B 383 1.46 -8.99 24.18
CA ASN B 383 2.01 -9.90 23.19
C ASN B 383 1.03 -10.10 22.05
N PRO B 384 1.53 -10.38 20.85
CA PRO B 384 0.67 -10.93 19.79
C PRO B 384 0.50 -12.42 19.99
N GLN B 385 -0.24 -13.05 19.09
CA GLN B 385 -0.34 -14.51 19.09
C GLN B 385 1.03 -15.11 18.79
N TRP B 386 1.41 -16.12 19.57
CA TRP B 386 2.71 -16.76 19.40
C TRP B 386 2.54 -17.96 18.47
N GLN B 387 3.00 -17.81 17.23
CA GLN B 387 3.04 -18.90 16.26
C GLN B 387 4.48 -19.43 16.28
N ASN B 388 4.72 -20.45 17.09
CA ASN B 388 6.06 -20.92 17.39
C ASN B 388 6.60 -21.94 16.41
N ARG B 389 5.77 -22.45 15.49
CA ARG B 389 6.20 -23.53 14.61
C ARG B 389 6.03 -23.22 13.14
N LYS B 390 5.65 -22.00 12.78
CA LYS B 390 5.57 -21.60 11.39
C LYS B 390 5.96 -20.13 11.28
N TYR B 391 6.28 -19.70 10.06
CA TYR B 391 6.53 -18.29 9.83
C TYR B 391 5.24 -17.51 10.07
N PHE B 392 5.37 -16.38 10.76
CA PHE B 392 4.21 -15.67 11.28
C PHE B 392 3.30 -15.20 10.15
N ASP B 393 1.99 -15.44 10.33
CA ASP B 393 0.99 -14.95 9.39
C ASP B 393 -0.18 -14.28 10.10
N GLY B 394 -0.16 -14.16 11.42
CA GLY B 394 -1.28 -13.60 12.16
C GLY B 394 -1.27 -12.09 12.18
N THR B 395 -1.99 -11.54 13.15
CA THR B 395 -2.13 -10.10 13.26
C THR B 395 -0.96 -9.50 14.04
N GLU B 396 -0.29 -8.53 13.43
CA GLU B 396 0.78 -7.82 14.12
C GLU B 396 0.24 -7.03 15.29
N LYS B 398 0.36 -3.82 17.73
CA LYS B 398 0.71 -2.42 17.57
C LYS B 398 1.01 -1.83 18.94
N ARG B 399 2.27 -1.49 19.20
CA ARG B 399 2.62 -0.80 20.43
C ARG B 399 2.15 0.65 20.37
N SER B 400 1.88 1.21 21.55
CA SER B 400 1.63 2.63 21.65
C SER B 400 2.90 3.40 21.31
N ALA B 401 2.73 4.68 20.97
CA ALA B 401 3.89 5.51 20.65
C ALA B 401 4.86 5.59 21.82
N GLU B 402 4.34 5.68 23.04
CA GLU B 402 5.20 5.76 24.21
C GLU B 402 5.93 4.44 24.45
N SER B 403 5.24 3.32 24.27
CA SER B 403 5.86 2.02 24.52
C SER B 403 6.94 1.72 23.49
N GLU B 404 6.69 2.05 22.22
CA GLU B 404 7.69 1.82 21.18
C GLU B 404 8.92 2.69 21.41
N ALA B 405 8.72 3.95 21.81
CA ALA B 405 9.85 4.82 22.09
C ALA B 405 10.69 4.29 23.24
N TYR B 406 10.02 3.77 24.29
CA TYR B 406 10.76 3.19 25.41
C TYR B 406 11.59 1.99 24.95
N TYR B 407 10.99 1.12 24.13
CA TYR B 407 11.74 -0.02 23.61
C TYR B 407 12.94 0.42 22.79
N ARG B 408 12.72 1.29 21.80
CA ARG B 408 13.80 1.71 20.91
C ARG B 408 14.90 2.42 21.69
N LYS B 409 14.52 3.23 22.69
CA LYS B 409 15.52 3.96 23.46
C LYS B 409 16.38 3.02 24.29
N GLU B 410 15.75 2.16 25.08
CA GLU B 410 16.51 1.28 25.97
C GLU B 410 17.32 0.26 25.18
N TRP B 411 16.79 -0.21 24.04
CA TRP B 411 17.57 -1.13 23.20
C TRP B 411 18.82 -0.47 22.67
N LYS B 412 18.71 0.79 22.25
CA LYS B 412 19.89 1.54 21.81
C LYS B 412 20.88 1.72 22.97
N GLU B 413 20.36 2.04 24.15
CA GLU B 413 21.23 2.25 25.31
C GLU B 413 21.93 0.96 25.72
N ILE B 414 21.23 -0.18 25.60
CA ILE B 414 21.85 -1.46 25.94
C ILE B 414 23.00 -1.76 24.98
N ASP B 416 24.63 0.29 23.30
CA ASP B 416 25.66 1.32 23.45
C ASP B 416 26.62 0.97 24.57
N CYS B 417 26.09 0.66 25.76
CA CYS B 417 26.95 0.40 26.91
C CYS B 417 27.64 -0.96 26.81
N LEU B 418 27.11 -1.89 26.04
CA LEU B 418 27.67 -3.22 25.91
C LEU B 418 28.49 -3.40 24.64
N HIS B 419 28.71 -2.33 23.88
CA HIS B 419 29.28 -2.48 22.53
C HIS B 419 30.71 -3.02 22.58
N SER B 420 31.52 -2.57 23.53
CA SER B 420 32.95 -2.86 23.51
C SER B 420 33.30 -4.22 24.12
N TYR B 421 32.33 -5.06 24.45
CA TYR B 421 32.63 -6.32 25.14
C TYR B 421 32.88 -7.42 24.12
N PRO B 422 34.06 -8.06 24.15
CA PRO B 422 34.34 -9.14 23.19
C PRO B 422 33.38 -10.32 23.29
N CYS B 423 32.86 -10.60 24.48
CA CYS B 423 32.09 -11.82 24.68
C CYS B 423 30.77 -11.80 23.92
N ILE B 424 30.19 -10.62 23.71
CA ILE B 424 28.87 -10.52 23.09
C ILE B 424 28.99 -10.76 21.60
N GLY B 425 28.25 -11.75 21.10
CA GLY B 425 28.31 -12.11 19.69
C GLY B 425 26.99 -12.07 18.97
N THR B 426 25.88 -11.98 19.71
CA THR B 426 24.56 -12.02 19.10
C THR B 426 23.61 -11.13 19.90
N TRP B 427 22.86 -10.30 19.18
CA TRP B 427 21.78 -9.51 19.76
C TRP B 427 20.45 -10.22 19.51
N VAL B 428 19.62 -10.28 20.55
CA VAL B 428 18.32 -10.94 20.45
C VAL B 428 17.23 -9.94 20.83
N PRO B 429 16.64 -9.23 19.87
CA PRO B 429 15.65 -8.21 20.22
C PRO B 429 14.37 -8.75 20.84
N PHE B 430 13.92 -9.95 20.46
CA PHE B 430 12.64 -10.47 20.94
C PHE B 430 12.78 -11.93 21.32
N ASN B 431 11.86 -12.39 22.17
CA ASN B 431 11.86 -13.77 22.65
C ASN B 431 10.41 -14.23 22.80
N GLU B 432 10.06 -15.28 22.06
CA GLU B 432 8.76 -15.96 22.21
C GLU B 432 7.59 -14.99 22.09
N ALA B 433 7.74 -14.00 21.19
CA ALA B 433 6.70 -13.03 20.87
C ALA B 433 6.33 -12.13 22.05
N TRP B 434 7.21 -12.01 23.04
CA TRP B 434 6.95 -11.15 24.19
C TRP B 434 7.20 -9.69 23.79
N GLY B 435 6.11 -8.94 23.63
CA GLY B 435 6.22 -7.56 23.18
C GLY B 435 6.75 -7.39 21.77
N GLN B 436 6.60 -8.42 20.93
CA GLN B 436 7.19 -8.40 19.60
C GLN B 436 6.40 -7.47 18.68
N PHE B 437 7.12 -6.61 17.96
CA PHE B 437 6.51 -5.64 17.07
C PHE B 437 7.57 -5.21 16.06
N LYS B 438 7.14 -4.97 14.82
CA LYS B 438 8.02 -4.49 13.74
C LYS B 438 9.32 -5.29 13.70
N THR B 439 9.17 -6.62 13.68
CA THR B 439 10.32 -7.51 13.86
C THR B 439 11.40 -7.26 12.82
N VAL B 440 11.00 -7.18 11.55
CA VAL B 440 11.98 -7.00 10.47
C VAL B 440 12.65 -5.64 10.60
N GLU B 441 11.88 -4.59 10.93
CA GLU B 441 12.46 -3.26 11.05
C GLU B 441 13.45 -3.18 12.20
N ILE B 442 13.13 -3.82 13.33
CA ILE B 442 14.03 -3.81 14.48
C ILE B 442 15.29 -4.60 14.18
N ALA B 443 15.15 -5.73 13.49
CA ALA B 443 16.32 -6.54 13.18
C ALA B 443 17.26 -5.82 12.22
N GLU B 444 16.71 -5.15 11.21
CA GLU B 444 17.55 -4.40 10.28
C GLU B 444 18.22 -3.22 10.96
N TRP B 445 17.49 -2.53 11.85
CA TRP B 445 18.09 -1.44 12.61
C TRP B 445 19.22 -1.95 13.51
N THR B 446 19.05 -3.12 14.09
CA THR B 446 20.08 -3.68 14.97
C THR B 446 21.34 -4.03 14.19
N LYS B 447 21.18 -4.74 13.06
CA LYS B 447 22.33 -5.10 12.25
C LYS B 447 23.04 -3.87 11.68
N GLN B 448 22.28 -2.82 11.35
N GLN B 448 22.27 -2.83 11.37
CA GLN B 448 22.88 -1.61 10.83
CA GLN B 448 22.88 -1.61 10.83
C GLN B 448 23.60 -0.83 11.92
C GLN B 448 23.59 -0.82 11.92
N TYR B 449 23.06 -0.85 13.14
CA TYR B 449 23.66 -0.09 14.23
C TYR B 449 24.94 -0.74 14.75
N ASP B 450 25.04 -2.07 14.66
CA ASP B 450 26.25 -2.80 15.04
C ASP B 450 26.42 -3.98 14.12
N PRO B 451 27.15 -3.81 13.01
CA PRO B 451 27.35 -4.94 12.08
C PRO B 451 28.33 -5.99 12.58
N THR B 452 29.02 -5.75 13.69
CA THR B 452 30.01 -6.70 14.18
C THR B 452 29.39 -7.90 14.89
N ARG B 453 28.12 -7.82 15.26
CA ARG B 453 27.42 -8.90 15.93
C ARG B 453 26.38 -9.52 15.01
N LEU B 454 25.98 -10.75 15.34
CA LEU B 454 24.88 -11.39 14.65
C LEU B 454 23.55 -10.96 15.26
N VAL B 455 22.50 -11.02 14.46
CA VAL B 455 21.16 -10.64 14.91
C VAL B 455 20.28 -11.88 14.89
N ASN B 456 19.72 -12.22 16.06
CA ASN B 456 18.69 -13.23 16.19
C ASN B 456 17.36 -12.53 16.31
N PRO B 457 16.54 -12.49 15.26
CA PRO B 457 15.37 -11.58 15.27
C PRO B 457 14.36 -11.87 16.37
N ALA B 458 14.03 -13.14 16.59
CA ALA B 458 13.04 -13.49 17.62
C ALA B 458 13.34 -14.93 18.06
N SER B 459 13.91 -15.06 19.25
CA SER B 459 14.23 -16.38 19.78
C SER B 459 12.96 -17.17 20.04
N GLY B 460 12.72 -18.21 19.25
CA GLY B 460 11.54 -19.04 19.39
C GLY B 460 10.30 -18.52 18.69
N GLY B 461 10.39 -17.40 17.98
CA GLY B 461 9.23 -16.81 17.33
C GLY B 461 8.89 -15.46 17.94
N ASN B 462 8.09 -14.69 17.20
CA ASN B 462 7.54 -15.10 15.90
C ASN B 462 8.59 -14.97 14.80
N HIS B 463 8.55 -15.89 13.85
CA HIS B 463 9.61 -16.04 12.88
C HIS B 463 9.36 -15.19 11.65
N TYR B 464 10.40 -14.49 11.21
CA TYR B 464 10.38 -13.70 9.98
C TYR B 464 11.68 -13.94 9.23
N THR B 465 11.62 -13.83 7.91
CA THR B 465 12.80 -14.00 7.07
C THR B 465 13.64 -12.74 7.15
N CYS B 466 14.44 -12.66 8.21
CA CYS B 466 15.34 -11.53 8.44
C CYS B 466 16.41 -11.97 9.42
N GLY B 467 17.30 -11.04 9.74
CA GLY B 467 18.36 -11.34 10.67
C GLY B 467 19.36 -12.33 10.09
N ASP B 468 20.19 -12.85 10.99
CA ASP B 468 21.24 -13.79 10.64
C ASP B 468 20.90 -15.24 10.95
N LEU B 470 17.57 -18.34 12.20
CA LEU B 470 16.25 -18.78 12.61
C LEU B 470 16.36 -19.53 13.93
N ASP B 471 15.57 -19.10 14.92
CA ASP B 471 15.70 -19.58 16.29
C ASP B 471 14.44 -20.36 16.67
N LEU B 472 14.60 -21.65 16.93
CA LEU B 472 13.51 -22.50 17.35
C LEU B 472 13.62 -22.82 18.83
N HIS B 473 12.48 -22.87 19.50
CA HIS B 473 12.39 -23.43 20.84
C HIS B 473 11.59 -24.73 20.78
N ASN B 474 11.98 -25.68 21.63
CA ASN B 474 11.22 -26.93 21.73
C ASN B 474 11.50 -27.56 23.07
N TYR B 475 10.44 -28.08 23.70
CA TYR B 475 10.57 -28.74 24.99
C TYR B 475 9.83 -30.06 24.98
N PRO B 476 10.41 -31.12 25.58
CA PRO B 476 11.72 -31.04 26.22
C PRO B 476 12.89 -31.37 25.30
N ALA B 477 12.68 -32.25 24.33
CA ALA B 477 13.74 -32.76 23.48
C ALA B 477 14.01 -31.81 22.32
N PRO B 478 15.21 -31.85 21.75
CA PRO B 478 15.49 -31.07 20.53
C PRO B 478 14.66 -31.59 19.36
N GLU B 479 14.32 -30.67 18.46
CA GLU B 479 13.55 -31.01 17.27
C GLU B 479 13.74 -29.92 16.24
N TYR B 481 11.83 -28.64 13.48
CA TYR B 481 10.55 -28.57 12.78
C TYR B 481 10.49 -27.46 11.74
N LEU B 482 11.50 -26.59 11.70
CA LEU B 482 11.52 -25.49 10.75
C LEU B 482 12.98 -25.14 10.45
N TYR B 483 13.25 -24.78 9.20
CA TYR B 483 14.63 -24.57 8.77
C TYR B 483 14.68 -23.50 7.69
N ASP B 484 15.59 -22.55 7.85
CA ASP B 484 15.83 -21.49 6.86
C ASP B 484 17.18 -21.77 6.21
N ALA B 485 17.16 -22.24 4.97
CA ALA B 485 18.39 -22.53 4.25
C ALA B 485 19.17 -21.29 3.86
N GLN B 486 18.58 -20.10 4.01
CA GLN B 486 19.24 -18.86 3.68
C GLN B 486 20.01 -18.26 4.85
N ARG B 487 19.77 -18.75 6.07
CA ARG B 487 20.45 -18.27 7.26
C ARG B 487 20.87 -19.48 8.09
N ALA B 488 21.45 -19.20 9.25
CA ALA B 488 21.69 -20.26 10.22
C ALA B 488 20.40 -20.60 10.94
N THR B 489 20.27 -21.86 11.35
CA THR B 489 19.13 -22.31 12.12
C THR B 489 19.64 -22.82 13.46
N VAL B 490 19.12 -22.24 14.54
CA VAL B 490 19.61 -22.52 15.89
C VAL B 490 18.46 -22.98 16.77
N LEU B 491 18.82 -23.61 17.88
CA LEU B 491 17.86 -24.12 18.86
C LEU B 491 18.05 -23.29 20.14
N GLY B 492 17.37 -22.14 20.19
CA GLY B 492 17.62 -21.18 21.24
C GLY B 492 17.04 -21.52 22.60
N GLU B 493 16.32 -22.63 22.72
CA GLU B 493 15.78 -23.06 24.02
C GLU B 493 15.32 -24.51 23.90
N TYR B 494 15.84 -25.37 24.77
CA TYR B 494 15.41 -26.76 24.82
C TYR B 494 15.84 -27.33 26.16
N GLY B 495 15.32 -28.50 26.47
CA GLY B 495 15.68 -29.22 27.70
C GLY B 495 14.69 -28.95 28.83
N GLY B 496 15.15 -28.23 29.84
CA GLY B 496 14.30 -27.94 31.00
C GLY B 496 14.01 -29.15 31.86
N ILE B 497 15.02 -30.00 32.09
CA ILE B 497 14.82 -31.21 32.88
C ILE B 497 14.67 -30.85 34.35
N GLY B 498 13.50 -31.13 34.91
CA GLY B 498 13.21 -30.75 36.27
C GLY B 498 13.63 -31.79 37.28
N LEU B 499 13.90 -31.32 38.49
CA LEU B 499 14.35 -32.17 39.58
C LEU B 499 14.19 -31.40 40.89
N VAL B 500 13.34 -31.91 41.78
CA VAL B 500 13.02 -31.22 43.02
C VAL B 500 13.90 -31.78 44.13
N LEU B 501 14.71 -30.90 44.73
N LEU B 501 14.79 -30.93 44.64
CA LEU B 501 15.48 -31.23 45.92
CA LEU B 501 15.68 -31.28 45.74
C LEU B 501 14.87 -30.51 47.11
C LEU B 501 15.26 -30.48 46.96
N LYS B 502 14.58 -31.26 48.18
N LYS B 502 14.53 -31.13 47.88
CA LYS B 502 13.71 -30.75 49.24
CA LYS B 502 14.07 -30.46 49.08
C LYS B 502 14.31 -29.55 49.96
C LYS B 502 15.26 -29.86 49.85
N ASP B 503 15.60 -29.61 50.28
N ASP B 503 14.94 -28.86 50.68
CA ASP B 503 16.23 -28.59 51.12
CA ASP B 503 15.87 -28.03 51.44
C ASP B 503 16.72 -27.37 50.34
C ASP B 503 16.68 -27.12 50.54
N HIS B 504 16.53 -27.33 49.02
N HIS B 504 16.40 -27.08 49.22
CA HIS B 504 17.12 -26.28 48.21
CA HIS B 504 17.12 -26.21 48.30
C HIS B 504 16.14 -25.77 47.16
C HIS B 504 16.18 -25.58 47.27
N ILE B 505 14.88 -25.54 47.56
CA ILE B 505 13.89 -25.00 46.63
C ILE B 505 13.22 -23.77 47.26
N TRP B 506 12.59 -22.98 46.39
CA TRP B 506 12.03 -21.69 46.76
C TRP B 506 10.68 -21.85 47.47
N GLU B 507 9.83 -22.75 46.99
CA GLU B 507 8.49 -22.96 47.53
C GLU B 507 8.33 -24.42 47.91
N PRO B 508 7.41 -24.72 48.83
CA PRO B 508 7.20 -26.13 49.21
C PRO B 508 6.64 -26.99 48.10
N ASN B 509 5.79 -26.45 47.23
CA ASN B 509 5.23 -27.23 46.14
C ASN B 509 4.96 -26.30 44.96
N ARG B 510 4.20 -26.80 43.98
CA ARG B 510 3.94 -26.15 42.69
C ARG B 510 5.21 -26.01 41.86
N ASN B 511 6.25 -26.78 42.19
CA ASN B 511 7.46 -26.78 41.38
C ASN B 511 7.23 -27.57 40.10
N TRP B 512 7.99 -27.24 39.06
CA TRP B 512 7.73 -27.83 37.76
C TRP B 512 8.99 -27.80 36.89
N GLY B 513 9.10 -28.80 36.03
CA GLY B 513 9.97 -28.75 34.88
C GLY B 513 9.18 -29.11 33.63
N TYR B 514 9.86 -29.00 32.49
CA TYR B 514 9.24 -29.48 31.25
C TYR B 514 9.18 -31.00 31.22
N VAL B 515 10.17 -31.66 31.83
CA VAL B 515 10.12 -33.08 32.15
C VAL B 515 10.73 -33.24 33.53
N GLN B 516 10.24 -34.21 34.29
CA GLN B 516 10.56 -34.31 35.70
C GLN B 516 11.02 -35.72 36.06
N PHE B 517 12.11 -35.80 36.83
CA PHE B 517 12.64 -37.06 37.33
C PHE B 517 12.89 -36.94 38.83
N ASN B 518 13.09 -38.07 39.48
CA ASN B 518 13.18 -38.14 40.94
C ASN B 518 14.60 -38.27 41.46
N SER B 519 15.60 -38.41 40.58
CA SER B 519 16.97 -38.53 41.01
C SER B 519 17.88 -37.80 40.03
N SER B 520 19.09 -37.50 40.50
CA SER B 520 20.08 -36.87 39.63
C SER B 520 20.53 -37.82 38.52
N LYS B 521 20.59 -39.12 38.82
CA LYS B 521 20.98 -40.11 37.83
C LYS B 521 20.00 -40.14 36.67
N GLU B 522 18.70 -40.16 36.97
CA GLU B 522 17.69 -40.18 35.92
C GLU B 522 17.70 -38.88 35.11
N ALA B 523 17.89 -37.74 35.79
CA ALA B 523 17.91 -36.47 35.09
C ALA B 523 19.12 -36.35 34.18
N THR B 524 20.29 -36.80 34.65
CA THR B 524 21.48 -36.79 33.80
C THR B 524 21.32 -37.73 32.62
N ASP B 525 20.64 -38.86 32.81
CA ASP B 525 20.36 -39.76 31.70
C ASP B 525 19.59 -39.06 30.59
N GLU B 526 18.60 -38.24 30.97
CA GLU B 526 17.80 -37.56 29.96
C GLU B 526 18.58 -36.42 29.30
N TYR B 527 19.49 -35.78 30.04
CA TYR B 527 20.29 -34.72 29.45
C TYR B 527 21.24 -35.30 28.39
N VAL B 528 21.99 -36.34 28.75
CA VAL B 528 22.85 -37.01 27.79
C VAL B 528 22.04 -37.55 26.62
N LYS B 529 20.80 -37.98 26.88
CA LYS B 529 19.92 -38.43 25.81
C LYS B 529 19.60 -37.28 24.84
N TYR B 530 19.24 -36.13 25.38
CA TYR B 530 18.92 -34.99 24.52
C TYR B 530 20.16 -34.46 23.81
N ALA B 531 21.31 -34.51 24.48
CA ALA B 531 22.53 -34.00 23.87
C ALA B 531 23.06 -34.91 22.78
N ASP B 532 22.77 -36.22 22.86
CA ASP B 532 23.15 -37.11 21.78
C ASP B 532 22.33 -36.84 20.52
N LEU B 534 21.04 -33.91 19.84
CA LEU B 534 21.52 -32.61 19.39
C LEU B 534 22.82 -32.74 18.60
N TYR B 535 23.73 -33.61 19.06
CA TYR B 535 25.00 -33.79 18.36
C TYR B 535 24.77 -34.25 16.91
N LYS B 536 23.87 -35.20 16.72
CA LYS B 536 23.61 -35.69 15.36
C LYS B 536 22.91 -34.63 14.51
N VAL B 538 23.57 -31.55 14.43
CA VAL B 538 24.53 -30.55 14.00
C VAL B 538 24.85 -30.73 12.52
N ASP B 539 25.17 -31.97 12.12
CA ASP B 539 25.37 -32.26 10.71
C ASP B 539 24.10 -32.07 9.90
N ARG B 540 22.93 -32.11 10.54
CA ARG B 540 21.66 -32.06 9.85
C ARG B 540 21.12 -30.65 9.66
N GLY B 541 21.68 -29.65 10.34
CA GLY B 541 21.22 -28.29 10.12
C GLY B 541 21.48 -27.31 11.25
N PHE B 542 21.33 -27.76 12.50
CA PHE B 542 21.48 -26.87 13.64
C PHE B 542 22.91 -26.36 13.74
N SER B 543 23.05 -25.07 14.08
CA SER B 543 24.35 -24.44 14.20
C SER B 543 24.63 -23.86 15.58
N ALA B 544 23.63 -23.84 16.47
CA ALA B 544 23.82 -23.41 17.85
C ALA B 544 22.63 -23.90 18.66
N ALA B 545 22.83 -23.97 19.98
CA ALA B 545 21.80 -24.50 20.87
C ALA B 545 21.96 -23.90 22.25
N VAL B 546 20.82 -23.70 22.92
CA VAL B 546 20.77 -23.16 24.28
C VAL B 546 19.99 -24.13 25.14
N TYR B 547 20.61 -24.58 26.23
CA TYR B 547 19.96 -25.50 27.15
C TYR B 547 19.35 -24.73 28.32
N THR B 548 18.17 -25.18 28.76
CA THR B 548 17.45 -24.56 29.86
C THR B 548 17.57 -25.47 31.09
N GLN B 549 18.15 -24.94 32.18
CA GLN B 549 18.80 -23.63 32.23
C GLN B 549 19.99 -23.71 33.18
N THR B 550 20.56 -22.55 33.53
CA THR B 550 21.74 -22.54 34.38
C THR B 550 21.40 -22.96 35.81
N THR B 551 20.43 -22.30 36.43
CA THR B 551 20.00 -22.63 37.78
C THR B 551 18.49 -22.74 37.84
N ASP B 552 18.00 -23.35 38.90
CA ASP B 552 16.60 -23.23 39.24
C ASP B 552 16.29 -21.77 39.57
N VAL B 553 15.07 -21.34 39.22
CA VAL B 553 14.61 -19.99 39.55
C VAL B 553 13.20 -20.11 40.10
N GLU B 554 13.04 -19.85 41.40
CA GLU B 554 11.74 -19.89 42.09
C GLU B 554 11.16 -21.28 41.88
N VAL B 555 9.92 -21.42 41.41
CA VAL B 555 9.30 -22.74 41.30
C VAL B 555 9.73 -23.51 40.06
N GLU B 556 10.49 -22.88 39.17
CA GLU B 556 10.98 -23.55 37.97
C GLU B 556 12.31 -24.22 38.32
N VAL B 557 12.25 -25.52 38.59
CA VAL B 557 13.41 -26.26 39.09
C VAL B 557 14.02 -27.12 38.00
N ASN B 558 14.43 -26.49 36.90
CA ASN B 558 14.95 -27.21 35.74
C ASN B 558 16.37 -26.76 35.38
N GLY B 559 17.13 -26.29 36.37
CA GLY B 559 18.47 -25.80 36.12
C GLY B 559 19.54 -26.84 36.35
N LEU B 560 20.77 -26.48 35.98
CA LEU B 560 21.92 -27.32 36.27
C LEU B 560 22.28 -27.27 37.75
N THR B 562 20.91 -25.80 41.84
CA THR B 562 19.77 -25.31 42.60
C THR B 562 19.78 -23.79 42.66
N TYR B 563 18.64 -23.22 43.02
CA TYR B 563 18.51 -21.76 43.07
C TYR B 563 19.56 -21.16 43.99
N ASP B 564 19.89 -21.85 45.08
CA ASP B 564 20.84 -21.34 46.07
C ASP B 564 22.30 -21.70 45.72
N ARG B 565 22.53 -22.32 44.56
CA ARG B 565 23.86 -22.64 44.05
C ARG B 565 24.62 -23.65 44.90
N LYS B 566 23.95 -24.32 45.85
CA LYS B 566 24.64 -25.22 46.75
C LYS B 566 24.75 -26.64 46.22
N VAL B 567 23.90 -27.03 45.26
CA VAL B 567 23.89 -28.38 44.73
C VAL B 567 23.96 -28.31 43.21
N ILE B 568 24.89 -29.07 42.62
CA ILE B 568 24.93 -29.28 41.18
C ILE B 568 24.04 -30.49 40.87
N LYS B 569 22.97 -30.23 40.12
CA LYS B 569 21.91 -31.24 39.99
C LYS B 569 22.24 -32.33 38.99
N LEU B 570 22.97 -32.01 37.93
CA LEU B 570 23.36 -33.00 36.93
C LEU B 570 24.85 -33.33 37.10
N ASP B 571 25.20 -34.55 36.71
CA ASP B 571 26.59 -34.99 36.84
C ASP B 571 27.48 -34.18 35.92
N GLU B 572 28.42 -33.43 36.50
CA GLU B 572 29.25 -32.53 35.71
C GLU B 572 30.18 -33.29 34.78
N LYS B 573 30.71 -34.43 35.23
CA LYS B 573 31.68 -35.16 34.42
C LYS B 573 31.03 -35.75 33.18
N ARG B 574 29.79 -36.24 33.31
CA ARG B 574 29.11 -36.81 32.15
C ARG B 574 28.63 -35.72 31.20
N ALA B 575 28.15 -34.59 31.74
CA ALA B 575 27.69 -33.50 30.89
C ALA B 575 28.86 -32.85 30.16
N LYS B 576 29.99 -32.65 30.85
CA LYS B 576 31.13 -32.00 30.21
C LYS B 576 31.65 -32.80 29.03
N GLU B 577 31.61 -34.13 29.12
CA GLU B 577 32.18 -34.95 28.06
C GLU B 577 31.37 -34.83 26.76
N ILE B 578 30.05 -34.70 26.88
CA ILE B 578 29.19 -34.59 25.70
C ILE B 578 29.03 -33.13 25.26
N ASN B 579 28.96 -32.19 26.21
CA ASN B 579 28.88 -30.78 25.83
C ASN B 579 30.14 -30.35 25.10
N THR B 580 31.31 -30.83 25.54
CA THR B 580 32.55 -30.55 24.82
C THR B 580 32.51 -31.12 23.41
N ARG B 581 31.97 -32.34 23.27
N ARG B 581 31.99 -32.36 23.27
CA ARG B 581 31.88 -32.96 21.95
CA ARG B 581 31.87 -32.97 21.96
C ARG B 581 30.98 -32.15 21.03
C ARG B 581 31.00 -32.12 21.03
N ILE B 582 29.92 -31.56 21.57
CA ILE B 582 29.03 -30.73 20.76
C ILE B 582 29.70 -29.41 20.39
N CYS B 583 30.48 -28.83 21.32
CA CYS B 583 31.16 -27.58 21.03
C CYS B 583 32.22 -27.74 19.95
N ASN B 584 32.78 -28.94 19.80
CA ASN B 584 33.78 -29.22 18.77
C ASN B 584 33.19 -29.92 17.56
N SER B 585 31.87 -29.91 17.43
CA SER B 585 31.22 -30.68 16.37
C SER B 585 31.56 -30.17 14.98
N LEU B 586 31.66 -28.85 14.81
CA LEU B 586 31.98 -28.25 13.53
C LEU B 586 33.48 -28.05 13.32
N LYS B 587 34.31 -28.62 14.18
CA LYS B 587 35.75 -28.41 14.07
C LYS B 587 36.32 -29.21 12.91
N LYS B 588 37.24 -28.60 12.18
CA LYS B 588 37.87 -29.24 11.02
C LYS B 588 39.36 -29.47 11.27
N ALA C 3 5.60 -34.47 -56.93
CA ALA C 3 6.82 -35.22 -56.62
C ALA C 3 6.52 -36.33 -55.61
N GLN C 4 7.48 -37.24 -55.46
CA GLN C 4 7.38 -38.32 -54.49
C GLN C 4 8.06 -37.91 -53.19
N TRP C 5 7.43 -38.25 -52.07
CA TRP C 5 7.98 -37.86 -50.77
C TRP C 5 9.32 -38.53 -50.52
N LYS C 6 10.24 -37.78 -49.93
CA LYS C 6 11.51 -38.32 -49.47
C LYS C 6 12.06 -37.40 -48.40
N PRO C 7 12.79 -37.94 -47.42
CA PRO C 7 13.34 -37.09 -46.36
C PRO C 7 14.28 -36.03 -46.92
N ALA C 8 14.20 -34.84 -46.35
CA ALA C 8 15.00 -33.72 -46.81
C ALA C 8 16.35 -33.66 -46.11
N GLY C 9 17.33 -33.06 -46.78
CA GLY C 9 18.64 -32.88 -46.20
C GLY C 9 19.49 -34.13 -46.25
N ASP C 10 20.73 -33.99 -45.80
CA ASP C 10 21.68 -35.10 -45.75
C ASP C 10 22.23 -35.32 -44.34
N ARG C 11 21.49 -34.92 -43.31
CA ARG C 11 21.92 -35.13 -41.94
C ARG C 11 21.70 -36.59 -41.53
N ILE C 12 22.21 -36.94 -40.35
CA ILE C 12 22.01 -38.28 -39.83
C ILE C 12 20.52 -38.52 -39.57
N LYS C 13 20.11 -39.78 -39.71
CA LYS C 13 18.73 -40.18 -39.47
C LYS C 13 18.72 -41.46 -38.67
N THR C 14 17.60 -41.71 -38.00
CA THR C 14 17.45 -42.95 -37.25
C THR C 14 17.19 -44.11 -38.21
N LYS C 15 17.26 -45.33 -37.68
CA LYS C 15 16.94 -46.50 -38.47
C LYS C 15 15.49 -46.56 -38.89
N TRP C 16 14.63 -45.70 -38.32
CA TRP C 16 13.21 -45.70 -38.63
C TRP C 16 12.86 -44.74 -39.78
N ALA C 17 13.79 -43.89 -40.20
CA ALA C 17 13.50 -42.98 -41.30
C ALA C 17 13.31 -43.73 -42.62
N GLU C 18 14.04 -44.83 -42.81
CA GLU C 18 13.89 -45.63 -44.01
C GLU C 18 12.63 -46.49 -44.01
N GLN C 19 12.02 -46.70 -42.84
CA GLN C 19 10.81 -47.48 -42.72
C GLN C 19 9.54 -46.63 -42.80
N ILE C 20 9.66 -45.33 -43.03
CA ILE C 20 8.51 -44.44 -43.02
C ILE C 20 7.62 -44.74 -44.22
N ASN C 21 6.34 -44.96 -43.95
CA ASN C 21 5.35 -45.14 -45.01
C ASN C 21 4.45 -43.91 -45.03
N PRO C 22 4.49 -43.10 -46.09
CA PRO C 22 3.63 -41.90 -46.13
C PRO C 22 2.15 -42.23 -46.06
N SER C 23 1.75 -43.46 -46.38
CA SER C 23 0.36 -43.87 -46.28
C SER C 23 -0.02 -44.34 -44.88
N ASP C 24 0.94 -44.45 -43.95
CA ASP C 24 0.67 -44.94 -42.60
C ASP C 24 1.69 -44.31 -41.66
N VAL C 25 1.49 -43.03 -41.36
CA VAL C 25 2.39 -42.26 -40.51
C VAL C 25 1.80 -42.22 -39.10
N LEU C 26 2.52 -42.79 -38.14
CA LEU C 26 2.15 -42.81 -36.73
C LEU C 26 0.70 -43.24 -36.55
N PRO C 27 0.37 -44.50 -36.83
CA PRO C 27 -1.03 -44.93 -36.83
C PRO C 27 -1.59 -45.30 -35.47
N GLU C 28 -0.80 -45.24 -34.40
CA GLU C 28 -1.27 -45.68 -33.09
C GLU C 28 -2.25 -44.67 -32.50
N TYR C 29 -3.13 -45.16 -31.64
CA TYR C 29 -4.16 -44.34 -31.02
C TYR C 29 -3.52 -43.25 -30.17
N PRO C 30 -3.83 -41.98 -30.42
CA PRO C 30 -3.07 -40.88 -29.80
C PRO C 30 -3.54 -40.48 -28.40
N ARG C 31 -4.47 -41.22 -27.79
CA ARG C 31 -5.00 -40.85 -26.47
C ARG C 31 -5.35 -42.11 -25.70
N PRO C 32 -4.35 -42.88 -25.28
CA PRO C 32 -4.63 -44.12 -24.53
C PRO C 32 -5.27 -43.89 -23.17
N ILE C 33 -5.14 -42.68 -22.60
CA ILE C 33 -5.72 -42.41 -21.29
C ILE C 33 -7.25 -42.35 -21.36
N GLN C 35 -10.05 -43.89 -24.19
CA GLN C 35 -10.13 -44.60 -25.46
C GLN C 35 -11.59 -44.82 -25.86
N ARG C 36 -11.92 -44.42 -27.08
CA ARG C 36 -13.09 -44.89 -27.80
C ARG C 36 -12.60 -45.72 -28.99
N ASN C 37 -13.52 -46.45 -29.62
CA ASN C 37 -13.09 -47.36 -30.68
C ASN C 37 -12.94 -46.63 -32.01
N ASP C 38 -13.93 -45.82 -32.39
CA ASP C 38 -13.95 -45.21 -33.70
C ASP C 38 -13.09 -43.95 -33.74
N TRP C 39 -12.23 -43.87 -34.76
CA TRP C 39 -11.43 -42.67 -35.02
C TRP C 39 -10.83 -42.79 -36.41
N LYS C 40 -10.44 -41.66 -36.97
CA LYS C 40 -9.80 -41.59 -38.28
C LYS C 40 -8.51 -40.80 -38.17
N ASN C 41 -7.42 -41.35 -38.70
CA ASN C 41 -6.12 -40.71 -38.65
C ASN C 41 -5.93 -39.85 -39.90
N LEU C 42 -5.62 -38.57 -39.69
CA LEU C 42 -5.43 -37.62 -40.78
C LEU C 42 -3.96 -37.35 -41.09
N ASN C 43 -3.05 -38.14 -40.52
CA ASN C 43 -1.64 -38.02 -40.87
C ASN C 43 -1.41 -38.47 -42.31
N GLY C 44 -0.36 -37.93 -42.91
CA GLY C 44 0.00 -38.26 -44.27
C GLY C 44 0.45 -37.02 -45.02
N LEU C 45 0.32 -37.09 -46.34
CA LEU C 45 0.76 -36.01 -47.23
C LEU C 45 -0.35 -34.98 -47.37
N TRP C 46 -0.08 -33.76 -46.91
CA TRP C 46 -0.96 -32.63 -47.11
C TRP C 46 -0.34 -31.68 -48.14
N ASP C 47 -1.17 -30.80 -48.68
CA ASP C 47 -0.67 -29.66 -49.43
C ASP C 47 -0.19 -28.59 -48.46
N TYR C 48 0.91 -27.94 -48.79
CA TYR C 48 1.48 -26.93 -47.91
C TYR C 48 1.97 -25.74 -48.73
N ALA C 49 2.08 -24.60 -48.04
CA ALA C 49 2.61 -23.39 -48.65
C ALA C 49 3.11 -22.48 -47.54
N ILE C 50 4.24 -21.83 -47.78
CA ILE C 50 4.80 -20.83 -46.87
C ILE C 50 4.52 -19.47 -47.46
N ILE C 51 3.70 -18.67 -46.76
CA ILE C 51 3.30 -17.36 -47.24
C ILE C 51 3.80 -16.31 -46.26
N ASP C 52 3.77 -15.05 -46.71
CA ASP C 52 4.03 -13.93 -45.81
C ASP C 52 2.91 -13.80 -44.79
N LYS C 53 3.27 -13.44 -43.57
CA LYS C 53 2.29 -13.33 -42.50
C LYS C 53 1.21 -12.30 -42.86
N GLY C 54 -0.04 -12.73 -42.80
CA GLY C 54 -1.16 -11.89 -43.19
C GLY C 54 -1.56 -11.98 -44.64
N GLY C 55 -0.82 -12.73 -45.45
CA GLY C 55 -1.14 -12.84 -46.86
C GLY C 55 -2.37 -13.70 -47.11
N ARG C 56 -2.79 -13.71 -48.38
CA ARG C 56 -3.95 -14.48 -48.77
C ARG C 56 -3.67 -15.98 -48.71
N ILE C 57 -4.66 -16.74 -48.27
CA ILE C 57 -4.56 -18.20 -48.22
C ILE C 57 -4.71 -18.73 -49.64
N PRO C 58 -3.72 -19.45 -50.16
CA PRO C 58 -3.80 -19.90 -51.56
C PRO C 58 -4.76 -21.06 -51.71
N THR C 59 -5.25 -21.22 -52.95
CA THR C 59 -6.04 -22.39 -53.32
C THR C 59 -5.26 -23.39 -54.15
N ASP C 60 -4.17 -22.96 -54.78
CA ASP C 60 -3.30 -23.82 -55.56
C ASP C 60 -1.96 -23.96 -54.83
N PHE C 61 -1.53 -25.21 -54.65
CA PHE C 61 -0.33 -25.52 -53.90
C PHE C 61 0.67 -26.26 -54.78
N GLU C 62 1.96 -25.96 -54.59
CA GLU C 62 3.03 -26.51 -55.39
C GLU C 62 3.82 -27.60 -54.69
N GLY C 63 3.65 -27.78 -53.37
CA GLY C 63 4.42 -28.76 -52.64
C GLY C 63 3.55 -29.53 -51.67
N GLN C 64 4.13 -30.59 -51.12
CA GLN C 64 3.46 -31.44 -50.15
C GLN C 64 4.34 -31.61 -48.92
N ILE C 65 3.69 -31.72 -47.75
CA ILE C 65 4.37 -31.92 -46.49
C ILE C 65 3.80 -33.17 -45.83
N LEU C 66 4.62 -33.84 -45.02
CA LEU C 66 4.23 -35.06 -44.34
C LEU C 66 3.84 -34.74 -42.91
N VAL C 67 2.54 -34.66 -42.66
CA VAL C 67 2.01 -34.47 -41.30
C VAL C 67 2.16 -35.78 -40.53
N PRO C 68 2.59 -35.75 -39.24
CA PRO C 68 2.88 -34.58 -38.42
C PRO C 68 4.37 -34.33 -38.16
N PHE C 69 5.12 -33.96 -39.18
CA PHE C 69 6.51 -33.61 -39.03
C PHE C 69 6.68 -32.12 -39.33
N ALA C 70 7.39 -31.41 -38.46
CA ALA C 70 7.50 -29.97 -38.56
C ALA C 70 8.19 -29.58 -39.86
N VAL C 71 7.94 -28.34 -40.29
CA VAL C 71 8.43 -27.85 -41.57
C VAL C 71 9.94 -27.91 -41.65
N GLU C 72 10.62 -27.70 -40.51
CA GLU C 72 12.08 -27.73 -40.50
C GLU C 72 12.65 -29.14 -40.43
N SER C 73 11.83 -30.15 -40.15
CA SER C 73 12.32 -31.49 -39.97
C SER C 73 12.69 -32.13 -41.31
N SER C 74 13.53 -33.17 -41.23
CA SER C 74 13.88 -33.92 -42.43
C SER C 74 12.70 -34.77 -42.92
N LEU C 75 11.98 -35.40 -41.99
CA LEU C 75 10.91 -36.32 -42.36
C LEU C 75 9.68 -35.62 -42.91
N SER C 76 9.59 -34.30 -42.80
CA SER C 76 8.46 -33.61 -43.42
C SER C 76 8.54 -33.61 -44.95
N GLY C 77 9.68 -33.97 -45.52
CA GLY C 77 9.88 -33.82 -46.95
C GLY C 77 10.10 -32.39 -47.40
N VAL C 78 10.13 -31.44 -46.46
CA VAL C 78 10.29 -30.02 -46.78
C VAL C 78 11.64 -29.50 -46.31
N GLY C 79 11.88 -29.52 -45.00
CA GLY C 79 13.17 -29.08 -44.46
C GLY C 79 13.47 -27.62 -44.70
N LYS C 80 12.46 -26.76 -44.54
CA LYS C 80 12.62 -25.32 -44.76
C LYS C 80 12.34 -24.57 -43.47
N ARG C 81 12.84 -23.33 -43.41
CA ARG C 81 12.74 -22.49 -42.23
C ARG C 81 11.63 -21.47 -42.41
N VAL C 82 10.89 -21.22 -41.33
CA VAL C 82 9.77 -20.28 -41.32
C VAL C 82 10.08 -19.21 -40.28
N ASN C 83 10.19 -17.96 -40.73
CA ASN C 83 10.49 -16.87 -39.81
C ASN C 83 9.20 -16.27 -39.25
N GLU C 84 9.35 -15.27 -38.38
CA GLU C 84 8.20 -14.68 -37.71
C GLU C 84 7.34 -13.81 -38.62
N ASN C 85 7.83 -13.47 -39.82
CA ASN C 85 7.03 -12.74 -40.80
C ASN C 85 6.41 -13.67 -41.84
N GLN C 86 6.34 -14.96 -41.55
CA GLN C 86 5.79 -15.95 -42.46
C GLN C 86 4.76 -16.80 -41.75
N GLU C 87 3.96 -17.52 -42.53
CA GLU C 87 2.95 -18.43 -42.03
C GLU C 87 2.92 -19.68 -42.88
N VAL C 88 2.57 -20.80 -42.26
CA VAL C 88 2.46 -22.09 -42.95
C VAL C 88 0.99 -22.43 -43.10
N ILE C 89 0.58 -22.80 -44.31
CA ILE C 89 -0.78 -23.19 -44.61
C ILE C 89 -0.79 -24.66 -44.98
N TYR C 90 -1.53 -25.46 -44.21
CA TYR C 90 -1.76 -26.85 -44.52
C TYR C 90 -3.11 -27.00 -45.20
N GLN C 91 -3.20 -27.95 -46.13
CA GLN C 91 -4.47 -28.23 -46.77
C GLN C 91 -4.54 -29.71 -47.12
N ARG C 92 -5.70 -30.32 -46.85
CA ARG C 92 -5.96 -31.69 -47.26
C ARG C 92 -7.46 -31.90 -47.31
N SER C 93 -7.86 -32.97 -47.99
CA SER C 93 -9.26 -33.39 -48.05
C SER C 93 -9.49 -34.60 -47.16
N PHE C 94 -10.72 -34.76 -46.71
CA PHE C 94 -11.08 -35.91 -45.89
C PHE C 94 -12.56 -36.23 -46.05
N GLU C 95 -12.87 -37.52 -45.93
CA GLU C 95 -14.24 -38.01 -45.95
C GLU C 95 -14.62 -38.53 -44.58
N ILE C 96 -15.87 -38.31 -44.18
CA ILE C 96 -16.37 -38.85 -42.92
C ILE C 96 -16.92 -40.25 -43.18
N PRO C 97 -16.47 -41.26 -42.43
CA PRO C 97 -17.00 -42.62 -42.63
C PRO C 97 -18.51 -42.67 -42.45
N SER C 98 -19.16 -43.48 -43.27
CA SER C 98 -20.62 -43.53 -43.28
C SER C 98 -21.17 -44.08 -41.98
N ALA C 99 -20.40 -44.91 -41.27
CA ALA C 99 -20.85 -45.45 -39.99
C ALA C 99 -20.96 -44.38 -38.92
N TRP C 100 -20.29 -43.24 -39.09
CA TRP C 100 -20.35 -42.14 -38.14
C TRP C 100 -21.61 -41.29 -38.32
N ARG C 101 -22.59 -41.76 -39.07
CA ARG C 101 -23.76 -40.96 -39.39
C ARG C 101 -24.50 -40.54 -38.12
N GLY C 102 -24.88 -39.26 -38.06
CA GLY C 102 -25.66 -38.74 -36.96
C GLY C 102 -24.87 -38.33 -35.74
N LYS C 103 -23.59 -38.66 -35.67
CA LYS C 103 -22.76 -38.33 -34.51
C LYS C 103 -21.98 -37.05 -34.74
N GLN C 104 -21.57 -36.43 -33.64
CA GLN C 104 -20.68 -35.27 -33.72
C GLN C 104 -19.28 -35.72 -34.09
N VAL C 105 -18.56 -34.86 -34.80
CA VAL C 105 -17.20 -35.14 -35.24
C VAL C 105 -16.27 -34.15 -34.58
N LEU C 106 -15.29 -34.65 -33.85
CA LEU C 106 -14.27 -33.83 -33.19
C LEU C 106 -12.98 -33.89 -34.00
N LEU C 107 -12.39 -32.73 -34.25
CA LEU C 107 -11.07 -32.64 -34.89
C LEU C 107 -10.03 -32.45 -33.79
N HIS C 108 -9.10 -33.40 -33.71
CA HIS C 108 -8.11 -33.43 -32.65
C HIS C 108 -6.73 -33.08 -33.18
N PHE C 109 -6.06 -32.16 -32.50
CA PHE C 109 -4.65 -31.83 -32.76
C PHE C 109 -3.86 -32.18 -31.51
N GLY C 110 -2.85 -33.04 -31.67
CA GLY C 110 -1.99 -33.35 -30.54
C GLY C 110 -1.16 -32.17 -30.10
N ALA C 111 -0.59 -31.43 -31.06
CA ALA C 111 0.21 -30.26 -30.77
C ALA C 111 0.54 -29.50 -32.05
N VAL C 112 0.36 -28.17 -32.04
CA VAL C 112 0.73 -27.32 -33.16
C VAL C 112 1.42 -26.09 -32.60
N ASP C 113 2.62 -25.79 -33.11
CA ASP C 113 3.45 -24.69 -32.65
C ASP C 113 3.49 -23.62 -33.74
N TRP C 114 3.01 -22.41 -33.42
CA TRP C 114 2.55 -22.04 -32.09
C TRP C 114 1.08 -21.56 -32.09
N LYS C 115 0.74 -20.67 -33.01
CA LYS C 115 -0.64 -20.19 -33.17
C LYS C 115 -1.29 -20.92 -34.33
N THR C 116 -2.50 -21.43 -34.10
CA THR C 116 -3.18 -22.29 -35.07
C THR C 116 -4.55 -21.72 -35.41
N ASP C 117 -4.89 -21.75 -36.70
CA ASP C 117 -6.19 -21.35 -37.20
C ASP C 117 -6.67 -22.39 -38.19
N VAL C 118 -7.91 -22.86 -38.02
CA VAL C 118 -8.42 -24.02 -38.75
C VAL C 118 -9.73 -23.64 -39.43
N TRP C 119 -9.85 -24.02 -40.70
CA TRP C 119 -11.10 -23.89 -41.46
C TRP C 119 -11.50 -25.25 -41.99
N VAL C 120 -12.80 -25.53 -41.98
CA VAL C 120 -13.36 -26.73 -42.57
C VAL C 120 -14.37 -26.28 -43.62
N ASN C 121 -14.08 -26.55 -44.89
CA ASN C 121 -14.91 -26.09 -46.00
C ASN C 121 -15.07 -24.57 -45.97
N ASP C 122 -13.96 -23.87 -45.72
CA ASP C 122 -13.90 -22.41 -45.64
C ASP C 122 -14.73 -21.85 -44.49
N ILE C 123 -15.09 -22.71 -43.53
CA ILE C 123 -15.81 -22.30 -42.34
C ILE C 123 -14.84 -22.33 -41.16
N LYS C 124 -14.71 -21.20 -40.48
CA LYS C 124 -13.83 -21.12 -39.31
C LYS C 124 -14.40 -21.98 -38.19
N VAL C 125 -13.56 -22.86 -37.65
CA VAL C 125 -14.00 -23.77 -36.60
C VAL C 125 -13.33 -23.49 -35.25
N GLY C 126 -12.22 -22.78 -35.22
CA GLY C 126 -11.57 -22.47 -33.97
C GLY C 126 -10.13 -22.09 -34.17
N SER C 127 -9.48 -21.76 -33.05
CA SER C 127 -8.09 -21.35 -33.04
C SER C 127 -7.45 -21.81 -31.74
N HIS C 128 -6.13 -21.68 -31.66
CA HIS C 128 -5.39 -22.14 -30.50
C HIS C 128 -4.00 -21.52 -30.49
N THR C 129 -3.55 -21.11 -29.31
CA THR C 129 -2.17 -20.69 -29.10
C THR C 129 -1.51 -21.61 -28.08
N GLY C 130 -0.23 -21.89 -28.30
CA GLY C 130 0.49 -22.84 -27.47
C GLY C 130 0.89 -24.07 -28.25
N GLY C 131 2.18 -24.34 -28.33
CA GLY C 131 2.69 -25.42 -29.15
C GLY C 131 2.90 -26.75 -28.45
N PHE C 132 2.45 -26.91 -27.21
CA PHE C 132 2.70 -28.13 -26.46
C PHE C 132 1.45 -28.81 -25.93
N THR C 133 0.26 -28.27 -26.18
CA THR C 133 -0.93 -28.84 -25.57
C THR C 133 -1.92 -29.29 -26.64
N PRO C 134 -2.66 -30.37 -26.39
CA PRO C 134 -3.69 -30.81 -27.34
C PRO C 134 -4.91 -29.91 -27.30
N PHE C 135 -5.62 -29.88 -28.41
CA PHE C 135 -6.85 -29.09 -28.51
C PHE C 135 -7.77 -29.72 -29.54
N SER C 136 -9.07 -29.44 -29.40
CA SER C 136 -10.09 -30.07 -30.21
C SER C 136 -11.15 -29.05 -30.62
N PHE C 137 -11.78 -29.30 -31.75
CA PHE C 137 -12.89 -28.49 -32.24
C PHE C 137 -14.02 -29.39 -32.69
N ASP C 138 -15.25 -28.94 -32.47
CA ASP C 138 -16.44 -29.64 -32.98
C ASP C 138 -16.72 -29.11 -34.38
N ILE C 139 -16.43 -29.92 -35.39
CA ILE C 139 -16.55 -29.49 -36.78
C ILE C 139 -17.80 -30.04 -37.45
N THR C 140 -18.75 -30.56 -36.66
CA THR C 140 -19.92 -31.22 -37.25
C THR C 140 -20.75 -30.30 -38.13
N PRO C 141 -21.10 -29.07 -37.73
CA PRO C 141 -21.89 -28.21 -38.63
C PRO C 141 -21.14 -27.71 -39.85
N ALA C 142 -19.81 -27.87 -39.88
CA ALA C 142 -19.02 -27.44 -41.04
C ALA C 142 -18.83 -28.53 -42.08
N LEU C 143 -19.24 -29.77 -41.78
CA LEU C 143 -19.07 -30.87 -42.72
C LEU C 143 -20.08 -30.76 -43.86
N SER C 144 -19.65 -31.17 -45.04
CA SER C 144 -20.49 -31.15 -46.23
C SER C 144 -21.10 -32.54 -46.45
N ALA C 145 -22.35 -32.56 -46.90
CA ALA C 145 -23.02 -33.83 -47.16
C ALA C 145 -22.40 -34.55 -48.37
N LYS C 146 -21.93 -33.79 -49.35
CA LYS C 146 -21.32 -34.38 -50.55
C LYS C 146 -19.97 -35.00 -50.27
N GLY C 147 -19.42 -34.82 -49.08
CA GLY C 147 -18.08 -35.30 -48.79
C GLY C 147 -17.01 -34.39 -49.36
N ASN C 148 -15.80 -34.93 -49.44
CA ASN C 148 -14.63 -34.20 -49.94
C ASN C 148 -14.45 -32.88 -49.19
N ASN C 149 -14.38 -32.99 -47.86
CA ASN C 149 -14.28 -31.80 -47.03
C ASN C 149 -12.89 -31.19 -47.13
N ARG C 150 -12.84 -29.87 -47.22
CA ARG C 150 -11.58 -29.14 -47.28
C ARG C 150 -11.14 -28.74 -45.88
N LEU C 151 -9.91 -29.08 -45.53
CA LEU C 151 -9.34 -28.77 -44.21
C LEU C 151 -8.13 -27.88 -44.41
N VAL C 152 -8.19 -26.66 -43.87
CA VAL C 152 -7.10 -25.70 -43.97
C VAL C 152 -6.63 -25.35 -42.56
N VAL C 153 -5.33 -25.46 -42.34
CA VAL C 153 -4.72 -25.13 -41.06
C VAL C 153 -3.65 -24.08 -41.31
N LYS C 154 -3.79 -22.91 -40.69
CA LYS C 154 -2.82 -21.84 -40.77
C LYS C 154 -2.03 -21.77 -39.48
N VAL C 155 -0.70 -21.78 -39.59
CA VAL C 155 0.17 -21.85 -38.43
C VAL C 155 1.13 -20.66 -38.46
N TRP C 156 1.32 -20.03 -37.30
CA TRP C 156 2.30 -18.98 -37.12
C TRP C 156 3.19 -19.31 -35.93
N ASP C 157 4.49 -19.08 -36.08
CA ASP C 157 5.43 -19.36 -35.01
C ASP C 157 6.59 -18.38 -35.05
N PRO C 158 6.74 -17.51 -34.05
CA PRO C 158 7.86 -16.58 -34.04
C PRO C 158 9.15 -17.17 -33.49
N THR C 159 9.10 -18.34 -32.86
CA THR C 159 10.24 -18.99 -32.21
C THR C 159 10.77 -18.02 -31.15
N ASP C 160 12.07 -17.77 -31.07
CA ASP C 160 12.61 -16.91 -30.03
C ASP C 160 12.36 -15.42 -30.28
N ARG C 161 11.73 -15.06 -31.39
N ARG C 161 11.73 -15.06 -31.40
CA ARG C 161 11.33 -13.68 -31.63
CA ARG C 161 11.33 -13.68 -31.63
C ARG C 161 10.06 -13.31 -30.88
C ARG C 161 10.07 -13.30 -30.87
N GLY C 162 9.54 -14.21 -30.06
CA GLY C 162 8.38 -13.93 -29.24
C GLY C 162 8.58 -14.48 -27.84
N PRO C 163 7.74 -14.06 -26.89
CA PRO C 163 7.91 -14.48 -25.50
C PRO C 163 7.23 -15.79 -25.13
N GLN C 164 6.61 -16.49 -26.08
CA GLN C 164 5.82 -17.66 -25.76
C GLN C 164 6.73 -18.82 -25.37
N PRO C 165 6.19 -19.81 -24.65
CA PRO C 165 6.99 -21.02 -24.35
C PRO C 165 7.45 -21.71 -25.63
N ARG C 166 8.74 -22.05 -25.67
CA ARG C 166 9.34 -22.66 -26.85
C ARG C 166 10.39 -23.71 -26.54
N GLY C 167 10.85 -23.83 -25.30
CA GLY C 167 11.87 -24.83 -25.00
C GLY C 167 13.20 -24.45 -25.61
N LYS C 168 13.83 -25.41 -26.29
CA LYS C 168 15.14 -25.24 -26.87
C LYS C 168 15.11 -24.66 -28.28
N GLN C 169 13.94 -24.30 -28.80
CA GLN C 169 13.85 -23.81 -30.16
C GLN C 169 14.39 -22.38 -30.25
N VAL C 170 15.33 -22.17 -31.18
CA VAL C 170 15.84 -20.83 -31.47
C VAL C 170 15.98 -20.71 -32.99
N SER C 171 16.07 -19.46 -33.45
CA SER C 171 16.20 -19.21 -34.88
C SER C 171 17.61 -19.52 -35.39
N ARG C 172 18.63 -19.24 -34.57
N ARG C 172 18.63 -19.25 -34.57
CA ARG C 172 20.02 -19.51 -34.91
CA ARG C 172 20.03 -19.50 -34.91
C ARG C 172 20.56 -20.55 -33.94
C ARG C 172 20.57 -20.55 -33.94
N PRO C 173 20.47 -21.84 -34.28
CA PRO C 173 20.93 -22.88 -33.35
C PRO C 173 22.43 -22.83 -33.13
N GLU C 174 22.83 -23.04 -31.87
CA GLU C 174 24.23 -23.06 -31.46
C GLU C 174 24.30 -23.51 -30.00
N GLY C 175 25.33 -24.26 -29.67
CA GLY C 175 25.54 -24.70 -28.31
C GLY C 175 24.46 -25.61 -27.77
N ILE C 176 23.70 -25.13 -26.79
CA ILE C 176 22.63 -25.92 -26.19
C ILE C 176 21.29 -25.69 -26.85
N TRP C 177 21.20 -24.78 -27.81
CA TRP C 177 19.94 -24.44 -28.46
C TRP C 177 19.88 -25.08 -29.85
N TYR C 178 18.69 -25.52 -30.23
CA TYR C 178 18.50 -26.46 -31.34
C TYR C 178 17.59 -25.86 -32.41
N THR C 179 17.37 -26.68 -33.45
CA THR C 179 16.59 -26.25 -34.61
C THR C 179 15.16 -25.91 -34.20
N PRO C 180 14.56 -24.86 -34.77
CA PRO C 180 13.17 -24.53 -34.44
C PRO C 180 12.20 -25.58 -34.96
N VAL C 181 11.03 -25.62 -34.34
CA VAL C 181 9.96 -26.55 -34.69
C VAL C 181 8.70 -25.75 -34.93
N THR C 182 8.21 -25.77 -36.17
CA THR C 182 7.06 -24.97 -36.58
C THR C 182 6.04 -25.86 -37.27
N GLY C 183 4.78 -25.71 -36.89
CA GLY C 183 3.70 -26.41 -37.55
C GLY C 183 3.10 -27.54 -36.74
N ILE C 184 2.51 -28.50 -37.44
CA ILE C 184 1.87 -29.64 -36.82
C ILE C 184 2.94 -30.71 -36.58
N TRP C 185 3.15 -31.07 -35.31
CA TRP C 185 4.14 -32.08 -34.96
C TRP C 185 3.57 -33.21 -34.12
N GLN C 186 2.24 -33.30 -34.00
CA GLN C 186 1.59 -34.45 -33.39
C GLN C 186 0.38 -34.84 -34.23
N THR C 187 -0.11 -36.05 -34.00
CA THR C 187 -1.13 -36.64 -34.85
C THR C 187 -2.39 -35.77 -34.91
N VAL C 188 -2.87 -35.52 -36.13
CA VAL C 188 -4.19 -34.96 -36.36
C VAL C 188 -5.14 -36.10 -36.63
N TRP C 189 -6.31 -36.08 -36.00
CA TRP C 189 -7.23 -37.20 -36.16
C TRP C 189 -8.65 -36.73 -35.85
N LEU C 190 -9.61 -37.50 -36.34
CA LEU C 190 -11.03 -37.25 -36.14
C LEU C 190 -11.62 -38.30 -35.21
N GLU C 191 -12.74 -37.95 -34.58
CA GLU C 191 -13.38 -38.86 -33.65
C GLU C 191 -14.88 -38.62 -33.59
N PRO C 192 -15.70 -39.65 -33.81
CA PRO C 192 -17.15 -39.47 -33.64
C PRO C 192 -17.56 -39.66 -32.20
N VAL C 193 -18.42 -38.76 -31.72
CA VAL C 193 -18.93 -38.79 -30.36
C VAL C 193 -20.42 -38.46 -30.39
N ALA C 194 -21.11 -38.84 -29.31
CA ALA C 194 -22.51 -38.49 -29.17
C ALA C 194 -22.66 -36.99 -28.89
N GLY C 195 -23.90 -36.50 -29.02
CA GLY C 195 -24.17 -35.10 -28.76
C GLY C 195 -23.78 -34.68 -27.35
N LYS C 196 -23.93 -35.58 -26.39
CA LYS C 196 -23.42 -35.40 -25.04
C LYS C 196 -22.33 -36.44 -24.79
N HIS C 197 -21.16 -35.97 -24.34
CA HIS C 197 -20.01 -36.87 -24.25
C HIS C 197 -19.05 -36.36 -23.19
N ILE C 198 -18.13 -37.24 -22.82
CA ILE C 198 -17.07 -36.90 -21.87
C ILE C 198 -15.94 -36.23 -22.63
N GLU C 199 -15.60 -34.99 -22.26
CA GLU C 199 -14.49 -34.30 -22.90
C GLU C 199 -13.16 -34.69 -22.28
N ASN C 200 -13.09 -34.73 -20.95
N ASN C 200 -13.09 -34.71 -20.94
CA ASN C 200 -11.85 -35.01 -20.24
CA ASN C 200 -11.85 -35.01 -20.24
C ASN C 200 -12.16 -35.84 -19.00
C ASN C 200 -12.16 -35.86 -19.02
N LEU C 201 -11.15 -36.58 -18.55
CA LEU C 201 -11.24 -37.40 -17.34
C LEU C 201 -10.14 -36.96 -16.38
N ARG C 202 -10.54 -36.52 -15.19
N ARG C 202 -10.55 -36.57 -15.17
CA ARG C 202 -9.60 -36.17 -14.13
CA ARG C 202 -9.64 -36.17 -14.11
C ARG C 202 -9.63 -37.28 -13.09
C ARG C 202 -9.63 -37.27 -13.06
N ILE C 203 -8.55 -38.05 -13.03
CA ILE C 203 -8.42 -39.20 -12.15
C ILE C 203 -7.39 -38.87 -11.07
N THR C 204 -7.78 -39.02 -9.81
CA THR C 204 -6.95 -38.64 -8.67
C THR C 204 -6.97 -39.76 -7.65
N PRO C 205 -5.84 -40.39 -7.34
CA PRO C 205 -5.82 -41.45 -6.33
C PRO C 205 -5.54 -40.89 -4.93
N ASP C 206 -5.93 -41.68 -3.93
CA ASP C 206 -5.70 -41.33 -2.52
C ASP C 206 -5.48 -42.65 -1.77
N ILE C 207 -4.21 -43.07 -1.71
CA ILE C 207 -3.90 -44.36 -1.12
C ILE C 207 -4.04 -44.35 0.39
N ASP C 208 -3.98 -43.17 1.02
CA ASP C 208 -4.16 -43.10 2.47
C ASP C 208 -5.61 -43.34 2.86
N ARG C 209 -6.54 -42.76 2.11
CA ARG C 209 -7.97 -42.94 2.34
C ARG C 209 -8.56 -44.04 1.47
N HIS C 210 -7.74 -44.75 0.71
CA HIS C 210 -8.18 -45.86 -0.14
C HIS C 210 -9.29 -45.42 -1.08
N LEU C 211 -9.05 -44.31 -1.78
CA LEU C 211 -10.04 -43.70 -2.66
C LEU C 211 -9.47 -43.50 -4.05
N LEU C 212 -10.35 -43.56 -5.04
CA LEU C 212 -10.04 -43.18 -6.40
C LEU C 212 -11.15 -42.25 -6.89
N THR C 213 -10.82 -41.00 -7.13
CA THR C 213 -11.79 -40.00 -7.56
C THR C 213 -11.68 -39.78 -9.06
N VAL C 214 -12.80 -39.92 -9.76
CA VAL C 214 -12.87 -39.72 -11.20
C VAL C 214 -13.90 -38.64 -11.47
N LYS C 215 -13.45 -37.53 -12.08
CA LYS C 215 -14.33 -36.44 -12.47
C LYS C 215 -14.44 -36.44 -14.00
N ALA C 216 -15.65 -36.67 -14.49
CA ALA C 216 -15.91 -36.69 -15.92
C ALA C 216 -16.38 -35.30 -16.35
N GLU C 217 -15.57 -34.62 -17.15
CA GLU C 217 -15.90 -33.29 -17.63
C GLU C 217 -16.68 -33.42 -18.93
N LEU C 218 -17.95 -33.03 -18.91
CA LEU C 218 -18.84 -33.19 -20.05
C LEU C 218 -18.90 -31.90 -20.85
N ASN C 219 -19.27 -32.05 -22.13
CA ASN C 219 -19.42 -30.88 -23.00
C ASN C 219 -20.61 -30.03 -22.57
N THR C 220 -21.70 -30.68 -22.15
CA THR C 220 -22.86 -29.99 -21.59
C THR C 220 -23.37 -30.80 -20.41
N ASN C 221 -24.04 -30.11 -19.49
CA ASN C 221 -24.57 -30.71 -18.28
C ASN C 221 -26.09 -30.75 -18.33
N SER C 222 -26.66 -31.82 -17.80
CA SER C 222 -28.11 -31.97 -17.71
C SER C 222 -28.48 -32.51 -16.34
N THR C 223 -29.74 -32.30 -15.96
CA THR C 223 -30.20 -32.72 -14.64
C THR C 223 -30.20 -34.24 -14.49
N SER C 224 -30.22 -34.99 -15.59
CA SER C 224 -30.31 -36.44 -15.55
C SER C 224 -29.01 -37.13 -15.90
N ASP C 225 -27.89 -36.39 -15.91
CA ASP C 225 -26.60 -37.01 -16.21
C ASP C 225 -26.23 -38.02 -15.15
N PHE C 226 -25.67 -39.15 -15.58
CA PHE C 226 -25.38 -40.28 -14.71
C PHE C 226 -24.05 -40.88 -15.15
N VAL C 227 -23.08 -40.92 -14.25
CA VAL C 227 -21.73 -41.40 -14.55
C VAL C 227 -21.44 -42.60 -13.66
N GLU C 228 -21.10 -43.74 -14.29
CA GLU C 228 -20.64 -44.93 -13.60
C GLU C 228 -19.17 -45.16 -13.92
N VAL C 229 -18.41 -45.58 -12.92
CA VAL C 229 -17.00 -45.94 -13.08
C VAL C 229 -16.79 -47.32 -12.50
N ASN C 230 -16.22 -48.22 -13.29
CA ASN C 230 -15.89 -49.56 -12.85
C ASN C 230 -14.38 -49.76 -12.95
N VAL C 231 -13.78 -50.23 -11.86
CA VAL C 231 -12.34 -50.45 -11.77
C VAL C 231 -12.09 -51.95 -11.83
N TYR C 232 -11.15 -52.35 -12.68
CA TYR C 232 -10.88 -53.76 -12.93
C TYR C 232 -9.43 -54.09 -12.59
N ASP C 233 -9.23 -55.13 -11.78
CA ASP C 233 -7.91 -55.74 -11.57
C ASP C 233 -7.73 -56.77 -12.67
N GLY C 234 -7.24 -56.33 -13.82
CA GLY C 234 -7.18 -57.18 -14.98
C GLY C 234 -8.58 -57.50 -15.48
N ASN C 235 -9.07 -58.70 -15.15
CA ASN C 235 -10.41 -59.12 -15.54
C ASN C 235 -11.42 -59.05 -14.42
N GLN C 236 -10.99 -58.92 -13.17
CA GLN C 236 -11.89 -58.94 -12.02
C GLN C 236 -12.35 -57.53 -11.69
N LEU C 237 -13.67 -57.34 -11.67
CA LEU C 237 -14.24 -56.10 -11.16
C LEU C 237 -14.03 -56.03 -9.65
N ILE C 238 -13.30 -55.02 -9.20
CA ILE C 238 -12.93 -54.92 -7.79
C ILE C 238 -13.58 -53.74 -7.08
N ALA C 239 -14.05 -52.72 -7.82
CA ALA C 239 -14.63 -51.55 -7.19
C ALA C 239 -15.46 -50.79 -8.22
N ALA C 240 -16.42 -50.02 -7.72
CA ALA C 240 -17.31 -49.27 -8.59
C ALA C 240 -17.85 -48.05 -7.85
N GLY C 241 -18.12 -47.00 -8.61
CA GLY C 241 -18.71 -45.80 -8.06
C GLY C 241 -19.65 -45.16 -9.06
N LYS C 242 -20.69 -44.52 -8.55
CA LYS C 242 -21.71 -43.88 -9.36
C LYS C 242 -22.02 -42.51 -8.79
N SER C 243 -22.40 -41.58 -9.67
CA SER C 243 -22.66 -40.21 -9.25
C SER C 243 -23.62 -39.54 -10.24
N ILE C 244 -24.45 -38.66 -9.71
CA ILE C 244 -25.32 -37.79 -10.49
C ILE C 244 -25.07 -36.35 -10.06
N ASN C 245 -25.81 -35.42 -10.67
CA ASN C 245 -25.77 -34.00 -10.31
C ASN C 245 -24.35 -33.42 -10.41
N GLY C 246 -23.56 -33.91 -11.37
CA GLY C 246 -22.23 -33.40 -11.56
C GLY C 246 -21.25 -33.68 -10.44
N GLU C 247 -21.57 -34.59 -9.54
CA GLU C 247 -20.65 -34.93 -8.46
C GLU C 247 -19.51 -35.80 -9.00
N PRO C 248 -18.29 -35.62 -8.48
CA PRO C 248 -17.20 -36.52 -8.88
C PRO C 248 -17.44 -37.92 -8.37
N VAL C 249 -17.08 -38.91 -9.18
CA VAL C 249 -17.26 -40.31 -8.84
C VAL C 249 -16.16 -40.72 -7.86
N GLU C 250 -16.55 -40.99 -6.61
CA GLU C 250 -15.62 -41.44 -5.59
C GLU C 250 -15.72 -42.96 -5.47
N VAL C 251 -14.63 -43.64 -5.74
CA VAL C 251 -14.57 -45.10 -5.75
C VAL C 251 -13.85 -45.58 -4.51
N ALA C 252 -14.46 -46.51 -3.78
CA ALA C 252 -13.85 -47.09 -2.59
C ALA C 252 -12.98 -48.26 -3.02
N PRO C 254 -10.07 -51.28 -2.56
CA PRO C 254 -9.70 -52.24 -1.50
C PRO C 254 -8.45 -51.80 -0.77
N GLU C 255 -8.38 -52.18 0.51
CA GLU C 255 -7.20 -51.82 1.30
C GLU C 255 -5.96 -52.55 0.83
N ASN C 256 -6.12 -53.70 0.19
CA ASN C 256 -5.01 -54.45 -0.37
C ASN C 256 -4.71 -54.06 -1.82
N ALA C 257 -5.06 -52.85 -2.22
CA ALA C 257 -4.91 -52.44 -3.60
C ALA C 257 -3.45 -52.45 -4.03
N LYS C 258 -3.21 -52.96 -5.24
CA LYS C 258 -1.87 -53.00 -5.80
C LYS C 258 -1.39 -51.58 -6.10
N LEU C 259 -0.26 -51.19 -5.53
CA LEU C 259 0.25 -49.83 -5.67
C LEU C 259 1.24 -49.76 -6.83
N TRP C 260 1.21 -48.63 -7.54
CA TRP C 260 2.09 -48.41 -8.68
C TRP C 260 3.46 -47.93 -8.22
N SER C 261 4.49 -48.42 -8.89
CA SER C 261 5.87 -48.02 -8.63
C SER C 261 6.71 -48.40 -9.84
N PRO C 262 7.87 -47.77 -10.02
CA PRO C 262 8.74 -48.13 -11.15
C PRO C 262 9.06 -49.62 -11.23
N ASP C 263 9.12 -50.33 -10.09
CA ASP C 263 9.41 -51.75 -10.12
C ASP C 263 8.15 -52.60 -10.26
N SER C 264 7.02 -52.14 -9.73
CA SER C 264 5.73 -52.83 -9.88
C SER C 264 4.74 -51.82 -10.45
N PRO C 265 4.77 -51.59 -11.76
CA PRO C 265 3.93 -50.55 -12.36
C PRO C 265 2.52 -51.06 -12.71
N PHE C 266 1.78 -51.45 -11.68
CA PHE C 266 0.45 -52.00 -11.89
C PHE C 266 -0.55 -50.90 -12.20
N LEU C 267 -1.37 -51.10 -13.23
CA LEU C 267 -2.39 -50.15 -13.64
C LEU C 267 -3.75 -50.85 -13.63
N TYR C 268 -4.70 -50.28 -12.91
CA TYR C 268 -6.07 -50.76 -12.96
C TYR C 268 -6.74 -50.27 -14.23
N THR C 269 -7.71 -51.05 -14.71
CA THR C 269 -8.47 -50.69 -15.89
C THR C 269 -9.75 -49.98 -15.49
N LEU C 270 -10.04 -48.85 -16.12
CA LEU C 270 -11.25 -48.08 -15.87
C LEU C 270 -12.19 -48.17 -17.05
N LYS C 271 -13.48 -48.27 -16.76
CA LYS C 271 -14.53 -48.24 -17.78
C LYS C 271 -15.60 -47.25 -17.32
N VAL C 272 -15.59 -46.06 -17.90
CA VAL C 272 -16.48 -44.97 -17.51
C VAL C 272 -17.66 -44.94 -18.47
N THR C 273 -18.85 -44.74 -17.91
CA THR C 273 -20.10 -44.78 -18.67
C THR C 273 -20.92 -43.54 -18.36
N LEU C 274 -21.50 -42.93 -19.40
CA LEU C 274 -22.35 -41.76 -19.26
C LEU C 274 -23.75 -42.11 -19.74
N LYS C 275 -24.74 -41.95 -18.86
CA LYS C 275 -26.13 -42.21 -19.18
C LYS C 275 -26.94 -40.92 -19.11
N GLU C 276 -27.92 -40.81 -20.00
CA GLU C 276 -28.90 -39.72 -19.98
C GLU C 276 -30.26 -40.39 -19.75
N GLY C 277 -30.60 -40.55 -18.49
CA GLY C 277 -31.75 -41.39 -18.12
C GLY C 277 -31.32 -42.84 -17.88
N ASN C 278 -31.74 -43.73 -18.77
CA ASN C 278 -31.28 -45.11 -18.75
C ASN C 278 -30.53 -45.49 -20.02
N LYS C 279 -30.37 -44.57 -20.96
CA LYS C 279 -29.71 -44.86 -22.23
C LYS C 279 -28.23 -44.56 -22.10
N ILE C 280 -27.39 -45.55 -22.42
CA ILE C 280 -25.96 -45.34 -22.43
C ILE C 280 -25.62 -44.41 -23.59
N VAL C 281 -25.16 -43.20 -23.26
CA VAL C 281 -24.93 -42.17 -24.25
C VAL C 281 -23.47 -42.13 -24.68
N ASP C 282 -22.54 -42.30 -23.75
CA ASP C 282 -21.12 -42.31 -24.07
C ASP C 282 -20.41 -43.26 -23.12
N LYS C 283 -19.31 -43.84 -23.59
CA LYS C 283 -18.50 -44.73 -22.77
C LYS C 283 -17.06 -44.66 -23.23
N VAL C 284 -16.15 -44.53 -22.27
CA VAL C 284 -14.72 -44.46 -22.55
C VAL C 284 -13.99 -45.46 -21.68
N ASP C 285 -12.89 -46.00 -22.20
CA ASP C 285 -12.00 -46.87 -21.45
C ASP C 285 -10.78 -46.07 -21.00
N SER C 286 -10.30 -46.36 -19.81
CA SER C 286 -9.17 -45.62 -19.25
C SER C 286 -8.41 -46.55 -18.33
N TYR C 287 -7.41 -46.00 -17.64
CA TYR C 287 -6.65 -46.74 -16.64
C TYR C 287 -6.30 -45.79 -15.50
N ALA C 288 -5.93 -46.39 -14.37
CA ALA C 288 -5.55 -45.62 -13.20
C ALA C 288 -4.51 -46.39 -12.40
N ALA C 289 -3.85 -45.70 -11.49
CA ALA C 289 -2.84 -46.30 -10.63
C ALA C 289 -2.93 -45.72 -9.24
N ARG C 291 -1.13 -44.61 -6.23
CA ARG C 291 0.20 -44.22 -5.83
C ARG C 291 0.15 -42.84 -5.19
N LYS C 292 1.23 -42.48 -4.51
CA LYS C 292 1.30 -41.23 -3.76
C LYS C 292 2.69 -40.65 -3.84
N TYR C 293 2.79 -39.36 -4.16
CA TYR C 293 4.03 -38.61 -4.12
C TYR C 293 3.98 -37.63 -2.96
N SER C 294 4.97 -37.70 -2.07
CA SER C 294 5.04 -36.80 -0.94
C SER C 294 6.50 -36.63 -0.53
N THR C 295 6.71 -35.86 0.53
CA THR C 295 8.03 -35.67 1.12
C THR C 295 7.94 -35.87 2.62
N ARG C 296 9.01 -36.41 3.20
CA ARG C 296 9.04 -36.68 4.62
C ARG C 296 10.48 -36.78 5.10
N ARG C 297 10.74 -36.23 6.29
CA ARG C 297 12.04 -36.36 6.91
C ARG C 297 12.21 -37.77 7.45
N ASP C 298 13.32 -38.42 7.11
CA ASP C 298 13.57 -39.79 7.53
C ASP C 298 14.23 -39.82 8.91
N ALA C 299 14.69 -40.99 9.32
CA ALA C 299 15.33 -41.13 10.63
C ALA C 299 16.67 -40.43 10.70
N ASN C 300 17.29 -40.13 9.56
CA ASN C 300 18.57 -39.44 9.52
C ASN C 300 18.43 -37.93 9.44
N GLY C 301 17.22 -37.40 9.63
CA GLY C 301 17.03 -35.97 9.58
C GLY C 301 17.09 -35.35 8.20
N ILE C 302 16.91 -36.14 7.15
CA ILE C 302 16.95 -35.66 5.77
C ILE C 302 15.56 -35.81 5.17
N VAL C 303 15.07 -34.76 4.52
CA VAL C 303 13.77 -34.81 3.86
C VAL C 303 13.91 -35.57 2.55
N ARG C 304 13.24 -36.71 2.44
CA ARG C 304 13.34 -37.57 1.28
C ARG C 304 12.09 -37.47 0.41
N LEU C 305 12.26 -37.84 -0.87
CA LEU C 305 11.13 -38.00 -1.77
C LEU C 305 10.47 -39.34 -1.46
N GLU C 306 9.17 -39.32 -1.18
CA GLU C 306 8.45 -40.52 -0.80
C GLU C 306 7.51 -40.95 -1.92
N LEU C 307 7.54 -42.23 -2.25
CA LEU C 307 6.57 -42.86 -3.14
C LEU C 307 5.83 -43.93 -2.34
N ASN C 308 4.52 -43.77 -2.21
CA ASN C 308 3.69 -44.68 -1.43
C ASN C 308 4.15 -44.77 0.02
N ASN C 309 4.45 -43.60 0.61
CA ASN C 309 4.80 -43.45 2.01
C ASN C 309 6.11 -44.13 2.37
N GLU C 310 6.97 -44.39 1.38
CA GLU C 310 8.29 -44.96 1.60
C GLU C 310 9.32 -44.14 0.83
N ALA C 311 10.42 -43.81 1.49
CA ALA C 311 11.46 -43.02 0.84
C ALA C 311 12.04 -43.78 -0.35
N LEU C 312 12.21 -43.06 -1.45
CA LEU C 312 12.72 -43.64 -2.70
C LEU C 312 13.58 -42.61 -3.40
N PHE C 313 14.82 -42.97 -3.68
CA PHE C 313 15.72 -42.09 -4.44
C PHE C 313 15.35 -42.18 -5.92
N GLN C 314 15.04 -41.03 -6.52
CA GLN C 314 14.67 -40.95 -7.93
C GLN C 314 15.91 -40.61 -8.74
N PHE C 315 16.33 -41.52 -9.61
CA PHE C 315 17.53 -41.36 -10.42
C PHE C 315 17.17 -41.59 -11.87
N GLY C 316 17.48 -40.63 -12.73
CA GLY C 316 17.13 -40.75 -14.13
C GLY C 316 17.86 -39.77 -15.03
N PRO C 317 17.75 -39.99 -16.34
CA PRO C 317 18.41 -39.12 -17.30
C PRO C 317 17.56 -37.90 -17.67
N LEU C 318 18.24 -36.92 -18.26
CA LEU C 318 17.59 -35.73 -18.80
C LEU C 318 17.20 -36.03 -20.25
N ASP C 319 15.89 -36.12 -20.50
CA ASP C 319 15.38 -36.48 -21.82
C ASP C 319 14.78 -35.23 -22.46
N GLN C 320 15.47 -34.69 -23.46
CA GLN C 320 14.97 -33.50 -24.15
C GLN C 320 14.02 -33.84 -25.29
N GLY C 321 13.98 -35.10 -25.72
CA GLY C 321 13.03 -35.55 -26.72
C GLY C 321 13.24 -34.94 -28.09
N TRP C 322 14.48 -34.93 -28.57
CA TRP C 322 14.81 -34.41 -29.89
C TRP C 322 15.24 -35.55 -30.81
N TRP C 323 14.80 -35.48 -32.06
CA TRP C 323 15.11 -36.51 -33.04
C TRP C 323 15.78 -35.90 -34.26
N PRO C 324 16.82 -36.54 -34.80
CA PRO C 324 17.55 -35.93 -35.93
C PRO C 324 16.74 -35.85 -37.21
N ASP C 325 15.71 -36.69 -37.36
CA ASP C 325 14.92 -36.73 -38.57
C ASP C 325 13.52 -36.15 -38.41
N GLY C 326 12.95 -36.18 -37.21
CA GLY C 326 11.62 -35.64 -36.99
C GLY C 326 11.56 -34.50 -35.99
N LEU C 327 12.73 -34.08 -35.50
CA LEU C 327 12.84 -33.03 -34.50
C LEU C 327 12.03 -33.35 -33.26
N TYR C 328 10.90 -32.66 -33.08
CA TYR C 328 10.06 -32.93 -31.91
C TYR C 328 9.35 -34.26 -32.02
N THR C 329 9.09 -34.73 -33.24
CA THR C 329 8.25 -35.90 -33.47
C THR C 329 9.13 -37.13 -33.67
N ALA C 330 8.93 -38.14 -32.83
CA ALA C 330 9.61 -39.41 -33.05
C ALA C 330 9.09 -40.05 -34.34
N PRO C 331 9.96 -40.64 -35.16
CA PRO C 331 9.50 -41.14 -36.47
C PRO C 331 8.43 -42.21 -36.37
N THR C 332 8.58 -43.18 -35.48
CA THR C 332 7.60 -44.23 -35.30
C THR C 332 7.29 -44.37 -33.82
N ASP C 333 6.18 -45.08 -33.53
CA ASP C 333 5.83 -45.36 -32.15
C ASP C 333 6.89 -46.24 -31.48
N GLU C 334 7.52 -47.13 -32.24
N GLU C 334 7.49 -47.14 -32.24
CA GLU C 334 8.57 -47.96 -31.69
CA GLU C 334 8.59 -47.95 -31.70
C GLU C 334 9.80 -47.12 -31.34
C GLU C 334 9.77 -47.09 -31.30
N ALA C 335 10.01 -46.01 -32.04
CA ALA C 335 11.10 -45.10 -31.70
C ALA C 335 10.77 -44.29 -30.46
N LEU C 336 9.54 -43.79 -30.37
CA LEU C 336 9.09 -43.06 -29.20
C LEU C 336 9.27 -43.88 -27.92
N LEU C 337 9.00 -45.18 -28.00
CA LEU C 337 9.15 -46.07 -26.86
C LEU C 337 10.60 -46.46 -26.60
N TYR C 338 11.46 -46.38 -27.61
CA TYR C 338 12.83 -46.89 -27.47
C TYR C 338 13.60 -46.10 -26.42
N ASP C 339 13.38 -44.79 -26.33
CA ASP C 339 14.07 -43.98 -25.33
C ASP C 339 13.68 -44.39 -23.92
N ILE C 340 12.39 -44.68 -23.70
CA ILE C 340 11.94 -45.06 -22.37
C ILE C 340 12.43 -46.45 -22.01
N GLN C 341 12.46 -47.37 -22.98
N GLN C 341 12.43 -47.37 -22.99
CA GLN C 341 12.92 -48.72 -22.69
CA GLN C 341 12.93 -48.73 -22.74
C GLN C 341 14.41 -48.74 -22.36
C GLN C 341 14.40 -48.70 -22.33
N LYS C 342 15.21 -47.94 -23.06
CA LYS C 342 16.64 -47.89 -22.75
C LYS C 342 16.91 -47.22 -21.41
N THR C 343 16.03 -46.32 -20.99
CA THR C 343 16.13 -45.76 -19.64
C THR C 343 15.94 -46.85 -18.59
N LYS C 344 14.93 -47.70 -18.79
CA LYS C 344 14.75 -48.84 -17.90
C LYS C 344 15.94 -49.79 -17.97
N ASP C 345 16.46 -50.02 -19.17
CA ASP C 345 17.60 -50.93 -19.33
C ASP C 345 18.84 -50.42 -18.62
N PHE C 346 18.98 -49.11 -18.48
CA PHE C 346 20.14 -48.52 -17.83
C PHE C 346 20.01 -48.48 -16.31
N GLY C 347 18.92 -48.99 -15.75
CA GLY C 347 18.77 -49.05 -14.31
C GLY C 347 18.20 -47.81 -13.65
N TYR C 348 17.60 -46.91 -14.42
CA TYR C 348 16.98 -45.73 -13.87
C TYR C 348 15.54 -46.02 -13.46
N ASN C 349 14.99 -45.11 -12.64
CA ASN C 349 13.59 -45.18 -12.26
C ASN C 349 12.85 -43.87 -12.50
N ILE C 351 12.60 -40.04 -15.21
CA ILE C 351 12.97 -39.28 -16.40
C ILE C 351 12.54 -37.84 -16.19
N ARG C 352 13.44 -36.89 -16.43
CA ARG C 352 13.10 -35.47 -16.39
C ARG C 352 12.90 -35.01 -17.83
N LYS C 353 11.65 -34.83 -18.23
CA LYS C 353 11.32 -34.33 -19.56
C LYS C 353 11.65 -32.84 -19.61
N HIS C 354 12.70 -32.49 -20.37
CA HIS C 354 13.31 -31.18 -20.29
C HIS C 354 12.61 -30.20 -21.22
N ILE C 355 12.09 -29.11 -20.63
CA ILE C 355 11.38 -28.02 -21.28
C ILE C 355 10.69 -28.46 -22.56
N LYS C 356 9.89 -29.53 -22.47
CA LYS C 356 9.14 -30.03 -23.60
C LYS C 356 8.01 -30.91 -23.08
N VAL C 357 6.92 -30.96 -23.83
CA VAL C 357 5.79 -31.85 -23.53
C VAL C 357 5.66 -32.84 -24.68
N GLU C 358 5.57 -34.12 -24.34
CA GLU C 358 5.53 -35.19 -25.34
C GLU C 358 4.10 -35.52 -25.70
N PRO C 359 3.88 -36.26 -26.79
CA PRO C 359 2.55 -36.77 -27.09
C PRO C 359 2.03 -37.67 -25.96
N ALA C 360 0.72 -37.83 -25.93
CA ALA C 360 0.06 -38.55 -24.84
C ALA C 360 0.58 -39.98 -24.71
N ARG C 361 0.91 -40.63 -25.84
CA ARG C 361 1.35 -42.02 -25.77
C ARG C 361 2.67 -42.17 -25.02
N TRP C 362 3.49 -41.10 -24.98
CA TRP C 362 4.77 -41.19 -24.31
C TRP C 362 4.60 -41.37 -22.80
N TYR C 363 3.64 -40.65 -22.22
CA TYR C 363 3.43 -40.76 -20.77
C TYR C 363 2.77 -42.08 -20.40
N THR C 364 1.91 -42.60 -21.26
CA THR C 364 1.32 -43.92 -21.01
C THR C 364 2.39 -45.00 -21.04
N TYR C 365 3.39 -44.85 -21.90
CA TYR C 365 4.51 -45.79 -21.90
C TYR C 365 5.30 -45.70 -20.60
N CYS C 366 5.41 -44.50 -20.04
CA CYS C 366 6.03 -44.37 -18.72
C CYS C 366 5.16 -44.98 -17.63
N ASP C 367 3.84 -44.93 -17.79
CA ASP C 367 2.95 -45.59 -16.85
C ASP C 367 3.12 -47.10 -16.90
N GLN C 368 3.24 -47.66 -18.10
CA GLN C 368 3.29 -49.11 -18.25
C GLN C 368 4.66 -49.70 -17.94
N LEU C 369 5.73 -48.97 -18.28
CA LEU C 369 7.07 -49.47 -18.02
C LEU C 369 7.54 -49.22 -16.59
N GLY C 370 6.99 -48.21 -15.93
CA GLY C 370 7.39 -47.89 -14.57
C GLY C 370 8.51 -46.87 -14.50
N ILE C 371 8.19 -45.63 -14.85
CA ILE C 371 9.16 -44.53 -14.85
C ILE C 371 8.48 -43.30 -14.26
N ILE C 372 9.06 -42.76 -13.20
CA ILE C 372 8.59 -41.49 -12.66
C ILE C 372 9.05 -40.37 -13.58
N VAL C 373 8.19 -39.37 -13.79
CA VAL C 373 8.44 -38.30 -14.73
C VAL C 373 8.46 -36.96 -13.99
N TRP C 374 9.53 -36.20 -14.18
CA TRP C 374 9.57 -34.79 -13.82
C TRP C 374 9.23 -33.99 -15.06
N GLN C 375 8.15 -33.21 -14.99
CA GLN C 375 7.64 -32.47 -16.14
C GLN C 375 8.05 -31.01 -16.03
N ASP C 376 8.85 -30.55 -16.99
CA ASP C 376 9.24 -29.15 -17.04
C ASP C 376 8.16 -28.31 -17.72
N PRO C 378 7.95 -25.66 -20.40
CA PRO C 378 8.81 -25.13 -21.47
C PRO C 378 9.05 -23.65 -21.31
N SER C 379 10.31 -23.25 -21.52
CA SER C 379 10.74 -21.90 -21.21
C SER C 379 10.66 -20.98 -22.42
N GLY C 380 10.91 -19.70 -22.18
CA GLY C 380 10.86 -18.71 -23.23
C GLY C 380 11.14 -17.33 -22.66
N ASP C 381 11.04 -16.33 -23.54
CA ASP C 381 11.19 -14.93 -23.18
C ASP C 381 12.59 -14.62 -22.64
N ARG C 382 12.78 -13.41 -22.14
CA ARG C 382 14.06 -12.98 -21.59
C ARG C 382 14.31 -13.65 -20.24
N ASN C 383 15.49 -13.43 -19.68
CA ASN C 383 15.87 -14.02 -18.41
C ASN C 383 16.31 -12.95 -17.43
N PRO C 384 16.10 -13.18 -16.14
CA PRO C 384 16.80 -12.39 -15.12
C PRO C 384 18.22 -12.92 -14.96
N GLN C 385 18.98 -12.28 -14.08
CA GLN C 385 20.31 -12.78 -13.77
C GLN C 385 20.21 -14.17 -13.13
N TRP C 386 21.10 -15.06 -13.54
CA TRP C 386 21.10 -16.43 -13.04
C TRP C 386 22.10 -16.53 -11.89
N GLN C 387 21.59 -16.55 -10.67
CA GLN C 387 22.40 -16.80 -9.48
C GLN C 387 22.26 -18.28 -9.15
N ASN C 388 23.16 -19.10 -9.68
CA ASN C 388 23.05 -20.54 -9.61
C ASN C 388 23.67 -21.15 -8.37
N ARG C 389 24.44 -20.38 -7.59
CA ARG C 389 25.18 -20.92 -6.45
C ARG C 389 24.67 -20.39 -5.11
N LYS C 390 23.69 -19.49 -5.12
CA LYS C 390 23.18 -18.90 -3.89
C LYS C 390 21.69 -18.63 -4.07
N TYR C 391 21.02 -18.36 -2.94
CA TYR C 391 19.63 -17.95 -3.00
C TYR C 391 19.52 -16.55 -3.59
N PHE C 392 18.46 -16.32 -4.34
CA PHE C 392 18.37 -15.11 -5.16
C PHE C 392 18.27 -13.86 -4.31
N ASP C 393 19.15 -12.89 -4.57
CA ASP C 393 19.09 -11.58 -3.95
C ASP C 393 19.13 -10.46 -4.97
N GLY C 394 19.03 -10.78 -6.26
CA GLY C 394 19.16 -9.79 -7.31
C GLY C 394 17.84 -9.10 -7.63
N THR C 395 17.79 -8.54 -8.84
CA THR C 395 16.63 -7.80 -9.30
C THR C 395 15.68 -8.73 -10.04
N GLU C 396 14.42 -8.76 -9.62
CA GLU C 396 13.43 -9.61 -10.27
C GLU C 396 13.18 -9.14 -11.70
N LYS C 398 10.49 -8.55 -14.75
CA LYS C 398 9.06 -8.29 -14.95
C LYS C 398 8.71 -8.62 -16.40
N ARG C 399 7.94 -9.70 -16.58
CA ARG C 399 7.41 -10.00 -17.90
C ARG C 399 6.33 -8.99 -18.27
N SER C 400 6.15 -8.80 -19.58
CA SER C 400 5.01 -8.03 -20.04
C SER C 400 3.71 -8.78 -19.68
N ALA C 401 2.61 -8.04 -19.65
CA ALA C 401 1.33 -8.66 -19.35
C ALA C 401 1.01 -9.78 -20.34
N GLU C 402 1.35 -9.58 -21.61
CA GLU C 402 1.10 -10.60 -22.62
C GLU C 402 1.98 -11.83 -22.38
N SER C 403 3.25 -11.61 -22.04
CA SER C 403 4.16 -12.74 -21.81
C SER C 403 3.77 -13.51 -20.56
N GLU C 404 3.40 -12.81 -19.49
CA GLU C 404 3.00 -13.48 -18.26
C GLU C 404 1.70 -14.24 -18.46
N ALA C 405 0.77 -13.70 -19.24
CA ALA C 405 -0.49 -14.39 -19.49
C ALA C 405 -0.28 -15.65 -20.31
N TYR C 406 0.62 -15.59 -21.31
CA TYR C 406 0.92 -16.77 -22.10
C TYR C 406 1.51 -17.87 -21.23
N TYR C 407 2.39 -17.51 -20.30
CA TYR C 407 2.98 -18.52 -19.42
C TYR C 407 1.92 -19.16 -18.53
N ARG C 408 1.16 -18.33 -17.81
CA ARG C 408 0.14 -18.85 -16.91
C ARG C 408 -0.88 -19.70 -17.65
N LYS C 409 -1.27 -19.28 -18.87
CA LYS C 409 -2.27 -20.02 -19.62
C LYS C 409 -1.76 -21.40 -20.03
N GLU C 410 -0.54 -21.46 -20.58
CA GLU C 410 -0.03 -22.73 -21.07
C GLU C 410 0.40 -23.66 -19.94
N TRP C 411 0.88 -23.09 -18.82
CA TRP C 411 1.24 -23.92 -17.69
C TRP C 411 0.01 -24.62 -17.11
N LYS C 412 -1.14 -23.92 -17.11
CA LYS C 412 -2.37 -24.55 -16.66
C LYS C 412 -2.86 -25.59 -17.65
N GLU C 413 -2.75 -25.30 -18.95
CA GLU C 413 -3.16 -26.28 -19.96
C GLU C 413 -2.30 -27.54 -19.91
N ILE C 414 -1.00 -27.37 -19.63
CA ILE C 414 -0.11 -28.53 -19.56
C ILE C 414 -0.47 -29.41 -18.37
N ASP C 416 -3.29 -29.54 -16.89
CA ASP C 416 -4.63 -30.08 -17.07
C ASP C 416 -4.62 -31.34 -17.93
N CYS C 417 -3.91 -31.30 -19.07
CA CYS C 417 -3.92 -32.43 -19.98
C CYS C 417 -3.04 -33.57 -19.51
N LEU C 418 -2.13 -33.32 -18.56
CA LEU C 418 -1.25 -34.34 -18.02
C LEU C 418 -1.63 -34.75 -16.61
N HIS C 419 -2.81 -34.34 -16.13
CA HIS C 419 -3.15 -34.51 -14.71
C HIS C 419 -3.29 -35.98 -14.33
N SER C 420 -3.93 -36.78 -15.17
CA SER C 420 -4.31 -38.13 -14.81
C SER C 420 -3.22 -39.16 -15.06
N TYR C 421 -2.01 -38.74 -15.41
CA TYR C 421 -0.93 -39.69 -15.69
C TYR C 421 -0.22 -40.06 -14.40
N PRO C 422 -0.18 -41.33 -14.02
CA PRO C 422 0.48 -41.70 -12.76
C PRO C 422 1.98 -41.46 -12.75
N CYS C 423 2.63 -41.45 -13.92
CA CYS C 423 4.09 -41.37 -13.96
C CYS C 423 4.61 -40.01 -13.49
N ILE C 424 3.84 -38.95 -13.71
CA ILE C 424 4.32 -37.61 -13.37
C ILE C 424 4.31 -37.43 -11.86
N GLY C 425 5.49 -37.12 -11.30
CA GLY C 425 5.60 -36.94 -9.87
C GLY C 425 6.05 -35.56 -9.43
N THR C 426 6.55 -34.75 -10.37
CA THR C 426 7.10 -33.44 -10.03
C THR C 426 6.84 -32.48 -11.17
N TRP C 427 6.34 -31.29 -10.86
CA TRP C 427 6.23 -30.19 -11.80
C TRP C 427 7.43 -29.27 -11.61
N VAL C 428 8.05 -28.87 -12.72
CA VAL C 428 9.20 -27.98 -12.66
C VAL C 428 8.87 -26.72 -13.47
N PRO C 429 8.36 -25.66 -12.82
CA PRO C 429 7.92 -24.48 -13.59
C PRO C 429 9.05 -23.71 -14.26
N PHE C 430 10.27 -23.74 -13.72
CA PHE C 430 11.36 -22.97 -14.27
C PHE C 430 12.65 -23.78 -14.26
N ASN C 431 13.60 -23.36 -15.08
CA ASN C 431 14.87 -24.05 -15.21
C ASN C 431 15.97 -23.03 -15.53
N GLU C 432 16.96 -22.94 -14.64
CA GLU C 432 18.15 -22.12 -14.85
C GLU C 432 17.78 -20.67 -15.17
N ALA C 433 16.74 -20.17 -14.52
CA ALA C 433 16.31 -18.78 -14.62
C ALA C 433 15.82 -18.39 -16.01
N TRP C 434 15.52 -19.38 -16.86
CA TRP C 434 15.05 -19.09 -18.21
C TRP C 434 13.60 -18.62 -18.15
N GLY C 435 13.39 -17.31 -18.35
CA GLY C 435 12.07 -16.74 -18.22
C GLY C 435 11.51 -16.74 -16.83
N GLN C 436 12.37 -16.89 -15.81
CA GLN C 436 11.89 -17.03 -14.45
C GLN C 436 11.33 -15.72 -13.93
N PHE C 437 10.21 -15.82 -13.20
CA PHE C 437 9.50 -14.66 -12.68
C PHE C 437 8.47 -15.15 -11.67
N LYS C 438 8.28 -14.37 -10.60
CA LYS C 438 7.27 -14.67 -9.58
C LYS C 438 7.37 -16.12 -9.13
N THR C 439 8.59 -16.54 -8.81
CA THR C 439 8.87 -17.95 -8.54
C THR C 439 8.04 -18.47 -7.37
N VAL C 440 8.00 -17.73 -6.27
CA VAL C 440 7.27 -18.18 -5.09
C VAL C 440 5.78 -18.27 -5.39
N GLU C 441 5.25 -17.30 -6.13
CA GLU C 441 3.82 -17.32 -6.43
C GLU C 441 3.47 -18.47 -7.36
N ILE C 442 4.26 -18.70 -8.41
CA ILE C 442 3.99 -19.80 -9.33
C ILE C 442 4.11 -21.14 -8.63
N ALA C 443 5.06 -21.25 -7.69
CA ALA C 443 5.22 -22.50 -6.95
C ALA C 443 4.02 -22.75 -6.05
N GLU C 444 3.54 -21.72 -5.34
CA GLU C 444 2.39 -21.89 -4.48
C GLU C 444 1.12 -22.15 -5.29
N TRP C 445 1.01 -21.55 -6.47
CA TRP C 445 -0.15 -21.81 -7.33
C TRP C 445 -0.11 -23.24 -7.87
N THR C 446 1.07 -23.71 -8.29
CA THR C 446 1.19 -25.06 -8.82
C THR C 446 0.84 -26.09 -7.75
N LYS C 447 1.35 -25.92 -6.53
CA LYS C 447 1.06 -26.87 -5.46
C LYS C 447 -0.41 -26.86 -5.09
N GLN C 448 -1.03 -25.67 -5.09
N GLN C 448 -1.04 -25.68 -5.10
CA GLN C 448 -2.45 -25.59 -4.73
CA GLN C 448 -2.44 -25.57 -4.74
C GLN C 448 -3.34 -26.14 -5.85
C GLN C 448 -3.35 -26.08 -5.84
N TYR C 449 -2.94 -25.93 -7.11
CA TYR C 449 -3.74 -26.42 -8.22
C TYR C 449 -3.70 -27.94 -8.32
N ASP C 450 -2.59 -28.56 -7.92
CA ASP C 450 -2.45 -30.01 -7.95
C ASP C 450 -1.55 -30.42 -6.79
N PRO C 451 -2.15 -30.72 -5.62
CA PRO C 451 -1.33 -31.11 -4.46
C PRO C 451 -0.76 -32.51 -4.53
N THR C 452 -1.17 -33.32 -5.51
CA THR C 452 -0.72 -34.71 -5.58
C THR C 452 0.69 -34.87 -6.12
N ARG C 453 1.27 -33.81 -6.70
CA ARG C 453 2.64 -33.84 -7.17
C ARG C 453 3.51 -32.90 -6.34
N LEU C 454 4.82 -33.12 -6.44
CA LEU C 454 5.79 -32.24 -5.82
C LEU C 454 6.12 -31.09 -6.76
N VAL C 455 6.55 -29.96 -6.19
CA VAL C 455 6.87 -28.77 -6.95
C VAL C 455 8.37 -28.51 -6.83
N ASN C 456 9.07 -28.57 -7.96
CA ASN C 456 10.46 -28.14 -8.08
C ASN C 456 10.44 -26.68 -8.54
N PRO C 457 10.60 -25.70 -7.65
CA PRO C 457 10.30 -24.30 -8.03
C PRO C 457 11.13 -23.79 -9.18
N ALA C 458 12.43 -24.10 -9.23
CA ALA C 458 13.29 -23.64 -10.31
C ALA C 458 14.48 -24.59 -10.37
N SER C 459 14.56 -25.37 -11.45
CA SER C 459 15.63 -26.35 -11.60
C SER C 459 16.96 -25.63 -11.78
N GLY C 460 17.83 -25.75 -10.79
CA GLY C 460 19.15 -25.15 -10.88
C GLY C 460 19.18 -23.64 -10.70
N GLY C 461 18.15 -23.06 -10.12
CA GLY C 461 18.10 -21.63 -9.93
C GLY C 461 17.11 -20.96 -10.86
N ASN C 462 16.69 -19.75 -10.47
CA ASN C 462 17.13 -19.10 -9.24
C ASN C 462 16.44 -19.69 -8.01
N HIS C 463 17.18 -19.74 -6.90
CA HIS C 463 16.75 -20.48 -5.72
C HIS C 463 15.96 -19.59 -4.78
N TYR C 464 14.82 -20.11 -4.31
CA TYR C 464 13.97 -19.42 -3.35
C TYR C 464 13.54 -20.41 -2.28
N THR C 465 13.17 -19.86 -1.12
CA THR C 465 12.66 -20.66 0.00
C THR C 465 11.18 -20.94 -0.27
N CYS C 466 10.94 -22.01 -1.01
CA CYS C 466 9.57 -22.41 -1.37
C CYS C 466 9.65 -23.77 -2.04
N GLY C 467 8.49 -24.30 -2.40
CA GLY C 467 8.40 -25.57 -3.08
C GLY C 467 8.62 -26.76 -2.16
N ASP C 468 8.75 -27.92 -2.79
CA ASP C 468 9.00 -29.16 -2.08
C ASP C 468 10.46 -29.60 -2.14
N LEU C 470 14.84 -28.30 -3.18
CA LEU C 470 15.89 -27.43 -3.67
C LEU C 470 16.68 -28.17 -4.74
N ASP C 471 16.79 -27.57 -5.92
CA ASP C 471 17.40 -28.22 -7.07
C ASP C 471 18.71 -27.53 -7.42
N LEU C 472 19.80 -28.27 -7.38
CA LEU C 472 21.12 -27.78 -7.76
C LEU C 472 21.53 -28.35 -9.11
N HIS C 473 22.20 -27.53 -9.91
CA HIS C 473 22.88 -27.98 -11.11
C HIS C 473 24.38 -27.85 -10.89
N ASN C 474 25.14 -28.79 -11.45
CA ASN C 474 26.59 -28.71 -11.38
C ASN C 474 27.19 -29.58 -12.48
N TYR C 475 28.15 -29.02 -13.21
CA TYR C 475 28.83 -29.75 -14.27
C TYR C 475 30.34 -29.64 -14.07
N PRO C 476 31.07 -30.75 -14.25
CA PRO C 476 30.54 -32.05 -14.65
C PRO C 476 30.17 -32.95 -13.47
N ALA C 477 30.97 -32.92 -12.41
CA ALA C 477 30.81 -33.84 -11.30
C ALA C 477 29.75 -33.34 -10.31
N PRO C 478 29.15 -34.24 -9.55
CA PRO C 478 28.18 -33.80 -8.52
C PRO C 478 28.84 -32.98 -7.43
N GLU C 479 28.09 -32.01 -6.91
CA GLU C 479 28.55 -31.15 -5.84
C GLU C 479 27.33 -30.62 -5.10
N TYR C 481 26.68 -27.59 -3.10
CA TYR C 481 27.06 -26.28 -2.62
C TYR C 481 25.96 -25.59 -1.82
N LEU C 482 24.70 -26.00 -2.02
CA LEU C 482 23.59 -25.55 -1.21
C LEU C 482 22.88 -26.76 -0.61
N TYR C 483 22.27 -26.55 0.55
CA TYR C 483 21.49 -27.61 1.18
C TYR C 483 20.31 -26.99 1.93
N ASP C 484 19.13 -27.57 1.73
CA ASP C 484 17.93 -27.16 2.46
C ASP C 484 17.44 -28.35 3.26
N ALA C 485 17.23 -28.14 4.55
CA ALA C 485 16.71 -29.17 5.43
C ALA C 485 15.20 -29.08 5.63
N GLN C 486 14.57 -27.98 5.21
CA GLN C 486 13.11 -27.90 5.25
C GLN C 486 12.50 -28.71 4.12
N ARG C 487 13.23 -28.90 3.03
CA ARG C 487 12.76 -29.60 1.84
C ARG C 487 13.81 -30.62 1.41
N ALA C 488 13.49 -31.36 0.36
CA ALA C 488 14.48 -32.26 -0.22
C ALA C 488 15.48 -31.46 -1.05
N THR C 489 16.72 -31.92 -1.07
CA THR C 489 17.77 -31.32 -1.88
C THR C 489 18.14 -32.31 -2.97
N VAL C 490 18.00 -31.88 -4.23
CA VAL C 490 18.18 -32.76 -5.37
C VAL C 490 19.25 -32.19 -6.29
N LEU C 491 19.73 -33.03 -7.20
CA LEU C 491 20.73 -32.68 -8.21
C LEU C 491 20.05 -32.84 -9.57
N GLY C 492 19.24 -31.85 -9.95
CA GLY C 492 18.44 -31.93 -11.15
C GLY C 492 19.20 -31.82 -12.46
N GLU C 493 20.52 -31.68 -12.42
CA GLU C 493 21.35 -31.72 -13.63
C GLU C 493 22.81 -31.89 -13.26
N TYR C 494 23.47 -32.86 -13.89
CA TYR C 494 24.90 -33.07 -13.72
C TYR C 494 25.38 -34.01 -14.83
N GLY C 495 26.68 -34.20 -14.90
CA GLY C 495 27.26 -35.13 -15.86
C GLY C 495 27.68 -34.42 -17.15
N GLY C 496 26.95 -34.70 -18.24
CA GLY C 496 27.30 -34.13 -19.52
C GLY C 496 28.61 -34.63 -20.08
N ILE C 497 28.87 -35.93 -19.98
CA ILE C 497 30.12 -36.51 -20.45
C ILE C 497 30.05 -36.68 -21.96
N GLY C 498 30.90 -35.95 -22.68
CA GLY C 498 30.85 -35.92 -24.12
C GLY C 498 31.74 -36.95 -24.79
N LEU C 499 31.32 -37.38 -25.98
CA LEU C 499 32.07 -38.36 -26.75
C LEU C 499 31.62 -38.26 -28.20
N VAL C 500 32.56 -38.01 -29.10
CA VAL C 500 32.26 -37.82 -30.52
C VAL C 500 32.43 -39.15 -31.25
N LEU C 501 31.38 -39.56 -31.97
N LEU C 501 31.36 -39.59 -31.91
CA LEU C 501 31.44 -40.72 -32.86
CA LEU C 501 31.34 -40.83 -32.69
C LEU C 501 31.23 -40.21 -34.29
C LEU C 501 30.97 -40.45 -34.12
N LYS C 502 32.24 -40.40 -35.14
N LYS C 502 31.98 -40.36 -34.98
CA LYS C 502 32.33 -39.63 -36.38
CA LYS C 502 31.74 -39.95 -36.35
C LYS C 502 31.16 -39.89 -37.32
C LYS C 502 30.84 -40.96 -37.06
N ASP C 503 30.62 -41.10 -37.35
N ASP C 503 30.21 -40.50 -38.14
CA ASP C 503 29.59 -41.47 -38.30
CA ASP C 503 29.13 -41.16 -38.86
C ASP C 503 28.18 -41.37 -37.71
C ASP C 503 27.87 -41.28 -38.01
N HIS C 504 28.03 -40.76 -36.54
N HIS C 504 27.85 -40.68 -36.82
CA HIS C 504 26.73 -40.67 -35.89
CA HIS C 504 26.67 -40.67 -35.97
C HIS C 504 26.56 -39.31 -35.22
C HIS C 504 26.44 -39.30 -35.33
N ILE C 505 27.08 -38.25 -35.85
CA ILE C 505 26.97 -36.91 -35.31
C ILE C 505 26.22 -36.02 -36.28
N TRP C 506 25.57 -35.00 -35.74
CA TRP C 506 24.71 -34.11 -36.51
C TRP C 506 25.51 -33.06 -37.29
N GLU C 507 26.66 -32.64 -36.76
CA GLU C 507 27.52 -31.67 -37.41
C GLU C 507 28.97 -32.09 -37.20
N PRO C 508 29.81 -31.94 -38.23
CA PRO C 508 31.21 -32.38 -38.10
C PRO C 508 32.08 -31.47 -37.25
N ASN C 509 31.60 -30.30 -36.84
CA ASN C 509 32.41 -29.36 -36.09
C ASN C 509 31.60 -28.79 -34.93
N ARG C 510 32.29 -28.08 -34.04
CA ARG C 510 31.72 -27.38 -32.89
C ARG C 510 31.08 -28.31 -31.87
N ASN C 511 31.31 -29.62 -31.96
CA ASN C 511 30.76 -30.55 -30.98
C ASN C 511 31.39 -30.30 -29.62
N TRP C 512 30.63 -30.58 -28.56
CA TRP C 512 31.10 -30.25 -27.23
C TRP C 512 30.37 -31.09 -26.18
N GLY C 513 31.08 -31.38 -25.10
CA GLY C 513 30.48 -31.85 -23.88
C GLY C 513 31.07 -31.09 -22.70
N TYR C 514 30.39 -31.20 -21.55
CA TYR C 514 30.91 -30.56 -20.34
C TYR C 514 32.26 -31.15 -19.94
N VAL C 515 32.49 -32.41 -20.27
CA VAL C 515 33.81 -33.02 -20.20
C VAL C 515 33.92 -34.01 -21.36
N GLN C 516 35.09 -34.05 -22.00
CA GLN C 516 35.26 -34.81 -23.23
C GLN C 516 36.28 -35.92 -23.07
N PHE C 517 35.97 -37.07 -23.68
CA PHE C 517 36.87 -38.20 -23.75
C PHE C 517 36.86 -38.75 -25.16
N ASN C 518 37.87 -39.55 -25.48
CA ASN C 518 38.06 -40.05 -26.84
C ASN C 518 37.62 -41.48 -27.05
N SER C 519 37.14 -42.16 -26.01
CA SER C 519 36.69 -43.54 -26.15
C SER C 519 35.50 -43.78 -25.25
N SER C 520 34.76 -44.86 -25.54
CA SER C 520 33.60 -45.21 -24.73
C SER C 520 34.02 -45.72 -23.36
N LYS C 521 35.14 -46.45 -23.29
CA LYS C 521 35.62 -46.95 -22.00
C LYS C 521 36.08 -45.82 -21.10
N GLU C 522 36.72 -44.79 -21.68
CA GLU C 522 37.09 -43.61 -20.89
C GLU C 522 35.85 -42.88 -20.40
N ALA C 523 34.83 -42.74 -21.26
CA ALA C 523 33.62 -42.03 -20.87
C ALA C 523 32.86 -42.78 -19.78
N THR C 524 32.78 -44.10 -19.90
CA THR C 524 32.11 -44.91 -18.89
C THR C 524 32.86 -44.84 -17.56
N ASP C 525 34.20 -44.81 -17.62
CA ASP C 525 34.98 -44.66 -16.39
C ASP C 525 34.60 -43.39 -15.63
N GLU C 526 34.42 -42.29 -16.35
CA GLU C 526 34.06 -41.04 -15.70
C GLU C 526 32.62 -41.06 -15.20
N TYR C 527 31.73 -41.79 -15.88
CA TYR C 527 30.36 -41.91 -15.42
C TYR C 527 30.29 -42.64 -14.09
N VAL C 528 30.95 -43.80 -14.00
CA VAL C 528 30.96 -44.55 -12.74
C VAL C 528 31.63 -43.73 -11.65
N LYS C 529 32.63 -42.94 -12.00
CA LYS C 529 33.28 -42.06 -11.02
C LYS C 529 32.30 -41.03 -10.48
N TYR C 530 31.53 -40.39 -11.36
CA TYR C 530 30.53 -39.43 -10.90
C TYR C 530 29.42 -40.12 -10.12
N ALA C 531 28.97 -41.27 -10.60
CA ALA C 531 27.90 -41.99 -9.90
C ALA C 531 28.34 -42.50 -8.54
N ASP C 532 29.62 -42.90 -8.41
CA ASP C 532 30.12 -43.31 -7.10
C ASP C 532 30.12 -42.15 -6.12
N LEU C 534 28.02 -39.68 -6.27
CA LEU C 534 26.61 -39.40 -6.00
C LEU C 534 26.04 -40.36 -4.97
N TYR C 535 26.42 -41.65 -5.06
CA TYR C 535 25.91 -42.63 -4.11
C TYR C 535 26.34 -42.30 -2.69
N LYS C 536 27.58 -41.86 -2.50
CA LYS C 536 28.03 -41.44 -1.17
C LYS C 536 27.38 -40.16 -0.71
N VAL C 538 24.13 -39.48 -1.08
CA VAL C 538 22.75 -39.73 -0.67
C VAL C 538 22.61 -39.59 0.83
N ASP C 539 23.54 -40.19 1.58
CA ASP C 539 23.54 -40.04 3.03
C ASP C 539 23.96 -38.65 3.48
N ARG C 540 24.56 -37.85 2.58
N ARG C 540 24.56 -37.85 2.59
CA ARG C 540 24.98 -36.50 2.92
CA ARG C 540 24.96 -36.51 2.96
C ARG C 540 23.88 -35.46 2.72
C ARG C 540 23.88 -35.47 2.74
N GLY C 541 22.85 -35.77 1.93
CA GLY C 541 21.77 -34.83 1.74
C GLY C 541 20.97 -34.96 0.47
N PHE C 542 21.57 -35.49 -0.60
CA PHE C 542 20.89 -35.57 -1.88
C PHE C 542 19.80 -36.63 -1.85
N SER C 543 18.64 -36.30 -2.44
CA SER C 543 17.50 -37.20 -2.48
C SER C 543 17.07 -37.60 -3.89
N ALA C 544 17.64 -36.98 -4.92
CA ALA C 544 17.33 -37.30 -6.31
C ALA C 544 18.40 -36.68 -7.20
N ALA C 545 18.62 -37.29 -8.36
CA ALA C 545 19.63 -36.79 -9.28
C ALA C 545 19.18 -37.03 -10.71
N VAL C 546 19.65 -36.16 -11.61
CA VAL C 546 19.32 -36.21 -13.03
C VAL C 546 20.61 -36.16 -13.83
N TYR C 547 20.89 -37.21 -14.61
CA TYR C 547 22.10 -37.25 -15.43
C TYR C 547 21.83 -36.68 -16.82
N THR C 548 22.79 -35.91 -17.32
CA THR C 548 22.70 -35.30 -18.64
C THR C 548 23.61 -36.07 -19.61
N GLN C 549 23.02 -36.65 -20.66
CA GLN C 549 21.58 -36.70 -20.88
C GLN C 549 21.22 -38.02 -21.56
N THR C 550 19.97 -38.16 -21.99
CA THR C 550 19.54 -39.40 -22.61
C THR C 550 20.24 -39.60 -23.96
N THR C 551 20.27 -38.55 -24.78
CA THR C 551 20.70 -38.67 -26.17
C THR C 551 21.48 -37.43 -26.56
N ASP C 552 22.49 -37.61 -27.41
CA ASP C 552 23.11 -36.47 -28.08
C ASP C 552 22.07 -35.67 -28.84
N VAL C 553 22.18 -34.35 -28.79
CA VAL C 553 21.30 -33.46 -29.52
C VAL C 553 22.16 -32.46 -30.28
N GLU C 554 22.19 -32.59 -31.61
CA GLU C 554 22.90 -31.68 -32.50
C GLU C 554 24.37 -31.67 -32.10
N VAL C 555 24.93 -30.54 -31.67
CA VAL C 555 26.35 -30.45 -31.35
C VAL C 555 26.66 -30.79 -29.89
N GLU C 556 25.64 -30.93 -29.05
CA GLU C 556 25.84 -31.32 -27.65
C GLU C 556 25.85 -32.85 -27.62
N VAL C 557 27.06 -33.43 -27.66
CA VAL C 557 27.22 -34.87 -27.81
C VAL C 557 27.57 -35.50 -26.47
N ASN C 558 26.71 -35.31 -25.47
CA ASN C 558 26.96 -35.81 -24.12
C ASN C 558 25.84 -36.72 -23.63
N GLY C 559 25.20 -37.45 -24.55
CA GLY C 559 24.11 -38.32 -24.19
C GLY C 559 24.53 -39.77 -23.99
N LEU C 560 23.61 -40.55 -23.43
CA LEU C 560 23.85 -41.99 -23.31
C LEU C 560 23.85 -42.67 -24.67
N THR C 562 23.80 -41.93 -29.20
CA THR C 562 23.99 -40.95 -30.27
C THR C 562 22.65 -40.37 -30.70
N TYR C 563 22.71 -39.24 -31.41
CA TYR C 563 21.49 -38.55 -31.82
C TYR C 563 20.60 -39.46 -32.67
N ASP C 564 21.20 -40.30 -33.52
CA ASP C 564 20.45 -41.19 -34.38
C ASP C 564 20.03 -42.49 -33.69
N ARG C 565 20.26 -42.61 -32.38
CA ARG C 565 19.86 -43.77 -31.58
C ARG C 565 20.52 -45.07 -32.04
N LYS C 566 21.60 -44.98 -32.82
CA LYS C 566 22.21 -46.18 -33.39
C LYS C 566 23.33 -46.75 -32.53
N VAL C 567 23.96 -45.95 -31.68
CA VAL C 567 25.07 -46.40 -30.84
C VAL C 567 24.79 -46.00 -29.40
N ILE C 568 24.94 -46.96 -28.48
CA ILE C 568 24.90 -46.69 -27.06
C ILE C 568 26.30 -46.27 -26.63
N LYS C 569 26.47 -45.01 -26.24
CA LYS C 569 27.81 -44.46 -26.07
C LYS C 569 28.47 -45.00 -24.81
N LEU C 570 27.73 -45.10 -23.71
CA LEU C 570 28.27 -45.62 -22.47
C LEU C 570 27.97 -47.11 -22.35
N ASP C 571 28.82 -47.82 -21.62
CA ASP C 571 28.63 -49.26 -21.42
C ASP C 571 27.40 -49.49 -20.57
N GLU C 572 26.45 -50.28 -21.08
CA GLU C 572 25.16 -50.42 -20.43
C GLU C 572 25.25 -51.28 -19.18
N LYS C 573 26.10 -52.30 -19.18
CA LYS C 573 26.16 -53.22 -18.06
C LYS C 573 26.73 -52.55 -16.82
N ARG C 574 27.80 -51.76 -16.97
CA ARG C 574 28.40 -51.09 -15.82
C ARG C 574 27.52 -49.96 -15.31
N ALA C 575 26.88 -49.22 -16.22
CA ALA C 575 25.98 -48.16 -15.79
C ALA C 575 24.78 -48.73 -15.05
N LYS C 576 24.20 -49.82 -15.58
CA LYS C 576 23.05 -50.44 -14.92
C LYS C 576 23.41 -50.93 -13.52
N GLU C 577 24.63 -51.42 -13.35
CA GLU C 577 25.07 -51.94 -12.06
C GLU C 577 25.02 -50.87 -10.97
N ILE C 578 25.51 -49.67 -11.28
CA ILE C 578 25.57 -48.61 -10.27
C ILE C 578 24.31 -47.76 -10.25
N ASN C 579 23.63 -47.59 -11.40
CA ASN C 579 22.37 -46.87 -11.40
C ASN C 579 21.34 -47.58 -10.53
N THR C 580 21.29 -48.91 -10.60
CA THR C 580 20.37 -49.66 -9.75
C THR C 580 20.72 -49.50 -8.28
N ARG C 581 22.01 -49.52 -7.95
CA ARG C 581 22.43 -49.33 -6.56
C ARG C 581 22.03 -47.94 -6.05
N ILE C 582 22.07 -46.94 -6.92
CA ILE C 582 21.69 -45.59 -6.50
C ILE C 582 20.18 -45.49 -6.31
N CYS C 583 19.41 -46.21 -7.14
CA CYS C 583 17.95 -46.18 -7.01
C CYS C 583 17.50 -46.83 -5.71
N ASN C 584 18.18 -47.91 -5.29
CA ASN C 584 17.84 -48.62 -4.07
C ASN C 584 18.62 -48.09 -2.86
N SER C 585 19.20 -46.90 -2.97
CA SER C 585 20.07 -46.38 -1.90
C SER C 585 19.30 -46.08 -0.62
N LEU C 586 17.99 -45.85 -0.70
CA LEU C 586 17.20 -45.52 0.48
C LEU C 586 16.32 -46.70 0.93
N LYS C 587 16.70 -47.91 0.57
CA LYS C 587 15.89 -49.09 0.88
C LYS C 587 16.35 -49.74 2.19
N ALA D 3 2.81 65.79 7.71
CA ALA D 3 1.49 65.85 8.33
C ALA D 3 1.53 65.32 9.76
N GLN D 4 0.41 65.46 10.47
CA GLN D 4 0.27 65.01 11.84
C GLN D 4 -0.69 63.83 11.89
N TRP D 5 -0.41 62.88 12.79
CA TRP D 5 -1.16 61.63 12.84
C TRP D 5 -2.65 61.89 13.04
N LYS D 6 -3.46 61.02 12.42
CA LYS D 6 -4.92 61.10 12.46
C LYS D 6 -5.47 59.76 12.00
N PRO D 7 -6.52 59.23 12.62
CA PRO D 7 -7.09 57.97 12.16
C PRO D 7 -7.65 58.09 10.74
N ALA D 8 -7.40 57.06 9.93
CA ALA D 8 -7.79 57.07 8.53
C ALA D 8 -9.16 56.44 8.34
N GLY D 9 -9.79 56.78 7.23
CA GLY D 9 -11.06 56.19 6.85
C GLY D 9 -12.25 56.82 7.55
N ASP D 10 -13.44 56.51 7.02
CA ASP D 10 -14.70 56.99 7.56
C ASP D 10 -15.47 55.89 8.30
N ARG D 11 -14.85 54.75 8.56
CA ARG D 11 -15.54 53.63 9.16
C ARG D 11 -15.81 53.87 10.64
N ILE D 12 -16.69 53.04 11.21
CA ILE D 12 -16.99 53.13 12.63
C ILE D 12 -15.72 52.87 13.43
N LYS D 13 -15.67 53.45 14.63
CA LYS D 13 -14.52 53.31 15.51
C LYS D 13 -15.00 53.08 16.94
N THR D 14 -14.15 52.41 17.72
CA THR D 14 -14.46 52.21 19.12
C THR D 14 -14.28 53.51 19.90
N LYS D 15 -14.71 53.50 21.16
CA LYS D 15 -14.54 54.69 22.00
C LYS D 15 -13.08 54.94 22.34
N TRP D 16 -12.21 53.94 22.19
CA TRP D 16 -10.79 54.10 22.47
C TRP D 16 -10.02 54.69 21.30
N ALA D 17 -10.63 54.77 20.12
CA ALA D 17 -9.93 55.35 18.97
C ALA D 17 -9.62 56.83 19.21
N GLU D 18 -10.56 57.56 19.79
CA GLU D 18 -10.34 58.98 20.09
C GLU D 18 -9.41 59.18 21.29
N GLN D 19 -9.10 58.12 22.04
CA GLN D 19 -8.22 58.22 23.20
C GLN D 19 -6.77 57.92 22.87
N ILE D 20 -6.46 57.55 21.63
CA ILE D 20 -5.10 57.15 21.28
C ILE D 20 -4.19 58.35 21.31
N ASN D 21 -3.05 58.21 22.00
CA ASN D 21 -2.00 59.22 22.01
C ASN D 21 -0.79 58.67 21.25
N PRO D 22 -0.45 59.25 20.10
CA PRO D 22 0.63 58.66 19.28
C PRO D 22 1.98 58.62 19.97
N SER D 23 2.19 59.39 21.02
CA SER D 23 3.44 59.35 21.78
C SER D 23 3.38 58.40 22.97
N ASP D 24 2.32 57.60 23.09
CA ASP D 24 2.19 56.62 24.17
C ASP D 24 1.21 55.53 23.75
N VAL D 25 1.63 54.66 22.85
CA VAL D 25 0.75 53.68 22.21
C VAL D 25 1.01 52.32 22.83
N LEU D 26 -0.05 51.71 23.39
CA LEU D 26 -0.03 50.39 24.00
C LEU D 26 1.18 50.25 24.92
N PRO D 27 1.20 50.96 26.05
CA PRO D 27 2.42 51.03 26.86
C PRO D 27 2.60 49.87 27.83
N GLU D 28 1.63 48.97 27.95
CA GLU D 28 1.71 47.91 28.95
C GLU D 28 2.78 46.89 28.58
N TYR D 29 3.27 46.19 29.61
CA TYR D 29 4.34 45.22 29.42
C TYR D 29 3.88 44.10 28.50
N PRO D 30 4.63 43.79 27.44
CA PRO D 30 4.12 42.88 26.40
C PRO D 30 4.17 41.41 26.75
N ARG D 31 4.79 41.02 27.87
CA ARG D 31 5.04 39.61 28.17
C ARG D 31 4.90 39.35 29.67
N PRO D 32 3.67 39.35 30.18
CA PRO D 32 3.48 39.12 31.62
C PRO D 32 3.94 37.74 32.09
N ILE D 33 3.97 36.75 31.21
CA ILE D 33 4.35 35.40 31.62
C ILE D 33 5.83 35.31 31.99
N GLN D 35 8.51 38.33 33.28
CA GLN D 35 8.71 39.76 33.49
C GLN D 35 10.12 40.04 34.00
N ARG D 36 10.80 40.96 33.32
CA ARG D 36 11.93 41.68 33.88
C ARG D 36 11.54 43.15 34.03
N ASN D 37 12.25 43.85 34.89
CA ASN D 37 11.85 45.21 35.24
C ASN D 37 12.10 46.18 34.08
N ASP D 38 13.27 46.08 33.45
CA ASP D 38 13.72 47.10 32.50
C ASP D 38 13.35 46.72 31.07
N TRP D 39 12.81 47.67 30.34
CA TRP D 39 12.46 47.51 28.93
C TRP D 39 12.18 48.89 28.34
N LYS D 40 12.13 48.96 27.02
CA LYS D 40 11.82 50.20 26.33
C LYS D 40 10.84 49.92 25.19
N ASN D 41 9.73 50.66 25.17
CA ASN D 41 8.70 50.47 24.16
C ASN D 41 9.06 51.26 22.91
N LEU D 42 9.02 50.59 21.76
CA LEU D 42 9.33 51.22 20.48
C LEU D 42 8.09 51.57 19.67
N ASN D 43 6.89 51.41 20.24
CA ASN D 43 5.69 51.83 19.55
C ASN D 43 5.70 53.34 19.33
N GLY D 44 4.93 53.78 18.36
CA GLY D 44 4.81 55.19 18.04
C GLY D 44 4.86 55.40 16.54
N LEU D 45 5.20 56.64 16.16
CA LEU D 45 5.23 57.04 14.75
C LEU D 45 6.58 56.66 14.14
N TRP D 46 6.57 55.68 13.25
CA TRP D 46 7.71 55.34 12.43
C TRP D 46 7.54 55.95 11.03
N ASP D 47 8.66 56.13 10.34
CA ASP D 47 8.61 56.41 8.92
C ASP D 47 8.24 55.14 8.17
N TYR D 48 7.46 55.28 7.10
CA TYR D 48 7.02 54.13 6.33
C TYR D 48 7.03 54.44 4.85
N ALA D 49 7.08 53.38 4.04
CA ALA D 49 7.02 53.51 2.59
C ALA D 49 6.59 52.18 2.01
N ILE D 50 5.66 52.23 1.06
CA ILE D 50 5.21 51.05 0.33
C ILE D 50 5.94 51.01 -1.00
N ILE D 51 6.75 49.97 -1.21
CA ILE D 51 7.61 49.86 -2.37
C ILE D 51 7.21 48.63 -3.18
N ASP D 52 7.70 48.57 -4.41
CA ASP D 52 7.54 47.38 -5.22
C ASP D 52 8.40 46.25 -4.66
N LYS D 53 7.91 45.02 -4.77
CA LYS D 53 8.67 43.86 -4.31
C LYS D 53 9.96 43.74 -5.11
N GLY D 54 11.09 43.83 -4.42
CA GLY D 54 12.38 43.86 -5.06
C GLY D 54 12.92 45.24 -5.33
N GLY D 55 12.22 46.29 -4.90
CA GLY D 55 12.67 47.65 -5.11
C GLY D 55 13.68 48.09 -4.08
N ARG D 56 14.18 49.31 -4.28
N ARG D 56 14.19 49.30 -4.28
CA ARG D 56 15.17 49.89 -3.38
CA ARG D 56 15.19 49.87 -3.38
C ARG D 56 14.52 50.30 -2.07
C ARG D 56 14.54 50.34 -2.08
N ILE D 57 15.24 50.10 -0.97
CA ILE D 57 14.77 50.54 0.34
C ILE D 57 15.09 52.03 0.48
N PRO D 58 14.07 52.89 0.62
CA PRO D 58 14.34 54.34 0.64
C PRO D 58 15.06 54.76 1.91
N THR D 59 15.76 55.88 1.79
CA THR D 59 16.34 56.56 2.95
C THR D 59 15.56 57.81 3.33
N ASP D 60 14.79 58.38 2.40
CA ASP D 60 13.90 59.50 2.66
C ASP D 60 12.45 59.03 2.54
N PHE D 61 11.61 59.48 3.46
CA PHE D 61 10.24 59.00 3.54
C PHE D 61 9.26 60.17 3.51
N GLU D 62 8.07 59.89 3.00
CA GLU D 62 7.04 60.92 2.82
C GLU D 62 5.97 60.89 3.90
N GLY D 63 5.71 59.73 4.51
CA GLY D 63 4.65 59.61 5.50
C GLY D 63 5.11 58.83 6.71
N GLN D 64 4.22 58.75 7.69
CA GLN D 64 4.49 58.05 8.94
C GLN D 64 3.35 57.09 9.23
N ILE D 65 3.67 56.05 10.00
CA ILE D 65 2.69 55.05 10.41
C ILE D 65 2.76 54.89 11.93
N LEU D 66 1.62 54.60 12.53
CA LEU D 66 1.53 54.42 13.98
C LEU D 66 1.72 52.93 14.30
N VAL D 67 2.93 52.58 14.72
CA VAL D 67 3.24 51.22 15.19
C VAL D 67 2.62 51.05 16.56
N PRO D 68 1.98 49.90 16.85
CA PRO D 68 1.86 48.70 16.01
C PRO D 68 0.47 48.48 15.42
N PHE D 69 0.05 49.33 14.50
CA PHE D 69 -1.22 49.16 13.79
C PHE D 69 -0.94 48.85 12.32
N ALA D 70 -1.59 47.83 11.80
CA ALA D 70 -1.33 47.36 10.45
C ALA D 70 -1.62 48.45 9.42
N VAL D 71 -0.97 48.33 8.26
CA VAL D 71 -1.04 49.38 7.24
C VAL D 71 -2.48 49.61 6.79
N GLU D 72 -3.27 48.54 6.71
CA GLU D 72 -4.65 48.66 6.27
C GLU D 72 -5.58 49.24 7.33
N SER D 73 -5.14 49.31 8.59
CA SER D 73 -6.02 49.70 9.67
C SER D 73 -6.21 51.21 9.70
N SER D 74 -7.27 51.62 10.40
CA SER D 74 -7.54 53.05 10.57
C SER D 74 -6.53 53.70 11.49
N LEU D 75 -6.24 53.06 12.63
CA LEU D 75 -5.38 53.65 13.64
C LEU D 75 -3.92 53.76 13.20
N SER D 76 -3.55 53.16 12.08
CA SER D 76 -2.19 53.33 11.57
C SER D 76 -1.94 54.73 11.06
N GLY D 77 -3.00 55.49 10.79
CA GLY D 77 -2.88 56.75 10.10
C GLY D 77 -2.58 56.63 8.63
N VAL D 78 -2.56 55.41 8.08
CA VAL D 78 -2.24 55.16 6.68
C VAL D 78 -3.50 54.67 5.98
N GLY D 79 -3.94 53.46 6.32
CA GLY D 79 -5.15 52.90 5.76
C GLY D 79 -5.05 52.61 4.28
N LYS D 80 -3.99 51.93 3.88
CA LYS D 80 -3.75 51.60 2.48
C LYS D 80 -3.57 50.09 2.32
N ARG D 81 -3.74 49.63 1.09
CA ARG D 81 -3.65 48.21 0.77
C ARG D 81 -2.29 47.88 0.18
N VAL D 82 -1.76 46.72 0.56
CA VAL D 82 -0.47 46.23 0.09
C VAL D 82 -0.71 44.87 -0.56
N ASN D 83 -0.37 44.74 -1.84
CA ASN D 83 -0.59 43.50 -2.56
C ASN D 83 0.65 42.61 -2.46
N GLU D 84 0.59 41.44 -3.10
CA GLU D 84 1.67 40.47 -3.02
C GLU D 84 2.91 40.88 -3.81
N ASN D 85 2.81 41.91 -4.65
CA ASN D 85 3.96 42.42 -5.39
C ASN D 85 4.53 43.69 -4.75
N GLN D 86 4.18 43.96 -3.50
CA GLN D 86 4.65 45.14 -2.80
C GLN D 86 5.27 44.74 -1.47
N GLU D 87 6.12 45.62 -0.94
CA GLU D 87 6.75 45.44 0.35
C GLU D 87 6.58 46.71 1.18
N VAL D 88 6.46 46.53 2.49
CA VAL D 88 6.34 47.63 3.43
C VAL D 88 7.69 47.84 4.12
N ILE D 89 8.11 49.09 4.24
CA ILE D 89 9.38 49.46 4.86
C ILE D 89 9.09 50.33 6.07
N TYR D 90 9.47 49.85 7.25
CA TYR D 90 9.42 50.66 8.46
C TYR D 90 10.81 51.18 8.78
N GLN D 91 10.88 52.41 9.28
CA GLN D 91 12.16 52.96 9.72
C GLN D 91 11.93 53.90 10.89
N ARG D 92 12.81 53.83 11.88
CA ARG D 92 12.78 54.74 13.01
C ARG D 92 14.16 54.76 13.66
N SER D 93 14.41 55.83 14.41
CA SER D 93 15.60 55.94 15.24
C SER D 93 15.26 55.60 16.68
N PHE D 94 16.24 55.13 17.43
CA PHE D 94 16.04 54.80 18.83
C PHE D 94 17.35 54.93 19.58
N GLU D 95 17.26 55.39 20.83
CA GLU D 95 18.40 55.54 21.71
C GLU D 95 18.43 54.41 22.73
N ILE D 96 19.62 53.93 23.05
CA ILE D 96 19.78 52.92 24.10
C ILE D 96 20.06 53.64 25.41
N PRO D 97 19.29 53.37 26.47
CA PRO D 97 19.56 54.02 27.75
C PRO D 97 20.97 53.71 28.26
N SER D 98 21.58 54.71 28.91
CA SER D 98 22.96 54.58 29.34
C SER D 98 23.13 53.51 30.41
N ALA D 99 22.08 53.27 31.22
CA ALA D 99 22.16 52.21 32.22
C ALA D 99 22.19 50.82 31.60
N TRP D 100 21.85 50.70 30.32
CA TRP D 100 21.89 49.41 29.63
C TRP D 100 23.27 49.10 29.06
N ARG D 101 24.26 49.96 29.28
N ARG D 101 24.27 49.95 29.31
CA ARG D 101 25.58 49.75 28.70
CA ARG D 101 25.58 49.76 28.73
C ARG D 101 26.22 48.49 29.26
C ARG D 101 26.24 48.50 29.28
N GLY D 102 26.86 47.72 28.39
CA GLY D 102 27.47 46.45 28.76
C GLY D 102 26.54 45.27 28.70
N LYS D 103 25.23 45.49 28.71
CA LYS D 103 24.24 44.43 28.65
C LYS D 103 23.94 44.06 27.19
N GLN D 104 23.45 42.85 27.01
CA GLN D 104 22.88 42.47 25.72
C GLN D 104 21.52 43.13 25.56
N VAL D 105 21.21 43.55 24.34
CA VAL D 105 19.97 44.24 24.04
C VAL D 105 19.18 43.39 23.05
N LEU D 106 18.03 42.88 23.49
CA LEU D 106 17.16 42.10 22.63
C LEU D 106 16.12 43.00 21.99
N LEU D 107 15.78 42.71 20.74
CA LEU D 107 14.72 43.40 20.02
C LEU D 107 13.54 42.46 19.86
N HIS D 108 12.42 42.80 20.49
CA HIS D 108 11.26 41.91 20.53
C HIS D 108 10.18 42.41 19.57
N PHE D 109 9.62 41.49 18.79
CA PHE D 109 8.43 41.73 17.99
C PHE D 109 7.33 40.81 18.47
N GLY D 110 6.15 41.37 18.73
CA GLY D 110 5.03 40.55 19.14
C GLY D 110 4.47 39.72 18.00
N ALA D 111 4.31 40.33 16.82
CA ALA D 111 3.80 39.66 15.64
C ALA D 111 3.95 40.59 14.43
N VAL D 112 4.41 40.03 13.32
CA VAL D 112 4.52 40.76 12.06
C VAL D 112 4.07 39.84 10.94
N ASP D 113 3.17 40.32 10.09
CA ASP D 113 2.62 39.55 8.98
C ASP D 113 3.15 40.12 7.67
N TRP D 114 3.87 39.30 6.90
CA TRP D 114 4.09 37.89 7.20
C TRP D 114 5.58 37.53 7.27
N LYS D 115 6.36 38.01 6.30
CA LYS D 115 7.80 37.81 6.27
C LYS D 115 8.50 39.10 6.67
N THR D 116 9.45 39.01 7.59
CA THR D 116 10.10 40.17 8.17
C THR D 116 11.61 40.06 8.05
N ASP D 117 12.24 41.16 7.64
CA ASP D 117 13.70 41.29 7.64
C ASP D 117 14.05 42.57 8.38
N VAL D 118 15.00 42.49 9.29
CA VAL D 118 15.30 43.58 10.22
C VAL D 118 16.77 43.97 10.09
N TRP D 119 17.03 45.26 9.94
CA TRP D 119 18.37 45.81 9.92
C TRP D 119 18.52 46.83 11.04
N VAL D 120 19.65 46.79 11.73
CA VAL D 120 20.01 47.79 12.73
C VAL D 120 21.30 48.44 12.27
N ASN D 121 21.23 49.72 11.94
CA ASN D 121 22.37 50.47 11.39
C ASN D 121 22.91 49.78 10.14
N ASP D 122 21.99 49.38 9.26
CA ASP D 122 22.30 48.73 7.99
C ASP D 122 22.97 47.38 8.17
N ILE D 123 22.88 46.80 9.37
CA ILE D 123 23.39 45.47 9.65
C ILE D 123 22.18 44.56 9.86
N LYS D 124 22.09 43.49 9.07
CA LYS D 124 20.97 42.58 9.21
C LYS D 124 21.11 41.78 10.50
N VAL D 125 20.06 41.83 11.33
CA VAL D 125 20.10 41.16 12.62
C VAL D 125 19.26 39.89 12.66
N GLY D 126 18.31 39.73 11.73
CA GLY D 126 17.51 38.52 11.71
C GLY D 126 16.37 38.64 10.74
N SER D 127 15.67 37.52 10.57
CA SER D 127 14.52 37.43 9.70
C SER D 127 13.49 36.51 10.34
N HIS D 128 12.27 36.53 9.82
CA HIS D 128 11.19 35.74 10.40
C HIS D 128 10.05 35.61 9.40
N THR D 129 9.46 34.43 9.34
CA THR D 129 8.24 34.19 8.58
C THR D 129 7.17 33.66 9.52
N GLY D 130 5.95 34.14 9.35
CA GLY D 130 4.85 33.80 10.23
C GLY D 130 4.29 35.03 10.91
N GLY D 131 2.99 35.28 10.73
CA GLY D 131 2.37 36.49 11.20
C GLY D 131 1.69 36.42 12.56
N PHE D 132 1.81 35.30 13.27
CA PHE D 132 1.10 35.12 14.53
C PHE D 132 2.00 34.80 15.71
N THR D 133 3.32 34.70 15.51
CA THR D 133 4.21 34.30 16.59
C THR D 133 5.22 35.38 16.90
N PRO D 134 5.64 35.51 18.15
CA PRO D 134 6.67 36.49 18.49
C PRO D 134 8.06 35.96 18.20
N PHE D 135 8.99 36.90 18.01
CA PHE D 135 10.37 36.56 17.71
C PHE D 135 11.27 37.68 18.23
N SER D 136 12.54 37.31 18.46
CA SER D 136 13.48 38.21 19.10
C SER D 136 14.83 38.12 18.40
N PHE D 137 15.59 39.21 18.46
CA PHE D 137 16.92 39.31 17.88
C PHE D 137 17.87 39.95 18.88
N ASP D 138 19.09 39.42 18.96
CA ASP D 138 20.15 40.05 19.73
C ASP D 138 20.83 41.07 18.82
N ILE D 139 20.56 42.36 19.05
CA ILE D 139 21.04 43.43 18.18
C ILE D 139 22.27 44.12 18.76
N THR D 140 22.90 43.54 19.77
CA THR D 140 23.96 44.25 20.49
C THR D 140 25.17 44.57 19.61
N PRO D 141 25.74 43.64 18.85
CA PRO D 141 26.90 44.00 18.01
C PRO D 141 26.57 45.00 16.91
N ALA D 142 25.30 45.25 16.62
CA ALA D 142 24.92 46.24 15.61
C ALA D 142 24.67 47.62 16.20
N LEU D 143 24.62 47.75 17.53
CA LEU D 143 24.38 49.04 18.15
C LEU D 143 25.58 49.96 17.95
N SER D 144 25.31 51.26 17.92
CA SER D 144 26.35 52.25 17.70
C SER D 144 26.68 52.94 19.02
N ALA D 145 27.97 53.24 19.21
CA ALA D 145 28.39 53.93 20.42
C ALA D 145 28.03 55.41 20.39
N LYS D 146 27.93 56.00 19.19
CA LYS D 146 27.58 57.41 19.09
C LYS D 146 26.15 57.67 19.53
N GLY D 147 25.25 56.72 19.29
CA GLY D 147 23.84 56.90 19.54
C GLY D 147 23.07 57.00 18.24
N ASN D 148 21.77 57.28 18.38
CA ASN D 148 20.86 57.44 17.25
C ASN D 148 20.93 56.24 16.31
N ASN D 149 20.66 55.07 16.88
CA ASN D 149 20.61 53.85 16.08
C ASN D 149 19.43 53.90 15.13
N ARG D 150 19.63 53.36 13.93
CA ARG D 150 18.58 53.31 12.92
C ARG D 150 18.05 51.89 12.82
N LEU D 151 16.72 51.75 12.87
CA LEU D 151 16.05 50.46 12.78
C LEU D 151 15.20 50.44 11.52
N VAL D 152 15.46 49.47 10.64
CA VAL D 152 14.72 49.31 9.40
C VAL D 152 14.10 47.92 9.38
N VAL D 153 12.80 47.86 9.11
CA VAL D 153 12.05 46.61 9.08
C VAL D 153 11.35 46.52 7.74
N LYS D 154 11.72 45.50 6.94
CA LYS D 154 11.07 45.21 5.68
C LYS D 154 10.06 44.08 5.88
N VAL D 155 8.85 44.27 5.36
CA VAL D 155 7.76 43.33 5.55
C VAL D 155 7.15 42.98 4.21
N TRP D 156 6.87 41.69 3.99
CA TRP D 156 6.16 41.21 2.81
C TRP D 156 5.01 40.31 3.26
N ASP D 157 3.86 40.49 2.62
CA ASP D 157 2.67 39.71 2.97
C ASP D 157 1.83 39.46 1.72
N PRO D 158 1.76 38.22 1.24
CA PRO D 158 0.94 37.93 0.05
C PRO D 158 -0.54 37.79 0.35
N THR D 159 -0.93 37.73 1.63
CA THR D 159 -2.31 37.50 2.06
C THR D 159 -2.78 36.19 1.42
N ASP D 160 -3.96 36.14 0.81
CA ASP D 160 -4.48 34.90 0.26
C ASP D 160 -3.87 34.53 -1.09
N ARG D 161 -2.90 35.29 -1.57
CA ARG D 161 -2.14 34.91 -2.77
C ARG D 161 -1.01 33.94 -2.45
N GLY D 162 -0.81 33.61 -1.18
CA GLY D 162 0.15 32.60 -0.79
C GLY D 162 -0.48 31.53 0.05
N PRO D 163 0.26 30.46 0.34
CA PRO D 163 -0.28 29.34 1.13
C PRO D 163 -0.07 29.45 2.64
N GLN D 164 0.60 30.50 3.11
CA GLN D 164 0.93 30.60 4.52
C GLN D 164 -0.33 30.79 5.36
N PRO D 165 -0.25 30.48 6.65
CA PRO D 165 -1.40 30.73 7.54
C PRO D 165 -1.76 32.21 7.55
N ARG D 166 -3.06 32.49 7.44
CA ARG D 166 -3.54 33.85 7.37
C ARG D 166 -4.87 34.10 8.07
N GLY D 167 -5.62 33.05 8.42
CA GLY D 167 -6.88 33.28 9.11
C GLY D 167 -7.93 33.83 8.16
N LYS D 168 -8.63 34.87 8.61
CA LYS D 168 -9.73 35.46 7.85
C LYS D 168 -9.27 36.53 6.86
N GLN D 169 -7.97 36.80 6.76
CA GLN D 169 -7.49 37.83 5.85
C GLN D 169 -7.60 37.38 4.40
N VAL D 170 -8.22 38.22 3.56
CA VAL D 170 -8.27 38.01 2.12
C VAL D 170 -8.09 39.35 1.43
N SER D 171 -7.69 39.30 0.16
CA SER D 171 -7.47 40.53 -0.60
C SER D 171 -8.79 41.20 -0.97
N ARG D 172 -9.87 40.43 -1.14
CA ARG D 172 -11.19 40.95 -1.46
C ARG D 172 -12.17 40.52 -0.36
N PRO D 173 -12.23 41.28 0.74
CA PRO D 173 -13.13 40.90 1.83
C PRO D 173 -14.59 40.88 1.40
N GLU D 174 -15.29 39.81 1.80
CA GLU D 174 -16.69 39.63 1.50
C GLU D 174 -17.22 38.49 2.36
N GLY D 175 -18.47 38.64 2.82
CA GLY D 175 -19.10 37.61 3.64
C GLY D 175 -18.41 37.34 4.96
N ILE D 176 -17.73 36.19 5.06
CA ILE D 176 -17.04 35.81 6.28
C ILE D 176 -15.56 36.19 6.26
N TRP D 177 -15.08 36.77 5.17
CA TRP D 177 -13.66 37.08 5.01
C TRP D 177 -13.47 38.59 5.10
N TYR D 178 -12.39 39.00 5.78
CA TYR D 178 -12.24 40.37 6.25
C TYR D 178 -11.00 41.02 5.65
N THR D 179 -10.77 42.27 6.08
CA THR D 179 -9.69 43.08 5.55
C THR D 179 -8.33 42.42 5.81
N PRO D 180 -7.40 42.49 4.86
CA PRO D 180 -6.06 41.95 5.12
C PRO D 180 -5.34 42.75 6.19
N VAL D 181 -4.37 42.09 6.82
CA VAL D 181 -3.58 42.67 7.91
C VAL D 181 -2.11 42.46 7.56
N THR D 182 -1.42 43.55 7.23
CA THR D 182 -0.03 43.50 6.79
C THR D 182 0.82 44.40 7.67
N GLY D 183 1.98 43.90 8.07
CA GLY D 183 2.95 44.69 8.80
C GLY D 183 2.99 44.36 10.28
N ILE D 184 3.52 45.31 11.04
CA ILE D 184 3.71 45.15 12.48
C ILE D 184 2.40 45.46 13.18
N TRP D 185 1.83 44.47 13.86
CA TRP D 185 0.56 44.64 14.56
C TRP D 185 0.62 44.29 16.03
N GLN D 186 1.81 44.07 16.58
CA GLN D 186 1.99 43.90 18.01
C GLN D 186 3.19 44.73 18.47
N THR D 187 3.25 44.97 19.77
CA THR D 187 4.22 45.92 20.32
C THR D 187 5.66 45.51 20.00
N VAL D 188 6.44 46.48 19.54
CA VAL D 188 7.88 46.32 19.36
C VAL D 188 8.56 46.95 20.57
N TRP D 189 9.55 46.26 21.14
CA TRP D 189 10.18 46.77 22.35
C TRP D 189 11.59 46.21 22.48
N LEU D 190 12.39 46.91 23.28
CA LEU D 190 13.76 46.52 23.56
C LEU D 190 13.89 46.08 25.01
N GLU D 191 14.84 45.19 25.27
CA GLU D 191 15.01 44.62 26.60
C GLU D 191 16.48 44.32 26.88
N PRO D 192 17.03 44.80 27.99
CA PRO D 192 18.40 44.45 28.35
C PRO D 192 18.47 43.17 29.16
N VAL D 193 19.44 42.32 28.81
CA VAL D 193 19.63 41.03 29.47
C VAL D 193 21.12 40.79 29.64
N ALA D 194 21.44 39.87 30.56
CA ALA D 194 22.82 39.47 30.77
C ALA D 194 23.28 38.59 29.61
N GLY D 195 24.60 38.35 29.55
CA GLY D 195 25.15 37.50 28.50
C GLY D 195 24.51 36.13 28.46
N LYS D 196 24.33 35.52 29.62
CA LYS D 196 23.57 34.29 29.77
C LYS D 196 22.25 34.62 30.46
N HIS D 197 21.14 34.37 29.78
CA HIS D 197 19.83 34.77 30.27
C HIS D 197 18.81 33.70 29.94
N ILE D 198 17.67 33.78 30.62
CA ILE D 198 16.56 32.86 30.39
C ILE D 198 15.79 33.36 29.17
N GLU D 199 15.74 32.54 28.12
CA GLU D 199 15.02 32.95 26.92
C GLU D 199 13.53 32.70 27.04
N ASN D 200 13.14 31.61 27.70
CA ASN D 200 11.74 31.21 27.74
C ASN D 200 11.55 30.27 28.92
N LEU D 201 10.35 30.31 29.49
CA LEU D 201 9.96 29.49 30.62
C LEU D 201 8.90 28.48 30.18
N ARG D 202 9.23 27.21 30.26
N ARG D 202 9.24 27.20 30.24
CA ARG D 202 8.29 26.13 29.96
CA ARG D 202 8.30 26.11 29.97
C ARG D 202 7.74 25.62 31.28
C ARG D 202 7.74 25.63 31.29
N ILE D 203 6.50 25.98 31.57
CA ILE D 203 5.85 25.67 32.84
C ILE D 203 4.74 24.66 32.58
N THR D 204 4.83 23.49 33.21
CA THR D 204 3.85 22.43 33.03
C THR D 204 3.44 21.92 34.41
N PRO D 205 2.16 21.97 34.76
CA PRO D 205 1.71 21.42 36.05
C PRO D 205 1.33 19.95 35.94
N ASP D 206 1.30 19.30 37.10
CA ASP D 206 0.86 17.91 37.20
C ASP D 206 0.18 17.74 38.57
N ILE D 207 -1.12 17.97 38.60
CA ILE D 207 -1.86 17.96 39.86
C ILE D 207 -2.00 16.56 40.42
N ASP D 208 -1.83 15.52 39.59
CA ASP D 208 -1.91 14.15 40.08
C ASP D 208 -0.66 13.74 40.84
N ARG D 209 0.49 14.31 40.50
CA ARG D 209 1.72 14.06 41.23
C ARG D 209 2.08 15.22 42.15
N HIS D 210 1.17 16.19 42.32
CA HIS D 210 1.40 17.38 43.16
C HIS D 210 2.71 18.06 42.78
N LEU D 211 2.83 18.38 41.50
CA LEU D 211 4.11 18.78 40.92
C LEU D 211 3.90 19.98 40.01
N LEU D 212 4.89 20.88 40.02
CA LEU D 212 4.98 21.96 39.04
C LEU D 212 6.37 21.90 38.43
N THR D 213 6.43 21.78 37.11
CA THR D 213 7.69 21.63 36.39
C THR D 213 7.99 22.92 35.64
N VAL D 214 9.19 23.46 35.86
CA VAL D 214 9.62 24.70 35.23
C VAL D 214 10.97 24.44 34.58
N LYS D 215 11.02 24.51 33.25
CA LYS D 215 12.26 24.39 32.50
C LYS D 215 12.68 25.78 32.03
N ALA D 216 13.77 26.28 32.58
CA ALA D 216 14.31 27.58 32.18
C ALA D 216 15.20 27.36 30.96
N GLU D 217 14.67 27.67 29.77
CA GLU D 217 15.41 27.52 28.53
C GLU D 217 16.34 28.70 28.36
N LEU D 218 17.65 28.47 28.45
CA LEU D 218 18.64 29.52 28.35
C LEU D 218 19.11 29.69 26.91
N ASN D 219 19.89 30.75 26.68
CA ASN D 219 20.49 30.97 25.37
C ASN D 219 21.82 30.26 25.21
N THR D 220 22.56 30.07 26.30
CA THR D 220 23.77 29.26 26.32
C THR D 220 23.77 28.43 27.60
N ASN D 221 24.60 27.39 27.60
CA ASN D 221 24.61 26.43 28.70
C ASN D 221 26.03 26.18 29.17
N SER D 222 26.21 26.10 30.48
CA SER D 222 27.44 25.65 31.10
C SER D 222 27.10 24.65 32.19
N THR D 223 28.09 23.84 32.56
CA THR D 223 27.87 22.83 33.59
C THR D 223 27.55 23.48 34.94
N SER D 224 28.14 24.63 35.24
CA SER D 224 27.96 25.30 36.51
C SER D 224 26.62 26.03 36.63
N ASP D 225 25.80 26.01 35.59
CA ASP D 225 24.54 26.73 35.62
C ASP D 225 23.61 26.17 36.69
N PHE D 226 22.80 27.06 37.27
CA PHE D 226 21.96 26.72 38.41
C PHE D 226 20.69 27.54 38.35
N VAL D 227 19.54 26.88 38.46
CA VAL D 227 18.24 27.53 38.40
C VAL D 227 17.47 27.22 39.68
N GLU D 228 16.91 28.26 40.29
CA GLU D 228 16.05 28.12 41.47
C GLU D 228 14.69 28.73 41.17
N VAL D 229 13.63 28.00 41.53
CA VAL D 229 12.26 28.44 41.32
C VAL D 229 11.58 28.53 42.67
N ASN D 230 11.05 29.71 42.99
CA ASN D 230 10.29 29.93 44.22
C ASN D 230 8.83 30.19 43.86
N VAL D 231 7.93 29.42 44.47
CA VAL D 231 6.50 29.52 44.22
C VAL D 231 5.85 30.17 45.43
N TYR D 232 5.02 31.18 45.19
CA TYR D 232 4.43 31.99 46.24
C TYR D 232 2.92 31.94 46.16
N ASP D 233 2.28 31.67 47.30
CA ASP D 233 0.84 31.82 47.48
C ASP D 233 0.62 33.21 48.06
N GLY D 234 0.27 34.17 47.20
CA GLY D 234 0.21 35.55 47.62
C GLY D 234 1.60 36.07 47.89
N ASN D 235 1.89 36.36 49.16
CA ASN D 235 3.23 36.76 49.58
C ASN D 235 3.97 35.65 50.32
N GLN D 236 3.33 34.51 50.54
CA GLN D 236 3.89 33.44 51.34
C GLN D 236 4.55 32.41 50.44
N LEU D 237 5.85 32.18 50.65
CA LEU D 237 6.56 31.12 49.93
C LEU D 237 6.03 29.77 50.38
N ILE D 238 5.55 28.96 49.42
CA ILE D 238 4.96 27.67 49.72
C ILE D 238 5.67 26.51 49.06
N ALA D 239 6.61 26.76 48.15
CA ALA D 239 7.30 25.69 47.45
C ALA D 239 8.53 26.25 46.76
N ALA D 240 9.56 25.41 46.63
CA ALA D 240 10.80 25.81 45.99
C ALA D 240 11.42 24.60 45.31
N GLY D 241 12.32 24.87 44.36
CA GLY D 241 13.01 23.82 43.64
C GLY D 241 14.26 24.34 42.99
N LYS D 242 15.28 23.48 42.90
CA LYS D 242 16.57 23.85 42.35
C LYS D 242 17.04 22.76 41.39
N SER D 243 17.79 23.15 40.36
CA SER D 243 18.26 22.21 39.36
C SER D 243 19.60 22.67 38.79
N ILE D 244 20.34 21.69 38.26
CA ILE D 244 21.54 21.92 37.47
C ILE D 244 21.47 21.03 36.24
N ASN D 245 22.52 21.09 35.42
CA ASN D 245 22.67 20.26 34.23
C ASN D 245 21.53 20.45 33.23
N GLY D 246 20.83 21.58 33.28
CA GLY D 246 19.71 21.81 32.39
C GLY D 246 18.46 21.03 32.73
N GLU D 247 18.42 20.35 33.87
CA GLU D 247 17.25 19.59 34.25
C GLU D 247 16.07 20.51 34.49
N PRO D 248 14.86 20.12 34.09
CA PRO D 248 13.67 20.90 34.47
C PRO D 248 13.50 20.88 35.98
N VAL D 249 13.10 22.02 36.54
CA VAL D 249 12.94 22.16 37.98
C VAL D 249 11.62 21.52 38.38
N GLU D 250 11.70 20.43 39.15
CA GLU D 250 10.51 19.80 39.71
C GLU D 250 10.23 20.41 41.07
N VAL D 251 9.12 21.12 41.18
CA VAL D 251 8.74 21.80 42.42
C VAL D 251 7.60 21.02 43.04
N ALA D 252 7.86 20.45 44.22
CA ALA D 252 6.84 19.69 44.93
C ALA D 252 5.79 20.64 45.48
N PRO D 254 2.26 21.68 47.43
CA PRO D 254 1.47 21.15 48.55
C PRO D 254 0.22 20.45 48.06
N GLU D 255 -0.22 19.44 48.82
CA GLU D 255 -1.37 18.65 48.40
C GLU D 255 -2.68 19.42 48.49
N ASN D 256 -2.75 20.44 49.35
CA ASN D 256 -3.91 21.34 49.41
C ASN D 256 -3.80 22.53 48.47
N ALA D 257 -3.08 22.36 47.36
CA ALA D 257 -2.83 23.48 46.46
C ALA D 257 -4.14 23.99 45.85
N LYS D 258 -4.22 25.30 45.70
CA LYS D 258 -5.40 25.92 45.11
C LYS D 258 -5.41 25.68 43.60
N LEU D 259 -6.42 24.96 43.12
CA LEU D 259 -6.51 24.60 41.72
C LEU D 259 -7.20 25.70 40.91
N TRP D 260 -6.76 25.83 39.66
CA TRP D 260 -7.27 26.88 38.78
C TRP D 260 -8.53 26.40 38.06
N SER D 261 -9.51 27.29 37.95
CA SER D 261 -10.76 27.00 37.26
C SER D 261 -11.42 28.32 36.91
N PRO D 262 -12.33 28.32 35.93
CA PRO D 262 -13.04 29.57 35.59
C PRO D 262 -13.77 30.19 36.78
N ASP D 263 -14.29 29.37 37.70
CA ASP D 263 -14.98 29.90 38.88
C ASP D 263 -14.02 30.28 40.00
N SER D 264 -12.76 29.83 39.94
CA SER D 264 -11.77 30.16 40.97
C SER D 264 -10.39 30.15 40.34
N PRO D 265 -10.06 31.19 39.57
CA PRO D 265 -8.80 31.19 38.79
C PRO D 265 -7.60 31.66 39.61
N PHE D 266 -7.21 30.86 40.60
CA PHE D 266 -6.05 31.20 41.41
C PHE D 266 -4.77 31.00 40.62
N LEU D 267 -3.85 31.96 40.76
CA LEU D 267 -2.55 31.91 40.10
C LEU D 267 -1.46 32.04 41.15
N TYR D 268 -0.54 31.08 41.16
CA TYR D 268 0.65 31.17 41.99
C TYR D 268 1.67 32.09 41.33
N THR D 269 2.51 32.70 42.16
CA THR D 269 3.58 33.58 41.68
C THR D 269 4.89 32.81 41.64
N LEU D 270 5.64 32.99 40.54
CA LEU D 270 6.92 32.34 40.35
C LEU D 270 8.03 33.37 40.35
N LYS D 271 9.16 33.00 40.95
CA LYS D 271 10.38 33.80 40.91
C LYS D 271 11.52 32.86 40.54
N VAL D 272 12.01 32.99 39.30
CA VAL D 272 13.02 32.10 38.76
C VAL D 272 14.36 32.84 38.75
N THR D 273 15.40 32.17 39.26
CA THR D 273 16.73 32.74 39.38
C THR D 273 17.73 31.84 38.68
N LEU D 274 18.61 32.45 37.87
CA LEU D 274 19.67 31.73 37.18
C LEU D 274 21.02 32.15 37.77
N LYS D 275 21.82 31.17 38.18
CA LYS D 275 23.12 31.42 38.78
C LYS D 275 24.21 30.79 37.95
N GLU D 276 25.33 31.50 37.82
CA GLU D 276 26.58 30.95 37.31
C GLU D 276 27.48 30.74 38.52
N GLY D 277 27.50 29.51 39.03
CA GLY D 277 28.12 29.26 40.31
C GLY D 277 27.26 29.79 41.43
N ASN D 278 27.81 30.69 42.24
CA ASN D 278 27.06 31.34 43.32
C ASN D 278 26.68 32.77 42.97
N LYS D 279 26.84 33.18 41.71
CA LYS D 279 26.56 34.54 41.27
C LYS D 279 25.24 34.57 40.50
N ILE D 280 24.30 35.41 40.96
CA ILE D 280 23.04 35.58 40.26
C ILE D 280 23.29 36.40 38.99
N VAL D 281 22.91 35.85 37.84
CA VAL D 281 23.08 36.54 36.58
C VAL D 281 21.76 36.95 35.94
N ASP D 282 20.67 36.22 36.18
CA ASP D 282 19.38 36.57 35.62
C ASP D 282 18.29 36.21 36.62
N LYS D 283 17.14 36.87 36.50
CA LYS D 283 16.04 36.68 37.42
C LYS D 283 14.77 37.16 36.75
N VAL D 284 13.77 36.29 36.66
CA VAL D 284 12.51 36.63 36.00
C VAL D 284 11.35 36.28 36.93
N ASP D 285 10.27 37.04 36.78
CA ASP D 285 9.03 36.79 37.50
C ASP D 285 8.01 36.19 36.56
N SER D 286 7.20 35.26 37.08
CA SER D 286 6.20 34.58 36.28
C SER D 286 5.06 34.15 37.21
N TYR D 287 4.06 33.51 36.61
CA TYR D 287 2.94 32.93 37.35
C TYR D 287 2.68 31.52 36.85
N ALA D 288 1.90 30.78 37.62
CA ALA D 288 1.57 29.41 37.26
C ALA D 288 0.25 29.03 37.90
N ALA D 289 -0.42 28.04 37.31
CA ALA D 289 -1.68 27.55 37.81
C ALA D 289 -1.66 26.03 37.85
N ARG D 291 -3.67 23.07 37.22
N ARG D 291 -3.67 23.05 37.22
CA ARG D 291 -4.89 22.67 36.54
CA ARG D 291 -4.89 22.67 36.53
C ARG D 291 -4.59 21.51 35.60
C ARG D 291 -4.58 21.51 35.59
N LYS D 292 -5.63 20.76 35.26
CA LYS D 292 -5.49 19.58 34.40
C LYS D 292 -6.66 19.50 33.44
N TYR D 293 -6.37 19.26 32.17
CA TYR D 293 -7.38 19.01 31.15
C TYR D 293 -7.33 17.55 30.73
N SER D 294 -8.50 16.93 30.59
CA SER D 294 -8.60 15.53 30.22
C SER D 294 -10.02 15.26 29.77
N THR D 295 -10.24 14.03 29.31
CA THR D 295 -11.56 13.53 28.98
C THR D 295 -11.76 12.18 29.67
N ARG D 296 -12.96 11.98 30.24
CA ARG D 296 -13.30 10.73 30.88
C ARG D 296 -14.76 10.43 30.62
N ARG D 297 -15.09 9.13 30.58
CA ARG D 297 -16.47 8.71 30.41
C ARG D 297 -17.18 8.73 31.76
N ASP D 298 -18.35 9.36 31.81
CA ASP D 298 -19.07 9.54 33.06
C ASP D 298 -19.88 8.28 33.38
N ALA D 299 -20.76 8.37 34.37
CA ALA D 299 -21.57 7.23 34.78
C ALA D 299 -22.65 6.88 33.75
N ASN D 300 -23.04 7.83 32.91
CA ASN D 300 -24.05 7.61 31.89
C ASN D 300 -23.45 7.15 30.57
N GLY D 301 -22.15 6.86 30.53
CA GLY D 301 -21.53 6.33 29.34
C GLY D 301 -21.16 7.37 28.29
N ILE D 302 -21.07 8.64 28.67
CA ILE D 302 -20.74 9.72 27.74
C ILE D 302 -19.37 10.28 28.11
N VAL D 303 -18.53 10.46 27.11
CA VAL D 303 -17.19 11.01 27.33
C VAL D 303 -17.32 12.52 27.51
N ARG D 304 -16.88 13.03 28.65
CA ARG D 304 -16.97 14.44 28.98
C ARG D 304 -15.59 15.06 29.02
N LEU D 305 -15.55 16.39 28.81
CA LEU D 305 -14.34 17.14 29.07
C LEU D 305 -14.19 17.33 30.58
N GLU D 306 -12.98 17.12 31.08
CA GLU D 306 -12.72 17.19 32.52
C GLU D 306 -11.69 18.27 32.81
N LEU D 307 -12.01 19.12 33.78
CA LEU D 307 -11.07 20.08 34.35
C LEU D 307 -10.82 19.67 35.80
N ASN D 308 -9.56 19.36 36.13
CA ASN D 308 -9.17 18.94 37.47
C ASN D 308 -9.92 17.66 37.87
N ASN D 309 -9.95 16.69 36.96
CA ASN D 309 -10.52 15.36 37.18
C ASN D 309 -12.01 15.40 37.48
N GLU D 310 -12.68 16.51 37.21
CA GLU D 310 -14.12 16.63 37.33
C GLU D 310 -14.71 17.10 36.02
N ALA D 311 -15.81 16.48 35.62
CA ALA D 311 -16.45 16.82 34.36
C ALA D 311 -16.97 18.25 34.38
N LEU D 312 -16.68 18.99 33.32
CA LEU D 312 -17.11 20.38 33.20
C LEU D 312 -17.54 20.65 31.77
N PHE D 313 -18.74 21.19 31.61
CA PHE D 313 -19.22 21.58 30.28
C PHE D 313 -18.63 22.94 29.93
N GLN D 314 -17.83 22.98 28.87
CA GLN D 314 -17.21 24.23 28.43
C GLN D 314 -18.12 24.92 27.44
N PHE D 315 -18.51 26.15 27.75
CA PHE D 315 -19.45 26.91 26.94
C PHE D 315 -18.94 28.33 26.79
N GLY D 316 -18.78 28.79 25.54
CA GLY D 316 -18.25 30.10 25.30
C GLY D 316 -18.51 30.61 23.90
N PRO D 317 -18.17 31.87 23.67
CA PRO D 317 -18.38 32.47 22.35
C PRO D 317 -17.20 32.26 21.42
N LEU D 318 -17.47 32.39 20.12
CA LEU D 318 -16.42 32.43 19.12
C LEU D 318 -15.87 33.85 19.05
N ASP D 319 -14.59 34.01 19.38
CA ASP D 319 -13.94 35.32 19.39
C ASP D 319 -12.93 35.36 18.24
N GLN D 320 -13.25 36.14 17.21
CA GLN D 320 -12.33 36.27 16.08
C GLN D 320 -11.25 37.31 16.30
N GLY D 321 -11.45 38.23 17.24
CA GLY D 321 -10.44 39.21 17.59
C GLY D 321 -10.19 40.25 16.52
N TRP D 322 -11.26 40.89 16.04
CA TRP D 322 -11.17 41.93 15.03
C TRP D 322 -11.67 43.25 15.60
N TRP D 323 -11.08 44.34 15.12
CA TRP D 323 -11.42 45.68 15.58
C TRP D 323 -11.60 46.60 14.38
N PRO D 324 -12.64 47.43 14.38
CA PRO D 324 -12.86 48.31 13.21
C PRO D 324 -11.77 49.34 13.02
N ASP D 325 -11.09 49.75 14.09
CA ASP D 325 -10.06 50.79 14.01
C ASP D 325 -8.65 50.21 13.97
N GLY D 326 -8.40 49.12 14.69
CA GLY D 326 -7.09 48.51 14.71
C GLY D 326 -6.97 47.14 14.06
N LEU D 327 -8.02 46.65 13.41
CA LEU D 327 -8.04 45.33 12.77
C LEU D 327 -7.63 44.24 13.75
N TYR D 328 -6.45 43.65 13.54
CA TYR D 328 -5.97 42.63 14.47
C TYR D 328 -5.60 43.20 15.83
N THR D 329 -5.29 44.49 15.91
CA THR D 329 -4.73 45.09 17.11
C THR D 329 -5.80 45.83 17.88
N ALA D 330 -5.96 45.49 19.16
CA ALA D 330 -6.87 46.24 20.01
C ALA D 330 -6.31 47.64 20.25
N PRO D 331 -7.14 48.68 20.18
CA PRO D 331 -6.60 50.05 20.30
C PRO D 331 -5.86 50.30 21.61
N THR D 332 -6.44 49.91 22.75
CA THR D 332 -5.78 50.05 24.03
C THR D 332 -5.85 48.72 24.77
N ASP D 333 -5.00 48.59 25.80
CA ASP D 333 -5.06 47.42 26.67
C ASP D 333 -6.41 47.32 27.36
N GLU D 334 -7.03 48.47 27.66
CA GLU D 334 -8.37 48.46 28.24
C GLU D 334 -9.37 47.82 27.29
N ALA D 335 -9.18 48.01 25.97
CA ALA D 335 -10.06 47.41 25.00
C ALA D 335 -9.81 45.91 24.86
N LEU D 336 -8.54 45.51 24.90
CA LEU D 336 -8.21 44.09 24.81
C LEU D 336 -8.85 43.30 25.95
N LEU D 337 -8.93 43.89 27.13
CA LEU D 337 -9.56 43.23 28.27
C LEU D 337 -11.07 43.20 28.15
N TYR D 338 -11.66 44.16 27.43
CA TYR D 338 -13.11 44.33 27.46
C TYR D 338 -13.84 43.12 26.90
N ASP D 339 -13.34 42.56 25.79
CA ASP D 339 -13.98 41.38 25.22
C ASP D 339 -14.01 40.23 26.22
N ILE D 340 -12.91 40.02 26.94
CA ILE D 340 -12.85 38.94 27.91
C ILE D 340 -13.77 39.21 29.09
N GLN D 341 -13.82 40.46 29.55
N GLN D 341 -13.81 40.46 29.56
CA GLN D 341 -14.67 40.79 30.70
CA GLN D 341 -14.66 40.80 30.68
C GLN D 341 -16.14 40.61 30.36
C GLN D 341 -16.13 40.58 30.35
N LYS D 342 -16.56 41.02 29.15
CA LYS D 342 -17.95 40.84 28.75
C LYS D 342 -18.29 39.36 28.58
N THR D 343 -17.32 38.57 28.12
CA THR D 343 -17.53 37.12 28.05
C THR D 343 -17.81 36.55 29.44
N LYS D 344 -17.05 37.01 30.45
CA LYS D 344 -17.30 36.56 31.82
C LYS D 344 -18.64 37.07 32.33
N ASP D 345 -19.00 38.32 31.99
CA ASP D 345 -20.26 38.88 32.42
C ASP D 345 -21.45 38.19 31.78
N PHE D 346 -21.26 37.51 30.65
CA PHE D 346 -22.33 36.80 29.97
C PHE D 346 -22.50 35.37 30.46
N GLY D 347 -21.70 34.93 31.42
CA GLY D 347 -21.86 33.63 32.02
C GLY D 347 -21.06 32.51 31.40
N TYR D 348 -20.23 32.80 30.40
CA TYR D 348 -19.42 31.77 29.77
C TYR D 348 -18.22 31.42 30.64
N ASN D 349 -17.60 30.28 30.31
CA ASN D 349 -16.37 29.85 30.97
C ASN D 349 -15.29 29.48 29.96
N ILE D 351 -13.53 30.42 25.72
CA ILE D 351 -13.46 31.25 24.53
C ILE D 351 -12.73 30.45 23.45
N ARG D 352 -13.31 30.41 22.26
CA ARG D 352 -12.65 29.80 21.11
C ARG D 352 -12.06 30.95 20.27
N LYS D 353 -10.73 31.09 20.33
CA LYS D 353 -10.03 32.13 19.59
C LYS D 353 -9.91 31.67 18.15
N HIS D 354 -10.73 32.24 17.27
CA HIS D 354 -10.95 31.67 15.95
C HIS D 354 -9.81 32.09 15.01
N ILE D 355 -9.16 31.08 14.42
CA ILE D 355 -8.05 31.19 13.47
C ILE D 355 -7.23 32.47 13.66
N LYS D 356 -6.81 32.73 14.89
CA LYS D 356 -5.98 33.89 15.19
C LYS D 356 -5.24 33.63 16.48
N VAL D 357 -4.04 34.19 16.59
CA VAL D 357 -3.26 34.18 17.81
C VAL D 357 -3.21 35.62 18.34
N GLU D 358 -3.57 35.80 19.60
CA GLU D 358 -3.61 37.12 20.20
C GLU D 358 -2.29 37.45 20.87
N PRO D 359 -2.06 38.73 21.20
CA PRO D 359 -0.87 39.08 21.99
C PRO D 359 -0.87 38.39 23.35
N ALA D 360 0.32 38.31 23.94
CA ALA D 360 0.52 37.56 25.18
C ALA D 360 -0.36 38.09 26.31
N ARG D 361 -0.60 39.40 26.36
CA ARG D 361 -1.42 39.96 27.44
C ARG D 361 -2.84 39.41 27.41
N TRP D 362 -3.35 39.11 26.22
CA TRP D 362 -4.71 38.60 26.11
C TRP D 362 -4.85 37.25 26.81
N TYR D 363 -3.85 36.38 26.67
CA TYR D 363 -3.91 35.06 27.30
C TYR D 363 -3.73 35.18 28.81
N THR D 364 -2.88 36.11 29.25
CA THR D 364 -2.74 36.34 30.70
C THR D 364 -4.04 36.84 31.30
N TYR D 365 -4.76 37.69 30.58
CA TYR D 365 -6.07 38.14 31.05
C TYR D 365 -7.05 36.99 31.17
N CYS D 366 -6.95 36.00 30.28
CA CYS D 366 -7.79 34.81 30.42
C CYS D 366 -7.36 33.98 31.63
N ASP D 367 -6.06 33.94 31.91
CA ASP D 367 -5.59 33.24 33.11
C ASP D 367 -6.09 33.93 34.37
N GLN D 368 -6.09 35.26 34.39
CA GLN D 368 -6.47 35.99 35.60
C GLN D 368 -7.98 36.01 35.79
N LEU D 369 -8.75 36.14 34.72
CA LEU D 369 -10.20 36.22 34.84
C LEU D 369 -10.85 34.85 34.93
N GLY D 370 -10.22 33.82 34.39
CA GLY D 370 -10.78 32.48 34.47
C GLY D 370 -11.59 32.09 33.25
N ILE D 371 -10.94 31.99 32.10
CA ILE D 371 -11.59 31.61 30.85
C ILE D 371 -10.75 30.54 30.18
N ILE D 372 -11.35 29.38 29.92
CA ILE D 372 -10.67 28.34 29.16
C ILE D 372 -10.63 28.76 27.69
N VAL D 373 -9.50 28.49 27.03
CA VAL D 373 -9.29 28.94 25.65
C VAL D 373 -9.11 27.73 24.75
N TRP D 374 -9.88 27.70 23.66
CA TRP D 374 -9.65 26.79 22.55
C TRP D 374 -8.85 27.56 21.50
N GLN D 375 -7.60 27.14 21.28
CA GLN D 375 -6.68 27.85 20.40
C GLN D 375 -6.71 27.23 19.01
N ASP D 376 -7.20 27.99 18.03
CA ASP D 376 -7.22 27.53 16.65
C ASP D 376 -5.85 27.72 16.00
N PRO D 378 -4.42 29.13 12.79
CA PRO D 378 -4.88 30.00 11.69
C PRO D 378 -4.82 29.29 10.35
N SER D 379 -5.91 29.39 9.60
CA SER D 379 -6.09 28.63 8.37
C SER D 379 -5.45 29.34 7.18
N GLY D 380 -5.38 28.63 6.07
CA GLY D 380 -4.80 29.18 4.86
C GLY D 380 -4.84 28.16 3.74
N ASP D 381 -4.25 28.55 2.61
CA ASP D 381 -4.10 27.69 1.44
C ASP D 381 -5.45 27.27 0.87
N ARG D 382 -5.43 26.30 -0.05
N ARG D 382 -5.44 26.30 -0.05
CA ARG D 382 -6.63 25.80 -0.70
CA ARG D 382 -6.67 25.84 -0.67
C ARG D 382 -7.38 24.84 0.22
C ARG D 382 -7.35 24.79 0.19
N ASN D 383 -8.55 24.39 -0.21
CA ASN D 383 -9.38 23.51 0.58
C ASN D 383 -9.74 22.25 -0.20
N PRO D 384 -9.96 21.13 0.49
CA PRO D 384 -10.64 19.99 -0.11
C PRO D 384 -12.16 20.21 -0.01
N GLN D 385 -12.91 19.24 -0.51
CA GLN D 385 -14.35 19.26 -0.33
C GLN D 385 -14.69 19.16 1.15
N TRP D 386 -15.62 20.00 1.60
CA TRP D 386 -16.02 20.04 3.00
C TRP D 386 -17.20 19.10 3.20
N GLN D 387 -16.92 17.90 3.71
CA GLN D 387 -17.97 16.95 4.09
C GLN D 387 -18.26 17.18 5.57
N ASN D 388 -19.27 18.02 5.84
CA ASN D 388 -19.52 18.53 7.18
C ASN D 388 -20.48 17.67 8.00
N ARG D 389 -21.21 16.76 7.36
CA ARG D 389 -22.23 15.97 8.05
C ARG D 389 -21.89 14.49 8.17
N LYS D 390 -20.72 14.07 7.67
CA LYS D 390 -20.32 12.67 7.72
C LYS D 390 -18.81 12.59 7.87
N TYR D 391 -18.34 11.38 8.15
CA TYR D 391 -16.90 11.15 8.17
C TYR D 391 -16.34 11.18 6.75
N PHE D 392 -15.15 11.75 6.61
CA PHE D 392 -14.65 12.10 5.29
C PHE D 392 -14.31 10.86 4.47
N ASP D 393 -14.82 10.81 3.24
CA ASP D 393 -14.47 9.77 2.28
C ASP D 393 -14.07 10.35 0.92
N GLY D 394 -13.98 11.67 0.80
CA GLY D 394 -13.67 12.30 -0.46
C GLY D 394 -12.19 12.26 -0.79
N THR D 395 -11.77 13.20 -1.63
CA THR D 395 -10.39 13.26 -2.09
C THR D 395 -9.56 14.11 -1.12
N GLU D 396 -8.47 13.53 -0.63
CA GLU D 396 -7.56 14.28 0.22
C GLU D 396 -6.86 15.37 -0.58
N LYS D 398 -3.68 17.75 -1.36
CA LYS D 398 -2.23 17.60 -1.27
C LYS D 398 -1.59 18.98 -1.25
N ARG D 399 -1.06 19.38 -0.10
CA ARG D 399 -0.31 20.62 -0.02
C ARG D 399 1.05 20.47 -0.71
N SER D 400 1.57 21.60 -1.18
CA SER D 400 2.93 21.61 -1.67
C SER D 400 3.90 21.40 -0.50
N ALA D 401 5.13 21.00 -0.83
CA ALA D 401 6.14 20.80 0.20
C ALA D 401 6.37 22.08 0.99
N GLU D 402 6.31 23.23 0.32
CA GLU D 402 6.50 24.51 1.00
C GLU D 402 5.33 24.83 1.92
N SER D 403 4.11 24.64 1.42
CA SER D 403 2.92 24.96 2.21
C SER D 403 2.83 24.08 3.44
N GLU D 404 3.16 22.79 3.31
CA GLU D 404 3.13 21.89 4.46
C GLU D 404 4.20 22.28 5.47
N ALA D 405 5.37 22.72 4.99
CA ALA D 405 6.43 23.14 5.90
C ALA D 405 6.03 24.38 6.69
N TYR D 406 5.46 25.38 6.02
CA TYR D 406 5.01 26.58 6.72
C TYR D 406 3.97 26.26 7.77
N TYR D 407 3.04 25.35 7.47
CA TYR D 407 2.03 24.98 8.45
C TYR D 407 2.66 24.33 9.67
N ARG D 408 3.46 23.28 9.45
CA ARG D 408 4.05 22.56 10.58
C ARG D 408 4.99 23.45 11.38
N LYS D 409 5.71 24.36 10.71
CA LYS D 409 6.64 25.23 11.43
C LYS D 409 5.89 26.23 12.30
N GLU D 410 4.85 26.85 11.77
CA GLU D 410 4.13 27.86 12.54
C GLU D 410 3.25 27.23 13.61
N TRP D 411 2.69 26.04 13.35
CA TRP D 411 1.88 25.37 14.35
C TRP D 411 2.75 24.98 15.56
N LYS D 412 3.98 24.56 15.31
CA LYS D 412 4.90 24.28 16.41
C LYS D 412 5.27 25.56 17.15
N GLU D 413 5.51 26.65 16.41
CA GLU D 413 5.86 27.91 17.05
C GLU D 413 4.69 28.48 17.84
N ILE D 414 3.45 28.26 17.39
CA ILE D 414 2.30 28.74 18.15
C ILE D 414 2.18 27.98 19.46
N ASP D 416 4.52 26.39 20.98
CA ASP D 416 5.70 26.63 21.80
C ASP D 416 5.55 27.91 22.62
N CYS D 417 5.13 29.01 21.98
CA CYS D 417 5.02 30.28 22.68
C CYS D 417 3.77 30.38 23.54
N LEU D 418 2.81 29.47 23.37
CA LEU D 418 1.58 29.49 24.15
C LEU D 418 1.52 28.36 25.18
N HIS D 419 2.63 27.64 25.37
CA HIS D 419 2.58 26.41 26.16
C HIS D 419 2.29 26.70 27.64
N SER D 420 2.93 27.72 28.20
CA SER D 420 2.87 27.96 29.64
C SER D 420 1.59 28.65 30.09
N TYR D 421 0.61 28.84 29.22
CA TYR D 421 -0.60 29.59 29.58
C TYR D 421 -1.64 28.64 30.15
N PRO D 422 -2.09 28.83 31.39
CA PRO D 422 -3.10 27.92 31.96
C PRO D 422 -4.42 27.92 31.23
N CYS D 423 -4.83 29.05 30.64
CA CYS D 423 -6.18 29.15 30.09
C CYS D 423 -6.38 28.22 28.90
N ILE D 424 -5.32 27.93 28.16
CA ILE D 424 -5.43 27.14 26.93
C ILE D 424 -5.69 25.68 27.28
N GLY D 425 -6.80 25.14 26.78
CA GLY D 425 -7.19 23.78 27.10
C GLY D 425 -7.33 22.86 25.91
N THR D 426 -7.44 23.43 24.71
CA THR D 426 -7.68 22.62 23.52
C THR D 426 -6.99 23.24 22.31
N TRP D 427 -6.22 22.41 21.60
CA TRP D 427 -5.65 22.80 20.32
C TRP D 427 -6.59 22.37 19.19
N VAL D 428 -6.76 23.25 18.22
CA VAL D 428 -7.64 23.01 17.08
C VAL D 428 -6.83 23.25 15.80
N PRO D 429 -6.27 22.20 15.21
CA PRO D 429 -5.43 22.38 14.02
C PRO D 429 -6.19 22.85 12.78
N PHE D 430 -7.47 22.50 12.63
CA PHE D 430 -8.19 22.83 11.41
C PHE D 430 -9.61 23.27 11.73
N ASN D 431 -10.23 23.92 10.74
CA ASN D 431 -11.59 24.44 10.88
C ASN D 431 -12.28 24.40 9.52
N GLU D 432 -13.36 23.62 9.42
CA GLU D 432 -14.22 23.58 8.24
C GLU D 432 -13.43 23.30 6.97
N ALA D 433 -12.48 22.38 7.07
CA ALA D 433 -11.66 21.89 5.96
C ALA D 433 -10.80 22.98 5.33
N TRP D 434 -10.61 24.12 5.99
CA TRP D 434 -9.78 25.20 5.45
C TRP D 434 -8.32 24.79 5.53
N GLY D 435 -7.73 24.49 4.38
CA GLY D 435 -6.35 24.02 4.34
C GLY D 435 -6.13 22.68 5.02
N GLN D 436 -7.20 21.90 5.20
CA GLN D 436 -7.10 20.67 5.96
C GLN D 436 -6.34 19.62 5.17
N PHE D 437 -5.39 18.95 5.84
CA PHE D 437 -4.56 17.94 5.22
C PHE D 437 -3.92 17.10 6.31
N LYS D 438 -3.76 15.80 6.03
CA LYS D 438 -3.11 14.87 6.95
C LYS D 438 -3.66 15.01 8.37
N THR D 439 -4.99 15.04 8.47
CA THR D 439 -5.64 15.38 9.73
C THR D 439 -5.22 14.43 10.84
N VAL D 440 -5.22 13.12 10.57
CA VAL D 440 -4.86 12.15 11.59
C VAL D 440 -3.41 12.31 12.03
N GLU D 441 -2.51 12.55 11.07
CA GLU D 441 -1.10 12.72 11.41
C GLU D 441 -0.89 14.00 12.22
N ILE D 442 -1.56 15.10 11.82
CA ILE D 442 -1.41 16.36 12.55
C ILE D 442 -1.98 16.25 13.95
N ALA D 443 -3.14 15.59 14.08
CA ALA D 443 -3.75 15.45 15.40
C ALA D 443 -2.89 14.60 16.33
N GLU D 444 -2.29 13.53 15.79
CA GLU D 444 -1.43 12.69 16.62
C GLU D 444 -0.14 13.42 16.98
N TRP D 445 0.41 14.21 16.05
CA TRP D 445 1.58 15.01 16.37
C TRP D 445 1.26 16.05 17.42
N THR D 446 0.08 16.68 17.33
CA THR D 446 -0.30 17.71 18.29
C THR D 446 -0.44 17.12 19.69
N LYS D 447 -1.11 15.97 19.81
CA LYS D 447 -1.30 15.37 21.13
C LYS D 447 0.02 14.88 21.71
N GLN D 448 0.90 14.34 20.86
N GLN D 448 0.88 14.32 20.85
N GLN D 448 0.90 14.33 20.86
CA GLN D 448 2.19 13.87 21.34
CA GLN D 448 2.21 13.87 21.31
CA GLN D 448 2.20 13.87 21.34
C GLN D 448 3.12 15.02 21.70
C GLN D 448 3.07 15.05 21.75
C GLN D 448 3.08 15.04 21.75
N TYR D 449 2.98 16.17 21.03
CA TYR D 449 3.83 17.31 21.34
C TYR D 449 3.42 17.98 22.64
N ASP D 450 2.12 18.06 22.91
CA ASP D 450 1.61 18.64 24.16
C ASP D 450 0.49 17.77 24.68
N PRO D 451 0.80 16.72 25.43
CA PRO D 451 -0.26 15.84 25.96
C PRO D 451 -1.12 16.50 27.04
N THR D 452 -0.74 17.66 27.55
CA THR D 452 -1.50 18.30 28.62
C THR D 452 -2.76 19.00 28.12
N ARG D 453 -2.94 19.13 26.80
CA ARG D 453 -4.10 19.77 26.22
C ARG D 453 -4.92 18.75 25.43
N LEU D 454 -6.18 19.09 25.20
CA LEU D 454 -7.04 18.28 24.35
C LEU D 454 -6.84 18.68 22.88
N VAL D 455 -7.22 17.78 21.98
CA VAL D 455 -7.02 17.97 20.55
C VAL D 455 -8.37 17.88 19.86
N ASN D 456 -8.79 19.00 19.25
CA ASN D 456 -9.95 19.05 18.36
C ASN D 456 -9.42 18.94 16.93
N PRO D 457 -9.49 17.77 16.29
CA PRO D 457 -8.75 17.58 15.03
C PRO D 457 -9.17 18.52 13.92
N ALA D 458 -10.47 18.74 13.75
CA ALA D 458 -10.95 19.62 12.68
C ALA D 458 -12.34 20.11 13.10
N SER D 459 -12.41 21.36 13.54
CA SER D 459 -13.67 21.93 13.99
C SER D 459 -14.67 21.98 12.85
N GLY D 460 -15.77 21.24 12.99
CA GLY D 460 -16.79 21.23 11.97
C GLY D 460 -16.47 20.41 10.75
N GLY D 461 -15.40 19.62 10.76
CA GLY D 461 -15.01 18.84 9.62
C GLY D 461 -13.71 19.37 9.00
N ASN D 462 -13.10 18.52 8.17
CA ASN D 462 -13.60 17.18 7.86
C ASN D 462 -13.32 16.20 9.00
N HIS D 463 -14.27 15.30 9.23
CA HIS D 463 -14.27 14.45 10.41
C HIS D 463 -13.45 13.18 10.19
N TYR D 464 -12.58 12.89 11.13
CA TYR D 464 -11.80 11.65 11.13
C TYR D 464 -11.83 11.07 12.55
N THR D 465 -11.83 9.74 12.63
CA THR D 465 -11.82 9.06 13.92
C THR D 465 -10.44 9.21 14.55
N CYS D 466 -10.20 10.38 15.13
CA CYS D 466 -8.94 10.68 15.80
C CYS D 466 -9.16 11.85 16.75
N GLY D 467 -8.10 12.21 17.47
CA GLY D 467 -8.19 13.31 18.41
C GLY D 467 -8.97 12.94 19.65
N ASP D 468 -9.22 13.97 20.47
CA ASP D 468 -9.94 13.81 21.73
C ASP D 468 -11.43 14.08 21.60
N LEU D 470 -15.07 14.99 18.76
CA LEU D 470 -15.74 15.22 17.49
C LEU D 470 -16.45 16.57 17.54
N ASP D 471 -16.17 17.43 16.57
CA ASP D 471 -16.67 18.80 16.57
C ASP D 471 -17.66 18.97 15.43
N LEU D 472 -18.89 19.36 15.77
CA LEU D 472 -19.93 19.62 14.78
C LEU D 472 -20.21 21.12 14.71
N HIS D 473 -20.45 21.61 13.49
CA HIS D 473 -20.98 22.94 13.26
C HIS D 473 -22.40 22.82 12.74
N ASN D 474 -23.28 23.70 13.21
CA ASN D 474 -24.64 23.72 12.68
C ASN D 474 -25.22 25.11 12.88
N TYR D 475 -25.84 25.65 11.83
CA TYR D 475 -26.44 26.97 11.87
C TYR D 475 -27.88 26.91 11.37
N PRO D 476 -28.80 27.61 12.04
CA PRO D 476 -28.51 28.42 13.23
C PRO D 476 -28.61 27.66 14.56
N ALA D 477 -29.53 26.69 14.63
CA ALA D 477 -29.84 26.01 15.87
C ALA D 477 -28.88 24.85 16.11
N PRO D 478 -28.72 24.43 17.36
CA PRO D 478 -27.91 23.24 17.64
C PRO D 478 -28.54 21.99 17.05
N GLU D 479 -27.69 21.01 16.76
CA GLU D 479 -28.14 19.75 16.18
C GLU D 479 -27.03 18.72 16.33
N TYR D 481 -26.25 15.68 14.55
CA TYR D 481 -26.38 14.78 13.43
C TYR D 481 -25.28 13.71 13.38
N LEU D 482 -24.23 13.86 14.19
CA LEU D 482 -23.12 12.92 14.18
C LEU D 482 -22.59 12.81 15.59
N TYR D 483 -22.32 11.57 16.03
CA TYR D 483 -21.86 11.33 17.39
C TYR D 483 -20.78 10.25 17.39
N ASP D 484 -19.71 10.49 18.14
CA ASP D 484 -18.62 9.55 18.31
C ASP D 484 -18.64 9.08 19.76
N ALA D 485 -19.01 7.82 19.97
CA ALA D 485 -19.09 7.27 21.33
C ALA D 485 -17.71 7.03 21.93
N GLN D 486 -16.66 6.96 21.11
CA GLN D 486 -15.32 6.73 21.64
C GLN D 486 -14.66 8.01 22.14
N ARG D 487 -15.23 9.17 21.86
CA ARG D 487 -14.65 10.45 22.24
C ARG D 487 -15.75 11.37 22.74
N ALA D 488 -15.38 12.60 23.05
CA ALA D 488 -16.37 13.62 23.35
C ALA D 488 -16.90 14.21 22.05
N THR D 489 -18.17 14.62 22.07
CA THR D 489 -18.81 15.24 20.93
C THR D 489 -19.22 16.65 21.32
N VAL D 490 -18.70 17.63 20.59
CA VAL D 490 -18.87 19.04 20.94
C VAL D 490 -19.52 19.78 19.79
N LEU D 491 -20.03 20.97 20.08
CA LEU D 491 -20.68 21.84 19.12
C LEU D 491 -19.83 23.11 18.99
N GLY D 492 -18.77 23.01 18.20
CA GLY D 492 -17.80 24.07 18.11
C GLY D 492 -18.22 25.30 17.34
N GLU D 493 -19.44 25.32 16.82
CA GLU D 493 -19.98 26.51 16.15
C GLU D 493 -21.49 26.39 15.97
N TYR D 494 -22.24 27.36 16.50
CA TYR D 494 -23.68 27.41 16.30
C TYR D 494 -24.15 28.82 16.60
N GLY D 495 -25.40 29.10 16.23
CA GLY D 495 -26.02 30.38 16.52
C GLY D 495 -25.94 31.37 15.37
N GLY D 496 -25.11 32.40 15.51
CA GLY D 496 -24.99 33.39 14.45
C GLY D 496 -26.25 34.22 14.27
N ILE D 497 -26.88 34.61 15.38
CA ILE D 497 -28.11 35.39 15.29
C ILE D 497 -27.77 36.81 14.90
N GLY D 498 -28.26 37.24 13.74
CA GLY D 498 -27.92 38.53 13.18
C GLY D 498 -28.90 39.63 13.58
N LEU D 499 -28.35 40.83 13.76
CA LEU D 499 -29.15 42.00 14.10
C LEU D 499 -28.40 43.24 13.63
N VAL D 500 -29.02 44.03 12.77
CA VAL D 500 -28.39 45.20 12.18
C VAL D 500 -28.76 46.43 13.01
N LEU D 501 -27.75 47.10 13.56
N LEU D 501 -27.77 47.04 13.63
CA LEU D 501 -27.92 48.41 14.20
CA LEU D 501 -27.95 48.25 14.43
C LEU D 501 -27.32 49.47 13.28
C LEU D 501 -27.24 49.38 13.68
N LYS D 502 -28.14 50.46 12.93
N LYS D 502 -28.03 50.18 12.98
CA LYS D 502 -27.80 51.34 11.81
CA LYS D 502 -27.46 51.30 12.23
C LYS D 502 -26.56 52.19 12.10
C LYS D 502 -26.70 52.22 13.18
N ASP D 503 -26.46 52.72 13.32
N ASP D 503 -25.78 53.00 12.59
CA ASP D 503 -25.36 53.62 13.66
CA ASP D 503 -24.81 53.86 13.24
C ASP D 503 -24.09 52.90 14.07
C ASP D 503 -23.75 53.04 13.99
N HIS D 504 -24.06 51.57 14.05
N HIS D 504 -23.74 51.71 13.84
CA HIS D 504 -22.90 50.81 14.51
CA HIS D 504 -22.77 50.85 14.51
C HIS D 504 -22.65 49.60 13.60
C HIS D 504 -22.39 49.67 13.63
N ILE D 505 -22.42 49.86 12.31
CA ILE D 505 -22.10 48.80 11.36
C ILE D 505 -20.97 49.24 10.44
N TRP D 506 -20.30 48.24 9.86
CA TRP D 506 -19.13 48.49 9.02
C TRP D 506 -19.53 49.09 7.69
N GLU D 507 -20.50 48.47 7.01
CA GLU D 507 -21.02 48.97 5.75
C GLU D 507 -22.54 49.03 5.82
N PRO D 508 -23.16 49.91 5.02
CA PRO D 508 -24.63 50.00 5.07
C PRO D 508 -25.34 48.82 4.42
N ASN D 509 -24.71 48.15 3.47
CA ASN D 509 -25.36 47.09 2.71
C ASN D 509 -24.65 45.76 2.91
N ARG D 510 -25.31 44.70 2.44
CA ARG D 510 -24.79 43.34 2.41
C ARG D 510 -24.55 42.76 3.80
N ASN D 511 -25.12 43.37 4.84
CA ASN D 511 -25.07 42.80 6.18
C ASN D 511 -25.90 41.52 6.24
N TRP D 512 -25.43 40.57 7.04
CA TRP D 512 -26.06 39.26 7.07
C TRP D 512 -25.83 38.57 8.40
N GLY D 513 -26.78 37.72 8.78
CA GLY D 513 -26.58 36.75 9.83
C GLY D 513 -27.15 35.42 9.39
N TYR D 514 -26.81 34.37 10.15
CA TYR D 514 -27.38 33.06 9.85
C TYR D 514 -28.89 33.07 10.04
N VAL D 515 -29.38 33.88 10.99
CA VAL D 515 -30.79 34.27 11.06
C VAL D 515 -30.82 35.75 11.38
N GLN D 516 -31.82 36.46 10.85
CA GLN D 516 -31.92 37.91 10.99
C GLN D 516 -33.18 38.28 11.75
N PHE D 517 -33.03 39.18 12.71
CA PHE D 517 -34.13 39.73 13.49
C PHE D 517 -34.04 41.25 13.48
N ASN D 518 -35.07 41.91 14.01
CA ASN D 518 -35.21 43.35 13.90
C ASN D 518 -35.07 44.09 15.22
N SER D 519 -34.93 43.38 16.34
CA SER D 519 -34.76 44.05 17.63
C SER D 519 -33.94 43.16 18.56
N SER D 520 -33.40 43.78 19.60
CA SER D 520 -32.67 43.03 20.63
C SER D 520 -33.58 42.03 21.34
N LYS D 521 -34.87 42.36 21.48
CA LYS D 521 -35.79 41.46 22.15
C LYS D 521 -35.97 40.16 21.36
N GLU D 522 -36.21 40.28 20.05
CA GLU D 522 -36.40 39.09 19.22
C GLU D 522 -35.13 38.24 19.16
N ALA D 523 -33.97 38.89 19.04
CA ALA D 523 -32.72 38.15 18.97
C ALA D 523 -32.42 37.44 20.28
N THR D 524 -32.70 38.09 21.41
CA THR D 524 -32.48 37.45 22.71
C THR D 524 -33.43 36.28 22.91
N ASP D 525 -34.67 36.40 22.42
CA ASP D 525 -35.61 35.28 22.50
C ASP D 525 -35.06 34.07 21.75
N GLU D 526 -34.54 34.28 20.54
CA GLU D 526 -34.00 33.18 19.76
C GLU D 526 -32.74 32.59 20.38
N TYR D 527 -31.94 33.43 21.06
CA TYR D 527 -30.75 32.92 21.74
C TYR D 527 -31.14 31.98 22.88
N VAL D 528 -32.07 32.40 23.73
CA VAL D 528 -32.53 31.54 24.81
C VAL D 528 -33.17 30.27 24.26
N LYS D 529 -33.84 30.37 23.11
CA LYS D 529 -34.43 29.20 22.49
C LYS D 529 -33.34 28.21 22.05
N TYR D 530 -32.27 28.71 21.43
CA TYR D 530 -31.17 27.83 21.06
C TYR D 530 -30.43 27.31 22.29
N ALA D 531 -30.27 28.17 23.30
CA ALA D 531 -29.58 27.75 24.52
C ALA D 531 -30.41 26.75 25.32
N ASP D 532 -31.73 26.87 25.30
CA ASP D 532 -32.57 25.89 25.98
C ASP D 532 -32.44 24.52 25.32
N LEU D 534 -29.79 23.50 23.75
CA LEU D 534 -28.44 23.04 24.07
C LEU D 534 -28.38 22.43 25.46
N TYR D 535 -29.08 23.01 26.43
CA TYR D 535 -29.04 22.50 27.79
C TYR D 535 -29.60 21.08 27.87
N LYS D 536 -30.72 20.84 27.20
CA LYS D 536 -31.29 19.49 27.17
C LYS D 536 -30.38 18.52 26.43
N VAL D 538 -27.16 18.43 26.58
CA VAL D 538 -25.94 18.13 27.34
C VAL D 538 -25.94 16.68 27.80
N ASP D 539 -27.05 16.21 28.36
CA ASP D 539 -27.18 14.82 28.78
C ASP D 539 -27.42 13.87 27.61
N ARG D 540 -27.58 14.40 26.40
CA ARG D 540 -27.76 13.58 25.20
C ARG D 540 -26.46 13.26 24.49
N GLY D 541 -25.38 13.97 24.80
CA GLY D 541 -24.09 13.63 24.22
C GLY D 541 -23.17 14.81 23.96
N PHE D 542 -23.70 16.02 24.07
CA PHE D 542 -22.87 17.21 23.87
C PHE D 542 -22.12 17.55 25.15
N SER D 543 -20.81 17.76 25.02
CA SER D 543 -19.96 18.06 26.16
C SER D 543 -19.38 19.46 26.13
N ALA D 544 -19.50 20.18 25.02
CA ALA D 544 -19.04 21.56 24.93
C ALA D 544 -19.72 22.22 23.74
N ALA D 545 -19.77 23.54 23.76
CA ALA D 545 -20.43 24.29 22.71
C ALA D 545 -19.80 25.66 22.56
N VAL D 546 -19.84 26.18 21.34
CA VAL D 546 -19.30 27.49 21.01
C VAL D 546 -20.38 28.28 20.27
N TYR D 547 -20.76 29.43 20.81
CA TYR D 547 -21.76 30.29 20.17
C TYR D 547 -21.09 31.34 19.30
N THR D 548 -21.68 31.58 18.13
CA THR D 548 -21.18 32.56 17.17
C THR D 548 -22.04 33.82 17.24
N GLN D 549 -21.41 34.96 17.54
CA GLN D 549 -20.02 35.06 17.95
C GLN D 549 -19.88 36.17 18.99
N THR D 550 -18.64 36.53 19.32
CA THR D 550 -18.42 37.55 20.34
C THR D 550 -18.91 38.92 19.89
N THR D 551 -18.41 39.41 18.75
CA THR D 551 -18.79 40.70 18.23
C THR D 551 -19.16 40.58 16.76
N ASP D 552 -19.89 41.57 16.26
CA ASP D 552 -20.01 41.74 14.82
C ASP D 552 -18.62 41.98 14.24
N VAL D 553 -18.40 41.48 13.03
CA VAL D 553 -17.15 41.73 12.32
C VAL D 553 -17.52 42.07 10.88
N GLU D 554 -17.29 43.33 10.50
CA GLU D 554 -17.62 43.83 9.16
C GLU D 554 -19.07 43.54 8.81
N VAL D 555 -19.31 42.83 7.71
CA VAL D 555 -20.68 42.59 7.27
C VAL D 555 -21.38 41.47 8.03
N GLU D 556 -20.63 40.64 8.75
CA GLU D 556 -21.23 39.58 9.56
C GLU D 556 -21.67 40.17 10.89
N VAL D 557 -22.94 40.55 10.98
CA VAL D 557 -23.46 41.26 12.15
C VAL D 557 -24.23 40.30 13.05
N ASN D 558 -23.55 39.27 13.55
CA ASN D 558 -24.20 38.24 14.34
C ASN D 558 -23.51 38.03 15.69
N GLY D 559 -22.87 39.08 16.21
CA GLY D 559 -22.15 38.97 17.46
C GLY D 559 -22.98 39.41 18.66
N LEU D 560 -22.44 39.13 19.85
CA LEU D 560 -23.06 39.61 21.07
C LEU D 560 -22.91 41.11 21.22
N THR D 562 -21.71 44.98 19.08
CA THR D 562 -21.45 45.61 17.80
C THR D 562 -19.95 45.59 17.51
N TYR D 563 -19.60 45.82 16.25
CA TYR D 563 -18.20 45.76 15.85
C TYR D 563 -17.37 46.79 16.62
N ASP D 564 -17.95 47.96 16.88
CA ASP D 564 -17.26 49.01 17.62
C ASP D 564 -17.37 48.86 19.13
N ARG D 565 -17.87 47.72 19.61
CA ARG D 565 -18.00 47.41 21.03
C ARG D 565 -18.87 48.41 21.78
N LYS D 566 -19.68 49.20 21.07
CA LYS D 566 -20.44 50.26 21.70
C LYS D 566 -21.81 49.84 22.18
N VAL D 567 -22.38 48.76 21.64
CA VAL D 567 -23.71 48.31 22.00
C VAL D 567 -23.68 46.81 22.27
N ILE D 568 -24.23 46.41 23.41
CA ILE D 568 -24.45 45.00 23.71
C ILE D 568 -25.76 44.58 23.05
N LYS D 569 -25.68 43.77 22.01
CA LYS D 569 -26.83 43.52 21.14
C LYS D 569 -27.87 42.62 21.79
N LEU D 570 -27.45 41.66 22.62
CA LEU D 570 -28.36 40.75 23.29
C LEU D 570 -28.50 41.14 24.76
N ASP D 571 -29.63 40.76 25.35
CA ASP D 571 -29.86 41.08 26.76
C ASP D 571 -28.89 40.28 27.63
N GLU D 572 -28.07 40.99 28.41
CA GLU D 572 -27.03 40.33 29.18
C GLU D 572 -27.60 39.51 30.34
N LYS D 573 -28.63 40.04 31.01
CA LYS D 573 -29.17 39.35 32.18
C LYS D 573 -29.84 38.04 31.78
N ARG D 574 -30.57 38.02 30.66
CA ARG D 574 -31.22 36.80 30.23
C ARG D 574 -30.20 35.79 29.70
N ALA D 575 -29.18 36.27 29.00
CA ALA D 575 -28.15 35.36 28.49
C ALA D 575 -27.32 34.79 29.63
N LYS D 576 -26.92 35.63 30.59
CA LYS D 576 -26.13 35.16 31.72
C LYS D 576 -26.89 34.10 32.52
N GLU D 577 -28.21 34.25 32.62
CA GLU D 577 -29.00 33.31 33.42
C GLU D 577 -28.97 31.91 32.82
N ILE D 578 -29.05 31.82 31.49
CA ILE D 578 -29.07 30.50 30.84
C ILE D 578 -27.66 30.00 30.56
N ASN D 579 -26.71 30.90 30.25
CA ASN D 579 -25.34 30.47 30.02
C ASN D 579 -24.71 29.89 31.27
N THR D 580 -25.06 30.43 32.44
CA THR D 580 -24.55 29.89 33.69
C THR D 580 -25.12 28.50 33.96
N ARG D 581 -26.39 28.29 33.62
CA ARG D 581 -26.99 26.97 33.79
C ARG D 581 -26.35 25.93 32.88
N ILE D 582 -25.86 26.35 31.71
CA ILE D 582 -25.22 25.41 30.79
C ILE D 582 -23.80 25.09 31.25
N CYS D 583 -23.10 26.08 31.81
CA CYS D 583 -21.75 25.84 32.30
C CYS D 583 -21.73 24.89 33.49
N ASN D 584 -22.79 24.90 34.30
CA ASN D 584 -22.90 24.01 35.45
C ASN D 584 -23.80 22.81 35.17
N SER D 585 -23.96 22.44 33.89
CA SER D 585 -24.86 21.35 33.55
C SER D 585 -24.32 20.01 34.01
N LEU D 586 -23.01 19.81 33.95
CA LEU D 586 -22.39 18.56 34.39
C LEU D 586 -21.98 18.58 35.85
N LYS D 587 -22.39 19.61 36.61
CA LYS D 587 -22.07 19.67 38.03
C LYS D 587 -22.75 18.52 38.77
N LYS D 588 -22.00 17.86 39.64
CA LYS D 588 -22.54 16.72 40.39
C LYS D 588 -22.78 17.07 41.86
N ALA E 3 -59.56 15.48 -26.34
CA ALA E 3 -59.05 16.64 -27.06
C ALA E 3 -58.34 16.22 -28.35
N GLN E 4 -57.91 17.22 -29.13
N GLN E 4 -57.92 17.22 -29.13
CA GLN E 4 -57.20 16.99 -30.38
CA GLN E 4 -57.20 16.99 -30.37
C GLN E 4 -55.75 17.41 -30.23
C GLN E 4 -55.74 17.38 -30.19
N TRP E 5 -54.84 16.60 -30.76
CA TRP E 5 -53.42 16.89 -30.64
C TRP E 5 -53.06 18.15 -31.41
N LYS E 6 -52.40 19.08 -30.73
CA LYS E 6 -51.78 20.25 -31.35
C LYS E 6 -50.47 20.51 -30.61
N PRO E 7 -49.46 20.99 -31.31
CA PRO E 7 -48.19 21.34 -30.64
C PRO E 7 -48.42 22.39 -29.56
N ALA E 8 -47.86 22.14 -28.39
CA ALA E 8 -48.05 23.01 -27.23
C ALA E 8 -47.07 24.16 -27.25
N GLY E 9 -47.33 25.16 -26.41
CA GLY E 9 -46.45 26.29 -26.26
C GLY E 9 -46.55 27.27 -27.41
N ASP E 10 -45.92 28.43 -27.22
CA ASP E 10 -45.90 29.50 -28.21
C ASP E 10 -44.47 29.84 -28.66
N ARG E 11 -43.51 28.96 -28.38
CA ARG E 11 -42.15 29.17 -28.83
C ARG E 11 -42.05 28.93 -30.33
N ILE E 12 -40.87 29.23 -30.89
CA ILE E 12 -40.65 28.99 -32.31
C ILE E 12 -40.69 27.49 -32.60
N LYS E 13 -41.10 27.15 -33.83
CA LYS E 13 -41.14 25.77 -34.28
C LYS E 13 -40.48 25.69 -35.65
N THR E 14 -40.04 24.48 -35.99
CA THR E 14 -39.49 24.23 -37.31
C THR E 14 -40.63 24.15 -38.35
N LYS E 15 -40.25 24.11 -39.62
CA LYS E 15 -41.26 23.96 -40.67
C LYS E 15 -41.97 22.62 -40.55
N TRP E 16 -41.31 21.62 -39.97
CA TRP E 16 -41.86 20.27 -39.91
C TRP E 16 -42.89 20.10 -38.80
N ALA E 17 -43.01 21.07 -37.89
CA ALA E 17 -44.03 20.96 -36.84
C ALA E 17 -45.43 21.04 -37.43
N GLU E 18 -45.61 21.80 -38.51
CA GLU E 18 -46.91 21.84 -39.18
C GLU E 18 -47.22 20.55 -39.93
N GLN E 19 -46.18 19.78 -40.29
CA GLN E 19 -46.34 18.60 -41.13
C GLN E 19 -46.53 17.32 -40.33
N ILE E 20 -46.47 17.37 -39.00
CA ILE E 20 -46.53 16.17 -38.19
C ILE E 20 -47.91 15.54 -38.31
N ASN E 21 -47.95 14.24 -38.61
CA ASN E 21 -49.19 13.49 -38.63
C ASN E 21 -49.19 12.51 -37.46
N PRO E 22 -50.09 12.65 -36.48
CA PRO E 22 -50.06 11.75 -35.32
C PRO E 22 -50.29 10.29 -35.68
N SER E 23 -50.82 10.01 -36.86
CA SER E 23 -51.02 8.63 -37.29
C SER E 23 -49.82 8.04 -38.02
N ASP E 24 -48.75 8.82 -38.18
CA ASP E 24 -47.58 8.39 -38.95
C ASP E 24 -46.36 9.17 -38.46
N VAL E 25 -46.00 8.95 -37.21
CA VAL E 25 -44.92 9.70 -36.57
C VAL E 25 -43.63 8.90 -36.72
N LEU E 26 -42.63 9.52 -37.35
CA LEU E 26 -41.30 8.96 -37.55
C LEU E 26 -41.37 7.49 -38.01
N PRO E 27 -41.95 7.23 -39.18
CA PRO E 27 -42.22 5.84 -39.59
C PRO E 27 -41.01 5.11 -40.16
N GLU E 28 -39.83 5.72 -40.21
CA GLU E 28 -38.67 5.10 -40.82
C GLU E 28 -38.09 4.03 -39.90
N TYR E 29 -37.42 3.06 -40.52
CA TYR E 29 -36.86 1.93 -39.78
C TYR E 29 -35.83 2.42 -38.77
N PRO E 30 -35.97 2.10 -37.48
CA PRO E 30 -35.14 2.73 -36.45
C PRO E 30 -33.72 2.20 -36.35
N ARG E 31 -33.38 1.10 -37.04
CA ARG E 31 -32.08 0.45 -36.85
C ARG E 31 -31.54 -0.01 -38.21
N PRO E 32 -31.12 0.92 -39.06
CA PRO E 32 -30.60 0.53 -40.39
C PRO E 32 -29.32 -0.28 -40.33
N ILE E 33 -28.55 -0.22 -39.24
CA ILE E 33 -27.30 -0.97 -39.16
C ILE E 33 -27.54 -2.47 -39.01
N GLN E 35 -30.84 -4.81 -40.05
CA GLN E 35 -32.15 -4.65 -40.66
C GLN E 35 -32.82 -6.00 -40.84
N ARG E 36 -34.03 -6.13 -40.28
CA ARG E 36 -34.96 -7.20 -40.61
C ARG E 36 -36.18 -6.58 -41.30
N ASN E 37 -36.85 -7.39 -42.11
CA ASN E 37 -37.97 -6.86 -42.89
C ASN E 37 -39.17 -6.55 -42.00
N ASP E 38 -39.58 -7.50 -41.16
CA ASP E 38 -40.79 -7.35 -40.37
C ASP E 38 -40.53 -6.53 -39.12
N TRP E 39 -41.42 -5.59 -38.85
CA TRP E 39 -41.40 -4.78 -37.63
C TRP E 39 -42.73 -4.03 -37.57
N LYS E 40 -43.00 -3.43 -36.41
CA LYS E 40 -44.22 -2.65 -36.21
C LYS E 40 -43.88 -1.40 -35.41
N ASN E 41 -44.22 -0.24 -35.98
CA ASN E 41 -43.96 1.04 -35.31
C ASN E 41 -45.03 1.30 -34.25
N LEU E 42 -44.59 1.68 -33.05
CA LEU E 42 -45.50 1.96 -31.95
C LEU E 42 -45.59 3.44 -31.61
N ASN E 43 -45.04 4.32 -32.45
CA ASN E 43 -45.21 5.75 -32.24
C ASN E 43 -46.67 6.15 -32.47
N GLY E 44 -47.03 7.30 -31.94
CA GLY E 44 -48.37 7.83 -32.06
C GLY E 44 -48.85 8.37 -30.74
N LEU E 45 -50.17 8.47 -30.61
CA LEU E 45 -50.80 9.00 -29.41
C LEU E 45 -50.95 7.91 -28.37
N TRP E 46 -50.31 8.07 -27.23
CA TRP E 46 -50.51 7.23 -26.07
C TRP E 46 -51.29 7.99 -25.00
N ASP E 47 -51.77 7.23 -24.01
CA ASP E 47 -52.31 7.83 -22.79
C ASP E 47 -51.15 8.07 -21.82
N TYR E 48 -51.21 9.19 -21.11
CA TYR E 48 -50.15 9.54 -20.18
C TYR E 48 -50.74 10.08 -18.88
N ALA E 49 -49.92 10.04 -17.83
CA ALA E 49 -50.28 10.60 -16.54
C ALA E 49 -49.00 10.95 -15.81
N ILE E 50 -48.98 12.15 -15.22
CA ILE E 50 -47.87 12.59 -14.38
C ILE E 50 -48.30 12.38 -12.93
N ILE E 51 -47.66 11.43 -12.26
CA ILE E 51 -48.02 11.05 -10.90
C ILE E 51 -46.87 11.38 -9.97
N ASP E 52 -47.18 11.39 -8.68
CA ASP E 52 -46.13 11.48 -7.66
C ASP E 52 -45.30 10.20 -7.67
N LYS E 53 -44.01 10.34 -7.38
CA LYS E 53 -43.11 9.19 -7.43
C LYS E 53 -43.51 8.15 -6.40
N GLY E 54 -43.70 6.91 -6.85
CA GLY E 54 -44.12 5.83 -6.00
C GLY E 54 -45.62 5.65 -5.88
N GLY E 55 -46.41 6.52 -6.51
CA GLY E 55 -47.85 6.41 -6.46
C GLY E 55 -48.37 5.27 -7.32
N ARG E 56 -49.64 4.95 -7.11
CA ARG E 56 -50.26 3.86 -7.86
C ARG E 56 -50.33 4.20 -9.35
N ILE E 57 -50.18 3.18 -10.18
CA ILE E 57 -50.30 3.34 -11.62
C ILE E 57 -51.78 3.39 -11.97
N PRO E 58 -52.28 4.50 -12.51
CA PRO E 58 -53.72 4.60 -12.80
C PRO E 58 -54.13 3.73 -13.97
N THR E 59 -55.40 3.36 -13.97
CA THR E 59 -56.00 2.61 -15.08
C THR E 59 -56.78 3.49 -16.04
N ASP E 60 -57.23 4.66 -15.59
CA ASP E 60 -57.96 5.62 -16.41
C ASP E 60 -57.14 6.90 -16.54
N PHE E 61 -56.95 7.35 -17.77
CA PHE E 61 -56.13 8.50 -18.06
C PHE E 61 -56.98 9.59 -18.70
N GLU E 62 -56.58 10.85 -18.49
CA GLU E 62 -57.29 11.99 -19.04
C GLU E 62 -56.42 12.82 -19.98
N GLY E 63 -55.23 12.35 -20.32
CA GLY E 63 -54.36 13.08 -21.22
C GLY E 63 -53.75 12.17 -22.26
N GLN E 64 -53.29 12.78 -23.35
CA GLN E 64 -52.67 12.06 -24.44
C GLN E 64 -51.33 12.72 -24.79
N ILE E 65 -50.34 11.89 -25.08
CA ILE E 65 -49.00 12.36 -25.43
C ILE E 65 -48.60 11.72 -26.76
N LEU E 66 -47.84 12.47 -27.56
CA LEU E 66 -47.38 12.00 -28.86
C LEU E 66 -46.01 11.37 -28.69
N VAL E 67 -45.99 10.04 -28.63
CA VAL E 67 -44.73 9.29 -28.64
C VAL E 67 -44.12 9.38 -30.04
N PRO E 68 -42.80 9.59 -30.17
CA PRO E 68 -41.78 9.68 -29.12
C PRO E 68 -41.25 11.09 -28.87
N PHE E 69 -42.09 12.00 -28.40
CA PHE E 69 -41.68 13.35 -28.07
C PHE E 69 -41.77 13.55 -26.57
N ALA E 70 -40.68 14.05 -25.98
CA ALA E 70 -40.56 14.15 -24.54
C ALA E 70 -41.68 15.01 -23.95
N VAL E 71 -41.97 14.76 -22.67
CA VAL E 71 -43.08 15.43 -21.99
C VAL E 71 -42.91 16.93 -22.04
N GLU E 72 -41.68 17.43 -21.88
CA GLU E 72 -41.45 18.87 -21.87
C GLU E 72 -41.54 19.48 -23.26
N SER E 73 -41.48 18.67 -24.31
CA SER E 73 -41.39 19.19 -25.67
C SER E 73 -42.74 19.74 -26.13
N SER E 74 -42.68 20.58 -27.17
CA SER E 74 -43.89 21.13 -27.76
C SER E 74 -44.61 20.09 -28.61
N LEU E 75 -43.86 19.25 -29.32
CA LEU E 75 -44.47 18.28 -30.21
C LEU E 75 -45.14 17.12 -29.48
N SER E 76 -44.94 16.99 -28.17
CA SER E 76 -45.66 15.98 -27.42
C SER E 76 -47.14 16.31 -27.28
N GLY E 77 -47.52 17.56 -27.54
CA GLY E 77 -48.86 18.01 -27.22
C GLY E 77 -49.12 18.20 -25.75
N VAL E 78 -48.10 18.01 -24.90
CA VAL E 78 -48.25 18.09 -23.46
C VAL E 78 -47.53 19.35 -22.96
N GLY E 79 -46.20 19.35 -23.04
CA GLY E 79 -45.42 20.52 -22.69
C GLY E 79 -45.50 20.90 -21.24
N LYS E 80 -45.20 19.97 -20.35
CA LYS E 80 -45.21 20.21 -18.90
C LYS E 80 -43.91 19.70 -18.30
N ARG E 81 -43.62 20.18 -17.09
CA ARG E 81 -42.40 19.81 -16.39
C ARG E 81 -42.66 18.63 -15.46
N VAL E 82 -41.64 17.81 -15.28
CA VAL E 82 -41.67 16.66 -14.38
C VAL E 82 -40.46 16.75 -13.46
N ASN E 83 -40.72 16.97 -12.17
CA ASN E 83 -39.62 17.10 -11.22
C ASN E 83 -39.16 15.71 -10.75
N GLU E 84 -38.19 15.70 -9.83
CA GLU E 84 -37.62 14.44 -9.37
C GLU E 84 -38.54 13.66 -8.45
N ASN E 85 -39.62 14.27 -7.96
CA ASN E 85 -40.60 13.58 -7.13
C ASN E 85 -41.85 13.20 -7.91
N GLN E 86 -41.72 13.08 -9.24
CA GLN E 86 -42.83 12.72 -10.09
C GLN E 86 -42.39 11.62 -11.06
N GLU E 87 -43.37 10.97 -11.66
CA GLU E 87 -43.13 9.92 -12.65
C GLU E 87 -44.13 10.07 -13.78
N VAL E 88 -43.71 9.68 -14.98
CA VAL E 88 -44.57 9.70 -16.16
C VAL E 88 -45.01 8.27 -16.45
N ILE E 89 -46.29 8.08 -16.70
CA ILE E 89 -46.88 6.78 -16.96
C ILE E 89 -47.42 6.79 -18.38
N TYR E 90 -46.78 6.05 -19.28
CA TYR E 90 -47.28 5.87 -20.63
C TYR E 90 -48.21 4.66 -20.69
N GLN E 91 -49.18 4.72 -21.59
CA GLN E 91 -50.12 3.62 -21.75
C GLN E 91 -50.68 3.62 -23.17
N ARG E 92 -50.74 2.43 -23.77
CA ARG E 92 -51.33 2.27 -25.09
C ARG E 92 -51.64 0.79 -25.30
N SER E 93 -52.53 0.53 -26.26
CA SER E 93 -52.88 -0.82 -26.66
C SER E 93 -52.25 -1.12 -28.02
N PHE E 94 -51.90 -2.39 -28.23
CA PHE E 94 -51.29 -2.79 -29.49
C PHE E 94 -51.67 -4.22 -29.81
N GLU E 95 -51.77 -4.50 -31.11
CA GLU E 95 -52.03 -5.83 -31.63
C GLU E 95 -50.77 -6.37 -32.30
N ILE E 96 -50.69 -7.68 -32.42
CA ILE E 96 -49.60 -8.36 -33.11
C ILE E 96 -50.07 -8.73 -34.51
N PRO E 97 -49.30 -8.43 -35.56
CA PRO E 97 -49.70 -8.87 -36.90
C PRO E 97 -49.85 -10.38 -36.97
N SER E 98 -50.83 -10.83 -37.75
CA SER E 98 -51.20 -12.25 -37.75
C SER E 98 -50.05 -13.14 -38.21
N ALA E 99 -49.23 -12.66 -39.14
CA ALA E 99 -48.11 -13.45 -39.63
C ALA E 99 -47.07 -13.71 -38.56
N TRP E 100 -47.01 -12.87 -37.53
CA TRP E 100 -46.02 -13.03 -36.47
C TRP E 100 -46.32 -14.20 -35.54
N ARG E 101 -47.40 -14.95 -35.78
CA ARG E 101 -47.77 -16.03 -34.89
C ARG E 101 -46.66 -17.07 -34.81
N GLY E 102 -46.32 -17.49 -33.59
CA GLY E 102 -45.29 -18.46 -33.35
C GLY E 102 -43.89 -17.90 -33.24
N LYS E 103 -43.72 -16.60 -33.46
CA LYS E 103 -42.41 -15.96 -33.37
C LYS E 103 -42.25 -15.27 -32.03
N GLN E 104 -40.99 -15.10 -31.63
CA GLN E 104 -40.68 -14.28 -30.48
C GLN E 104 -40.87 -12.81 -30.85
N VAL E 105 -41.46 -12.03 -29.95
CA VAL E 105 -41.73 -10.62 -30.18
C VAL E 105 -40.84 -9.81 -29.23
N LEU E 106 -39.99 -8.97 -29.82
CA LEU E 106 -39.13 -8.08 -29.06
C LEU E 106 -39.74 -6.69 -29.02
N LEU E 107 -39.76 -6.08 -27.83
CA LEU E 107 -40.19 -4.70 -27.66
C LEU E 107 -38.95 -3.82 -27.59
N HIS E 108 -38.83 -2.88 -28.52
CA HIS E 108 -37.64 -2.06 -28.67
C HIS E 108 -37.91 -0.62 -28.24
N PHE E 109 -37.00 -0.08 -27.45
CA PHE E 109 -36.98 1.34 -27.10
C PHE E 109 -35.68 1.94 -27.61
N GLY E 110 -35.79 3.03 -28.39
CA GLY E 110 -34.60 3.70 -28.86
C GLY E 110 -33.86 4.44 -27.76
N ALA E 111 -34.61 5.14 -26.90
CA ALA E 111 -34.05 5.86 -25.75
C ALA E 111 -35.15 6.40 -24.86
N VAL E 112 -35.02 6.22 -23.55
CA VAL E 112 -35.98 6.77 -22.57
C VAL E 112 -35.19 7.32 -21.39
N ASP E 113 -35.43 8.58 -21.05
CA ASP E 113 -34.73 9.27 -19.96
C ASP E 113 -35.69 9.39 -18.78
N TRP E 114 -35.31 8.82 -17.64
CA TRP E 114 -34.01 8.17 -17.44
C TRP E 114 -34.16 6.71 -16.99
N LYS E 115 -35.05 6.45 -16.04
CA LYS E 115 -35.30 5.11 -15.53
C LYS E 115 -36.64 4.61 -16.05
N THR E 116 -36.62 3.46 -16.72
CA THR E 116 -37.78 2.91 -17.39
C THR E 116 -38.24 1.62 -16.73
N ASP E 117 -39.55 1.45 -16.59
CA ASP E 117 -40.17 0.22 -16.13
C ASP E 117 -41.34 -0.10 -17.04
N VAL E 118 -41.41 -1.33 -17.53
CA VAL E 118 -42.34 -1.70 -18.59
C VAL E 118 -43.18 -2.89 -18.14
N TRP E 119 -44.50 -2.79 -18.34
CA TRP E 119 -45.42 -3.89 -18.14
C TRP E 119 -46.18 -4.15 -19.45
N VAL E 120 -46.39 -5.42 -19.76
CA VAL E 120 -47.23 -5.83 -20.88
C VAL E 120 -48.35 -6.70 -20.33
N ASN E 121 -49.59 -6.23 -20.46
CA ASN E 121 -50.76 -6.90 -19.88
C ASN E 121 -50.60 -7.09 -18.37
N ASP E 122 -50.12 -6.03 -17.71
CA ASP E 122 -49.88 -6.01 -16.27
C ASP E 122 -48.82 -7.01 -15.85
N ILE E 123 -47.99 -7.46 -16.78
CA ILE E 123 -46.89 -8.38 -16.50
C ILE E 123 -45.59 -7.63 -16.68
N LYS E 124 -44.78 -7.57 -15.62
CA LYS E 124 -43.49 -6.91 -15.70
C LYS E 124 -42.57 -7.64 -16.66
N VAL E 125 -42.01 -6.91 -17.62
CA VAL E 125 -41.14 -7.51 -18.62
C VAL E 125 -39.69 -7.05 -18.49
N GLY E 126 -39.42 -5.94 -17.83
CA GLY E 126 -38.06 -5.48 -17.66
C GLY E 126 -38.00 -4.03 -17.27
N SER E 127 -36.77 -3.58 -17.03
CA SER E 127 -36.51 -2.20 -16.65
C SER E 127 -35.17 -1.77 -17.24
N HIS E 128 -34.89 -0.48 -17.17
CA HIS E 128 -33.69 0.07 -17.79
C HIS E 128 -33.38 1.43 -17.20
N THR E 129 -32.10 1.70 -16.98
CA THR E 129 -31.62 3.02 -16.58
C THR E 129 -30.65 3.53 -17.62
N GLY E 130 -30.66 4.85 -17.83
CA GLY E 130 -29.86 5.46 -18.87
C GLY E 130 -30.72 6.00 -19.99
N GLY E 131 -30.66 7.30 -20.22
CA GLY E 131 -31.53 7.97 -21.16
C GLY E 131 -31.01 8.12 -22.58
N PHE E 132 -29.86 7.53 -22.89
CA PHE E 132 -29.26 7.71 -24.20
C PHE E 132 -29.08 6.41 -24.99
N THR E 133 -29.30 5.25 -24.39
CA THR E 133 -29.01 4.00 -25.05
C THR E 133 -30.29 3.21 -25.34
N PRO E 134 -30.30 2.40 -26.39
CA PRO E 134 -31.48 1.57 -26.68
C PRO E 134 -31.47 0.28 -25.89
N PHE E 135 -32.67 -0.24 -25.65
CA PHE E 135 -32.84 -1.47 -24.89
C PHE E 135 -34.05 -2.22 -25.42
N SER E 136 -34.07 -3.53 -25.18
CA SER E 136 -35.09 -4.41 -25.72
C SER E 136 -35.53 -5.41 -24.66
N PHE E 137 -36.76 -5.89 -24.80
CA PHE E 137 -37.28 -6.96 -23.95
C PHE E 137 -38.02 -7.96 -24.82
N ASP E 138 -37.87 -9.24 -24.49
CA ASP E 138 -38.72 -10.28 -25.06
C ASP E 138 -40.02 -10.31 -24.27
N ILE E 139 -41.12 -9.99 -24.95
CA ILE E 139 -42.42 -9.87 -24.29
C ILE E 139 -43.37 -10.98 -24.73
N THR E 140 -42.84 -12.06 -25.32
CA THR E 140 -43.69 -13.10 -25.89
C THR E 140 -44.59 -13.77 -24.86
N PRO E 141 -44.09 -14.25 -23.71
CA PRO E 141 -45.00 -14.91 -22.75
C PRO E 141 -45.98 -13.96 -22.09
N ALA E 142 -45.86 -12.65 -22.31
CA ALA E 142 -46.79 -11.68 -21.76
C ALA E 142 -47.92 -11.34 -22.72
N LEU E 143 -47.82 -11.74 -23.99
CA LEU E 143 -48.87 -11.44 -24.95
C LEU E 143 -50.08 -12.34 -24.72
N SER E 144 -51.26 -11.77 -24.92
CA SER E 144 -52.51 -12.51 -24.82
C SER E 144 -52.97 -12.93 -26.21
N ALA E 145 -53.70 -14.04 -26.26
CA ALA E 145 -54.22 -14.52 -27.55
C ALA E 145 -55.39 -13.68 -28.01
N LYS E 146 -56.15 -13.08 -27.09
CA LYS E 146 -57.31 -12.27 -27.44
C LYS E 146 -56.95 -10.99 -28.17
N GLY E 147 -55.69 -10.57 -28.11
CA GLY E 147 -55.30 -9.30 -28.69
C GLY E 147 -55.48 -8.16 -27.70
N ASN E 148 -55.30 -6.94 -28.20
CA ASN E 148 -55.43 -5.72 -27.42
C ASN E 148 -54.53 -5.76 -26.19
N ASN E 149 -53.24 -5.99 -26.44
CA ASN E 149 -52.26 -6.03 -25.37
C ASN E 149 -52.06 -4.64 -24.77
N ARG E 150 -51.91 -4.58 -23.45
CA ARG E 150 -51.76 -3.32 -22.74
C ARG E 150 -50.27 -3.08 -22.48
N LEU E 151 -49.75 -1.98 -23.00
CA LEU E 151 -48.37 -1.59 -22.80
C LEU E 151 -48.33 -0.40 -21.84
N VAL E 152 -47.62 -0.55 -20.73
CA VAL E 152 -47.50 0.49 -19.72
C VAL E 152 -46.02 0.75 -19.47
N VAL E 153 -45.62 2.01 -19.53
CA VAL E 153 -44.23 2.41 -19.33
C VAL E 153 -44.19 3.48 -18.25
N LYS E 154 -43.48 3.19 -17.15
CA LYS E 154 -43.26 4.16 -16.08
C LYS E 154 -41.85 4.71 -16.19
N VAL E 155 -41.74 6.04 -16.21
CA VAL E 155 -40.48 6.73 -16.42
C VAL E 155 -40.21 7.66 -15.24
N TRP E 156 -38.97 7.67 -14.77
CA TRP E 156 -38.50 8.58 -13.74
C TRP E 156 -37.22 9.25 -14.19
N ASP E 157 -37.11 10.56 -13.93
CA ASP E 157 -35.95 11.32 -14.35
C ASP E 157 -35.71 12.49 -13.40
N PRO E 158 -34.64 12.44 -12.61
CA PRO E 158 -34.36 13.55 -11.69
C PRO E 158 -33.69 14.75 -12.33
N THR E 159 -33.29 14.64 -13.61
CA THR E 159 -32.59 15.70 -14.35
C THR E 159 -31.33 16.03 -13.56
N ASP E 160 -31.01 17.31 -13.32
CA ASP E 160 -29.78 17.68 -12.63
C ASP E 160 -29.85 17.48 -11.13
N ARG E 161 -30.97 16.97 -10.61
CA ARG E 161 -31.05 16.60 -9.20
C ARG E 161 -30.46 15.22 -8.93
N GLY E 162 -29.92 14.55 -9.96
CA GLY E 162 -29.24 13.29 -9.79
C GLY E 162 -27.90 13.30 -10.48
N PRO E 163 -27.03 12.35 -10.14
CA PRO E 163 -25.69 12.28 -10.74
C PRO E 163 -25.61 11.55 -12.07
N GLN E 164 -26.73 11.13 -12.66
CA GLN E 164 -26.69 10.33 -13.87
C GLN E 164 -26.29 11.18 -15.08
N PRO E 165 -25.84 10.55 -16.15
CA PRO E 165 -25.57 11.30 -17.40
C PRO E 165 -26.83 12.00 -17.89
N ARG E 166 -26.70 13.31 -18.13
CA ARG E 166 -27.84 14.13 -18.54
C ARG E 166 -27.53 15.12 -19.66
N GLY E 167 -26.27 15.43 -19.93
CA GLY E 167 -25.96 16.37 -21.01
C GLY E 167 -26.31 17.78 -20.59
N LYS E 168 -26.99 18.49 -21.48
CA LYS E 168 -27.34 19.89 -21.26
C LYS E 168 -28.64 20.07 -20.48
N GLN E 169 -29.27 18.99 -20.03
CA GLN E 169 -30.55 19.11 -19.33
C GLN E 169 -30.33 19.62 -17.91
N VAL E 170 -31.10 20.65 -17.54
CA VAL E 170 -31.15 21.14 -16.17
C VAL E 170 -32.61 21.48 -15.85
N SER E 171 -32.88 21.67 -14.56
CA SER E 171 -34.24 22.01 -14.13
C SER E 171 -34.53 23.48 -14.36
N ARG E 172 -33.54 24.35 -14.19
CA ARG E 172 -33.68 25.79 -14.38
C ARG E 172 -32.83 26.22 -15.57
N PRO E 173 -33.38 26.21 -16.78
CA PRO E 173 -32.56 26.55 -17.96
C PRO E 173 -32.10 28.00 -17.94
N GLU E 174 -30.83 28.19 -18.27
CA GLU E 174 -30.21 29.51 -18.35
C GLU E 174 -28.83 29.35 -18.98
N GLY E 175 -28.41 30.36 -19.73
CA GLY E 175 -27.10 30.37 -20.35
C GLY E 175 -26.89 29.24 -21.35
N ILE E 176 -26.03 28.28 -20.98
CA ILE E 176 -25.69 27.18 -21.86
C ILE E 176 -26.47 25.91 -21.52
N TRP E 177 -27.40 25.98 -20.57
CA TRP E 177 -28.15 24.82 -20.11
C TRP E 177 -29.61 24.96 -20.54
N TYR E 178 -30.18 23.87 -21.06
CA TYR E 178 -31.43 23.94 -21.80
C TYR E 178 -32.55 23.19 -21.07
N THR E 179 -33.69 23.09 -21.75
CA THR E 179 -34.88 22.50 -21.16
C THR E 179 -34.66 21.01 -20.87
N PRO E 180 -35.14 20.50 -19.74
CA PRO E 180 -34.99 19.07 -19.45
C PRO E 180 -35.77 18.20 -20.42
N VAL E 181 -35.29 16.97 -20.59
CA VAL E 181 -35.90 15.99 -21.48
C VAL E 181 -36.25 14.76 -20.64
N THR E 182 -37.55 14.48 -20.53
CA THR E 182 -38.04 13.39 -19.69
C THR E 182 -38.98 12.51 -20.50
N GLY E 183 -38.75 11.20 -20.43
CA GLY E 183 -39.64 10.24 -21.05
C GLY E 183 -39.10 9.61 -22.31
N ILE E 184 -40.02 9.15 -23.15
CA ILE E 184 -39.66 8.45 -24.38
C ILE E 184 -39.40 9.48 -25.47
N TRP E 185 -38.17 9.53 -25.97
CA TRP E 185 -37.81 10.48 -27.01
C TRP E 185 -37.22 9.81 -28.26
N GLN E 186 -37.29 8.48 -28.36
CA GLN E 186 -36.95 7.77 -29.58
C GLN E 186 -38.01 6.73 -29.87
N THR E 187 -38.01 6.24 -31.11
CA THR E 187 -39.10 5.38 -31.59
C THR E 187 -39.23 4.11 -30.77
N VAL E 188 -40.47 3.79 -30.39
CA VAL E 188 -40.82 2.50 -29.80
C VAL E 188 -41.37 1.61 -30.91
N TRP E 189 -40.98 0.34 -30.90
CA TRP E 189 -41.40 -0.54 -31.98
C TRP E 189 -41.23 -2.01 -31.55
N LEU E 190 -41.90 -2.87 -32.30
CA LEU E 190 -41.86 -4.32 -32.11
C LEU E 190 -41.23 -4.97 -33.33
N GLU E 191 -40.65 -6.16 -33.14
CA GLU E 191 -40.18 -6.93 -34.28
C GLU E 191 -40.22 -8.41 -33.95
N PRO E 192 -40.57 -9.26 -34.92
CA PRO E 192 -40.61 -10.71 -34.66
C PRO E 192 -39.31 -11.40 -35.02
N VAL E 193 -38.82 -12.26 -34.13
CA VAL E 193 -37.60 -13.04 -34.36
C VAL E 193 -37.86 -14.48 -33.94
N ALA E 194 -36.97 -15.37 -34.37
CA ALA E 194 -37.04 -16.77 -33.97
C ALA E 194 -36.46 -16.94 -32.57
N GLY E 195 -36.61 -18.15 -32.03
CA GLY E 195 -36.05 -18.44 -30.72
C GLY E 195 -34.55 -18.26 -30.67
N LYS E 196 -33.86 -18.52 -31.78
CA LYS E 196 -32.43 -18.25 -31.93
C LYS E 196 -32.27 -17.12 -32.94
N HIS E 197 -31.72 -16.00 -32.50
CA HIS E 197 -31.60 -14.83 -33.36
C HIS E 197 -30.37 -14.03 -32.98
N ILE E 198 -30.00 -13.09 -33.86
CA ILE E 198 -28.85 -12.22 -33.66
C ILE E 198 -29.29 -11.01 -32.86
N GLU E 199 -28.58 -10.71 -31.78
CA GLU E 199 -28.94 -9.55 -30.96
C GLU E 199 -28.32 -8.28 -31.51
N ASN E 200 -27.05 -8.33 -31.89
CA ASN E 200 -26.39 -7.19 -32.52
C ASN E 200 -25.15 -7.69 -33.25
N LEU E 201 -24.65 -6.85 -34.16
CA LEU E 201 -23.51 -7.16 -35.00
C LEU E 201 -22.35 -6.25 -34.64
N ARG E 202 -21.20 -6.85 -34.31
N ARG E 202 -21.20 -6.84 -34.28
CA ARG E 202 -19.97 -6.11 -34.05
CA ARG E 202 -19.98 -6.09 -34.05
C ARG E 202 -19.11 -6.18 -35.30
C ARG E 202 -19.13 -6.18 -35.32
N ILE E 203 -19.13 -5.12 -36.10
CA ILE E 203 -18.41 -5.05 -37.37
C ILE E 203 -17.17 -4.21 -37.17
N THR E 204 -16.02 -4.75 -37.53
CA THR E 204 -14.73 -4.09 -37.31
C THR E 204 -13.88 -4.24 -38.57
N PRO E 205 -13.48 -3.14 -39.22
CA PRO E 205 -12.63 -3.24 -40.40
C PRO E 205 -11.15 -3.20 -40.05
N ASP E 206 -10.33 -3.67 -41.01
CA ASP E 206 -8.88 -3.64 -40.88
C ASP E 206 -8.32 -3.51 -42.30
N ILE E 207 -8.18 -2.27 -42.77
CA ILE E 207 -7.74 -2.03 -44.13
C ILE E 207 -6.28 -2.43 -44.32
N ASP E 208 -5.50 -2.50 -43.24
CA ASP E 208 -4.10 -2.88 -43.37
C ASP E 208 -3.97 -4.37 -43.68
N ARG E 209 -4.70 -5.21 -42.95
CA ARG E 209 -4.69 -6.64 -43.17
C ARG E 209 -5.78 -7.10 -44.13
N HIS E 210 -6.52 -6.16 -44.74
CA HIS E 210 -7.56 -6.46 -45.72
C HIS E 210 -8.58 -7.44 -45.16
N LEU E 211 -9.15 -7.07 -44.01
CA LEU E 211 -10.07 -7.93 -43.28
C LEU E 211 -11.29 -7.15 -42.85
N LEU E 212 -12.44 -7.84 -42.83
CA LEU E 212 -13.67 -7.32 -42.24
C LEU E 212 -14.17 -8.38 -41.27
N THR E 213 -14.12 -8.07 -39.97
CA THR E 213 -14.54 -9.01 -38.93
C THR E 213 -15.96 -8.68 -38.51
N VAL E 214 -16.82 -9.70 -38.49
CA VAL E 214 -18.21 -9.56 -38.08
C VAL E 214 -18.46 -10.56 -36.96
N LYS E 215 -18.72 -10.05 -35.76
CA LYS E 215 -19.07 -10.88 -34.62
C LYS E 215 -20.58 -10.79 -34.41
N ALA E 216 -21.27 -11.89 -34.71
CA ALA E 216 -22.73 -11.96 -34.53
C ALA E 216 -23.00 -12.44 -33.11
N GLU E 217 -23.42 -11.51 -32.24
CA GLU E 217 -23.75 -11.84 -30.87
C GLU E 217 -25.19 -12.35 -30.80
N LEU E 218 -25.35 -13.60 -30.39
CA LEU E 218 -26.66 -14.24 -30.37
C LEU E 218 -27.30 -14.13 -28.98
N ASN E 219 -28.60 -14.42 -28.93
CA ASN E 219 -29.29 -14.48 -27.64
C ASN E 219 -28.97 -15.76 -26.89
N THR E 220 -28.57 -16.81 -27.59
CA THR E 220 -28.18 -18.07 -26.98
C THR E 220 -27.32 -18.83 -27.98
N ASN E 221 -26.51 -19.75 -27.47
CA ASN E 221 -25.53 -20.45 -28.28
C ASN E 221 -25.76 -21.95 -28.22
N SER E 222 -25.70 -22.60 -29.38
CA SER E 222 -25.77 -24.04 -29.49
C SER E 222 -24.58 -24.53 -30.31
N THR E 223 -24.34 -25.84 -30.24
CA THR E 223 -23.20 -26.40 -30.98
C THR E 223 -23.39 -26.30 -32.48
N SER E 224 -24.64 -26.23 -32.94
CA SER E 224 -24.95 -26.25 -34.37
C SER E 224 -25.07 -24.85 -34.97
N ASP E 225 -24.65 -23.82 -34.24
CA ASP E 225 -24.76 -22.45 -34.76
C ASP E 225 -23.80 -22.23 -35.92
N PHE E 226 -24.30 -21.56 -36.96
CA PHE E 226 -23.57 -21.38 -38.21
C PHE E 226 -23.89 -19.99 -38.75
N VAL E 227 -22.85 -19.16 -38.91
CA VAL E 227 -23.02 -17.77 -39.33
C VAL E 227 -22.30 -17.59 -40.66
N GLU E 228 -22.99 -16.99 -41.63
CA GLU E 228 -22.44 -16.67 -42.94
C GLU E 228 -22.60 -15.18 -43.20
N VAL E 229 -21.51 -14.54 -43.64
CA VAL E 229 -21.50 -13.12 -43.96
C VAL E 229 -21.14 -12.99 -45.44
N ASN E 230 -22.01 -12.30 -46.19
CA ASN E 230 -21.78 -12.04 -47.61
C ASN E 230 -21.65 -10.54 -47.82
N VAL E 231 -20.53 -10.13 -48.40
CA VAL E 231 -20.25 -8.72 -48.66
C VAL E 231 -20.55 -8.43 -50.13
N TYR E 232 -21.34 -7.39 -50.38
CA TYR E 232 -21.78 -7.03 -51.72
C TYR E 232 -21.33 -5.63 -52.07
N ASP E 233 -20.80 -5.48 -53.29
CA ASP E 233 -20.53 -4.17 -53.89
C ASP E 233 -21.75 -3.86 -54.76
N GLY E 234 -22.73 -3.18 -54.17
CA GLY E 234 -24.00 -2.99 -54.84
C GLY E 234 -24.77 -4.29 -54.93
N ASN E 235 -24.83 -4.87 -56.12
CA ASN E 235 -25.48 -6.16 -56.33
C ASN E 235 -24.47 -7.28 -56.57
N GLN E 236 -23.18 -6.98 -56.59
CA GLN E 236 -22.15 -7.96 -56.92
C GLN E 236 -21.52 -8.49 -55.64
N LEU E 237 -21.54 -9.80 -55.45
CA LEU E 237 -20.87 -10.43 -54.33
C LEU E 237 -19.36 -10.35 -54.53
N ILE E 238 -18.66 -9.77 -53.56
CA ILE E 238 -17.21 -9.58 -53.68
C ILE E 238 -16.42 -10.32 -52.61
N ALA E 239 -17.04 -10.74 -51.51
CA ALA E 239 -16.33 -11.44 -50.45
C ALA E 239 -17.33 -12.15 -49.56
N ALA E 240 -16.88 -13.21 -48.90
CA ALA E 240 -17.75 -14.00 -48.05
C ALA E 240 -16.94 -14.65 -46.93
N GLY E 241 -17.59 -14.87 -45.79
CA GLY E 241 -16.96 -15.50 -44.65
C GLY E 241 -17.95 -16.37 -43.91
N LYS E 242 -17.42 -17.38 -43.23
CA LYS E 242 -18.24 -18.35 -42.51
C LYS E 242 -17.56 -18.72 -41.20
N SER E 243 -18.36 -19.13 -40.22
CA SER E 243 -17.83 -19.50 -38.91
C SER E 243 -18.83 -20.35 -38.15
N ILE E 244 -18.29 -21.19 -37.26
CA ILE E 244 -19.07 -21.96 -36.31
C ILE E 244 -18.39 -21.83 -34.94
N ASN E 245 -18.97 -22.52 -33.95
CA ASN E 245 -18.41 -22.58 -32.59
C ASN E 245 -18.23 -21.20 -31.98
N GLY E 246 -19.05 -20.24 -32.38
CA GLY E 246 -18.97 -18.90 -31.83
C GLY E 246 -17.81 -18.07 -32.33
N GLU E 247 -17.04 -18.56 -33.29
CA GLU E 247 -15.91 -17.81 -33.80
C GLU E 247 -16.40 -16.59 -34.59
N PRO E 248 -15.70 -15.47 -34.51
CA PRO E 248 -16.06 -14.31 -35.34
C PRO E 248 -15.80 -14.60 -36.80
N VAL E 249 -16.60 -13.98 -37.66
CA VAL E 249 -16.51 -14.17 -39.10
C VAL E 249 -15.45 -13.21 -39.64
N GLU E 250 -14.31 -13.77 -40.06
CA GLU E 250 -13.26 -12.99 -40.72
C GLU E 250 -13.48 -13.07 -42.23
N VAL E 251 -13.67 -11.93 -42.86
CA VAL E 251 -13.93 -11.83 -44.29
C VAL E 251 -12.68 -11.29 -44.97
N ALA E 252 -12.10 -12.08 -45.87
CA ALA E 252 -10.94 -11.64 -46.64
C ALA E 252 -11.41 -10.69 -47.72
N PRO E 254 -10.90 -7.77 -50.80
CA PRO E 254 -9.96 -7.55 -51.90
C PRO E 254 -9.00 -6.40 -51.60
N GLU E 255 -7.81 -6.49 -52.19
CA GLU E 255 -6.82 -5.42 -52.04
C GLU E 255 -7.33 -4.11 -52.62
N ASN E 256 -8.11 -4.17 -53.69
CA ASN E 256 -8.66 -3.00 -54.35
C ASN E 256 -9.96 -2.51 -53.71
N ALA E 257 -10.18 -2.80 -52.44
CA ALA E 257 -11.43 -2.44 -51.78
C ALA E 257 -11.58 -0.92 -51.71
N LYS E 258 -12.78 -0.44 -52.02
CA LYS E 258 -13.09 0.98 -51.94
C LYS E 258 -13.10 1.43 -50.48
N LEU E 259 -12.26 2.40 -50.16
CA LEU E 259 -12.16 2.90 -48.79
C LEU E 259 -13.16 4.02 -48.55
N TRP E 260 -13.62 4.10 -47.31
CA TRP E 260 -14.62 5.09 -46.91
C TRP E 260 -13.92 6.38 -46.45
N SER E 261 -14.48 7.51 -46.85
CA SER E 261 -13.97 8.82 -46.47
C SER E 261 -15.06 9.85 -46.66
N PRO E 262 -14.97 11.00 -46.00
CA PRO E 262 -15.99 12.04 -46.19
C PRO E 262 -16.19 12.46 -47.65
N ASP E 263 -15.13 12.45 -48.46
CA ASP E 263 -15.27 12.79 -49.87
C ASP E 263 -15.72 11.62 -50.73
N SER E 264 -15.53 10.39 -50.27
CA SER E 264 -15.97 9.19 -50.98
C SER E 264 -16.50 8.20 -49.97
N PRO E 265 -17.74 8.38 -49.52
CA PRO E 265 -18.28 7.56 -48.42
C PRO E 265 -18.88 6.24 -48.90
N PHE E 266 -18.03 5.38 -49.46
CA PHE E 266 -18.50 4.12 -50.01
C PHE E 266 -18.83 3.15 -48.89
N LEU E 267 -20.00 2.51 -48.99
CA LEU E 267 -20.45 1.52 -48.03
C LEU E 267 -20.71 0.20 -48.75
N TYR E 268 -20.17 -0.89 -48.20
CA TYR E 268 -20.51 -2.22 -48.69
C TYR E 268 -21.79 -2.71 -48.02
N THR E 269 -22.47 -3.63 -48.69
CA THR E 269 -23.71 -4.20 -48.19
C THR E 269 -23.44 -5.60 -47.61
N LEU E 270 -23.89 -5.82 -46.38
CA LEU E 270 -23.69 -7.09 -45.68
C LEU E 270 -25.00 -7.85 -45.62
N LYS E 271 -24.96 -9.13 -45.99
CA LYS E 271 -26.06 -10.06 -45.80
C LYS E 271 -25.59 -11.15 -44.85
N VAL E 272 -26.15 -11.17 -43.64
CA VAL E 272 -25.73 -12.08 -42.59
C VAL E 272 -26.87 -13.05 -42.30
N THR E 273 -26.57 -14.35 -42.31
CA THR E 273 -27.54 -15.39 -42.04
C THR E 273 -27.07 -16.23 -40.85
N LEU E 274 -28.04 -16.83 -40.16
CA LEU E 274 -27.78 -17.69 -39.01
C LEU E 274 -28.48 -19.02 -39.24
N LYS E 275 -27.72 -20.11 -39.24
CA LYS E 275 -28.25 -21.45 -39.42
C LYS E 275 -28.15 -22.22 -38.11
N GLU E 276 -29.23 -22.91 -37.75
CA GLU E 276 -29.22 -23.86 -36.64
C GLU E 276 -29.27 -25.25 -37.25
N GLY E 277 -28.15 -25.96 -37.19
CA GLY E 277 -28.01 -27.19 -37.93
C GLY E 277 -27.78 -26.90 -39.40
N ASN E 278 -28.84 -27.01 -40.20
CA ASN E 278 -28.75 -26.68 -41.63
C ASN E 278 -29.87 -25.79 -42.11
N LYS E 279 -30.79 -25.35 -41.24
CA LYS E 279 -31.89 -24.49 -41.66
C LYS E 279 -31.65 -23.06 -41.20
N ILE E 280 -32.01 -22.10 -42.05
CA ILE E 280 -31.83 -20.69 -41.72
C ILE E 280 -32.86 -20.30 -40.67
N VAL E 281 -32.38 -19.82 -39.52
CA VAL E 281 -33.26 -19.40 -38.43
C VAL E 281 -33.28 -17.90 -38.23
N ASP E 282 -32.33 -17.15 -38.80
CA ASP E 282 -32.34 -15.70 -38.70
C ASP E 282 -31.50 -15.13 -39.84
N LYS E 283 -31.92 -13.96 -40.33
CA LYS E 283 -31.19 -13.26 -41.38
C LYS E 283 -31.32 -11.77 -41.14
N VAL E 284 -30.20 -11.05 -41.26
CA VAL E 284 -30.17 -9.62 -41.04
C VAL E 284 -29.40 -8.96 -42.18
N ASP E 285 -29.77 -7.73 -42.50
CA ASP E 285 -29.08 -6.92 -43.50
C ASP E 285 -28.34 -5.78 -42.80
N SER E 286 -27.12 -5.53 -43.26
CA SER E 286 -26.28 -4.50 -42.65
C SER E 286 -25.39 -3.88 -43.72
N TYR E 287 -24.55 -2.94 -43.29
CA TYR E 287 -23.56 -2.34 -44.16
C TYR E 287 -22.26 -2.19 -43.40
N ALA E 288 -21.17 -2.04 -44.14
CA ALA E 288 -19.85 -1.91 -43.54
C ALA E 288 -18.98 -1.04 -44.45
N ALA E 289 -17.95 -0.45 -43.86
CA ALA E 289 -17.04 0.41 -44.60
C ALA E 289 -15.59 0.05 -44.24
N ARG E 291 -12.30 1.45 -43.51
CA ARG E 291 -11.73 2.72 -43.12
C ARG E 291 -10.96 2.55 -41.82
N LYS E 292 -9.95 3.40 -41.62
CA LYS E 292 -9.07 3.30 -40.46
C LYS E 292 -8.82 4.68 -39.89
N TYR E 293 -8.98 4.80 -38.57
CA TYR E 293 -8.62 6.00 -37.84
C TYR E 293 -7.33 5.76 -37.06
N SER E 294 -6.42 6.72 -37.11
CA SER E 294 -5.13 6.58 -36.44
C SER E 294 -4.52 7.96 -36.29
N THR E 295 -3.32 8.00 -35.72
CA THR E 295 -2.51 9.20 -35.61
C THR E 295 -1.08 8.87 -36.00
N ARG E 296 -0.40 9.84 -36.62
CA ARG E 296 0.97 9.63 -37.05
C ARG E 296 1.66 10.98 -37.18
N ARG E 297 2.93 11.02 -36.78
CA ARG E 297 3.74 12.21 -36.97
C ARG E 297 4.11 12.36 -38.44
N ASP E 298 3.86 13.53 -39.02
CA ASP E 298 4.09 13.76 -40.43
C ASP E 298 5.53 14.18 -40.67
N ALA E 299 5.84 14.59 -41.91
CA ALA E 299 7.18 15.04 -42.23
C ALA E 299 7.54 16.36 -41.57
N ASN E 300 6.55 17.11 -41.10
CA ASN E 300 6.78 18.37 -40.40
C ASN E 300 7.07 18.18 -38.92
N GLY E 301 6.87 16.99 -38.38
CA GLY E 301 7.06 16.75 -36.96
C GLY E 301 5.83 16.94 -36.11
N ILE E 302 4.65 17.05 -36.73
CA ILE E 302 3.39 17.26 -36.03
C ILE E 302 2.57 15.97 -36.12
N VAL E 303 1.99 15.57 -35.00
CA VAL E 303 1.11 14.40 -34.98
C VAL E 303 -0.23 14.80 -35.58
N ARG E 304 -0.59 14.17 -36.69
CA ARG E 304 -1.83 14.47 -37.39
C ARG E 304 -2.84 13.34 -37.18
N LEU E 305 -4.12 13.71 -37.25
CA LEU E 305 -5.18 12.71 -37.33
C LEU E 305 -5.17 12.10 -38.71
N GLU E 306 -4.99 10.78 -38.79
CA GLU E 306 -4.91 10.08 -40.07
C GLU E 306 -6.19 9.29 -40.32
N LEU E 307 -6.68 9.38 -41.55
CA LEU E 307 -7.80 8.56 -42.03
C LEU E 307 -7.31 7.75 -43.22
N ASN E 308 -7.40 6.43 -43.10
CA ASN E 308 -6.92 5.51 -44.13
C ASN E 308 -5.43 5.72 -44.42
N ASN E 309 -4.65 5.91 -43.35
CA ASN E 309 -3.19 6.05 -43.41
C ASN E 309 -2.75 7.31 -44.14
N GLU E 310 -3.61 8.33 -44.20
CA GLU E 310 -3.26 9.61 -44.79
C GLU E 310 -3.68 10.72 -43.83
N ALA E 311 -2.83 11.72 -43.67
CA ALA E 311 -3.16 12.85 -42.81
C ALA E 311 -4.36 13.61 -43.35
N LEU E 312 -5.32 13.89 -42.48
CA LEU E 312 -6.54 14.59 -42.86
C LEU E 312 -6.94 15.52 -41.73
N PHE E 313 -7.06 16.82 -42.03
CA PHE E 313 -7.55 17.78 -41.05
C PHE E 313 -9.05 17.63 -40.92
N GLN E 314 -9.52 17.35 -39.69
CA GLN E 314 -10.94 17.20 -39.42
C GLN E 314 -11.50 18.54 -38.94
N PHE E 315 -12.49 19.06 -39.64
CA PHE E 315 -13.05 20.36 -39.35
C PHE E 315 -14.56 20.27 -39.44
N GLY E 316 -15.24 20.67 -38.37
CA GLY E 316 -16.69 20.59 -38.32
C GLY E 316 -17.30 21.40 -37.21
N PRO E 317 -18.63 21.49 -37.21
CA PRO E 317 -19.33 22.27 -36.19
C PRO E 317 -19.66 21.45 -34.94
N LEU E 318 -19.93 22.16 -33.86
CA LEU E 318 -20.44 21.55 -32.64
C LEU E 318 -21.95 21.37 -32.79
N ASP E 319 -22.40 20.12 -32.80
CA ASP E 319 -23.81 19.80 -33.02
C ASP E 319 -24.38 19.24 -31.71
N GLN E 320 -25.25 20.02 -31.07
CA GLN E 320 -25.87 19.60 -29.82
C GLN E 320 -27.16 18.82 -30.02
N GLY E 321 -27.72 18.85 -31.22
CA GLY E 321 -28.90 18.06 -31.53
C GLY E 321 -30.14 18.45 -30.74
N TRP E 322 -30.44 19.75 -30.69
CA TRP E 322 -31.61 20.26 -30.00
C TRP E 322 -32.59 20.84 -31.00
N TRP E 323 -33.88 20.72 -30.67
CA TRP E 323 -34.95 21.17 -31.55
C TRP E 323 -35.94 21.99 -30.74
N PRO E 324 -36.37 23.16 -31.25
CA PRO E 324 -37.28 23.99 -30.46
C PRO E 324 -38.65 23.37 -30.26
N ASP E 325 -39.04 22.42 -31.10
CA ASP E 325 -40.35 21.80 -31.01
C ASP E 325 -40.31 20.37 -30.48
N GLY E 326 -39.20 19.65 -30.66
CA GLY E 326 -39.11 18.28 -30.20
C GLY E 326 -37.99 18.04 -29.21
N LEU E 327 -37.26 19.10 -28.85
CA LEU E 327 -36.12 19.03 -27.94
C LEU E 327 -35.08 18.02 -28.44
N TYR E 328 -34.98 16.87 -27.77
CA TYR E 328 -34.03 15.84 -28.19
C TYR E 328 -34.45 15.18 -29.49
N THR E 329 -35.74 15.18 -29.83
CA THR E 329 -36.26 14.43 -30.95
C THR E 329 -36.49 15.34 -32.15
N ALA E 330 -35.91 14.95 -33.28
CA ALA E 330 -36.16 15.68 -34.52
C ALA E 330 -37.60 15.43 -34.97
N PRO E 331 -38.31 16.48 -35.42
CA PRO E 331 -39.73 16.29 -35.78
C PRO E 331 -39.95 15.23 -36.84
N THR E 332 -39.16 15.24 -37.91
CA THR E 332 -39.23 14.22 -38.95
C THR E 332 -37.84 13.68 -39.21
N ASP E 333 -37.79 12.51 -39.87
CA ASP E 333 -36.50 11.96 -40.30
C ASP E 333 -35.81 12.90 -41.28
N GLU E 334 -36.58 13.62 -42.08
CA GLU E 334 -36.04 14.64 -42.96
C GLU E 334 -35.39 15.77 -42.17
N ALA E 335 -36.01 16.17 -41.06
CA ALA E 335 -35.40 17.18 -40.20
C ALA E 335 -34.10 16.65 -39.59
N LEU E 336 -34.10 15.38 -39.16
CA LEU E 336 -32.90 14.77 -38.61
C LEU E 336 -31.77 14.80 -39.62
N LEU E 337 -32.08 14.54 -40.89
CA LEU E 337 -31.06 14.53 -41.94
C LEU E 337 -30.64 15.94 -42.34
N TYR E 338 -31.52 16.92 -42.17
CA TYR E 338 -31.25 18.27 -42.69
C TYR E 338 -30.00 18.87 -42.06
N ASP E 339 -29.79 18.64 -40.77
CA ASP E 339 -28.61 19.21 -40.11
C ASP E 339 -27.32 18.66 -40.70
N ILE E 340 -27.31 17.38 -41.06
CA ILE E 340 -26.10 16.77 -41.62
C ILE E 340 -25.87 17.27 -43.03
N GLN E 341 -26.94 17.45 -43.81
N GLN E 341 -26.94 17.46 -43.81
CA GLN E 341 -26.82 17.95 -45.17
CA GLN E 341 -26.79 17.95 -45.18
C GLN E 341 -26.24 19.36 -45.20
C GLN E 341 -26.27 19.37 -45.22
N LYS E 342 -26.77 20.24 -44.33
CA LYS E 342 -26.25 21.60 -44.29
C LYS E 342 -24.82 21.63 -43.77
N THR E 343 -24.47 20.72 -42.86
CA THR E 343 -23.08 20.59 -42.45
C THR E 343 -22.19 20.27 -43.64
N LYS E 344 -22.62 19.31 -44.46
CA LYS E 344 -21.89 19.00 -45.69
C LYS E 344 -21.91 20.17 -46.66
N ASP E 345 -23.01 20.93 -46.69
CA ASP E 345 -23.09 22.08 -47.58
C ASP E 345 -22.12 23.19 -47.18
N PHE E 346 -21.75 23.26 -45.91
CA PHE E 346 -20.85 24.29 -45.41
C PHE E 346 -19.38 23.93 -45.56
N GLY E 347 -19.07 22.79 -46.18
CA GLY E 347 -17.70 22.41 -46.46
C GLY E 347 -17.03 21.62 -45.36
N TYR E 348 -17.73 21.29 -44.29
CA TYR E 348 -17.13 20.52 -43.20
C TYR E 348 -17.01 19.05 -43.58
N ASN E 349 -16.11 18.35 -42.89
CA ASN E 349 -15.97 16.91 -43.03
C ASN E 349 -16.15 16.19 -41.70
N ILE E 351 -18.36 16.22 -37.53
CA ILE E 351 -19.35 16.74 -36.60
C ILE E 351 -18.99 16.24 -35.21
N ARG E 352 -18.94 17.14 -34.23
CA ARG E 352 -18.81 16.77 -32.84
C ARG E 352 -20.20 16.77 -32.22
N LYS E 353 -20.72 15.58 -31.93
CA LYS E 353 -22.01 15.44 -31.28
C LYS E 353 -21.84 15.74 -29.80
N HIS E 354 -22.35 16.89 -29.37
CA HIS E 354 -22.01 17.44 -28.06
C HIS E 354 -22.90 16.82 -26.97
N ILE E 355 -22.25 16.16 -26.00
CA ILE E 355 -22.85 15.51 -24.83
C ILE E 355 -24.28 15.03 -25.10
N LYS E 356 -24.45 14.27 -26.18
CA LYS E 356 -25.73 13.68 -26.51
C LYS E 356 -25.48 12.51 -27.45
N VAL E 357 -26.37 11.50 -27.39
CA VAL E 357 -26.36 10.39 -28.32
C VAL E 357 -27.61 10.49 -29.17
N GLU E 358 -27.43 10.45 -30.48
CA GLU E 358 -28.52 10.59 -31.43
C GLU E 358 -29.14 9.23 -31.73
N PRO E 359 -30.32 9.22 -32.35
CA PRO E 359 -30.89 7.95 -32.83
C PRO E 359 -29.95 7.26 -33.83
N ALA E 360 -30.16 5.96 -33.98
CA ALA E 360 -29.31 5.17 -34.88
C ALA E 360 -29.35 5.71 -36.30
N ARG E 361 -30.51 6.21 -36.74
CA ARG E 361 -30.62 6.71 -38.11
C ARG E 361 -29.71 7.91 -38.35
N TRP E 362 -29.41 8.68 -37.31
CA TRP E 362 -28.54 9.84 -37.48
C TRP E 362 -27.12 9.41 -37.85
N TYR E 363 -26.61 8.37 -37.19
CA TYR E 363 -25.26 7.91 -37.48
C TYR E 363 -25.18 7.24 -38.85
N THR E 364 -26.25 6.55 -39.26
CA THR E 364 -26.29 5.97 -40.61
C THR E 364 -26.24 7.07 -41.67
N TYR E 365 -26.92 8.19 -41.41
CA TYR E 365 -26.88 9.31 -42.34
C TYR E 365 -25.48 9.91 -42.45
N CYS E 366 -24.71 9.89 -41.36
CA CYS E 366 -23.32 10.33 -41.43
C CYS E 366 -22.48 9.33 -42.23
N ASP E 367 -22.78 8.04 -42.10
CA ASP E 367 -22.08 7.03 -42.90
C ASP E 367 -22.35 7.23 -44.39
N GLN E 368 -23.60 7.54 -44.74
CA GLN E 368 -23.97 7.68 -46.15
C GLN E 368 -23.49 9.00 -46.73
N LEU E 369 -23.62 10.10 -45.98
CA LEU E 369 -23.23 11.40 -46.51
C LEU E 369 -21.72 11.61 -46.47
N GLY E 370 -21.03 11.04 -45.49
CA GLY E 370 -19.60 11.21 -45.39
C GLY E 370 -19.19 12.26 -44.39
N ILE E 371 -19.48 12.02 -43.11
CA ILE E 371 -19.16 12.94 -42.03
C ILE E 371 -18.53 12.13 -40.90
N ILE E 372 -17.28 12.46 -40.55
CA ILE E 372 -16.66 11.87 -39.37
C ILE E 372 -17.32 12.44 -38.12
N VAL E 373 -17.53 11.59 -37.12
CA VAL E 373 -18.27 11.97 -35.93
C VAL E 373 -17.36 11.84 -34.71
N TRP E 374 -17.28 12.90 -33.91
CA TRP E 374 -16.74 12.84 -32.56
C TRP E 374 -17.90 12.68 -31.59
N GLN E 375 -17.89 11.61 -30.81
CA GLN E 375 -19.00 11.27 -29.93
C GLN E 375 -18.62 11.58 -28.49
N ASP E 376 -19.40 12.44 -27.85
CA ASP E 376 -19.18 12.79 -26.45
C ASP E 376 -19.91 11.82 -25.53
N PRO E 378 -22.21 11.88 -22.57
CA PRO E 378 -23.08 12.87 -21.94
C PRO E 378 -22.71 13.11 -20.49
N SER E 379 -22.61 14.38 -20.12
CA SER E 379 -22.07 14.77 -18.82
C SER E 379 -23.15 14.72 -17.74
N GLY E 380 -22.70 14.83 -16.49
CA GLY E 380 -23.61 14.81 -15.37
C GLY E 380 -22.84 15.01 -14.08
N ASP E 381 -23.59 15.00 -12.98
CA ASP E 381 -23.05 15.11 -11.63
C ASP E 381 -22.32 16.44 -11.42
N ARG E 382 -21.60 16.55 -10.30
CA ARG E 382 -20.85 17.75 -9.97
C ARG E 382 -19.46 17.71 -10.62
N ASN E 383 -18.75 18.82 -10.57
CA ASN E 383 -17.50 19.01 -11.28
C ASN E 383 -16.35 19.29 -10.33
N PRO E 384 -15.11 18.97 -10.73
CA PRO E 384 -13.95 19.50 -10.01
C PRO E 384 -13.62 20.91 -10.50
N GLN E 385 -12.51 21.48 -10.04
CA GLN E 385 -12.08 22.77 -10.57
C GLN E 385 -11.66 22.61 -12.03
N TRP E 386 -12.03 23.58 -12.86
CA TRP E 386 -11.72 23.55 -14.28
C TRP E 386 -10.47 24.38 -14.53
N GLN E 387 -9.35 23.71 -14.74
CA GLN E 387 -8.10 24.37 -15.12
C GLN E 387 -8.00 24.26 -16.63
N ASN E 388 -8.58 25.24 -17.33
CA ASN E 388 -8.79 25.15 -18.78
C ASN E 388 -7.55 25.48 -19.59
N ARG E 389 -6.56 26.17 -19.02
CA ARG E 389 -5.41 26.63 -19.78
C ARG E 389 -4.09 26.03 -19.32
N LYS E 390 -4.12 25.05 -18.42
CA LYS E 390 -2.91 24.38 -17.98
C LYS E 390 -3.22 22.91 -17.74
N TYR E 391 -2.18 22.10 -17.65
CA TYR E 391 -2.34 20.71 -17.26
C TYR E 391 -2.73 20.63 -15.79
N PHE E 392 -3.69 19.76 -15.49
CA PHE E 392 -4.31 19.76 -14.17
C PHE E 392 -3.30 19.45 -13.07
N ASP E 393 -3.27 20.29 -12.04
CA ASP E 393 -2.44 20.08 -10.87
C ASP E 393 -3.21 20.24 -9.57
N GLY E 394 -4.54 20.31 -9.63
CA GLY E 394 -5.37 20.54 -8.47
C GLY E 394 -5.87 19.26 -7.83
N THR E 395 -7.02 19.37 -7.17
CA THR E 395 -7.59 18.26 -6.41
C THR E 395 -8.64 17.55 -7.27
N GLU E 396 -8.49 16.23 -7.41
CA GLU E 396 -9.46 15.44 -8.13
C GLU E 396 -10.81 15.46 -7.40
N LYS E 398 -14.26 13.33 -6.38
CA LYS E 398 -14.53 11.93 -6.04
C LYS E 398 -16.03 11.70 -6.17
N ARG E 399 -16.42 11.04 -7.27
CA ARG E 399 -17.81 10.64 -7.43
C ARG E 399 -18.17 9.60 -6.39
N SER E 400 -19.45 9.57 -6.02
CA SER E 400 -19.95 8.49 -5.19
C SER E 400 -19.90 7.19 -5.98
N ALA E 401 -19.85 6.07 -5.24
CA ALA E 401 -19.80 4.76 -5.89
C ALA E 401 -20.98 4.57 -6.82
N GLU E 402 -22.16 5.09 -6.44
CA GLU E 402 -23.32 5.01 -7.31
C GLU E 402 -23.12 5.82 -8.58
N SER E 403 -22.61 7.05 -8.43
CA SER E 403 -22.41 7.92 -9.59
C SER E 403 -21.36 7.35 -10.54
N GLU E 404 -20.24 6.87 -10.00
CA GLU E 404 -19.20 6.30 -10.84
C GLU E 404 -19.71 5.06 -11.57
N ALA E 405 -20.54 4.25 -10.90
CA ALA E 405 -21.06 3.06 -11.53
C ALA E 405 -21.96 3.40 -12.73
N TYR E 406 -22.80 4.42 -12.58
CA TYR E 406 -23.67 4.83 -13.68
C TYR E 406 -22.85 5.30 -14.88
N TYR E 407 -21.78 6.08 -14.62
CA TYR E 407 -20.95 6.56 -15.71
C TYR E 407 -20.33 5.40 -16.48
N ARG E 408 -19.62 4.51 -15.77
CA ARG E 408 -18.96 3.39 -16.42
C ARG E 408 -19.97 2.49 -17.15
N LYS E 409 -21.17 2.34 -16.59
CA LYS E 409 -22.17 1.47 -17.20
C LYS E 409 -22.70 2.05 -18.50
N GLU E 410 -23.08 3.33 -18.49
CA GLU E 410 -23.67 3.94 -19.67
C GLU E 410 -22.63 4.26 -20.73
N TRP E 411 -21.40 4.55 -20.32
CA TRP E 411 -20.34 4.79 -21.31
C TRP E 411 -20.02 3.53 -22.08
N LYS E 412 -20.05 2.37 -21.40
CA LYS E 412 -19.88 1.10 -22.10
C LYS E 412 -21.08 0.81 -22.99
N GLU E 413 -22.29 1.13 -22.53
CA GLU E 413 -23.49 0.88 -23.32
C GLU E 413 -23.55 1.78 -24.55
N ILE E 414 -23.07 3.02 -24.43
CA ILE E 414 -23.02 3.91 -25.58
C ILE E 414 -22.03 3.40 -26.61
N ASP E 416 -21.07 0.39 -26.98
CA ASP E 416 -21.52 -0.89 -27.51
C ASP E 416 -22.52 -0.68 -28.65
N CYS E 417 -23.50 0.19 -28.45
CA CYS E 417 -24.55 0.40 -29.44
C CYS E 417 -24.11 1.29 -30.60
N LEU E 418 -22.88 1.79 -30.58
CA LEU E 418 -22.37 2.64 -31.66
C LEU E 418 -21.08 2.10 -32.26
N HIS E 419 -20.71 0.86 -31.94
CA HIS E 419 -19.38 0.35 -32.30
C HIS E 419 -19.22 0.18 -33.81
N SER E 420 -20.28 -0.25 -34.50
CA SER E 420 -20.17 -0.65 -35.89
C SER E 420 -20.43 0.48 -36.87
N TYR E 421 -20.45 1.74 -36.41
CA TYR E 421 -20.71 2.86 -37.30
C TYR E 421 -19.41 3.39 -37.88
N PRO E 422 -19.25 3.40 -39.21
CA PRO E 422 -18.00 3.92 -39.79
C PRO E 422 -17.72 5.38 -39.47
N CYS E 423 -18.76 6.19 -39.26
CA CYS E 423 -18.56 7.63 -39.12
C CYS E 423 -17.84 8.00 -37.83
N ILE E 424 -18.04 7.24 -36.76
CA ILE E 424 -17.47 7.60 -35.47
C ILE E 424 -15.97 7.33 -35.48
N GLY E 425 -15.19 8.36 -35.20
CA GLY E 425 -13.74 8.23 -35.21
C GLY E 425 -13.07 8.57 -33.90
N THR E 426 -13.78 9.30 -33.03
CA THR E 426 -13.20 9.78 -31.78
C THR E 426 -14.21 9.63 -30.65
N TRP E 427 -13.77 9.05 -29.53
CA TRP E 427 -14.56 9.01 -28.31
C TRP E 427 -14.10 10.14 -27.40
N VAL E 428 -15.05 10.88 -26.83
CA VAL E 428 -14.75 11.99 -25.93
C VAL E 428 -15.41 11.73 -24.58
N PRO E 429 -14.71 11.14 -23.61
CA PRO E 429 -15.36 10.80 -22.34
C PRO E 429 -15.76 12.01 -21.50
N PHE E 430 -15.02 13.12 -21.57
CA PHE E 430 -15.31 14.25 -20.72
C PHE E 430 -15.21 15.55 -21.53
N ASN E 431 -15.84 16.59 -20.99
CA ASN E 431 -15.84 17.89 -21.66
C ASN E 431 -15.84 18.99 -20.60
N GLU E 432 -14.83 19.84 -20.63
CA GLU E 432 -14.76 21.05 -19.80
C GLU E 432 -14.93 20.72 -18.32
N ALA E 433 -14.36 19.59 -17.90
CA ALA E 433 -14.33 19.10 -16.52
C ALA E 433 -15.71 18.80 -15.95
N TRP E 434 -16.73 18.67 -16.79
CA TRP E 434 -18.09 18.39 -16.31
C TRP E 434 -18.16 16.94 -15.84
N GLY E 435 -18.17 16.75 -14.52
CA GLY E 435 -18.18 15.41 -13.95
C GLY E 435 -16.89 14.64 -14.17
N GLN E 436 -15.79 15.33 -14.45
CA GLN E 436 -14.55 14.66 -14.83
C GLN E 436 -13.93 13.97 -13.61
N PHE E 437 -13.49 12.73 -13.81
CA PHE E 437 -12.91 11.93 -12.74
C PHE E 437 -12.14 10.77 -13.37
N LYS E 438 -11.04 10.39 -12.72
CA LYS E 438 -10.22 9.25 -13.14
C LYS E 438 -9.95 9.30 -14.65
N THR E 439 -9.48 10.46 -15.11
CA THR E 439 -9.41 10.73 -16.55
C THR E 439 -8.45 9.75 -17.25
N VAL E 440 -7.28 9.52 -16.65
CA VAL E 440 -6.32 8.62 -17.29
C VAL E 440 -6.85 7.19 -17.31
N GLU E 441 -7.49 6.75 -16.23
CA GLU E 441 -8.04 5.41 -16.19
C GLU E 441 -9.18 5.24 -17.20
N ILE E 442 -10.02 6.26 -17.35
CA ILE E 442 -11.13 6.17 -18.30
C ILE E 442 -10.61 6.22 -19.74
N ALA E 443 -9.62 7.07 -20.00
CA ALA E 443 -9.06 7.16 -21.34
C ALA E 443 -8.38 5.86 -21.74
N GLU E 444 -7.65 5.23 -20.81
CA GLU E 444 -6.98 3.98 -21.11
C GLU E 444 -7.97 2.85 -21.27
N TRP E 445 -9.06 2.85 -20.48
CA TRP E 445 -10.09 1.84 -20.66
C TRP E 445 -10.80 2.01 -21.99
N THR E 446 -11.05 3.25 -22.40
CA THR E 446 -11.75 3.51 -23.66
C THR E 446 -10.93 3.02 -24.85
N LYS E 447 -9.64 3.35 -24.88
CA LYS E 447 -8.79 2.90 -25.97
C LYS E 447 -8.66 1.38 -25.99
N GLN E 448 -8.52 0.78 -24.80
CA GLN E 448 -8.38 -0.68 -24.73
C GLN E 448 -9.67 -1.38 -25.13
N TYR E 449 -10.82 -0.76 -24.87
CA TYR E 449 -12.10 -1.36 -25.20
C TYR E 449 -12.42 -1.26 -26.69
N ASP E 450 -11.88 -0.23 -27.35
CA ASP E 450 -12.11 -0.04 -28.79
C ASP E 450 -10.88 0.65 -29.38
N PRO E 451 -9.88 -0.13 -29.79
CA PRO E 451 -8.66 0.48 -30.34
C PRO E 451 -8.85 1.13 -31.71
N THR E 452 -9.98 0.91 -32.38
CA THR E 452 -10.15 1.42 -33.74
C THR E 452 -10.54 2.89 -33.78
N ARG E 453 -10.84 3.50 -32.64
CA ARG E 453 -11.15 4.92 -32.57
C ARG E 453 -10.13 5.64 -31.70
N LEU E 454 -10.07 6.95 -31.86
CA LEU E 454 -9.19 7.80 -31.06
C LEU E 454 -9.91 8.26 -29.80
N VAL E 455 -9.12 8.63 -28.80
CA VAL E 455 -9.63 9.07 -27.51
C VAL E 455 -9.28 10.54 -27.33
N ASN E 456 -10.31 11.38 -27.23
CA ASN E 456 -10.16 12.74 -26.73
C ASN E 456 -10.42 12.72 -25.24
N PRO E 457 -9.38 12.61 -24.40
CA PRO E 457 -9.62 12.30 -22.98
C PRO E 457 -10.48 13.31 -22.25
N ALA E 458 -10.38 14.60 -22.60
CA ALA E 458 -11.20 15.62 -21.96
C ALA E 458 -11.20 16.84 -22.88
N SER E 459 -12.34 17.13 -23.49
CA SER E 459 -12.43 18.23 -24.44
C SER E 459 -12.36 19.55 -23.68
N GLY E 460 -11.26 20.28 -23.86
CA GLY E 460 -11.10 21.57 -23.24
C GLY E 460 -10.68 21.56 -21.78
N GLY E 461 -10.31 20.41 -21.24
CA GLY E 461 -9.94 20.32 -19.85
C GLY E 461 -10.91 19.43 -19.07
N ASN E 462 -10.41 18.90 -17.95
CA ASN E 462 -9.05 19.12 -17.47
C ASN E 462 -8.04 18.29 -18.27
N HIS E 463 -6.84 18.84 -18.44
CA HIS E 463 -5.85 18.27 -19.35
C HIS E 463 -4.92 17.32 -18.62
N TYR E 464 -4.75 16.13 -19.18
CA TYR E 464 -3.80 15.15 -18.70
C TYR E 464 -3.02 14.60 -19.89
N THR E 465 -1.77 14.21 -19.63
CA THR E 465 -0.91 13.65 -20.67
C THR E 465 -1.32 12.20 -20.92
N CYS E 466 -2.42 12.05 -21.65
CA CYS E 466 -2.97 10.74 -21.98
C CYS E 466 -3.86 10.87 -23.21
N GLY E 467 -4.43 9.76 -23.64
CA GLY E 467 -5.29 9.76 -24.79
C GLY E 467 -4.52 9.92 -26.10
N ASP E 468 -5.27 10.19 -27.15
CA ASP E 468 -4.71 10.35 -28.49
C ASP E 468 -4.57 11.82 -28.90
N LEU E 470 -4.60 16.26 -27.44
CA LEU E 470 -4.82 17.35 -26.52
C LEU E 470 -5.85 18.30 -27.12
N ASP E 471 -6.91 18.59 -26.36
CA ASP E 471 -8.05 19.35 -26.85
C ASP E 471 -8.13 20.67 -26.11
N LEU E 472 -8.00 21.77 -26.83
CA LEU E 472 -8.11 23.11 -26.27
C LEU E 472 -9.43 23.74 -26.65
N HIS E 473 -10.04 24.44 -25.70
CA HIS E 473 -11.18 25.31 -25.97
C HIS E 473 -10.73 26.76 -25.85
N ASN E 474 -11.21 27.61 -26.76
CA ASN E 474 -10.92 29.04 -26.66
C ASN E 474 -11.99 29.81 -27.39
N TYR E 475 -12.52 30.84 -26.72
CA TYR E 475 -13.54 31.69 -27.29
C TYR E 475 -13.11 33.14 -27.20
N PRO E 476 -13.38 33.96 -28.23
CA PRO E 476 -14.03 33.52 -29.47
C PRO E 476 -13.04 33.04 -30.53
N ALA E 477 -11.81 33.61 -30.54
CA ALA E 477 -10.85 33.33 -31.60
C ALA E 477 -10.03 32.08 -31.30
N PRO E 478 -9.52 31.42 -32.34
CA PRO E 478 -8.61 30.30 -32.12
C PRO E 478 -7.31 30.75 -31.46
N GLU E 479 -6.79 29.91 -30.57
CA GLU E 479 -5.56 30.21 -29.87
C GLU E 479 -4.94 28.91 -29.39
N TYR E 481 -2.62 27.85 -26.73
CA TYR E 481 -1.88 28.12 -25.51
C TYR E 481 -1.21 26.89 -24.91
N LEU E 482 -1.63 25.69 -25.30
CA LEU E 482 -0.97 24.46 -24.96
C LEU E 482 -0.64 23.69 -26.22
N TYR E 483 0.45 22.94 -26.19
CA TYR E 483 0.81 22.09 -27.31
C TYR E 483 1.36 20.77 -26.80
N ASP E 484 1.06 19.69 -27.51
CA ASP E 484 1.57 18.37 -27.20
C ASP E 484 2.19 17.79 -28.46
N ALA E 485 3.50 17.55 -28.41
CA ALA E 485 4.18 16.92 -29.54
C ALA E 485 4.08 15.40 -29.51
N GLN E 486 3.62 14.82 -28.40
CA GLN E 486 3.43 13.37 -28.34
C GLN E 486 2.13 12.95 -29.00
N ARG E 487 1.06 13.71 -28.77
CA ARG E 487 -0.25 13.45 -29.34
C ARG E 487 -0.60 14.54 -30.35
N ALA E 488 -1.78 14.42 -30.93
CA ALA E 488 -2.31 15.48 -31.76
C ALA E 488 -2.87 16.60 -30.87
N THR E 489 -2.81 17.83 -31.38
CA THR E 489 -3.34 18.99 -30.67
C THR E 489 -4.47 19.56 -31.51
N VAL E 490 -5.66 19.63 -30.92
CA VAL E 490 -6.87 20.03 -31.63
C VAL E 490 -7.56 21.15 -30.87
N LEU E 491 -8.48 21.82 -31.56
CA LEU E 491 -9.25 22.94 -31.01
C LEU E 491 -10.72 22.49 -30.97
N GLY E 492 -11.09 21.83 -29.89
CA GLY E 492 -12.40 21.20 -29.80
C GLY E 492 -13.57 22.13 -29.59
N GLU E 493 -13.33 23.43 -29.41
CA GLU E 493 -14.42 24.40 -29.31
C GLU E 493 -13.85 25.79 -29.56
N TYR E 494 -14.46 26.52 -30.48
CA TYR E 494 -14.09 27.91 -30.74
C TYR E 494 -15.21 28.57 -31.50
N GLY E 495 -15.10 29.88 -31.66
CA GLY E 495 -16.07 30.66 -32.44
C GLY E 495 -17.19 31.21 -31.55
N GLY E 496 -18.39 30.66 -31.71
CA GLY E 496 -19.54 31.15 -30.96
C GLY E 496 -19.97 32.54 -31.38
N ILE E 497 -19.88 32.84 -32.67
CA ILE E 497 -20.25 34.16 -33.17
C ILE E 497 -21.76 34.31 -33.10
N GLY E 498 -22.22 35.26 -32.28
CA GLY E 498 -23.63 35.43 -32.03
C GLY E 498 -24.29 36.46 -32.94
N LEU E 499 -25.57 36.23 -33.21
CA LEU E 499 -26.36 37.14 -34.04
C LEU E 499 -27.82 36.89 -33.72
N VAL E 500 -28.53 37.95 -33.32
CA VAL E 500 -29.92 37.83 -32.89
C VAL E 500 -30.82 38.14 -34.08
N LEU E 501 -31.64 37.17 -34.49
N LEU E 501 -31.56 37.14 -34.55
CA LEU E 501 -32.69 37.38 -35.48
CA LEU E 501 -32.54 37.29 -35.61
C LEU E 501 -34.03 37.38 -34.75
C LEU E 501 -33.92 37.07 -35.00
N LYS E 502 -34.72 38.53 -34.78
N LYS E 502 -34.65 38.16 -34.79
CA LYS E 502 -35.82 38.78 -33.84
CA LYS E 502 -35.97 38.08 -34.20
C LYS E 502 -37.00 37.83 -34.03
C LYS E 502 -36.89 37.24 -35.09
N ASP E 503 -37.17 37.25 -35.21
N ASP E 503 -38.05 36.88 -34.51
CA ASP E 503 -38.32 36.40 -35.49
CA ASP E 503 -39.02 35.93 -35.06
C ASP E 503 -38.03 34.91 -35.33
C ASP E 503 -38.42 34.55 -35.26
N HIS E 504 -36.79 34.54 -35.04
N HIS E 504 -37.19 34.32 -34.81
CA HIS E 504 -36.41 33.14 -34.94
CA HIS E 504 -36.51 33.03 -34.92
C HIS E 504 -35.54 32.91 -33.72
C HIS E 504 -35.66 32.75 -33.69
N ILE E 505 -36.04 33.34 -32.55
CA ILE E 505 -35.32 33.16 -31.30
C ILE E 505 -36.24 32.51 -30.28
N TRP E 506 -35.64 31.77 -29.35
CA TRP E 506 -36.39 31.06 -28.34
C TRP E 506 -37.03 32.02 -27.33
N GLU E 507 -36.29 33.07 -26.94
CA GLU E 507 -36.76 34.05 -25.99
C GLU E 507 -36.40 35.44 -26.48
N PRO E 508 -37.19 36.47 -26.13
CA PRO E 508 -36.86 37.83 -26.56
C PRO E 508 -35.67 38.45 -25.83
N ASN E 509 -35.35 37.97 -24.64
CA ASN E 509 -34.28 38.53 -23.82
C ASN E 509 -33.22 37.49 -23.54
N ARG E 510 -32.10 37.97 -22.97
CA ARG E 510 -30.97 37.16 -22.51
C ARG E 510 -30.23 36.46 -23.65
N ASN E 511 -30.53 36.79 -24.91
CA ASN E 511 -29.78 36.19 -26.01
C ASN E 511 -28.32 36.64 -25.95
N TRP E 512 -27.42 35.73 -26.31
CA TRP E 512 -26.00 36.02 -26.14
C TRP E 512 -25.16 35.18 -27.09
N GLY E 513 -23.98 35.70 -27.42
CA GLY E 513 -22.93 34.93 -28.03
C GLY E 513 -21.60 35.26 -27.38
N TYR E 514 -20.58 34.50 -27.75
CA TYR E 514 -19.24 34.81 -27.25
C TYR E 514 -18.73 36.12 -27.84
N VAL E 515 -19.17 36.45 -29.05
CA VAL E 515 -19.03 37.79 -29.61
C VAL E 515 -20.30 38.08 -30.41
N GLN E 516 -20.80 39.30 -30.31
CA GLN E 516 -22.09 39.66 -30.89
C GLN E 516 -21.93 40.66 -32.03
N PHE E 517 -22.76 40.47 -33.06
CA PHE E 517 -22.83 41.35 -34.21
C PHE E 517 -24.30 41.59 -34.55
N ASN E 518 -24.55 42.57 -35.41
CA ASN E 518 -25.91 43.01 -35.72
C ASN E 518 -26.36 42.66 -37.12
N SER E 519 -25.51 42.05 -37.94
CA SER E 519 -25.92 41.66 -39.28
C SER E 519 -25.18 40.40 -39.69
N SER E 520 -25.74 39.70 -40.67
CA SER E 520 -25.10 38.49 -41.19
C SER E 520 -23.78 38.81 -41.87
N LYS E 521 -23.68 39.99 -42.50
CA LYS E 521 -22.43 40.39 -43.13
C LYS E 521 -21.31 40.50 -42.12
N GLU E 522 -21.57 41.14 -40.98
CA GLU E 522 -20.55 41.30 -39.96
C GLU E 522 -20.14 39.96 -39.37
N ALA E 523 -21.12 39.09 -39.09
CA ALA E 523 -20.82 37.80 -38.47
C ALA E 523 -20.02 36.91 -39.41
N THR E 524 -20.37 36.91 -40.70
CA THR E 524 -19.59 36.15 -41.67
C THR E 524 -18.18 36.72 -41.82
N ASP E 525 -18.06 38.05 -41.79
CA ASP E 525 -16.73 38.67 -41.81
C ASP E 525 -15.88 38.17 -40.65
N GLU E 526 -16.49 37.98 -39.49
CA GLU E 526 -15.75 37.48 -38.33
C GLU E 526 -15.47 35.99 -38.43
N TYR E 527 -16.38 35.23 -39.04
CA TYR E 527 -16.13 33.80 -39.21
C TYR E 527 -14.94 33.56 -40.13
N VAL E 528 -14.85 34.33 -41.23
CA VAL E 528 -13.71 34.19 -42.13
C VAL E 528 -12.42 34.62 -41.44
N LYS E 529 -12.50 35.63 -40.56
CA LYS E 529 -11.30 36.08 -39.86
C LYS E 529 -10.74 34.97 -38.97
N TYR E 530 -11.63 34.32 -38.21
CA TYR E 530 -11.18 33.21 -37.36
C TYR E 530 -10.71 32.03 -38.20
N ALA E 531 -11.45 31.72 -39.27
CA ALA E 531 -11.08 30.61 -40.13
C ALA E 531 -9.75 30.86 -40.83
N ASP E 532 -9.49 32.12 -41.21
CA ASP E 532 -8.20 32.45 -41.79
C ASP E 532 -7.07 32.27 -40.76
N LEU E 534 -7.26 30.13 -38.24
CA LEU E 534 -7.19 28.69 -38.04
C LEU E 534 -6.38 28.01 -39.14
N TYR E 535 -6.53 28.48 -40.38
CA TYR E 535 -5.80 27.88 -41.49
C TYR E 535 -4.29 28.06 -41.31
N LYS E 536 -3.86 29.22 -40.81
CA LYS E 536 -2.44 29.44 -40.57
C LYS E 536 -1.92 28.63 -39.38
N VAL E 538 -2.72 25.52 -38.77
CA VAL E 538 -2.63 24.11 -39.12
C VAL E 538 -1.17 23.66 -39.17
N ASP E 539 -0.33 24.45 -39.84
CA ASP E 539 1.10 24.17 -39.87
C ASP E 539 1.81 24.52 -38.56
N ARG E 540 1.14 25.23 -37.66
N ARG E 540 1.15 25.25 -37.66
CA ARG E 540 1.74 25.56 -36.37
CA ARG E 540 1.74 25.56 -36.36
C ARG E 540 1.51 24.49 -35.31
C ARG E 540 1.56 24.44 -35.35
N GLY E 541 0.55 23.60 -35.51
CA GLY E 541 0.32 22.52 -34.57
C GLY E 541 -1.08 21.94 -34.54
N PHE E 542 -2.08 22.74 -34.90
CA PHE E 542 -3.46 22.27 -34.83
C PHE E 542 -3.75 21.25 -35.93
N SER E 543 -4.44 20.16 -35.55
CA SER E 543 -4.78 19.09 -36.48
C SER E 543 -6.28 18.85 -36.60
N ALA E 544 -7.11 19.57 -35.85
CA ALA E 544 -8.56 19.48 -35.96
C ALA E 544 -9.15 20.66 -35.21
N ALA E 545 -10.39 21.02 -35.58
CA ALA E 545 -11.05 22.15 -34.95
C ALA E 545 -12.56 21.93 -35.01
N VAL E 546 -13.25 22.43 -33.98
CA VAL E 546 -14.70 22.35 -33.87
C VAL E 546 -15.23 23.77 -33.69
N TYR E 547 -16.10 24.19 -34.60
CA TYR E 547 -16.69 25.52 -34.52
C TYR E 547 -18.05 25.45 -33.82
N THR E 548 -18.29 26.44 -32.95
CA THR E 548 -19.53 26.53 -32.17
C THR E 548 -20.43 27.57 -32.80
N GLN E 549 -21.62 27.17 -33.23
CA GLN E 549 -22.09 25.78 -33.25
C GLN E 549 -22.98 25.57 -34.46
N THR E 550 -23.65 24.42 -34.51
CA THR E 550 -24.48 24.10 -35.68
C THR E 550 -25.71 25.00 -35.74
N THR E 551 -26.48 25.08 -34.67
CA THR E 551 -27.68 25.89 -34.63
C THR E 551 -27.68 26.75 -33.37
N ASP E 552 -28.54 27.77 -33.38
CA ASP E 552 -28.94 28.40 -32.13
C ASP E 552 -29.63 27.37 -31.25
N VAL E 553 -29.39 27.47 -29.94
CA VAL E 553 -30.08 26.61 -28.96
C VAL E 553 -30.57 27.51 -27.85
N GLU E 554 -31.88 27.70 -27.78
CA GLU E 554 -32.51 28.58 -26.79
C GLU E 554 -31.90 29.97 -26.82
N VAL E 555 -31.33 30.42 -25.71
CA VAL E 555 -30.80 31.79 -25.65
C VAL E 555 -29.37 31.90 -26.15
N GLU E 556 -28.71 30.78 -26.44
CA GLU E 556 -27.37 30.80 -27.02
C GLU E 556 -27.52 30.88 -28.53
N VAL E 557 -27.43 32.09 -29.07
CA VAL E 557 -27.75 32.35 -30.47
C VAL E 557 -26.49 32.52 -31.31
N ASN E 558 -25.62 31.50 -31.28
CA ASN E 558 -24.32 31.58 -31.96
C ASN E 558 -24.14 30.45 -32.97
N GLY E 559 -25.23 29.94 -33.54
CA GLY E 559 -25.13 28.85 -34.48
C GLY E 559 -25.09 29.31 -35.93
N LEU E 560 -24.73 28.38 -36.81
CA LEU E 560 -24.80 28.64 -38.24
C LEU E 560 -26.23 28.83 -38.72
N THR E 562 -30.61 29.38 -37.35
CA THR E 562 -31.51 29.69 -36.25
C THR E 562 -32.01 28.39 -35.60
N TYR E 563 -32.56 28.53 -34.40
CA TYR E 563 -33.02 27.36 -33.66
C TYR E 563 -34.07 26.59 -34.44
N ASP E 564 -34.95 27.30 -35.17
CA ASP E 564 -36.01 26.67 -35.93
C ASP E 564 -35.56 26.20 -37.31
N ARG E 565 -34.26 26.26 -37.59
CA ARG E 565 -33.66 25.80 -38.85
C ARG E 565 -34.20 26.55 -40.06
N LYS E 566 -34.77 27.74 -39.86
CA LYS E 566 -35.41 28.45 -40.96
C LYS E 566 -34.51 29.46 -41.64
N VAL E 567 -33.47 29.94 -40.97
CA VAL E 567 -32.56 30.93 -41.53
C VAL E 567 -31.13 30.42 -41.39
N ILE E 568 -30.40 30.42 -42.49
CA ILE E 568 -28.95 30.20 -42.48
C ILE E 568 -28.29 31.54 -42.18
N LYS E 569 -27.60 31.62 -41.04
CA LYS E 569 -27.17 32.91 -40.49
C LYS E 569 -25.87 33.42 -41.11
N LEU E 570 -24.92 32.54 -41.42
CA LEU E 570 -23.69 32.95 -42.09
C LEU E 570 -23.79 32.68 -43.58
N ASP E 571 -23.08 33.50 -44.37
CA ASP E 571 -23.07 33.32 -45.81
C ASP E 571 -22.47 31.97 -46.17
N GLU E 572 -23.29 31.08 -46.73
CA GLU E 572 -22.86 29.71 -46.98
C GLU E 572 -21.76 29.64 -48.02
N LYS E 573 -21.81 30.52 -49.04
CA LYS E 573 -20.81 30.47 -50.10
C LYS E 573 -19.43 30.89 -49.60
N ARG E 574 -19.37 31.95 -48.79
CA ARG E 574 -18.08 32.39 -48.25
C ARG E 574 -17.54 31.41 -47.23
N ALA E 575 -18.43 30.83 -46.41
CA ALA E 575 -18.00 29.85 -45.43
C ALA E 575 -17.46 28.59 -46.08
N LYS E 576 -18.16 28.08 -47.11
CA LYS E 576 -17.72 26.86 -47.78
C LYS E 576 -16.36 27.03 -48.43
N GLU E 577 -16.02 28.25 -48.86
CA GLU E 577 -14.74 28.47 -49.53
C GLU E 577 -13.58 28.24 -48.57
N ILE E 578 -13.63 28.85 -47.39
CA ILE E 578 -12.52 28.69 -46.44
C ILE E 578 -12.62 27.37 -45.69
N ASN E 579 -13.83 26.87 -45.43
CA ASN E 579 -13.96 25.59 -44.74
C ASN E 579 -13.39 24.45 -45.58
N THR E 580 -13.69 24.44 -46.88
CA THR E 580 -13.12 23.43 -47.76
C THR E 580 -11.60 23.52 -47.80
N ARG E 581 -11.07 24.74 -47.88
CA ARG E 581 -9.62 24.92 -47.88
C ARG E 581 -9.00 24.43 -46.58
N ILE E 582 -9.73 24.56 -45.47
CA ILE E 582 -9.21 24.07 -44.19
C ILE E 582 -9.24 22.55 -44.14
N CYS E 583 -10.32 21.94 -44.65
CA CYS E 583 -10.42 20.48 -44.66
C CYS E 583 -9.36 19.84 -45.55
N ASN E 584 -8.84 20.57 -46.54
CA ASN E 584 -7.80 20.07 -47.42
C ASN E 584 -6.43 20.61 -47.07
N SER E 585 -6.26 21.20 -45.88
CA SER E 585 -5.01 21.87 -45.55
C SER E 585 -3.85 20.90 -45.43
N LEU E 586 -4.11 19.65 -45.03
CA LEU E 586 -3.08 18.64 -44.86
C LEU E 586 -2.96 17.72 -46.07
N LYS E 587 -3.45 18.15 -47.23
CA LYS E 587 -3.50 17.29 -48.40
C LYS E 587 -2.17 17.35 -49.15
N LYS E 588 -1.61 16.18 -49.46
CA LYS E 588 -0.35 16.09 -50.19
C LYS E 588 -0.62 15.90 -51.69
N ALA F 3 -33.33 -54.92 18.40
CA ALA F 3 -34.09 -54.66 19.62
C ALA F 3 -35.22 -53.68 19.36
N GLN F 4 -35.70 -53.04 20.43
CA GLN F 4 -36.79 -52.08 20.37
C GLN F 4 -36.30 -50.73 20.86
N TRP F 5 -36.79 -49.66 20.24
CA TRP F 5 -36.36 -48.32 20.58
C TRP F 5 -36.80 -47.95 21.99
N LYS F 6 -35.95 -47.20 22.69
CA LYS F 6 -36.18 -46.77 24.06
C LYS F 6 -35.31 -45.55 24.31
N PRO F 7 -35.83 -44.50 24.93
CA PRO F 7 -34.99 -43.33 25.23
C PRO F 7 -33.79 -43.71 26.09
N ALA F 8 -32.63 -43.19 25.71
CA ALA F 8 -31.38 -43.55 26.36
C ALA F 8 -31.07 -42.63 27.53
N GLY F 9 -30.18 -43.09 28.40
CA GLY F 9 -29.75 -42.31 29.54
C GLY F 9 -30.77 -42.28 30.65
N ASP F 10 -30.35 -41.68 31.77
CA ASP F 10 -31.19 -41.54 32.96
C ASP F 10 -31.31 -40.08 33.37
N ARG F 11 -31.14 -39.16 32.42
CA ARG F 11 -31.31 -37.74 32.70
C ARG F 11 -32.79 -37.37 32.71
N ILE F 12 -33.06 -36.12 33.09
CA ILE F 12 -34.43 -35.64 33.06
C ILE F 12 -34.93 -35.59 31.62
N LYS F 13 -36.25 -35.67 31.47
CA LYS F 13 -36.89 -35.62 30.17
C LYS F 13 -38.15 -34.79 30.27
N THR F 14 -38.59 -34.25 29.13
CA THR F 14 -39.85 -33.53 29.10
C THR F 14 -41.02 -34.50 29.13
N LYS F 15 -42.23 -33.96 29.30
CA LYS F 15 -43.41 -34.81 29.30
C LYS F 15 -43.71 -35.37 27.92
N TRP F 16 -43.17 -34.75 26.87
CA TRP F 16 -43.35 -35.24 25.51
C TRP F 16 -42.43 -36.40 25.17
N ALA F 17 -41.43 -36.68 26.00
CA ALA F 17 -40.55 -37.83 25.75
C ALA F 17 -41.31 -39.14 25.88
N GLU F 18 -42.37 -39.17 26.69
CA GLU F 18 -43.18 -40.37 26.80
C GLU F 18 -44.16 -40.52 25.65
N GLN F 19 -44.54 -39.41 25.02
CA GLN F 19 -45.49 -39.41 23.91
C GLN F 19 -44.85 -39.72 22.57
N ILE F 20 -43.52 -39.94 22.53
CA ILE F 20 -42.84 -40.17 21.27
C ILE F 20 -43.26 -41.51 20.70
N ASN F 21 -43.69 -41.51 19.43
CA ASN F 21 -44.00 -42.73 18.70
C ASN F 21 -42.99 -42.91 17.59
N PRO F 22 -42.17 -43.96 17.61
CA PRO F 22 -41.11 -44.11 16.60
C PRO F 22 -41.63 -44.21 15.18
N SER F 23 -42.90 -44.58 15.00
CA SER F 23 -43.49 -44.71 13.67
C SER F 23 -44.08 -43.41 13.16
N ASP F 24 -44.04 -42.33 13.94
CA ASP F 24 -44.65 -41.05 13.58
C ASP F 24 -43.94 -39.94 14.35
N VAL F 25 -42.66 -39.75 14.04
CA VAL F 25 -41.83 -38.75 14.72
C VAL F 25 -41.91 -37.44 13.95
N LEU F 26 -42.34 -36.38 14.63
CA LEU F 26 -42.42 -35.03 14.09
C LEU F 26 -43.11 -35.03 12.73
N PRO F 27 -44.40 -35.32 12.67
CA PRO F 27 -45.08 -35.50 11.37
C PRO F 27 -45.51 -34.21 10.69
N GLU F 28 -45.23 -33.04 11.28
CA GLU F 28 -45.73 -31.79 10.74
C GLU F 28 -44.90 -31.34 9.55
N TYR F 29 -45.53 -30.56 8.67
CA TYR F 29 -44.88 -30.11 7.44
C TYR F 29 -43.67 -29.25 7.77
N PRO F 30 -42.49 -29.57 7.24
CA PRO F 30 -41.26 -28.89 7.70
C PRO F 30 -41.03 -27.51 7.13
N ARG F 31 -41.87 -27.04 6.21
CA ARG F 31 -41.61 -25.80 5.47
C ARG F 31 -42.91 -25.01 5.28
N PRO F 32 -43.43 -24.41 6.35
CA PRO F 32 -44.68 -23.64 6.20
C PRO F 32 -44.54 -22.41 5.32
N ILE F 33 -43.33 -21.85 5.19
CA ILE F 33 -43.15 -20.64 4.40
C ILE F 33 -43.35 -20.91 2.92
N GLN F 35 -45.34 -23.97 0.73
CA GLN F 35 -46.15 -25.14 1.00
C GLN F 35 -46.62 -25.79 -0.30
N ARG F 36 -46.31 -27.07 -0.46
CA ARG F 36 -46.93 -27.92 -1.46
C ARG F 36 -47.67 -29.05 -0.76
N ASN F 37 -48.53 -29.74 -1.51
CA ASN F 37 -49.44 -30.69 -0.89
C ASN F 37 -48.80 -32.06 -0.65
N ASP F 38 -47.95 -32.52 -1.56
CA ASP F 38 -47.42 -33.87 -1.52
C ASP F 38 -46.02 -33.90 -0.93
N TRP F 39 -45.77 -34.82 -0.02
CA TRP F 39 -44.46 -35.01 0.61
C TRP F 39 -44.49 -36.32 1.38
N LYS F 40 -43.31 -36.87 1.62
CA LYS F 40 -43.16 -38.09 2.41
C LYS F 40 -42.14 -37.83 3.52
N ASN F 41 -42.50 -38.22 4.74
CA ASN F 41 -41.66 -38.00 5.91
C ASN F 41 -40.73 -39.20 6.09
N LEU F 42 -39.42 -38.93 6.13
CA LEU F 42 -38.43 -39.99 6.30
C LEU F 42 -37.99 -40.17 7.74
N ASN F 43 -38.61 -39.47 8.68
CA ASN F 43 -38.28 -39.66 10.09
C ASN F 43 -38.66 -41.07 10.52
N GLY F 44 -38.02 -41.55 11.58
CA GLY F 44 -38.27 -42.86 12.12
C GLY F 44 -36.96 -43.58 12.39
N LEU F 45 -37.05 -44.89 12.53
CA LEU F 45 -35.89 -45.70 12.88
C LEU F 45 -35.07 -46.01 11.62
N TRP F 46 -33.84 -45.52 11.60
CA TRP F 46 -32.87 -45.86 10.57
C TRP F 46 -31.83 -46.82 11.13
N ASP F 47 -31.19 -47.55 10.24
CA ASP F 47 -29.99 -48.28 10.63
C ASP F 47 -28.83 -47.30 10.75
N TYR F 48 -27.96 -47.51 11.74
CA TYR F 48 -26.87 -46.59 11.97
C TYR F 48 -25.61 -47.34 12.37
N ALA F 49 -24.47 -46.67 12.25
CA ALA F 49 -23.19 -47.22 12.66
C ALA F 49 -22.21 -46.07 12.84
N ILE F 50 -21.36 -46.19 13.87
CA ILE F 50 -20.29 -45.23 14.12
C ILE F 50 -18.99 -45.87 13.70
N ILE F 51 -18.33 -45.27 12.70
CA ILE F 51 -17.11 -45.83 12.13
C ILE F 51 -15.97 -44.83 12.32
N ASP F 52 -14.75 -45.33 12.19
CA ASP F 52 -13.59 -44.46 12.13
C ASP F 52 -13.66 -43.60 10.87
N LYS F 53 -13.15 -42.38 10.98
CA LYS F 53 -13.22 -41.44 9.86
C LYS F 53 -12.46 -41.98 8.66
N GLY F 54 -13.12 -41.99 7.51
CA GLY F 54 -12.53 -42.51 6.28
C GLY F 54 -12.67 -44.00 6.07
N GLY F 55 -13.29 -44.72 7.01
CA GLY F 55 -13.43 -46.15 6.88
C GLY F 55 -14.49 -46.57 5.89
N ARG F 56 -14.52 -47.88 5.63
CA ARG F 56 -15.50 -48.42 4.69
C ARG F 56 -16.92 -48.21 5.20
N ILE F 57 -17.82 -47.86 4.30
CA ILE F 57 -19.23 -47.71 4.65
C ILE F 57 -19.84 -49.11 4.76
N PRO F 58 -20.28 -49.52 5.95
CA PRO F 58 -20.75 -50.89 6.12
C PRO F 58 -22.12 -51.13 5.48
N THR F 59 -22.38 -52.40 5.19
CA THR F 59 -23.69 -52.84 4.70
C THR F 59 -24.50 -53.57 5.74
N ASP F 60 -23.88 -54.06 6.80
CA ASP F 60 -24.56 -54.71 7.92
C ASP F 60 -24.51 -53.78 9.12
N PHE F 61 -25.68 -53.43 9.65
CA PHE F 61 -25.79 -52.52 10.78
C PHE F 61 -26.33 -53.26 11.99
N GLU F 62 -25.79 -52.96 13.17
CA GLU F 62 -26.17 -53.63 14.40
C GLU F 62 -27.09 -52.80 15.29
N GLY F 63 -27.23 -51.51 15.03
CA GLY F 63 -28.06 -50.65 15.85
C GLY F 63 -29.04 -49.85 15.00
N GLN F 64 -29.94 -49.17 15.70
CA GLN F 64 -30.94 -48.31 15.06
C GLN F 64 -31.00 -46.98 15.79
N ILE F 65 -31.15 -45.91 15.01
CA ILE F 65 -31.24 -44.55 15.54
C ILE F 65 -32.58 -43.95 15.13
N LEU F 66 -33.10 -43.06 15.97
CA LEU F 66 -34.38 -42.42 15.73
C LEU F 66 -34.13 -41.05 15.10
N VAL F 67 -34.20 -40.99 13.78
CA VAL F 67 -34.14 -39.71 13.06
C VAL F 67 -35.42 -38.93 13.34
N PRO F 68 -35.35 -37.61 13.59
CA PRO F 68 -34.18 -36.73 13.53
C PRO F 68 -33.64 -36.28 14.89
N PHE F 69 -33.10 -37.20 15.67
CA PHE F 69 -32.52 -36.87 16.96
C PHE F 69 -31.02 -37.15 16.92
N ALA F 70 -30.23 -36.19 17.41
CA ALA F 70 -28.79 -36.29 17.33
C ALA F 70 -28.27 -37.52 18.07
N VAL F 71 -27.10 -37.98 17.65
CA VAL F 71 -26.54 -39.23 18.18
C VAL F 71 -26.33 -39.12 19.69
N GLU F 72 -25.96 -37.93 20.17
CA GLU F 72 -25.72 -37.74 21.59
C GLU F 72 -27.01 -37.60 22.41
N SER F 73 -28.16 -37.46 21.77
CA SER F 73 -29.39 -37.18 22.49
C SER F 73 -30.01 -38.46 23.03
N SER F 74 -30.95 -38.27 23.96
CA SER F 74 -31.64 -39.41 24.57
C SER F 74 -32.67 -40.01 23.62
N LEU F 75 -33.46 -39.16 22.96
CA LEU F 75 -34.53 -39.63 22.10
C LEU F 75 -34.03 -40.32 20.85
N SER F 76 -32.73 -40.27 20.57
CA SER F 76 -32.18 -41.01 19.44
C SER F 76 -32.22 -42.52 19.68
N GLY F 77 -32.37 -42.95 20.92
CA GLY F 77 -32.19 -44.34 21.28
C GLY F 77 -30.75 -44.80 21.32
N VAL F 78 -29.80 -43.90 21.05
CA VAL F 78 -28.38 -44.24 20.99
C VAL F 78 -27.67 -43.58 22.17
N GLY F 79 -27.58 -42.26 22.14
CA GLY F 79 -26.96 -41.52 23.23
C GLY F 79 -25.48 -41.77 23.41
N LYS F 80 -24.74 -41.86 22.32
CA LYS F 80 -23.29 -42.07 22.36
C LYS F 80 -22.58 -40.84 21.81
N ARG F 81 -21.26 -40.84 22.01
CA ARG F 81 -20.42 -39.70 21.63
C ARG F 81 -19.73 -39.98 20.30
N VAL F 82 -19.64 -38.94 19.47
CA VAL F 82 -18.91 -38.97 18.21
C VAL F 82 -17.84 -37.90 18.25
N ASN F 83 -16.60 -38.28 17.97
CA ASN F 83 -15.47 -37.36 18.02
C ASN F 83 -15.01 -37.02 16.61
N GLU F 84 -13.99 -36.16 16.53
CA GLU F 84 -13.49 -35.66 15.25
C GLU F 84 -12.82 -36.75 14.41
N ASN F 85 -12.54 -37.92 14.99
CA ASN F 85 -11.98 -39.03 14.25
C ASN F 85 -13.00 -40.14 14.01
N GLN F 86 -14.29 -39.81 14.05
CA GLN F 86 -15.36 -40.76 13.82
C GLN F 86 -16.38 -40.16 12.86
N GLU F 87 -17.16 -41.03 12.23
CA GLU F 87 -18.22 -40.64 11.32
C GLU F 87 -19.47 -41.48 11.60
N VAL F 88 -20.63 -40.85 11.42
CA VAL F 88 -21.90 -41.51 11.62
C VAL F 88 -22.47 -41.90 10.26
N ILE F 89 -22.99 -43.12 10.15
CA ILE F 89 -23.51 -43.66 8.90
C ILE F 89 -24.98 -43.99 9.14
N TYR F 90 -25.87 -43.23 8.51
CA TYR F 90 -27.29 -43.54 8.52
C TYR F 90 -27.64 -44.39 7.30
N GLN F 91 -28.73 -45.16 7.42
CA GLN F 91 -29.22 -45.95 6.29
C GLN F 91 -30.67 -46.33 6.54
N ARG F 92 -31.49 -46.18 5.49
CA ARG F 92 -32.86 -46.65 5.50
C ARG F 92 -33.32 -46.88 4.07
N SER F 93 -34.39 -47.66 3.94
CA SER F 93 -35.04 -47.86 2.66
C SER F 93 -36.29 -46.99 2.56
N PHE F 94 -36.67 -46.68 1.33
CA PHE F 94 -37.86 -45.87 1.10
C PHE F 94 -38.44 -46.18 -0.26
N GLU F 95 -39.75 -46.02 -0.37
CA GLU F 95 -40.49 -46.20 -1.61
C GLU F 95 -41.00 -44.85 -2.09
N ILE F 96 -41.11 -44.70 -3.40
CA ILE F 96 -41.70 -43.52 -4.02
C ILE F 96 -43.17 -43.84 -4.31
N PRO F 97 -44.12 -43.04 -3.82
CA PRO F 97 -45.54 -43.35 -4.06
C PRO F 97 -45.85 -43.38 -5.55
N SER F 98 -46.85 -44.19 -5.90
CA SER F 98 -47.22 -44.34 -7.31
C SER F 98 -47.80 -43.04 -7.87
N ALA F 99 -48.40 -42.21 -7.02
CA ALA F 99 -49.00 -40.97 -7.49
C ALA F 99 -47.96 -39.96 -7.95
N TRP F 100 -46.69 -40.17 -7.62
CA TRP F 100 -45.60 -39.27 -8.01
C TRP F 100 -45.00 -39.62 -9.36
N ARG F 101 -45.66 -40.48 -10.14
CA ARG F 101 -45.09 -40.96 -11.40
C ARG F 101 -44.81 -39.80 -12.35
N GLY F 102 -43.60 -39.80 -12.92
CA GLY F 102 -43.22 -38.82 -13.91
C GLY F 102 -42.69 -37.51 -13.38
N LYS F 103 -42.63 -37.34 -12.06
CA LYS F 103 -42.19 -36.09 -11.46
C LYS F 103 -40.78 -36.22 -10.90
N GLN F 104 -40.15 -35.07 -10.68
CA GLN F 104 -38.86 -35.02 -10.00
C GLN F 104 -39.06 -35.23 -8.51
N VAL F 105 -38.07 -35.84 -7.86
CA VAL F 105 -38.12 -36.14 -6.44
C VAL F 105 -36.98 -35.41 -5.74
N LEU F 106 -37.33 -34.51 -4.83
CA LEU F 106 -36.34 -33.76 -4.05
C LEU F 106 -36.19 -34.39 -2.67
N LEU F 107 -34.93 -34.53 -2.25
CA LEU F 107 -34.60 -35.02 -0.91
C LEU F 107 -34.22 -33.83 -0.04
N HIS F 108 -34.99 -33.58 1.01
CA HIS F 108 -34.84 -32.40 1.84
C HIS F 108 -34.25 -32.77 3.19
N PHE F 109 -33.24 -32.01 3.63
CA PHE F 109 -32.69 -32.10 4.97
C PHE F 109 -32.90 -30.75 5.66
N GLY F 110 -33.49 -30.78 6.85
CA GLY F 110 -33.67 -29.54 7.59
C GLY F 110 -32.36 -29.00 8.14
N ALA F 111 -31.54 -29.88 8.72
CA ALA F 111 -30.22 -29.52 9.23
C ALA F 111 -29.44 -30.77 9.62
N VAL F 112 -28.17 -30.84 9.21
CA VAL F 112 -27.30 -31.95 9.59
C VAL F 112 -25.93 -31.38 9.98
N ASP F 113 -25.46 -31.74 11.17
CA ASP F 113 -24.22 -31.22 11.72
C ASP F 113 -23.17 -32.34 11.66
N TRP F 114 -22.07 -32.11 10.94
CA TRP F 114 -21.78 -30.84 10.27
C TRP F 114 -21.57 -31.04 8.76
N LYS F 115 -20.75 -32.03 8.41
CA LYS F 115 -20.48 -32.36 7.02
C LYS F 115 -21.29 -33.59 6.62
N THR F 116 -22.03 -33.47 5.51
CA THR F 116 -23.00 -34.47 5.11
C THR F 116 -22.69 -34.98 3.70
N ASP F 117 -22.85 -36.28 3.51
CA ASP F 117 -22.69 -36.93 2.22
C ASP F 117 -23.82 -37.94 2.04
N VAL F 118 -24.49 -37.90 0.89
CA VAL F 118 -25.70 -38.68 0.66
C VAL F 118 -25.51 -39.56 -0.57
N TRP F 119 -25.91 -40.83 -0.45
CA TRP F 119 -25.98 -41.76 -1.57
C TRP F 119 -27.39 -42.33 -1.65
N VAL F 120 -27.93 -42.36 -2.86
CA VAL F 120 -29.20 -43.02 -3.15
C VAL F 120 -28.90 -44.19 -4.07
N ASN F 121 -29.15 -45.41 -3.59
CA ASN F 121 -28.87 -46.63 -4.34
C ASN F 121 -27.40 -46.68 -4.76
N ASP F 122 -26.51 -46.33 -3.84
CA ASP F 122 -25.06 -46.31 -4.06
C ASP F 122 -24.62 -45.27 -5.07
N ILE F 123 -25.49 -44.32 -5.39
CA ILE F 123 -25.19 -43.25 -6.33
C ILE F 123 -25.09 -41.94 -5.54
N LYS F 124 -23.93 -41.29 -5.63
CA LYS F 124 -23.71 -40.03 -4.93
C LYS F 124 -24.62 -38.95 -5.50
N VAL F 125 -25.43 -38.33 -4.65
CA VAL F 125 -26.38 -37.32 -5.09
C VAL F 125 -25.99 -35.92 -4.64
N GLY F 126 -25.13 -35.76 -3.65
CA GLY F 126 -24.72 -34.44 -3.23
C GLY F 126 -24.14 -34.48 -1.83
N SER F 127 -23.57 -33.34 -1.44
CA SER F 127 -22.94 -33.17 -0.14
C SER F 127 -23.22 -31.77 0.37
N HIS F 128 -22.94 -31.55 1.66
CA HIS F 128 -23.24 -30.27 2.29
C HIS F 128 -22.39 -30.10 3.53
N THR F 129 -22.00 -28.85 3.80
CA THR F 129 -21.30 -28.49 5.03
C THR F 129 -22.05 -27.35 5.71
N GLY F 130 -22.12 -27.40 7.03
CA GLY F 130 -22.90 -26.44 7.78
C GLY F 130 -24.06 -27.11 8.50
N GLY F 131 -24.04 -27.07 9.83
CA GLY F 131 -25.02 -27.80 10.62
C GLY F 131 -26.30 -27.08 10.96
N PHE F 132 -26.52 -25.87 10.44
CA PHE F 132 -27.68 -25.08 10.81
C PHE F 132 -28.58 -24.72 9.64
N THR F 133 -28.24 -25.10 8.42
CA THR F 133 -28.99 -24.65 7.26
C THR F 133 -29.63 -25.83 6.54
N PRO F 134 -30.78 -25.62 5.90
CA PRO F 134 -31.40 -26.68 5.10
C PRO F 134 -30.74 -26.81 3.74
N PHE F 135 -30.81 -28.02 3.18
CA PHE F 135 -30.28 -28.27 1.86
C PHE F 135 -31.08 -29.39 1.21
N SER F 136 -31.01 -29.44 -0.13
CA SER F 136 -31.83 -30.35 -0.91
C SER F 136 -31.01 -30.94 -2.04
N PHE F 137 -31.45 -32.09 -2.54
CA PHE F 137 -30.84 -32.74 -3.69
C PHE F 137 -31.93 -33.31 -4.58
N ASP F 138 -31.81 -33.10 -5.89
CA ASP F 138 -32.64 -33.82 -6.85
C ASP F 138 -32.07 -35.22 -7.02
N ILE F 139 -32.84 -36.22 -6.59
CA ILE F 139 -32.38 -37.61 -6.58
C ILE F 139 -33.11 -38.46 -7.62
N THR F 140 -33.82 -37.83 -8.55
CA THR F 140 -34.62 -38.58 -9.51
C THR F 140 -33.80 -39.57 -10.34
N PRO F 141 -32.65 -39.21 -10.93
CA PRO F 141 -31.91 -40.20 -11.72
C PRO F 141 -31.39 -41.37 -10.92
N ALA F 142 -31.25 -41.22 -9.60
CA ALA F 142 -30.74 -42.30 -8.75
C ALA F 142 -31.83 -43.24 -8.27
N LEU F 143 -33.10 -42.96 -8.57
CA LEU F 143 -34.19 -43.83 -8.16
C LEU F 143 -34.26 -45.06 -9.05
N SER F 144 -34.71 -46.17 -8.47
CA SER F 144 -34.86 -47.42 -9.18
C SER F 144 -36.33 -47.69 -9.46
N ALA F 145 -36.59 -48.42 -10.54
CA ALA F 145 -37.96 -48.78 -10.88
C ALA F 145 -38.49 -49.92 -10.01
N LYS F 146 -37.60 -50.79 -9.52
CA LYS F 146 -38.01 -51.90 -8.67
C LYS F 146 -38.39 -51.48 -7.27
N GLY F 147 -38.17 -50.20 -6.91
CA GLY F 147 -38.49 -49.74 -5.58
C GLY F 147 -37.42 -50.14 -4.56
N ASN F 148 -37.77 -49.93 -3.30
CA ASN F 148 -36.90 -50.23 -2.17
C ASN F 148 -35.54 -49.54 -2.33
N ASN F 149 -35.60 -48.22 -2.51
CA ASN F 149 -34.39 -47.44 -2.72
C ASN F 149 -33.57 -47.40 -1.43
N ARG F 150 -32.25 -47.45 -1.59
CA ARG F 150 -31.33 -47.43 -0.47
C ARG F 150 -30.79 -46.02 -0.27
N LEU F 151 -31.07 -45.43 0.89
CA LEU F 151 -30.63 -44.09 1.25
C LEU F 151 -29.56 -44.18 2.32
N VAL F 152 -28.36 -43.69 2.02
CA VAL F 152 -27.23 -43.73 2.94
C VAL F 152 -26.72 -42.31 3.16
N VAL F 153 -26.58 -41.92 4.42
CA VAL F 153 -26.10 -40.60 4.81
C VAL F 153 -24.87 -40.78 5.68
N LYS F 154 -23.76 -40.15 5.29
CA LYS F 154 -22.53 -40.13 6.07
C LYS F 154 -22.32 -38.74 6.64
N VAL F 155 -22.16 -38.66 7.96
CA VAL F 155 -22.05 -37.39 8.67
C VAL F 155 -20.72 -37.33 9.40
N TRP F 156 -20.10 -36.16 9.40
CA TRP F 156 -18.87 -35.91 10.15
C TRP F 156 -19.02 -34.60 10.91
N ASP F 157 -18.57 -34.60 12.17
CA ASP F 157 -18.66 -33.40 12.99
C ASP F 157 -17.46 -33.30 13.94
N PRO F 158 -16.57 -32.33 13.74
CA PRO F 158 -15.42 -32.19 14.65
C PRO F 158 -15.76 -31.51 15.97
N THR F 159 -16.98 -30.93 16.08
CA THR F 159 -17.42 -30.15 17.24
C THR F 159 -16.41 -29.03 17.51
N ASP F 160 -16.00 -28.80 18.76
CA ASP F 160 -15.06 -27.73 19.10
C ASP F 160 -13.63 -27.99 18.63
N ARG F 161 -13.33 -29.18 18.09
CA ARG F 161 -12.02 -29.46 17.51
C ARG F 161 -11.86 -28.88 16.12
N GLY F 162 -12.91 -28.28 15.56
CA GLY F 162 -12.81 -27.59 14.29
C GLY F 162 -13.25 -26.15 14.41
N PRO F 163 -12.98 -25.34 13.38
CA PRO F 163 -13.33 -23.92 13.42
C PRO F 163 -14.73 -23.58 12.93
N GLN F 164 -15.55 -24.56 12.59
CA GLN F 164 -16.84 -24.30 11.99
C GLN F 164 -17.81 -23.74 13.04
N PRO F 165 -18.89 -23.10 12.60
CA PRO F 165 -19.91 -22.64 13.54
C PRO F 165 -20.54 -23.81 14.30
N ARG F 166 -20.56 -23.70 15.63
CA ARG F 166 -21.09 -24.75 16.49
C ARG F 166 -21.97 -24.26 17.61
N GLY F 167 -21.93 -22.98 17.96
CA GLY F 167 -22.75 -22.49 19.06
C GLY F 167 -22.21 -22.97 20.38
N LYS F 168 -23.07 -23.60 21.18
CA LYS F 168 -22.72 -24.03 22.53
C LYS F 168 -22.19 -25.46 22.58
N GLN F 169 -21.97 -26.10 21.43
CA GLN F 169 -21.47 -27.47 21.41
C GLN F 169 -19.97 -27.50 21.71
N VAL F 170 -19.58 -28.31 22.69
CA VAL F 170 -18.17 -28.58 22.99
C VAL F 170 -18.02 -30.05 23.30
N SER F 171 -16.77 -30.55 23.19
CA SER F 171 -16.50 -31.95 23.46
C SER F 171 -16.65 -32.29 24.94
N ARG F 172 -16.16 -31.41 25.82
CA ARG F 172 -16.26 -31.60 27.27
C ARG F 172 -17.20 -30.55 27.85
N PRO F 173 -18.48 -30.87 28.03
CA PRO F 173 -19.44 -29.85 28.51
C PRO F 173 -19.16 -29.44 29.94
N GLU F 174 -19.17 -28.13 30.18
CA GLU F 174 -18.98 -27.57 31.50
C GLU F 174 -19.43 -26.11 31.47
N GLY F 175 -19.92 -25.64 32.61
CA GLY F 175 -20.33 -24.25 32.75
C GLY F 175 -21.42 -23.81 31.78
N ILE F 176 -21.05 -22.99 30.80
CA ILE F 176 -22.01 -22.46 29.83
C ILE F 176 -22.04 -23.24 28.53
N TRP F 177 -21.21 -24.27 28.41
CA TRP F 177 -21.09 -25.05 27.18
C TRP F 177 -21.71 -26.42 27.38
N TYR F 178 -22.40 -26.91 26.35
CA TYR F 178 -23.35 -28.00 26.48
C TYR F 178 -22.95 -29.20 25.61
N THR F 179 -23.82 -30.21 25.63
CA THR F 179 -23.54 -31.49 24.98
C THR F 179 -23.40 -31.31 23.47
N PRO F 180 -22.46 -32.02 22.83
CA PRO F 180 -22.34 -31.93 21.36
C PRO F 180 -23.61 -32.40 20.68
N VAL F 181 -23.84 -31.86 19.47
CA VAL F 181 -24.98 -32.25 18.64
C VAL F 181 -24.41 -32.68 17.30
N THR F 182 -24.48 -33.98 17.02
CA THR F 182 -23.90 -34.56 15.81
C THR F 182 -24.97 -35.34 15.05
N GLY F 183 -25.07 -35.10 13.76
CA GLY F 183 -25.92 -35.87 12.88
C GLY F 183 -27.16 -35.11 12.46
N ILE F 184 -28.18 -35.88 12.10
CA ILE F 184 -29.44 -35.34 11.59
C ILE F 184 -30.30 -34.94 12.78
N TRP F 185 -30.60 -33.64 12.89
CA TRP F 185 -31.43 -33.14 13.97
C TRP F 185 -32.64 -32.35 13.49
N GLN F 186 -32.97 -32.43 12.20
CA GLN F 186 -34.20 -31.87 11.67
C GLN F 186 -34.81 -32.87 10.69
N THR F 187 -36.11 -32.69 10.44
CA THR F 187 -36.87 -33.66 9.66
C THR F 187 -36.27 -33.86 8.27
N VAL F 188 -36.08 -35.13 7.90
CA VAL F 188 -35.74 -35.53 6.53
C VAL F 188 -37.02 -35.90 5.81
N TRP F 189 -37.18 -35.43 4.59
CA TRP F 189 -38.41 -35.68 3.87
C TRP F 189 -38.18 -35.57 2.37
N LEU F 190 -39.09 -36.18 1.61
CA LEU F 190 -39.08 -36.16 0.16
C LEU F 190 -40.22 -35.30 -0.36
N GLU F 191 -40.11 -34.88 -1.61
CA GLU F 191 -41.11 -33.99 -2.19
C GLU F 191 -41.15 -34.13 -3.71
N PRO F 192 -42.33 -34.32 -4.31
CA PRO F 192 -42.41 -34.35 -5.77
C PRO F 192 -42.65 -32.97 -6.37
N VAL F 193 -41.90 -32.64 -7.42
CA VAL F 193 -42.06 -31.38 -8.15
C VAL F 193 -41.96 -31.66 -9.64
N ALA F 194 -42.36 -30.68 -10.44
CA ALA F 194 -42.19 -30.77 -11.88
C ALA F 194 -40.73 -30.49 -12.26
N GLY F 195 -40.40 -30.76 -13.53
CA GLY F 195 -39.05 -30.50 -14.00
C GLY F 195 -38.67 -29.03 -13.88
N LYS F 196 -39.66 -28.14 -13.97
CA LYS F 196 -39.48 -26.71 -13.76
C LYS F 196 -40.29 -26.32 -12.54
N HIS F 197 -39.62 -25.85 -11.49
CA HIS F 197 -40.30 -25.61 -10.23
C HIS F 197 -39.65 -24.44 -9.49
N ILE F 198 -40.37 -23.95 -8.49
CA ILE F 198 -39.87 -22.87 -7.64
C ILE F 198 -39.02 -23.49 -6.53
N GLU F 199 -37.77 -23.05 -6.43
CA GLU F 199 -36.87 -23.58 -5.41
C GLU F 199 -36.94 -22.79 -4.11
N ASN F 200 -37.04 -21.46 -4.20
N ASN F 200 -37.02 -21.46 -4.20
CA ASN F 200 -37.07 -20.61 -3.02
CA ASN F 200 -37.08 -20.62 -3.01
C ASN F 200 -37.92 -19.38 -3.31
C ASN F 200 -37.94 -19.40 -3.31
N LEU F 201 -38.54 -18.85 -2.26
CA LEU F 201 -39.32 -17.62 -2.34
C LEU F 201 -38.62 -16.55 -1.51
N ARG F 202 -38.17 -15.48 -2.18
N ARG F 202 -38.18 -15.48 -2.18
CA ARG F 202 -37.56 -14.34 -1.51
CA ARG F 202 -37.57 -14.34 -1.51
C ARG F 202 -38.61 -13.23 -1.44
C ARG F 202 -38.60 -13.22 -1.43
N ILE F 203 -39.19 -13.06 -0.25
CA ILE F 203 -40.29 -12.12 -0.03
C ILE F 203 -39.77 -10.95 0.80
N THR F 204 -40.02 -9.74 0.32
CA THR F 204 -39.54 -8.54 0.99
C THR F 204 -40.62 -7.45 0.98
N PRO F 205 -41.03 -6.95 2.14
CA PRO F 205 -42.04 -5.90 2.19
C PRO F 205 -41.44 -4.50 2.19
N ASP F 206 -42.30 -3.52 1.89
CA ASP F 206 -41.92 -2.11 1.94
C ASP F 206 -43.20 -1.33 2.26
N ILE F 207 -43.43 -1.09 3.55
CA ILE F 207 -44.66 -0.42 3.96
C ILE F 207 -44.64 1.07 3.60
N ASP F 208 -43.45 1.64 3.38
CA ASP F 208 -43.38 3.03 2.95
C ASP F 208 -43.80 3.18 1.49
N ARG F 209 -43.40 2.24 0.64
CA ARG F 209 -43.77 2.24 -0.78
C ARG F 209 -45.06 1.46 -1.04
N HIS F 210 -45.63 0.82 -0.03
CA HIS F 210 -46.83 0.00 -0.19
C HIS F 210 -46.60 -1.11 -1.21
N LEU F 211 -45.45 -1.77 -1.12
CA LEU F 211 -45.05 -2.81 -2.06
C LEU F 211 -44.80 -4.12 -1.33
N LEU F 212 -45.08 -5.22 -2.02
CA LEU F 212 -44.68 -6.55 -1.57
C LEU F 212 -43.93 -7.21 -2.73
N THR F 213 -42.63 -7.41 -2.56
CA THR F 213 -41.78 -7.97 -3.60
C THR F 213 -41.60 -9.46 -3.36
N VAL F 214 -41.84 -10.25 -4.40
CA VAL F 214 -41.69 -11.70 -4.35
C VAL F 214 -40.80 -12.11 -5.51
N LYS F 215 -39.57 -12.53 -5.20
CA LYS F 215 -38.65 -13.07 -6.19
C LYS F 215 -38.67 -14.59 -6.08
N ALA F 216 -39.24 -15.24 -7.09
CA ALA F 216 -39.34 -16.70 -7.13
C ALA F 216 -38.10 -17.25 -7.82
N GLU F 217 -37.23 -17.88 -7.04
CA GLU F 217 -35.98 -18.43 -7.56
C GLU F 217 -36.22 -19.85 -8.05
N LEU F 218 -36.04 -20.06 -9.35
CA LEU F 218 -36.36 -21.32 -10.00
C LEU F 218 -35.11 -22.19 -10.13
N ASN F 219 -35.34 -23.49 -10.34
CA ASN F 219 -34.24 -24.41 -10.56
C ASN F 219 -33.60 -24.19 -11.93
N THR F 220 -34.35 -23.66 -12.88
CA THR F 220 -33.89 -23.42 -14.24
C THR F 220 -34.71 -22.29 -14.82
N ASN F 221 -34.08 -21.44 -15.62
CA ASN F 221 -34.77 -20.33 -16.28
C ASN F 221 -35.03 -20.65 -17.74
N SER F 222 -36.15 -20.14 -18.24
CA SER F 222 -36.53 -20.31 -19.64
C SER F 222 -37.22 -19.04 -20.12
N THR F 223 -37.25 -18.87 -21.44
CA THR F 223 -37.84 -17.66 -22.02
C THR F 223 -39.32 -17.56 -21.69
N SER F 224 -40.02 -18.70 -21.65
CA SER F 224 -41.45 -18.73 -21.45
C SER F 224 -41.87 -18.75 -19.98
N ASP F 225 -40.93 -18.57 -19.07
CA ASP F 225 -41.26 -18.62 -17.65
C ASP F 225 -42.15 -17.45 -17.26
N PHE F 226 -43.16 -17.73 -16.44
CA PHE F 226 -44.16 -16.75 -16.06
C PHE F 226 -44.56 -17.01 -14.62
N VAL F 227 -44.43 -16.00 -13.77
CA VAL F 227 -44.70 -16.12 -12.33
C VAL F 227 -45.83 -15.16 -11.97
N GLU F 228 -46.80 -15.65 -11.19
CA GLU F 228 -47.95 -14.87 -10.75
C GLU F 228 -48.11 -15.03 -9.25
N VAL F 229 -48.34 -13.91 -8.55
CA VAL F 229 -48.47 -13.90 -7.10
C VAL F 229 -49.80 -13.26 -6.75
N ASN F 230 -50.62 -13.98 -6.00
CA ASN F 230 -51.89 -13.47 -5.49
C ASN F 230 -51.80 -13.32 -3.97
N VAL F 231 -52.27 -12.19 -3.46
CA VAL F 231 -52.23 -11.88 -2.03
C VAL F 231 -53.65 -11.87 -1.50
N TYR F 232 -53.87 -12.58 -0.40
CA TYR F 232 -55.20 -12.77 0.17
C TYR F 232 -55.25 -12.23 1.59
N ASP F 233 -56.23 -11.36 1.85
CA ASP F 233 -56.58 -10.95 3.21
C ASP F 233 -57.65 -11.93 3.69
N GLY F 234 -57.21 -13.00 4.36
CA GLY F 234 -58.10 -14.08 4.71
C GLY F 234 -58.49 -14.89 3.47
N ASN F 235 -59.77 -14.85 3.12
CA ASN F 235 -60.26 -15.50 1.91
C ASN F 235 -60.39 -14.54 0.73
N GLN F 236 -60.11 -13.25 0.94
CA GLN F 236 -60.37 -12.22 -0.05
C GLN F 236 -59.10 -11.83 -0.77
N LEU F 237 -59.11 -11.91 -2.09
CA LEU F 237 -57.99 -11.47 -2.91
C LEU F 237 -57.92 -9.95 -2.90
N ILE F 238 -56.79 -9.39 -2.45
CA ILE F 238 -56.65 -7.95 -2.31
C ILE F 238 -55.51 -7.38 -3.16
N ALA F 239 -54.67 -8.20 -3.76
CA ALA F 239 -53.57 -7.71 -4.58
C ALA F 239 -53.01 -8.85 -5.42
N ALA F 240 -52.34 -8.49 -6.51
CA ALA F 240 -51.78 -9.48 -7.42
C ALA F 240 -50.60 -8.87 -8.17
N GLY F 241 -49.75 -9.75 -8.69
CA GLY F 241 -48.59 -9.31 -9.46
C GLY F 241 -48.14 -10.40 -10.39
N LYS F 242 -47.56 -10.00 -11.53
CA LYS F 242 -47.09 -10.92 -12.55
C LYS F 242 -45.75 -10.44 -13.08
N SER F 243 -44.91 -11.40 -13.50
CA SER F 243 -43.60 -11.06 -14.04
C SER F 243 -43.12 -12.16 -14.98
N ILE F 244 -42.26 -11.76 -15.92
CA ILE F 244 -41.56 -12.67 -16.80
C ILE F 244 -40.08 -12.27 -16.83
N ASN F 245 -39.30 -13.01 -17.63
CA ASN F 245 -37.89 -12.69 -17.87
C ASN F 245 -37.08 -12.63 -16.58
N GLY F 246 -37.49 -13.37 -15.56
CA GLY F 246 -36.78 -13.41 -14.29
C GLY F 246 -36.99 -12.20 -13.41
N GLU F 247 -37.84 -11.26 -13.79
CA GLU F 247 -38.09 -10.09 -12.96
C GLU F 247 -38.76 -10.51 -11.66
N PRO F 248 -38.38 -9.91 -10.53
CA PRO F 248 -39.13 -10.17 -9.29
C PRO F 248 -40.53 -9.59 -9.38
N VAL F 249 -41.46 -10.26 -8.72
CA VAL F 249 -42.87 -9.86 -8.76
C VAL F 249 -43.10 -8.76 -7.75
N GLU F 250 -43.38 -7.56 -8.23
CA GLU F 250 -43.69 -6.41 -7.38
C GLU F 250 -45.20 -6.27 -7.28
N VAL F 251 -45.74 -6.44 -6.08
CA VAL F 251 -47.18 -6.42 -5.83
C VAL F 251 -47.53 -5.12 -5.13
N ALA F 252 -48.49 -4.38 -5.71
CA ALA F 252 -48.94 -3.12 -5.14
C ALA F 252 -49.97 -3.42 -4.05
N PRO F 254 -52.52 -2.43 -0.76
CA PRO F 254 -53.40 -1.31 -0.40
C PRO F 254 -52.74 -0.42 0.65
N GLU F 255 -53.11 0.88 0.61
CA GLU F 255 -52.58 1.82 1.58
C GLU F 255 -52.97 1.45 3.00
N ASN F 256 -54.15 0.87 3.17
CA ASN F 256 -54.66 0.46 4.48
C ASN F 256 -54.26 -0.97 4.85
N ALA F 257 -53.09 -1.42 4.38
CA ALA F 257 -52.67 -2.80 4.64
C ALA F 257 -52.47 -3.01 6.14
N LYS F 258 -52.88 -4.19 6.60
CA LYS F 258 -52.74 -4.53 8.02
C LYS F 258 -51.28 -4.81 8.34
N LEU F 259 -50.71 -4.02 9.25
CA LEU F 259 -49.30 -4.11 9.58
C LEU F 259 -49.07 -5.17 10.65
N TRP F 260 -47.95 -5.88 10.52
CA TRP F 260 -47.60 -6.95 11.45
C TRP F 260 -46.87 -6.36 12.66
N SER F 261 -47.30 -6.77 13.86
CA SER F 261 -46.66 -6.34 15.09
C SER F 261 -46.89 -7.43 16.13
N PRO F 262 -46.07 -7.48 17.18
CA PRO F 262 -46.28 -8.50 18.23
C PRO F 262 -47.67 -8.47 18.84
N ASP F 263 -48.31 -7.30 18.92
CA ASP F 263 -49.66 -7.23 19.47
C ASP F 263 -50.74 -7.51 18.43
N SER F 264 -50.42 -7.39 17.15
CA SER F 264 -51.36 -7.70 16.06
C SER F 264 -50.58 -8.35 14.93
N PRO F 265 -50.32 -9.64 15.02
CA PRO F 265 -49.44 -10.32 14.05
C PRO F 265 -50.21 -10.82 12.82
N PHE F 266 -50.76 -9.89 12.06
CA PHE F 266 -51.53 -10.28 10.88
C PHE F 266 -50.59 -10.77 9.77
N LEU F 267 -50.99 -11.86 9.12
CA LEU F 267 -50.23 -12.46 8.04
C LEU F 267 -51.12 -12.59 6.81
N TYR F 268 -50.66 -12.05 5.68
CA TYR F 268 -51.34 -12.24 4.42
C TYR F 268 -50.98 -13.60 3.84
N THR F 269 -51.91 -14.17 3.08
CA THR F 269 -51.68 -15.44 2.41
C THR F 269 -51.19 -15.21 0.99
N LEU F 270 -50.23 -16.02 0.56
CA LEU F 270 -49.67 -15.93 -0.79
C LEU F 270 -49.97 -17.21 -1.56
N LYS F 271 -50.34 -17.04 -2.83
CA LYS F 271 -50.48 -18.14 -3.78
C LYS F 271 -49.63 -17.81 -5.00
N VAL F 272 -48.53 -18.53 -5.18
CA VAL F 272 -47.57 -18.27 -6.24
C VAL F 272 -47.72 -19.36 -7.30
N THR F 273 -47.77 -18.95 -8.57
CA THR F 273 -47.94 -19.86 -9.69
C THR F 273 -46.79 -19.68 -10.67
N LEU F 274 -46.33 -20.79 -11.24
CA LEU F 274 -45.29 -20.78 -12.26
C LEU F 274 -45.84 -21.43 -13.52
N LYS F 275 -45.67 -20.76 -14.65
CA LYS F 275 -46.15 -21.25 -15.94
C LYS F 275 -44.98 -21.39 -16.91
N GLU F 276 -45.00 -22.47 -17.68
CA GLU F 276 -44.10 -22.63 -18.82
C GLU F 276 -44.97 -22.73 -20.06
N GLY F 277 -44.82 -21.77 -20.97
CA GLY F 277 -45.83 -21.56 -21.99
C GLY F 277 -47.02 -20.89 -21.32
N ASN F 278 -48.20 -21.48 -21.50
CA ASN F 278 -49.38 -21.10 -20.72
C ASN F 278 -49.88 -22.25 -19.87
N LYS F 279 -49.01 -23.22 -19.59
CA LYS F 279 -49.34 -24.38 -18.77
C LYS F 279 -48.76 -24.18 -17.37
N ILE F 280 -49.61 -24.36 -16.36
CA ILE F 280 -49.15 -24.27 -14.98
C ILE F 280 -48.28 -25.48 -14.67
N VAL F 281 -47.05 -25.23 -14.22
CA VAL F 281 -46.11 -26.30 -13.92
C VAL F 281 -45.81 -26.40 -12.42
N ASP F 282 -45.96 -25.33 -11.66
CA ASP F 282 -45.71 -25.38 -10.22
C ASP F 282 -46.61 -24.37 -9.52
N LYS F 283 -46.99 -24.72 -8.29
CA LYS F 283 -47.87 -23.87 -7.48
C LYS F 283 -47.51 -24.09 -6.02
N VAL F 284 -47.21 -22.99 -5.32
CA VAL F 284 -46.83 -23.04 -3.92
C VAL F 284 -47.68 -22.04 -3.14
N ASP F 285 -48.02 -22.40 -1.90
CA ASP F 285 -48.72 -21.53 -0.98
C ASP F 285 -47.72 -20.99 0.04
N SER F 286 -47.87 -19.71 0.38
CA SER F 286 -46.94 -19.05 1.27
C SER F 286 -47.70 -18.03 2.11
N TYR F 287 -46.94 -17.19 2.82
CA TYR F 287 -47.53 -16.10 3.59
C TYR F 287 -46.53 -14.96 3.67
N ALA F 288 -47.05 -13.77 3.94
CA ALA F 288 -46.21 -12.58 4.03
C ALA F 288 -46.83 -11.60 5.02
N ALA F 289 -46.02 -10.64 5.47
CA ALA F 289 -46.46 -9.64 6.42
C ALA F 289 -45.89 -8.29 6.05
N ARG F 291 -44.42 -5.21 7.35
CA ARG F 291 -43.78 -4.72 8.56
C ARG F 291 -42.42 -4.12 8.20
N LYS F 292 -41.96 -3.20 9.04
CA LYS F 292 -40.72 -2.48 8.79
C LYS F 292 -39.92 -2.37 10.08
N TYR F 293 -38.61 -2.62 9.98
CA TYR F 293 -37.67 -2.40 11.06
C TYR F 293 -36.73 -1.26 10.70
N SER F 294 -36.47 -0.39 11.68
CA SER F 294 -35.57 0.74 11.49
C SER F 294 -35.25 1.32 12.85
N THR F 295 -34.36 2.32 12.86
CA THR F 295 -34.04 3.10 14.04
C THR F 295 -34.23 4.57 13.73
N ARG F 296 -34.53 5.34 14.77
CA ARG F 296 -34.82 6.77 14.59
C ARG F 296 -34.69 7.46 15.94
N ARG F 297 -34.04 8.63 15.92
CA ARG F 297 -33.89 9.42 17.14
C ARG F 297 -35.24 9.98 17.56
N ASP F 298 -35.63 9.72 18.80
CA ASP F 298 -36.93 10.17 19.29
C ASP F 298 -36.87 11.64 19.67
N ALA F 299 -38.00 12.16 20.18
CA ALA F 299 -38.08 13.56 20.55
C ALA F 299 -37.15 13.91 21.71
N ASN F 300 -36.78 12.92 22.53
CA ASN F 300 -35.88 13.14 23.65
C ASN F 300 -34.41 12.92 23.28
N GLY F 301 -34.10 12.72 22.01
CA GLY F 301 -32.73 12.62 21.55
C GLY F 301 -32.10 11.26 21.61
N ILE F 302 -32.88 10.21 21.85
CA ILE F 302 -32.37 8.85 21.98
C ILE F 302 -32.78 8.05 20.74
N VAL F 303 -31.83 7.32 20.17
CA VAL F 303 -32.11 6.47 19.02
C VAL F 303 -32.88 5.25 19.50
N ARG F 304 -34.12 5.10 19.02
CA ARG F 304 -34.99 4.01 19.43
C ARG F 304 -35.10 2.97 18.31
N LEU F 305 -35.40 1.74 18.70
CA LEU F 305 -35.78 0.72 17.75
C LEU F 305 -37.23 0.95 17.31
N GLU F 306 -37.44 1.08 16.01
CA GLU F 306 -38.75 1.42 15.47
C GLU F 306 -39.31 0.23 14.70
N LEU F 307 -40.58 -0.08 14.96
CA LEU F 307 -41.34 -1.07 14.21
C LEU F 307 -42.50 -0.35 13.52
N ASN F 308 -42.54 -0.42 12.19
CA ASN F 308 -43.56 0.26 11.40
C ASN F 308 -43.54 1.76 11.67
N ASN F 309 -42.33 2.33 11.76
CA ASN F 309 -42.11 3.77 11.90
C ASN F 309 -42.62 4.31 13.23
N GLU F 310 -42.69 3.45 14.25
CA GLU F 310 -43.07 3.85 15.60
C GLU F 310 -42.08 3.24 16.59
N ALA F 311 -41.68 4.04 17.57
CA ALA F 311 -40.73 3.57 18.58
C ALA F 311 -41.36 2.45 19.39
N LEU F 312 -40.61 1.36 19.58
CA LEU F 312 -41.09 0.20 20.31
C LEU F 312 -39.93 -0.43 21.06
N PHE F 313 -40.04 -0.50 22.38
CA PHE F 313 -39.02 -1.17 23.18
C PHE F 313 -39.15 -2.68 23.01
N GLN F 314 -38.10 -3.32 22.52
CA GLN F 314 -38.09 -4.76 22.35
C GLN F 314 -37.52 -5.42 23.59
N PHE F 315 -38.28 -6.35 24.18
CA PHE F 315 -37.92 -6.98 25.44
C PHE F 315 -38.28 -8.45 25.37
N GLY F 316 -37.32 -9.30 25.71
CA GLY F 316 -37.55 -10.73 25.68
C GLY F 316 -36.43 -11.54 26.29
N PRO F 317 -36.61 -12.86 26.35
CA PRO F 317 -35.62 -13.73 26.97
C PRO F 317 -34.61 -14.27 25.96
N LEU F 318 -33.49 -14.73 26.51
CA LEU F 318 -32.47 -15.42 25.72
C LEU F 318 -32.88 -16.88 25.59
N ASP F 319 -33.23 -17.30 24.37
CA ASP F 319 -33.66 -18.68 24.10
C ASP F 319 -32.53 -19.40 23.39
N GLN F 320 -31.92 -20.37 24.06
CA GLN F 320 -30.82 -21.14 23.49
C GLN F 320 -31.29 -22.36 22.71
N GLY F 321 -32.55 -22.76 22.85
CA GLY F 321 -33.11 -23.85 22.08
C GLY F 321 -32.50 -25.21 22.38
N TRP F 322 -32.39 -25.53 23.67
CA TRP F 322 -31.86 -26.82 24.10
C TRP F 322 -32.94 -27.61 24.83
N TRP F 323 -32.89 -28.93 24.67
CA TRP F 323 -33.84 -29.84 25.29
C TRP F 323 -33.09 -30.98 25.96
N PRO F 324 -33.49 -31.39 27.16
CA PRO F 324 -32.75 -32.44 27.85
C PRO F 324 -32.89 -33.80 27.17
N ASP F 325 -33.96 -34.04 26.43
CA ASP F 325 -34.19 -35.32 25.79
C ASP F 325 -33.86 -35.32 24.30
N GLY F 326 -33.98 -34.18 23.63
CA GLY F 326 -33.71 -34.11 22.20
C GLY F 326 -32.57 -33.19 21.82
N LEU F 327 -31.91 -32.60 22.83
CA LEU F 327 -30.82 -31.65 22.60
C LEU F 327 -31.25 -30.51 21.70
N TYR F 328 -30.80 -30.51 20.45
CA TYR F 328 -31.19 -29.46 19.51
C TYR F 328 -32.61 -29.62 19.01
N THR F 329 -33.19 -30.81 19.13
CA THR F 329 -34.47 -31.13 18.51
C THR F 329 -35.56 -31.17 19.58
N ALA F 330 -36.61 -30.37 19.38
CA ALA F 330 -37.77 -30.46 20.24
C ALA F 330 -38.45 -31.82 20.03
N PRO F 331 -38.88 -32.48 21.11
CA PRO F 331 -39.44 -33.83 20.95
C PRO F 331 -40.68 -33.87 20.06
N THR F 332 -41.57 -32.88 20.18
CA THR F 332 -42.75 -32.80 19.35
C THR F 332 -42.92 -31.37 18.86
N ASP F 333 -43.86 -31.18 17.94
CA ASP F 333 -44.21 -29.83 17.51
C ASP F 333 -44.87 -29.05 18.64
N GLU F 334 -45.55 -29.74 19.55
N GLU F 334 -45.54 -29.74 19.56
CA GLU F 334 -46.13 -29.08 20.72
CA GLU F 334 -46.13 -29.07 20.72
C GLU F 334 -45.03 -28.51 21.61
C GLU F 334 -45.05 -28.54 21.65
N ALA F 335 -43.93 -29.25 21.78
CA ALA F 335 -42.83 -28.76 22.58
C ALA F 335 -42.15 -27.56 21.94
N LEU F 336 -41.92 -27.64 20.63
CA LEU F 336 -41.29 -26.53 19.90
C LEU F 336 -42.09 -25.23 20.07
N LEU F 337 -43.41 -25.34 20.11
CA LEU F 337 -44.26 -24.16 20.25
C LEU F 337 -44.35 -23.68 21.70
N TYR F 338 -44.21 -24.60 22.66
CA TYR F 338 -44.46 -24.25 24.06
C TYR F 338 -43.53 -23.15 24.56
N ASP F 339 -42.26 -23.17 24.10
CA ASP F 339 -41.32 -22.13 24.52
C ASP F 339 -41.78 -20.76 24.05
N ILE F 340 -42.20 -20.66 22.78
CA ILE F 340 -42.65 -19.38 22.26
C ILE F 340 -43.95 -18.95 22.94
N GLN F 341 -44.84 -19.91 23.23
CA GLN F 341 -46.11 -19.57 23.85
C GLN F 341 -45.91 -19.04 25.27
N LYS F 342 -45.00 -19.66 26.03
CA LYS F 342 -44.73 -19.18 27.38
C LYS F 342 -44.05 -17.81 27.36
N THR F 343 -43.21 -17.56 26.34
CA THR F 343 -42.65 -16.22 26.19
C THR F 343 -43.75 -15.19 26.00
N LYS F 344 -44.78 -15.52 25.21
CA LYS F 344 -45.92 -14.63 25.09
C LYS F 344 -46.65 -14.49 26.42
N ASP F 345 -46.76 -15.58 27.17
CA ASP F 345 -47.48 -15.55 28.44
C ASP F 345 -46.78 -14.69 29.49
N PHE F 346 -45.48 -14.45 29.34
CA PHE F 346 -44.72 -13.65 30.29
C PHE F 346 -44.69 -12.17 29.93
N GLY F 347 -45.40 -11.76 28.88
CA GLY F 347 -45.46 -10.36 28.51
C GLY F 347 -44.33 -9.86 27.65
N TYR F 348 -43.52 -10.76 27.09
CA TYR F 348 -42.44 -10.36 26.21
C TYR F 348 -42.95 -10.13 24.79
N ASN F 349 -42.17 -9.39 24.01
CA ASN F 349 -42.47 -9.17 22.60
C ASN F 349 -41.31 -9.54 21.69
N ILE F 351 -37.61 -12.36 21.15
CA ILE F 351 -36.81 -13.51 21.53
C ILE F 351 -35.45 -13.39 20.86
N ARG F 352 -34.38 -13.56 21.63
CA ARG F 352 -33.04 -13.62 21.09
C ARG F 352 -32.64 -15.09 20.99
N LYS F 353 -32.65 -15.63 19.78
CA LYS F 353 -32.26 -17.01 19.54
C LYS F 353 -30.75 -17.11 19.60
N HIS F 354 -30.22 -17.67 20.68
CA HIS F 354 -28.81 -17.57 21.01
C HIS F 354 -27.99 -18.60 20.24
N ILE F 355 -27.02 -18.11 19.46
CA ILE F 355 -26.08 -18.86 18.64
C ILE F 355 -26.64 -20.20 18.18
N LYS F 356 -27.85 -20.17 17.61
CA LYS F 356 -28.48 -21.37 17.08
C LYS F 356 -29.54 -20.94 16.08
N VAL F 357 -29.72 -21.76 15.05
CA VAL F 357 -30.79 -21.60 14.08
C VAL F 357 -31.80 -22.71 14.29
N GLU F 358 -33.07 -22.35 14.43
CA GLU F 358 -34.12 -23.32 14.69
C GLU F 358 -34.70 -23.83 13.37
N PRO F 359 -35.44 -24.94 13.42
CA PRO F 359 -36.17 -25.38 12.21
C PRO F 359 -37.14 -24.31 11.73
N ALA F 360 -37.51 -24.44 10.45
CA ALA F 360 -38.36 -23.43 9.82
C ALA F 360 -39.70 -23.27 10.56
N ARG F 361 -40.23 -24.36 11.13
CA ARG F 361 -41.52 -24.26 11.80
C ARG F 361 -41.44 -23.36 13.03
N TRP F 362 -40.27 -23.25 13.65
CA TRP F 362 -40.15 -22.41 14.83
C TRP F 362 -40.33 -20.93 14.49
N TYR F 363 -39.75 -20.48 13.37
CA TYR F 363 -39.88 -19.08 12.99
C TYR F 363 -41.29 -18.76 12.52
N THR F 364 -41.97 -19.72 11.90
CA THR F 364 -43.36 -19.50 11.51
C THR F 364 -44.25 -19.30 12.73
N TYR F 365 -43.95 -20.01 13.82
CA TYR F 365 -44.71 -19.83 15.05
C TYR F 365 -44.50 -18.44 15.64
N CYS F 366 -43.29 -17.89 15.51
CA CYS F 366 -43.05 -16.52 15.93
C CYS F 366 -43.81 -15.54 15.05
N ASP F 367 -43.91 -15.84 13.75
CA ASP F 367 -44.71 -15.01 12.85
C ASP F 367 -46.18 -15.04 13.23
N GLN F 368 -46.68 -16.23 13.60
CA GLN F 368 -48.10 -16.36 13.93
C GLN F 368 -48.42 -15.81 15.31
N LEU F 369 -47.58 -16.11 16.31
CA LEU F 369 -47.83 -15.63 17.67
C LEU F 369 -47.50 -14.17 17.85
N GLY F 370 -46.59 -13.62 17.05
CA GLY F 370 -46.22 -12.23 17.20
C GLY F 370 -45.04 -12.04 18.14
N ILE F 371 -43.86 -12.44 17.71
CA ILE F 371 -42.64 -12.32 18.50
C ILE F 371 -41.50 -11.91 17.57
N ILE F 372 -40.84 -10.81 17.88
CA ILE F 372 -39.69 -10.36 17.12
C ILE F 372 -38.48 -11.20 17.51
N VAL F 373 -37.65 -11.54 16.53
CA VAL F 373 -36.53 -12.46 16.72
C VAL F 373 -35.22 -11.73 16.47
N TRP F 374 -34.28 -11.85 17.41
CA TRP F 374 -32.89 -11.46 17.21
C TRP F 374 -32.13 -12.73 16.86
N GLN F 375 -31.79 -12.89 15.58
CA GLN F 375 -31.14 -14.10 15.11
C GLN F 375 -29.63 -13.96 15.29
N ASP F 376 -29.04 -14.90 16.04
CA ASP F 376 -27.60 -14.92 16.23
C ASP F 376 -26.92 -15.76 15.15
N PRO F 378 -24.31 -18.47 14.79
CA PRO F 378 -23.68 -19.44 15.70
C PRO F 378 -22.17 -19.27 15.73
N SER F 379 -21.62 -19.22 16.94
CA SER F 379 -20.21 -18.94 17.14
C SER F 379 -19.35 -20.15 16.82
N GLY F 380 -18.04 -19.94 16.84
CA GLY F 380 -17.09 -21.00 16.57
C GLY F 380 -15.68 -20.47 16.62
N ASP F 381 -14.74 -21.40 16.40
CA ASP F 381 -13.31 -21.10 16.35
C ASP F 381 -12.81 -20.51 17.68
N ARG F 382 -11.62 -19.94 17.68
CA ARG F 382 -11.02 -19.33 18.85
C ARG F 382 -11.38 -17.84 18.89
N ASN F 383 -11.06 -17.21 20.02
CA ASN F 383 -11.55 -15.86 20.28
C ASN F 383 -10.40 -14.88 20.50
N PRO F 384 -10.60 -13.60 20.18
CA PRO F 384 -9.67 -12.57 20.61
C PRO F 384 -9.93 -12.21 22.08
N GLN F 385 -9.21 -11.21 22.56
CA GLN F 385 -9.46 -10.71 23.90
C GLN F 385 -10.83 -10.04 23.96
N TRP F 386 -11.58 -10.32 25.03
CA TRP F 386 -12.91 -9.78 25.21
C TRP F 386 -12.80 -8.53 26.08
N GLN F 387 -12.86 -7.36 25.46
CA GLN F 387 -12.94 -6.09 26.17
C GLN F 387 -14.42 -5.72 26.24
N ASN F 388 -15.07 -6.15 27.32
CA ASN F 388 -16.53 -6.10 27.40
C ASN F 388 -17.09 -4.77 27.88
N ARG F 389 -16.26 -3.93 28.52
CA ARG F 389 -16.76 -2.69 29.12
C ARG F 389 -16.18 -1.44 28.49
N LYS F 390 -15.50 -1.56 27.35
CA LYS F 390 -15.00 -0.40 26.62
C LYS F 390 -14.95 -0.74 25.14
N TYR F 391 -14.75 0.29 24.33
CA TYR F 391 -14.57 0.07 22.91
C TYR F 391 -13.21 -0.56 22.64
N PHE F 392 -13.18 -1.48 21.68
CA PHE F 392 -12.02 -2.34 21.48
C PHE F 392 -10.81 -1.53 21.03
N ASP F 393 -9.67 -1.74 21.69
CA ASP F 393 -8.41 -1.13 21.31
C ASP F 393 -7.26 -2.14 21.32
N GLY F 394 -7.57 -3.42 21.37
CA GLY F 394 -6.57 -4.47 21.45
C GLY F 394 -6.14 -4.99 20.09
N THR F 395 -5.66 -6.23 20.08
CA THR F 395 -5.16 -6.88 18.87
C THR F 395 -6.28 -7.73 18.28
N GLU F 396 -6.60 -7.48 17.02
CA GLU F 396 -7.60 -8.28 16.31
C GLU F 396 -7.10 -9.72 16.16
N LYS F 398 -6.97 -13.26 13.90
CA LYS F 398 -6.93 -13.58 12.48
C LYS F 398 -7.37 -15.02 12.31
N ARG F 399 -8.58 -15.20 11.76
CA ARG F 399 -9.02 -16.53 11.41
C ARG F 399 -8.19 -17.08 10.26
N SER F 400 -8.09 -18.40 10.19
CA SER F 400 -7.52 -19.03 9.02
C SER F 400 -8.42 -18.77 7.81
N ALA F 401 -7.83 -18.85 6.62
CA ALA F 401 -8.61 -18.67 5.41
C ALA F 401 -9.76 -19.68 5.33
N GLU F 402 -9.55 -20.89 5.85
CA GLU F 402 -10.63 -21.87 5.91
C GLU F 402 -11.72 -21.42 6.89
N SER F 403 -11.32 -21.01 8.09
CA SER F 403 -12.30 -20.63 9.10
C SER F 403 -13.10 -19.41 8.67
N GLU F 404 -12.44 -18.43 8.04
CA GLU F 404 -13.15 -17.25 7.58
C GLU F 404 -14.12 -17.61 6.45
N ALA F 405 -13.71 -18.52 5.56
CA ALA F 405 -14.59 -18.93 4.48
C ALA F 405 -15.82 -19.67 5.00
N TYR F 406 -15.63 -20.54 6.00
CA TYR F 406 -16.77 -21.26 6.57
C TYR F 406 -17.75 -20.30 7.23
N TYR F 407 -17.24 -19.27 7.91
CA TYR F 407 -18.12 -18.29 8.54
C TYR F 407 -18.92 -17.52 7.50
N ARG F 408 -18.22 -16.93 6.52
CA ARG F 408 -18.89 -16.12 5.51
C ARG F 408 -19.91 -16.93 4.73
N LYS F 409 -19.58 -18.20 4.44
CA LYS F 409 -20.50 -19.04 3.68
C LYS F 409 -21.75 -19.38 4.48
N GLU F 410 -21.57 -19.82 5.73
CA GLU F 410 -22.72 -20.24 6.52
C GLU F 410 -23.55 -19.06 6.99
N TRP F 411 -22.92 -17.91 7.23
CA TRP F 411 -23.68 -16.72 7.60
C TRP F 411 -24.57 -16.27 6.44
N LYS F 412 -24.04 -16.32 5.22
CA LYS F 412 -24.85 -15.98 4.05
C LYS F 412 -25.98 -16.99 3.86
N GLU F 413 -25.71 -18.27 4.12
CA GLU F 413 -26.74 -19.30 3.97
C GLU F 413 -27.83 -19.16 5.02
N ILE F 414 -27.48 -18.70 6.22
CA ILE F 414 -28.49 -18.52 7.26
C ILE F 414 -29.43 -17.38 6.91
N ASP F 416 -29.97 -16.30 4.01
CA ASP F 416 -30.69 -16.67 2.79
C ASP F 416 -31.94 -17.49 3.10
N CYS F 417 -31.81 -18.48 3.99
CA CYS F 417 -32.94 -19.36 4.27
C CYS F 417 -33.94 -18.75 5.24
N LEU F 418 -33.53 -17.73 6.01
CA LEU F 418 -34.40 -17.10 6.98
C LEU F 418 -34.89 -15.72 6.54
N HIS F 419 -34.66 -15.36 5.27
CA HIS F 419 -34.90 -13.99 4.83
C HIS F 419 -36.37 -13.62 4.86
N SER F 420 -37.25 -14.55 4.52
CA SER F 420 -38.66 -14.23 4.30
C SER F 420 -39.50 -14.30 5.57
N TYR F 421 -38.88 -14.42 6.74
CA TYR F 421 -39.64 -14.55 7.98
C TYR F 421 -39.87 -13.18 8.59
N PRO F 422 -41.12 -12.76 8.79
CA PRO F 422 -41.38 -11.42 9.36
C PRO F 422 -40.81 -11.23 10.77
N CYS F 423 -40.71 -12.31 11.55
CA CYS F 423 -40.32 -12.16 12.95
C CYS F 423 -38.90 -11.64 13.11
N ILE F 424 -38.01 -12.00 12.20
CA ILE F 424 -36.60 -11.64 12.35
C ILE F 424 -36.43 -10.15 12.07
N GLY F 425 -35.89 -9.44 13.06
CA GLY F 425 -35.70 -8.01 12.93
C GLY F 425 -34.28 -7.55 13.11
N THR F 426 -33.43 -8.40 13.68
CA THR F 426 -32.05 -8.04 13.97
C THR F 426 -31.13 -9.21 13.65
N TRP F 427 -30.04 -8.93 12.95
CA TRP F 427 -28.97 -9.91 12.73
C TRP F 427 -27.86 -9.65 13.73
N VAL F 428 -27.37 -10.71 14.37
CA VAL F 428 -26.30 -10.59 15.36
C VAL F 428 -25.13 -11.45 14.89
N PRO F 429 -24.17 -10.88 14.15
CA PRO F 429 -23.08 -11.70 13.60
C PRO F 429 -22.13 -12.26 14.65
N PHE F 430 -21.97 -11.59 15.78
CA PHE F 430 -21.03 -12.03 16.80
C PHE F 430 -21.63 -11.86 18.18
N ASN F 431 -21.01 -12.52 19.17
CA ASN F 431 -21.49 -12.47 20.54
C ASN F 431 -20.32 -12.69 21.49
N GLU F 432 -20.06 -11.70 22.34
CA GLU F 432 -19.06 -11.81 23.41
C GLU F 432 -17.69 -12.20 22.86
N ALA F 433 -17.34 -11.67 21.69
CA ALA F 433 -16.03 -11.84 21.08
C ALA F 433 -15.74 -13.30 20.73
N TRP F 434 -16.77 -14.15 20.69
CA TRP F 434 -16.58 -15.57 20.38
C TRP F 434 -16.32 -15.72 18.88
N GLY F 435 -15.05 -15.89 18.52
CA GLY F 435 -14.69 -15.96 17.12
C GLY F 435 -14.86 -14.67 16.36
N GLN F 436 -14.80 -13.53 17.06
CA GLN F 436 -15.10 -12.25 16.45
C GLN F 436 -13.92 -11.77 15.61
N PHE F 437 -14.20 -11.37 14.37
CA PHE F 437 -13.17 -10.91 13.46
C PHE F 437 -13.82 -10.02 12.41
N LYS F 438 -13.08 -9.01 11.98
CA LYS F 438 -13.52 -8.11 10.91
C LYS F 438 -14.93 -7.59 11.17
N THR F 439 -15.14 -7.08 12.39
CA THR F 439 -16.49 -6.75 12.85
C THR F 439 -17.13 -5.68 11.97
N VAL F 440 -16.39 -4.62 11.65
CA VAL F 440 -16.95 -3.53 10.85
C VAL F 440 -17.28 -4.04 9.44
N GLU F 441 -16.38 -4.82 8.85
CA GLU F 441 -16.62 -5.34 7.52
C GLU F 441 -17.83 -6.27 7.48
N ILE F 442 -17.93 -7.18 8.48
CA ILE F 442 -19.06 -8.10 8.53
C ILE F 442 -20.37 -7.34 8.75
N ALA F 443 -20.33 -6.31 9.60
CA ALA F 443 -21.54 -5.54 9.87
C ALA F 443 -21.99 -4.77 8.62
N GLU F 444 -21.04 -4.16 7.90
CA GLU F 444 -21.40 -3.44 6.69
C GLU F 444 -21.88 -4.39 5.61
N TRP F 445 -21.29 -5.58 5.53
CA TRP F 445 -21.75 -6.57 4.56
C TRP F 445 -23.16 -7.05 4.90
N THR F 446 -23.42 -7.30 6.20
CA THR F 446 -24.73 -7.79 6.60
C THR F 446 -25.82 -6.78 6.29
N LYS F 447 -25.57 -5.49 6.58
CA LYS F 447 -26.57 -4.47 6.30
C LYS F 447 -26.80 -4.31 4.81
N GLN F 448 -25.73 -4.36 4.01
CA GLN F 448 -25.89 -4.25 2.57
C GLN F 448 -26.61 -5.47 2.00
N TYR F 449 -26.36 -6.65 2.57
CA TYR F 449 -27.00 -7.87 2.06
C TYR F 449 -28.50 -7.89 2.37
N ASP F 450 -28.89 -7.32 3.51
CA ASP F 450 -30.30 -7.28 3.91
C ASP F 450 -30.57 -5.98 4.63
N PRO F 451 -30.92 -4.92 3.90
CA PRO F 451 -31.20 -3.62 4.55
C PRO F 451 -32.46 -3.62 5.40
N THR F 452 -33.32 -4.63 5.30
CA THR F 452 -34.60 -4.61 5.99
C THR F 452 -34.49 -4.97 7.48
N ARG F 453 -33.36 -5.50 7.92
CA ARG F 453 -33.15 -5.81 9.33
C ARG F 453 -32.05 -4.94 9.91
N LEU F 454 -32.05 -4.84 11.24
CA LEU F 454 -31.01 -4.13 11.96
C LEU F 454 -29.84 -5.05 12.23
N VAL F 455 -28.67 -4.45 12.44
CA VAL F 455 -27.44 -5.19 12.65
C VAL F 455 -26.94 -4.89 14.07
N ASN F 456 -26.95 -5.92 14.91
CA ASN F 456 -26.27 -5.88 16.20
C ASN F 456 -24.87 -6.44 15.98
N PRO F 457 -23.87 -5.59 15.76
CA PRO F 457 -22.57 -6.11 15.27
C PRO F 457 -21.87 -7.05 16.23
N ALA F 458 -22.03 -6.86 17.53
CA ALA F 458 -21.37 -7.73 18.50
C ALA F 458 -22.12 -7.62 19.83
N SER F 459 -22.89 -8.65 20.16
CA SER F 459 -23.67 -8.66 21.39
C SER F 459 -22.71 -8.74 22.58
N GLY F 460 -22.63 -7.65 23.34
CA GLY F 460 -21.78 -7.64 24.52
C GLY F 460 -20.31 -7.45 24.26
N GLY F 461 -19.93 -7.04 23.05
CA GLY F 461 -18.54 -6.87 22.71
C GLY F 461 -18.05 -7.95 21.77
N ASN F 462 -16.92 -7.67 21.12
CA ASN F 462 -16.20 -6.42 21.28
C ASN F 462 -16.87 -5.28 20.52
N HIS F 463 -16.88 -4.10 21.13
CA HIS F 463 -17.67 -2.98 20.63
C HIS F 463 -16.87 -2.15 19.62
N TYR F 464 -17.54 -1.81 18.52
CA TYR F 464 -17.00 -0.91 17.51
C TYR F 464 -18.08 0.08 17.12
N THR F 465 -17.66 1.26 16.67
CA THR F 465 -18.60 2.28 16.21
C THR F 465 -19.08 1.90 14.81
N CYS F 466 -20.02 0.97 14.77
CA CYS F 466 -20.62 0.51 13.52
C CYS F 466 -21.95 -0.17 13.86
N GLY F 467 -22.66 -0.59 12.82
CA GLY F 467 -23.92 -1.25 12.99
C GLY F 467 -25.04 -0.29 13.37
N ASP F 468 -26.18 -0.88 13.73
CA ASP F 468 -27.37 -0.12 14.09
C ASP F 468 -27.56 0.01 15.59
N LEU F 470 -25.54 -0.41 19.80
CA LEU F 470 -24.51 -0.79 20.76
C LEU F 470 -25.13 -1.72 21.79
N ASP F 471 -24.56 -2.90 21.93
CA ASP F 471 -25.12 -3.97 22.76
C ASP F 471 -24.23 -4.20 23.97
N LEU F 472 -24.77 -3.98 25.16
CA LEU F 472 -24.07 -4.20 26.41
C LEU F 472 -24.59 -5.44 27.11
N HIS F 473 -23.67 -6.24 27.66
CA HIS F 473 -24.01 -7.32 28.56
C HIS F 473 -23.59 -6.94 29.98
N ASN F 474 -24.42 -7.30 30.96
CA ASN F 474 -24.04 -7.08 32.35
C ASN F 474 -24.86 -7.99 33.23
N TYR F 475 -24.17 -8.76 34.09
CA TYR F 475 -24.80 -9.60 35.06
C TYR F 475 -24.39 -9.18 36.47
N PRO F 476 -25.30 -9.22 37.44
CA PRO F 476 -26.68 -9.67 37.26
C PRO F 476 -27.66 -8.55 36.90
N ALA F 477 -27.45 -7.35 37.44
CA ALA F 477 -28.37 -6.24 37.28
C ALA F 477 -28.08 -5.48 35.99
N PRO F 478 -29.08 -4.78 35.45
CA PRO F 478 -28.83 -3.90 34.31
C PRO F 478 -27.88 -2.78 34.69
N GLU F 479 -27.02 -2.41 33.75
CA GLU F 479 -26.10 -1.29 33.94
C GLU F 479 -25.74 -0.72 32.58
N TYR F 481 -22.92 1.11 31.30
CA TYR F 481 -21.55 1.61 31.40
C TYR F 481 -21.05 2.19 30.08
N LEU F 482 -21.76 1.97 28.98
CA LEU F 482 -21.41 2.54 27.68
C LEU F 482 -22.69 3.07 27.05
N TYR F 483 -22.55 4.12 26.25
CA TYR F 483 -23.71 4.70 25.59
C TYR F 483 -23.29 5.27 24.24
N ASP F 484 -24.15 5.05 23.24
CA ASP F 484 -23.96 5.60 21.91
C ASP F 484 -25.20 6.42 21.56
N ALA F 485 -25.01 7.70 21.28
CA ALA F 485 -26.09 8.54 20.79
C ALA F 485 -26.27 8.47 19.29
N GLN F 486 -25.28 7.93 18.57
CA GLN F 486 -25.39 7.73 17.13
C GLN F 486 -26.22 6.49 16.79
N ARG F 487 -26.35 5.56 17.72
CA ARG F 487 -27.08 4.32 17.51
C ARG F 487 -27.98 4.05 18.70
N ALA F 488 -28.74 2.96 18.62
CA ALA F 488 -29.52 2.51 19.76
C ALA F 488 -28.63 1.76 20.74
N THR F 489 -28.85 1.97 22.02
CA THR F 489 -28.10 1.29 23.07
C THR F 489 -29.02 0.27 23.73
N VAL F 490 -28.64 -1.01 23.61
CA VAL F 490 -29.48 -2.10 24.08
C VAL F 490 -28.71 -2.92 25.12
N LEU F 491 -29.45 -3.73 25.87
CA LEU F 491 -28.90 -4.61 26.90
C LEU F 491 -29.16 -6.05 26.47
N GLY F 492 -28.24 -6.60 25.70
CA GLY F 492 -28.47 -7.89 25.05
C GLY F 492 -28.31 -9.11 25.93
N GLU F 493 -27.90 -8.94 27.19
CA GLU F 493 -27.81 -10.06 28.12
C GLU F 493 -27.74 -9.50 29.53
N TYR F 494 -28.65 -9.93 30.40
CA TYR F 494 -28.63 -9.54 31.80
C TYR F 494 -29.48 -10.52 32.59
N GLY F 495 -29.42 -10.41 33.91
CA GLY F 495 -30.22 -11.24 34.78
C GLY F 495 -29.51 -12.50 35.23
N GLY F 496 -29.88 -13.63 34.64
CA GLY F 496 -29.28 -14.90 35.02
C GLY F 496 -29.58 -15.32 36.44
N ILE F 497 -30.79 -15.06 36.92
CA ILE F 497 -31.14 -15.38 38.30
C ILE F 497 -31.29 -16.89 38.45
N GLY F 498 -30.41 -17.49 39.25
CA GLY F 498 -30.39 -18.94 39.40
C GLY F 498 -31.26 -19.44 40.54
N LEU F 499 -31.77 -20.65 40.37
CA LEU F 499 -32.60 -21.30 41.36
C LEU F 499 -32.62 -22.80 41.08
N VAL F 500 -32.29 -23.60 42.09
CA VAL F 500 -32.15 -25.04 41.93
C VAL F 500 -33.42 -25.72 42.43
N LEU F 501 -34.05 -26.51 41.55
N LEU F 501 -34.10 -26.42 41.52
CA LEU F 501 -35.15 -27.37 41.93
CA LEU F 501 -35.32 -27.15 41.83
C LEU F 501 -34.67 -28.81 41.93
C LEU F 501 -35.02 -28.62 41.63
N LYS F 502 -34.93 -29.53 43.03
N LYS F 502 -34.79 -29.33 42.73
CA LYS F 502 -34.26 -30.81 43.27
CA LYS F 502 -34.43 -30.74 42.66
C LYS F 502 -34.57 -31.83 42.18
C LYS F 502 -35.54 -31.54 41.97
N ASP F 503 -35.82 -31.94 41.76
N ASP F 503 -35.14 -32.69 41.42
CA ASP F 503 -36.27 -33.04 40.90
CA ASP F 503 -35.94 -33.58 40.57
C ASP F 503 -36.30 -32.67 39.43
C ASP F 503 -36.23 -32.96 39.21
N HIS F 504 -35.73 -31.54 39.04
N HIS F 504 -35.62 -31.82 38.88
CA HIS F 504 -35.83 -31.06 37.66
CA HIS F 504 -35.84 -31.17 37.59
C HIS F 504 -34.52 -30.43 37.21
C HIS F 504 -34.54 -30.56 37.06
N ILE F 505 -33.39 -31.09 37.48
CA ILE F 505 -32.09 -30.58 37.07
C ILE F 505 -31.30 -31.68 36.38
N TRP F 506 -30.24 -31.24 35.69
CA TRP F 506 -29.47 -32.12 34.80
C TRP F 506 -28.41 -32.91 35.56
N GLU F 507 -27.73 -32.28 36.52
CA GLU F 507 -26.70 -32.92 37.31
C GLU F 507 -26.88 -32.53 38.77
N PRO F 508 -26.62 -33.43 39.71
CA PRO F 508 -26.97 -33.14 41.11
C PRO F 508 -26.17 -32.00 41.72
N ASN F 509 -24.94 -31.77 41.26
CA ASN F 509 -24.13 -30.65 41.73
C ASN F 509 -23.69 -29.79 40.56
N ARG F 510 -22.84 -28.80 40.83
CA ARG F 510 -22.30 -27.85 39.87
C ARG F 510 -23.35 -26.91 39.30
N ASN F 511 -24.60 -26.95 39.78
CA ASN F 511 -25.62 -26.03 39.30
C ASN F 511 -25.29 -24.61 39.75
N TRP F 512 -25.55 -23.63 38.87
CA TRP F 512 -25.10 -22.28 39.15
C TRP F 512 -25.97 -21.28 38.41
N GLY F 513 -26.06 -20.09 38.98
CA GLY F 513 -26.53 -18.91 38.29
C GLY F 513 -25.59 -17.75 38.56
N TYR F 514 -25.96 -16.58 38.06
CA TYR F 514 -25.20 -15.38 38.37
C TYR F 514 -25.50 -14.89 39.78
N VAL F 515 -26.77 -14.99 40.21
CA VAL F 515 -27.12 -14.92 41.62
C VAL F 515 -27.98 -16.13 41.93
N GLN F 516 -27.86 -16.64 43.15
CA GLN F 516 -28.56 -17.86 43.56
C GLN F 516 -29.46 -17.57 44.74
N PHE F 517 -30.71 -18.02 44.65
CA PHE F 517 -31.69 -17.91 45.71
C PHE F 517 -32.24 -19.30 46.00
N ASN F 518 -32.93 -19.43 47.14
CA ASN F 518 -33.39 -20.73 47.60
C ASN F 518 -34.88 -20.95 47.42
N SER F 519 -35.61 -19.99 46.88
CA SER F 519 -37.04 -20.17 46.66
C SER F 519 -37.47 -19.40 45.42
N SER F 520 -38.63 -19.77 44.88
CA SER F 520 -39.18 -19.08 43.73
C SER F 520 -39.56 -17.64 44.07
N LYS F 521 -40.00 -17.39 45.31
CA LYS F 521 -40.41 -16.04 45.68
C LYS F 521 -39.20 -15.11 45.79
N GLU F 522 -38.10 -15.61 46.35
CA GLU F 522 -36.88 -14.80 46.45
C GLU F 522 -36.34 -14.46 45.06
N ALA F 523 -36.38 -15.42 44.13
CA ALA F 523 -35.88 -15.19 42.79
C ALA F 523 -36.79 -14.22 42.04
N THR F 524 -38.11 -14.35 42.20
CA THR F 524 -39.04 -13.43 41.56
C THR F 524 -38.87 -12.01 42.11
N ASP F 525 -38.63 -11.89 43.42
CA ASP F 525 -38.37 -10.57 43.99
C ASP F 525 -37.18 -9.91 43.33
N GLU F 526 -36.12 -10.68 43.03
CA GLU F 526 -34.95 -10.12 42.37
C GLU F 526 -35.24 -9.79 40.91
N TYR F 527 -36.09 -10.58 40.26
CA TYR F 527 -36.42 -10.30 38.85
C TYR F 527 -37.16 -8.97 38.72
N VAL F 528 -38.17 -8.75 39.57
CA VAL F 528 -38.91 -7.50 39.55
C VAL F 528 -37.99 -6.33 39.90
N LYS F 529 -37.08 -6.55 40.86
CA LYS F 529 -36.13 -5.50 41.22
C LYS F 529 -35.24 -5.13 40.05
N TYR F 530 -34.78 -6.13 39.28
CA TYR F 530 -33.98 -5.85 38.10
C TYR F 530 -34.84 -5.20 37.02
N ALA F 531 -36.05 -5.69 36.81
CA ALA F 531 -36.93 -5.13 35.77
C ALA F 531 -37.36 -3.71 36.11
N ASP F 532 -37.48 -3.38 37.39
CA ASP F 532 -37.80 -2.01 37.77
C ASP F 532 -36.65 -1.07 37.45
N LEU F 534 -34.46 -1.58 35.01
CA LEU F 534 -34.46 -1.49 33.55
C LEU F 534 -35.53 -0.52 33.06
N TYR F 535 -36.71 -0.54 33.68
CA TYR F 535 -37.78 0.36 33.25
C TYR F 535 -37.38 1.82 33.42
N LYS F 536 -36.68 2.13 34.52
CA LYS F 536 -36.21 3.50 34.74
C LYS F 536 -35.05 3.87 33.83
N VAL F 538 -34.91 3.10 30.64
CA VAL F 538 -35.40 3.26 29.28
C VAL F 538 -35.24 4.72 28.84
N ASP F 539 -35.69 5.65 29.68
CA ASP F 539 -35.51 7.07 29.37
C ASP F 539 -34.09 7.54 29.56
N ARG F 540 -33.20 6.70 30.11
N ARG F 540 -33.20 6.70 30.11
CA ARG F 540 -31.81 7.07 30.26
CA ARG F 540 -31.80 7.06 30.28
C ARG F 540 -30.94 6.67 29.07
C ARG F 540 -30.95 6.67 29.07
N GLY F 541 -31.42 5.77 28.22
CA GLY F 541 -30.67 5.39 27.04
C GLY F 541 -30.93 4.00 26.48
N PHE F 542 -31.50 3.11 27.28
CA PHE F 542 -31.72 1.73 26.84
C PHE F 542 -32.96 1.65 25.96
N SER F 543 -32.82 0.98 24.82
CA SER F 543 -33.91 0.83 23.86
C SER F 543 -34.32 -0.63 23.63
N ALA F 544 -33.64 -1.59 24.25
CA ALA F 544 -34.01 -2.99 24.18
C ALA F 544 -33.29 -3.74 25.29
N ALA F 545 -33.78 -4.93 25.60
CA ALA F 545 -33.20 -5.71 26.68
C ALA F 545 -33.49 -7.19 26.46
N VAL F 546 -32.52 -8.03 26.81
CA VAL F 546 -32.66 -9.49 26.71
C VAL F 546 -32.37 -10.08 28.08
N TYR F 547 -33.32 -10.82 28.62
CA TYR F 547 -33.16 -11.44 29.93
C TYR F 547 -32.67 -12.88 29.78
N THR F 548 -31.76 -13.27 30.68
CA THR F 548 -31.19 -14.60 30.69
C THR F 548 -31.84 -15.40 31.81
N GLN F 549 -32.55 -16.48 31.48
CA GLN F 549 -32.85 -16.88 30.10
C GLN F 549 -34.22 -17.55 30.08
N THR F 550 -34.50 -18.28 28.99
CA THR F 550 -35.80 -18.94 28.86
C THR F 550 -35.90 -20.15 29.79
N THR F 551 -35.00 -21.12 29.62
CA THR F 551 -35.01 -22.33 30.43
C THR F 551 -33.61 -22.57 31.01
N ASP F 552 -33.56 -23.39 32.05
CA ASP F 552 -32.28 -23.93 32.50
C ASP F 552 -31.72 -24.85 31.41
N VAL F 553 -30.41 -24.83 31.24
CA VAL F 553 -29.72 -25.71 30.32
C VAL F 553 -28.55 -26.36 31.05
N GLU F 554 -28.62 -27.67 31.23
CA GLU F 554 -27.58 -28.46 31.88
C GLU F 554 -27.36 -27.91 33.28
N VAL F 555 -26.17 -27.44 33.62
CA VAL F 555 -25.88 -26.96 34.98
C VAL F 555 -26.19 -25.47 35.15
N GLU F 556 -26.57 -24.78 34.08
CA GLU F 556 -26.92 -23.36 34.15
C GLU F 556 -28.41 -23.27 34.48
N VAL F 557 -28.73 -23.08 35.75
CA VAL F 557 -30.11 -23.12 36.23
C VAL F 557 -30.64 -21.71 36.46
N ASN F 558 -30.54 -20.85 35.45
CA ASN F 558 -30.95 -19.46 35.57
C ASN F 558 -32.06 -19.10 34.59
N GLY F 559 -32.97 -20.04 34.32
CA GLY F 559 -34.03 -19.83 33.36
C GLY F 559 -35.38 -19.57 34.02
N LEU F 560 -36.33 -19.10 33.19
CA LEU F 560 -37.71 -18.95 33.66
C LEU F 560 -38.36 -20.30 33.89
N THR F 562 -37.64 -24.81 34.16
CA THR F 562 -36.65 -25.86 34.31
C THR F 562 -36.31 -26.47 32.95
N TYR F 563 -35.18 -27.17 32.90
CA TYR F 563 -34.72 -27.76 31.64
C TYR F 563 -35.77 -28.66 31.02
N ASP F 564 -36.53 -29.38 31.84
CA ASP F 564 -37.55 -30.29 31.35
C ASP F 564 -38.89 -29.61 31.08
N ARG F 565 -38.96 -28.29 31.22
CA ARG F 565 -40.17 -27.49 30.96
C ARG F 565 -41.34 -27.90 31.85
N LYS F 566 -41.09 -28.56 32.98
CA LYS F 566 -42.17 -29.00 33.84
C LYS F 566 -42.54 -27.98 34.91
N VAL F 567 -41.62 -27.12 35.31
CA VAL F 567 -41.87 -26.14 36.37
C VAL F 567 -41.54 -24.75 35.84
N ILE F 568 -42.44 -23.81 36.09
CA ILE F 568 -42.19 -22.39 35.82
C ILE F 568 -41.59 -21.79 37.09
N LYS F 569 -40.33 -21.38 36.99
CA LYS F 569 -39.56 -21.05 38.19
C LYS F 569 -39.89 -19.68 38.77
N LEU F 570 -40.22 -18.72 37.92
CA LEU F 570 -40.61 -17.39 38.39
C LEU F 570 -42.12 -17.23 38.31
N ASP F 571 -42.67 -16.45 39.25
CA ASP F 571 -44.11 -16.20 39.25
C ASP F 571 -44.52 -15.51 37.96
N GLU F 572 -45.44 -16.14 37.24
CA GLU F 572 -45.81 -15.64 35.91
C GLU F 572 -46.56 -14.32 36.00
N LYS F 573 -47.44 -14.18 37.00
CA LYS F 573 -48.29 -12.99 37.04
C LYS F 573 -47.49 -11.73 37.39
N ARG F 574 -46.56 -11.84 38.34
CA ARG F 574 -45.75 -10.68 38.71
C ARG F 574 -44.79 -10.29 37.58
N ALA F 575 -44.21 -11.28 36.91
CA ALA F 575 -43.31 -10.98 35.80
C ALA F 575 -44.07 -10.39 34.62
N LYS F 576 -45.23 -10.96 34.29
CA LYS F 576 -46.01 -10.46 33.17
C LYS F 576 -46.41 -9.01 33.38
N GLU F 577 -46.66 -8.61 34.62
CA GLU F 577 -47.10 -7.24 34.89
C GLU F 577 -46.01 -6.24 34.55
N ILE F 578 -44.79 -6.45 35.05
CA ILE F 578 -43.71 -5.50 34.81
C ILE F 578 -43.14 -5.65 33.40
N ASN F 579 -43.15 -6.87 32.85
CA ASN F 579 -42.66 -7.05 31.48
C ASN F 579 -43.52 -6.30 30.48
N THR F 580 -44.84 -6.30 30.69
CA THR F 580 -45.72 -5.57 29.78
C THR F 580 -45.47 -4.06 29.87
N ARG F 581 -45.27 -3.53 31.08
CA ARG F 581 -44.96 -2.11 31.21
C ARG F 581 -43.66 -1.75 30.50
N ILE F 582 -42.68 -2.65 30.53
CA ILE F 582 -41.42 -2.39 29.84
C ILE F 582 -41.62 -2.42 28.33
N CYS F 583 -42.43 -3.37 27.84
CA CYS F 583 -42.70 -3.43 26.41
C CYS F 583 -43.49 -2.23 25.92
N ASN F 584 -44.25 -1.58 26.81
CA ASN F 584 -45.01 -0.39 26.48
C ASN F 584 -44.32 0.89 26.96
N SER F 585 -43.04 0.82 27.33
CA SER F 585 -42.37 1.97 27.92
C SER F 585 -42.20 3.11 26.92
N LEU F 586 -42.08 2.80 25.63
CA LEU F 586 -41.91 3.81 24.59
C LEU F 586 -43.21 4.15 23.88
N LYS F 587 -44.35 3.70 24.41
CA LYS F 587 -45.62 4.01 23.77
C LYS F 587 -45.96 5.48 23.97
N LYS F 588 -46.41 6.13 22.89
CA LYS F 588 -46.78 7.55 22.97
C LYS F 588 -48.21 7.71 23.48
#